data_4F9F
#
_entry.id   4F9F
#
_cell.length_a   320.821
_cell.length_b   122.823
_cell.length_c   93.857
_cell.angle_alpha   90.00
_cell.angle_beta   91.62
_cell.angle_gamma   90.00
#
_symmetry.space_group_name_H-M   'C 1 2 1'
#
loop_
_entity.id
_entity.type
_entity.pdbx_description
1 polymer VldE
2 branched alpha-D-glucopyranose-(1-1)-alpha-D-glucopyranose
3 non-polymer "GUANOSINE-5'-DIPHOSPHATE"
4 water water
#
_entity_poly.entity_id   1
_entity_poly.type   'polypeptide(L)'
_entity_poly.pdbx_seq_one_letter_code
;MTGSEIFLASKRAAITYDTDPATGEPRAWLAPGGTGNVVAEQAGVLNISWIASADSEDDRRASALNPDGVTMELHSGREI
LVRLIRHDPAVFRNVQNFMTANLMWAANNYGWDRWTQPSFGSDAREGWADFGRFTRDFADAILKSSAQSADPVYLVHDYQ
LVGVPALLREQRPDAPILLFVHIPWPSADYWRILPKEIRTGILHGMLPATTIGFFADRWCRNFLESVADLLPDARIDREA
MTVEWRGHRTRLRTMPLGYSPLTLDGRNPQLPEGIEEWADGHRLVVHSGRTDPIKNAERAVRAFVLAARGGGLEKTRMLV
RMNPNRLYVPANADYVHRVETAVAEANAELGSDTVRIDNDNDVNHTIACFRRADLLIFNSTVDGQNLSTFEAPLVNERDA
DVILSETCGAAEVLGEYCRSVNPFDLVEQAEAISAALAAGPRQRAEAAARRRDAARPWTLEAWVQAQLDGLAADHAARTA
TAERFDTAPAVSTRADL
;
_entity_poly.pdbx_strand_id   A,B,C,D,E,F
#
# COMPACT_ATOMS: atom_id res chain seq x y z
N SER A 4 7.74 -16.17 55.63
CA SER A 4 7.71 -17.35 54.78
C SER A 4 8.71 -17.20 53.64
N GLU A 5 9.32 -18.32 53.24
CA GLU A 5 10.18 -18.35 52.06
C GLU A 5 9.42 -18.88 50.85
N ILE A 6 9.23 -18.02 49.85
CA ILE A 6 8.33 -18.37 48.77
C ILE A 6 9.01 -18.60 47.42
N PHE A 7 8.65 -19.71 46.80
CA PHE A 7 9.18 -20.09 45.51
C PHE A 7 8.05 -20.22 44.50
N LEU A 8 7.93 -19.18 43.69
CA LEU A 8 6.93 -19.07 42.64
C LEU A 8 7.48 -19.63 41.35
N ALA A 9 6.73 -20.54 40.73
CA ALA A 9 7.07 -21.00 39.37
C ALA A 9 5.97 -20.70 38.37
N SER A 10 6.35 -20.19 37.20
CA SER A 10 5.41 -19.94 36.08
C SER A 10 6.12 -20.00 34.72
N LYS A 11 5.33 -19.99 33.64
CA LYS A 11 5.86 -20.14 32.28
C LYS A 11 6.98 -19.16 31.97
N ARG A 12 6.74 -17.87 32.24
CA ARG A 12 7.76 -16.86 32.01
C ARG A 12 7.65 -15.74 33.05
N ALA A 13 8.73 -15.00 33.21
CA ALA A 13 8.74 -13.89 34.13
C ALA A 13 8.92 -12.61 33.34
N ALA A 14 8.01 -11.66 33.49
CA ALA A 14 8.01 -10.44 32.67
C ALA A 14 9.21 -9.52 32.91
N ILE A 15 10.26 -9.71 32.11
CA ILE A 15 11.47 -8.92 32.27
C ILE A 15 11.82 -8.12 31.01
N THR A 16 12.54 -7.03 31.21
CA THR A 16 12.95 -6.17 30.10
C THR A 16 14.45 -5.87 30.18
N TYR A 17 15.04 -5.50 29.05
CA TYR A 17 16.47 -5.18 29.01
C TYR A 17 16.77 -4.00 28.08
N ASP A 18 17.66 -3.13 28.54
CA ASP A 18 18.17 -2.05 27.70
C ASP A 18 19.67 -2.20 27.48
N THR A 19 20.22 -1.33 26.62
CA THR A 19 21.63 -1.04 26.63
C THR A 19 21.78 0.24 27.45
N ASP A 20 22.65 0.22 28.45
CA ASP A 20 22.76 1.32 29.43
C ASP A 20 23.90 2.28 29.10
N PRO A 21 23.62 3.58 29.16
CA PRO A 21 24.60 4.59 28.74
C PRO A 21 25.72 4.76 29.74
N ALA A 22 26.90 5.11 29.25
CA ALA A 22 28.06 5.39 30.10
C ALA A 22 28.83 4.15 30.51
N THR A 23 28.41 2.99 30.02
CA THR A 23 29.16 1.76 30.26
C THR A 23 29.00 0.75 29.13
N GLY A 24 28.10 1.06 28.19
CA GLY A 24 27.85 0.14 27.10
C GLY A 24 27.54 -1.22 27.68
N GLU A 25 26.82 -1.22 28.79
CA GLU A 25 26.52 -2.44 29.54
C GLU A 25 25.02 -2.68 29.64
N PRO A 26 24.60 -3.92 29.39
CA PRO A 26 23.18 -4.27 29.43
C PRO A 26 22.56 -4.10 30.81
N ARG A 27 21.32 -3.61 30.84
CA ARG A 27 20.60 -3.42 32.09
C ARG A 27 19.30 -4.22 32.06
N ALA A 28 19.01 -4.92 33.13
CA ALA A 28 17.87 -5.83 33.18
C ALA A 28 16.88 -5.41 34.26
N TRP A 29 15.69 -4.99 33.83
CA TRP A 29 14.64 -4.59 34.74
C TRP A 29 13.67 -5.72 34.94
N LEU A 30 12.55 -5.43 35.60
CA LEU A 30 11.57 -6.48 35.88
C LEU A 30 10.15 -5.90 35.92
N ALA A 31 9.60 -5.66 34.73
CA ALA A 31 8.45 -4.76 34.60
C ALA A 31 7.38 -5.15 35.62
N PRO A 32 6.87 -4.13 36.28
CA PRO A 32 5.99 -4.25 37.46
C PRO A 32 4.68 -4.94 37.11
N GLY A 33 3.90 -5.31 38.13
CA GLY A 33 2.62 -5.94 37.91
C GLY A 33 2.74 -7.42 37.63
N GLY A 34 3.98 -7.92 37.73
CA GLY A 34 4.22 -9.34 37.61
C GLY A 34 3.63 -10.03 38.82
N THR A 35 3.24 -11.29 38.68
CA THR A 35 2.63 -12.01 39.77
C THR A 35 3.64 -12.08 40.90
N GLY A 36 4.91 -12.27 40.54
CA GLY A 36 5.98 -12.31 41.51
C GLY A 36 6.16 -11.02 42.29
N ASN A 37 6.05 -9.87 41.63
CA ASN A 37 6.24 -8.62 42.34
C ASN A 37 5.21 -8.46 43.42
N VAL A 38 4.00 -8.92 43.14
CA VAL A 38 2.87 -8.74 44.05
C VAL A 38 3.00 -9.63 45.28
N VAL A 39 3.61 -10.79 45.07
CA VAL A 39 3.79 -11.73 46.16
C VAL A 39 4.87 -11.23 47.13
N ALA A 40 5.87 -10.55 46.57
CA ALA A 40 6.91 -9.92 47.36
C ALA A 40 6.29 -8.93 48.33
N GLU A 41 5.29 -8.20 47.86
CA GLU A 41 4.68 -7.11 48.62
C GLU A 41 3.76 -7.56 49.75
N GLN A 42 3.49 -8.86 49.81
CA GLN A 42 2.57 -9.40 50.80
C GLN A 42 3.09 -9.24 52.23
N ALA A 43 2.42 -9.90 53.17
CA ALA A 43 2.72 -9.74 54.59
C ALA A 43 3.74 -10.74 55.12
N GLY A 44 3.30 -11.99 55.29
CA GLY A 44 4.12 -12.98 55.97
C GLY A 44 5.38 -13.50 55.30
N VAL A 45 5.76 -12.96 54.15
CA VAL A 45 6.86 -13.51 53.39
C VAL A 45 8.19 -12.79 53.59
N LEU A 46 9.22 -13.55 53.95
CA LEU A 46 10.58 -13.02 54.07
C LEU A 46 11.36 -12.72 52.77
N ASN A 47 11.28 -13.64 51.81
CA ASN A 47 11.97 -13.49 50.54
C ASN A 47 11.25 -14.34 49.50
N ILE A 48 11.40 -13.96 48.24
CA ILE A 48 10.73 -14.68 47.16
C ILE A 48 11.65 -14.96 45.98
N SER A 49 11.66 -16.20 45.52
CA SER A 49 12.45 -16.62 44.37
C SER A 49 11.54 -17.07 43.24
N TRP A 50 11.80 -16.57 42.04
CA TRP A 50 10.95 -16.85 40.90
C TRP A 50 11.62 -17.73 39.88
N ILE A 51 10.93 -18.79 39.47
CA ILE A 51 11.46 -19.71 38.47
C ILE A 51 10.57 -19.72 37.23
N ALA A 52 11.21 -19.57 36.07
CA ALA A 52 10.49 -19.50 34.79
C ALA A 52 11.38 -19.85 33.57
N SER A 53 10.75 -20.11 32.43
CA SER A 53 11.48 -20.46 31.21
C SER A 53 12.17 -19.27 30.55
N ALA A 54 13.39 -19.49 30.11
CA ALA A 54 14.09 -18.51 29.31
C ALA A 54 13.50 -18.57 27.90
N ASP A 55 13.26 -17.41 27.30
CA ASP A 55 12.66 -17.40 25.96
C ASP A 55 13.05 -16.22 25.09
N SER A 56 14.31 -15.82 25.16
CA SER A 56 14.87 -14.85 24.20
C SER A 56 16.39 -14.90 24.30
N GLU A 57 17.10 -14.27 23.38
CA GLU A 57 18.55 -14.21 23.52
C GLU A 57 18.94 -13.38 24.75
N ASP A 58 18.01 -12.57 25.25
CA ASP A 58 18.20 -11.83 26.47
C ASP A 58 18.06 -12.76 27.65
N ASP A 59 16.97 -13.53 27.66
CA ASP A 59 16.71 -14.51 28.73
C ASP A 59 17.79 -15.58 28.83
N ARG A 60 18.16 -16.12 27.66
CA ARG A 60 19.17 -17.18 27.58
C ARG A 60 20.55 -16.72 28.04
N ARG A 61 20.91 -15.51 27.65
CA ARG A 61 22.23 -14.95 27.97
C ARG A 61 22.33 -14.53 29.46
N ALA A 62 21.22 -14.12 30.04
CA ALA A 62 21.17 -13.76 31.46
C ALA A 62 21.25 -14.99 32.31
N SER A 63 20.57 -16.05 31.89
CA SER A 63 20.62 -17.31 32.59
C SER A 63 22.05 -17.88 32.62
N ALA A 64 22.77 -17.68 31.52
CA ALA A 64 24.13 -18.19 31.40
C ALA A 64 25.07 -17.39 32.29
N LEU A 65 24.72 -16.13 32.51
CA LEU A 65 25.53 -15.23 33.34
C LEU A 65 25.40 -15.59 34.83
N ASN A 66 24.18 -15.92 35.26
CA ASN A 66 23.88 -16.22 36.66
C ASN A 66 23.03 -17.48 36.78
N PRO A 67 23.60 -18.62 36.45
CA PRO A 67 22.84 -19.88 36.35
C PRO A 67 21.97 -20.25 37.55
N ASP A 68 22.22 -19.67 38.71
CA ASP A 68 21.51 -20.10 39.91
C ASP A 68 20.52 -19.06 40.40
N GLY A 69 20.33 -18.06 39.54
CA GLY A 69 19.42 -16.95 39.80
C GLY A 69 20.14 -15.70 40.25
N VAL A 70 19.47 -14.57 40.04
CA VAL A 70 20.00 -13.27 40.43
C VAL A 70 18.87 -12.52 41.13
N THR A 71 19.21 -11.60 42.00
CA THR A 71 18.17 -10.89 42.74
C THR A 71 17.81 -9.58 42.05
N MET A 72 16.57 -9.52 41.56
CA MET A 72 16.04 -8.31 40.97
C MET A 72 15.73 -7.31 42.07
N GLU A 73 15.79 -6.03 41.74
CA GLU A 73 15.49 -4.99 42.72
C GLU A 73 14.13 -4.39 42.42
N LEU A 74 13.25 -4.39 43.42
CA LEU A 74 11.92 -3.85 43.27
C LEU A 74 11.80 -2.49 43.95
N HIS A 75 10.67 -1.84 43.74
CA HIS A 75 10.28 -0.71 44.55
C HIS A 75 10.02 -1.23 45.96
N SER A 76 9.77 -0.32 46.90
CA SER A 76 9.57 -0.67 48.31
C SER A 76 10.80 -1.36 48.90
N GLY A 77 11.92 -1.29 48.20
CA GLY A 77 13.19 -1.83 48.66
C GLY A 77 13.27 -3.33 48.69
N ARG A 78 12.24 -3.97 48.15
CA ARG A 78 12.20 -5.42 48.11
C ARG A 78 12.98 -5.92 46.94
N GLU A 79 13.47 -7.15 47.07
CA GLU A 79 14.18 -7.79 46.00
C GLU A 79 13.58 -9.17 45.79
N ILE A 80 13.68 -9.65 44.56
CA ILE A 80 13.23 -11.00 44.23
C ILE A 80 14.36 -11.72 43.49
N LEU A 81 14.48 -13.03 43.72
CA LEU A 81 15.43 -13.86 42.98
C LEU A 81 14.76 -14.43 41.74
N VAL A 82 15.36 -14.22 40.58
CA VAL A 82 14.73 -14.66 39.34
C VAL A 82 15.62 -15.65 38.60
N ARG A 83 15.17 -16.89 38.54
CA ARG A 83 15.95 -17.96 37.93
C ARG A 83 15.35 -18.48 36.62
N LEU A 84 16.00 -18.15 35.51
CA LEU A 84 15.47 -18.55 34.21
C LEU A 84 16.03 -19.91 33.81
N ILE A 85 15.16 -20.82 33.39
CA ILE A 85 15.57 -22.14 32.95
C ILE A 85 15.87 -22.17 31.45
N ARG A 86 17.02 -22.71 31.07
CA ARG A 86 17.34 -22.90 29.66
C ARG A 86 17.05 -24.33 29.30
N HIS A 87 15.87 -24.59 28.74
CA HIS A 87 15.50 -25.95 28.33
C HIS A 87 16.20 -26.31 27.03
N ASP A 88 16.27 -27.60 26.76
CA ASP A 88 16.64 -28.05 25.43
C ASP A 88 15.62 -27.50 24.43
N PRO A 89 16.08 -26.72 23.44
CA PRO A 89 15.22 -26.01 22.48
C PRO A 89 14.19 -26.92 21.82
N ALA A 90 14.60 -28.11 21.43
CA ALA A 90 13.70 -29.04 20.78
C ALA A 90 12.60 -29.49 21.74
N VAL A 91 12.96 -29.58 23.01
CA VAL A 91 11.97 -29.94 24.03
C VAL A 91 10.97 -28.81 24.21
N PHE A 92 11.51 -27.60 24.27
CA PHE A 92 10.73 -26.40 24.42
C PHE A 92 9.77 -26.22 23.24
N ARG A 93 10.29 -26.33 22.01
CA ARG A 93 9.46 -26.20 20.82
C ARG A 93 8.31 -27.18 20.80
N ASN A 94 8.58 -28.46 21.02
CA ASN A 94 7.52 -29.47 20.95
C ASN A 94 6.49 -29.32 22.07
N VAL A 95 6.91 -28.75 23.19
CA VAL A 95 6.02 -28.58 24.34
C VAL A 95 5.05 -27.44 24.06
N GLN A 96 5.59 -26.40 23.43
CA GLN A 96 4.77 -25.27 22.97
C GLN A 96 3.69 -25.76 22.03
N ASN A 97 4.08 -26.59 21.05
CA ASN A 97 3.13 -27.13 20.07
C ASN A 97 2.08 -27.99 20.75
N PHE A 98 2.56 -28.87 21.64
CA PHE A 98 1.73 -29.74 22.47
C PHE A 98 0.72 -28.96 23.30
N MET A 99 1.05 -27.73 23.64
CA MET A 99 0.12 -26.88 24.38
C MET A 99 -0.91 -26.11 23.51
N THR A 100 -0.68 -26.09 22.19
CA THR A 100 -1.59 -25.37 21.29
C THR A 100 -2.80 -26.21 20.93
N ALA A 101 -3.64 -25.65 20.06
CA ALA A 101 -4.89 -26.27 19.63
C ALA A 101 -4.62 -27.52 18.84
N ASN A 102 -3.35 -27.75 18.54
CA ASN A 102 -2.95 -29.00 17.90
C ASN A 102 -3.29 -30.17 18.82
N LEU A 103 -3.02 -30.01 20.13
CA LEU A 103 -3.40 -31.05 21.09
C LEU A 103 -4.02 -30.55 22.40
N MET A 104 -3.20 -29.98 23.27
CA MET A 104 -3.63 -29.62 24.62
C MET A 104 -4.72 -28.55 24.74
N TRP A 105 -4.64 -27.50 23.95
CA TRP A 105 -5.59 -26.39 24.01
C TRP A 105 -6.98 -26.85 23.74
N ALA A 106 -7.10 -27.84 22.86
CA ALA A 106 -8.41 -28.41 22.52
C ALA A 106 -8.94 -29.36 23.62
N ALA A 107 -8.05 -29.80 24.50
CA ALA A 107 -8.49 -30.67 25.57
C ALA A 107 -9.19 -29.88 26.70
N ASN A 108 -8.74 -28.65 26.92
CA ASN A 108 -9.23 -27.87 28.05
C ASN A 108 -10.11 -26.72 27.63
N ASN A 109 -10.11 -26.43 26.34
CA ASN A 109 -11.00 -25.40 25.86
C ASN A 109 -12.02 -25.92 24.82
N TYR A 110 -12.32 -27.20 24.91
CA TYR A 110 -13.50 -27.75 24.25
C TYR A 110 -13.53 -27.70 22.72
N GLY A 111 -12.40 -27.88 22.05
CA GLY A 111 -12.36 -27.82 20.59
C GLY A 111 -12.65 -29.05 19.69
N TRP A 112 -13.02 -30.19 20.27
CA TRP A 112 -13.12 -31.43 19.50
C TRP A 112 -14.56 -31.91 19.32
N ASP A 113 -14.91 -32.35 18.13
CA ASP A 113 -16.27 -32.84 17.92
C ASP A 113 -16.45 -34.34 18.12
N ARG A 114 -15.37 -35.03 18.47
CA ARG A 114 -15.39 -36.47 18.76
C ARG A 114 -15.66 -37.35 17.53
N TRP A 115 -16.64 -36.97 16.73
CA TRP A 115 -16.97 -37.75 15.54
C TRP A 115 -15.88 -37.72 14.46
N THR A 116 -15.13 -36.62 14.37
CA THR A 116 -14.10 -36.54 13.34
C THR A 116 -12.74 -36.13 13.85
N GLN A 117 -12.69 -35.23 14.84
CA GLN A 117 -11.48 -35.00 15.62
C GLN A 117 -11.74 -35.37 17.07
N PRO A 118 -10.71 -35.82 17.83
CA PRO A 118 -9.30 -36.00 17.45
C PRO A 118 -8.98 -37.44 17.09
N SER A 119 -7.80 -37.68 16.53
CA SER A 119 -7.35 -39.05 16.31
C SER A 119 -5.89 -39.20 16.72
N PHE A 120 -5.65 -39.62 17.96
CA PHE A 120 -4.30 -39.60 18.49
C PHE A 120 -3.38 -40.63 17.82
N GLY A 121 -2.19 -40.16 17.48
CA GLY A 121 -1.16 -40.99 16.92
C GLY A 121 0.08 -41.02 17.80
N SER A 122 1.21 -41.34 17.18
CA SER A 122 2.46 -41.45 17.92
C SER A 122 2.90 -40.07 18.42
N ASP A 123 2.41 -39.02 17.77
CA ASP A 123 2.81 -37.66 18.10
C ASP A 123 2.43 -37.32 19.53
N ALA A 124 1.27 -37.78 19.95
CA ALA A 124 0.78 -37.51 21.30
C ALA A 124 1.79 -38.09 22.29
N ARG A 125 2.35 -39.25 21.95
CA ARG A 125 3.29 -39.91 22.82
C ARG A 125 4.62 -39.17 22.85
N GLU A 126 5.08 -38.76 21.67
CA GLU A 126 6.27 -37.92 21.58
C GLU A 126 6.11 -36.66 22.41
N GLY A 127 5.03 -35.92 22.15
CA GLY A 127 4.71 -34.72 22.90
C GLY A 127 4.67 -34.92 24.39
N TRP A 128 3.90 -35.92 24.82
CA TRP A 128 3.81 -36.30 26.23
C TRP A 128 5.18 -36.45 26.87
N ALA A 129 6.14 -37.01 26.10
CA ALA A 129 7.45 -37.27 26.65
C ALA A 129 8.18 -35.95 26.86
N ASP A 130 8.05 -35.05 25.89
CA ASP A 130 8.67 -33.73 26.01
C ASP A 130 8.01 -32.95 27.14
N PHE A 131 6.71 -33.17 27.30
CA PHE A 131 6.04 -32.53 28.42
C PHE A 131 6.68 -32.99 29.73
N GLY A 132 6.97 -34.29 29.81
CA GLY A 132 7.64 -34.87 30.96
C GLY A 132 9.04 -34.32 31.20
N ARG A 133 9.83 -34.22 30.13
CA ARG A 133 11.18 -33.70 30.21
C ARG A 133 11.17 -32.24 30.67
N PHE A 134 10.22 -31.48 30.13
CA PHE A 134 10.02 -30.11 30.51
C PHE A 134 9.55 -29.99 31.98
N THR A 135 8.65 -30.88 32.39
CA THR A 135 8.16 -30.87 33.76
C THR A 135 9.30 -31.03 34.75
N ARG A 136 10.18 -31.99 34.44
CA ARG A 136 11.33 -32.29 35.26
C ARG A 136 12.27 -31.10 35.32
N ASP A 137 12.63 -30.55 34.16
CA ASP A 137 13.48 -29.34 34.06
C ASP A 137 13.04 -28.35 35.12
N PHE A 138 11.72 -28.13 35.17
CA PHE A 138 11.13 -27.19 36.12
C PHE A 138 11.31 -27.66 37.54
N ALA A 139 10.76 -28.84 37.85
CA ALA A 139 10.84 -29.40 39.20
C ALA A 139 12.25 -29.32 39.79
N ASP A 140 13.23 -29.76 39.00
CA ASP A 140 14.63 -29.71 39.36
C ASP A 140 15.05 -28.28 39.72
N ALA A 141 14.70 -27.33 38.87
CA ALA A 141 15.07 -25.95 39.14
C ALA A 141 14.45 -25.39 40.43
N ILE A 142 13.24 -25.83 40.76
CA ILE A 142 12.53 -25.27 41.91
C ILE A 142 13.22 -25.73 43.17
N LEU A 143 13.31 -27.05 43.30
CA LEU A 143 13.93 -27.70 44.45
C LEU A 143 15.35 -27.20 44.72
N LYS A 144 16.14 -27.19 43.65
CA LYS A 144 17.55 -26.82 43.67
C LYS A 144 17.80 -25.39 44.15
N SER A 145 16.81 -24.50 44.06
CA SER A 145 16.99 -23.13 44.57
C SER A 145 16.19 -22.91 45.85
N SER A 146 15.51 -23.97 46.28
CA SER A 146 14.87 -24.04 47.58
C SER A 146 15.58 -25.12 48.40
N ALA A 147 16.85 -25.34 48.07
CA ALA A 147 17.60 -26.41 48.70
C ALA A 147 17.95 -26.04 50.13
N GLN A 148 18.25 -24.77 50.34
CA GLN A 148 18.76 -24.34 51.63
C GLN A 148 17.67 -23.72 52.47
N SER A 149 16.43 -24.14 52.21
CA SER A 149 15.29 -23.55 52.87
C SER A 149 14.59 -24.58 53.72
N ALA A 150 14.17 -24.18 54.92
CA ALA A 150 13.67 -25.13 55.89
C ALA A 150 12.18 -25.47 55.71
N ASP A 151 11.36 -24.43 55.59
CA ASP A 151 9.93 -24.62 55.37
C ASP A 151 9.49 -23.81 54.15
N PRO A 152 9.89 -24.26 52.95
CA PRO A 152 9.63 -23.48 51.73
C PRO A 152 8.17 -23.59 51.27
N VAL A 153 7.61 -22.45 50.88
CA VAL A 153 6.27 -22.38 50.30
C VAL A 153 6.37 -22.37 48.77
N TYR A 154 5.71 -23.33 48.14
CA TYR A 154 5.72 -23.46 46.68
C TYR A 154 4.41 -22.98 46.00
N LEU A 155 4.54 -21.93 45.20
CA LEU A 155 3.47 -21.48 44.32
C LEU A 155 3.73 -21.86 42.87
N VAL A 156 2.87 -22.71 42.31
CA VAL A 156 3.05 -23.18 40.94
C VAL A 156 1.91 -22.73 40.04
N HIS A 157 2.25 -21.86 39.10
CA HIS A 157 1.31 -21.24 38.12
C HIS A 157 1.49 -21.72 36.68
N ASP A 158 0.36 -21.75 35.97
CA ASP A 158 0.24 -22.02 34.52
C ASP A 158 -0.01 -23.50 34.22
N TYR A 159 -0.57 -23.76 33.04
CA TYR A 159 -1.02 -25.11 32.72
C TYR A 159 0.16 -26.02 32.42
N GLN A 160 1.23 -25.44 31.88
CA GLN A 160 2.41 -26.18 31.47
C GLN A 160 3.22 -26.69 32.67
N LEU A 161 2.93 -26.16 33.85
CA LEU A 161 3.64 -26.59 35.05
C LEU A 161 2.78 -27.52 35.86
N VAL A 162 1.79 -28.12 35.21
CA VAL A 162 0.83 -28.96 35.90
C VAL A 162 1.52 -30.15 36.55
N GLY A 163 2.51 -30.72 35.89
CA GLY A 163 3.09 -31.96 36.38
C GLY A 163 4.00 -31.74 37.58
N VAL A 164 4.35 -30.48 37.82
CA VAL A 164 5.34 -30.13 38.83
C VAL A 164 5.02 -30.53 40.29
N PRO A 165 3.75 -30.37 40.74
CA PRO A 165 3.49 -30.74 42.14
C PRO A 165 3.93 -32.15 42.60
N ALA A 166 3.66 -33.18 41.81
CA ALA A 166 4.08 -34.53 42.16
C ALA A 166 5.61 -34.62 42.39
N LEU A 167 6.36 -33.98 41.50
CA LEU A 167 7.81 -33.96 41.53
C LEU A 167 8.39 -33.12 42.67
N LEU A 168 7.54 -32.35 43.33
CA LEU A 168 7.98 -31.55 44.47
C LEU A 168 7.75 -32.37 45.72
N ARG A 169 6.56 -32.97 45.80
CA ARG A 169 6.20 -33.71 46.99
C ARG A 169 7.23 -34.82 47.17
N GLU A 170 7.68 -35.40 46.06
CA GLU A 170 8.63 -36.51 46.14
C GLU A 170 9.77 -36.18 47.08
N GLN A 171 10.16 -34.91 47.11
CA GLN A 171 11.30 -34.47 47.89
C GLN A 171 10.92 -33.52 49.01
N ARG A 172 9.66 -33.10 49.05
CA ARG A 172 9.24 -32.17 50.09
C ARG A 172 7.88 -32.58 50.56
N PRO A 173 7.79 -33.77 51.15
CA PRO A 173 6.52 -34.43 51.47
C PRO A 173 5.69 -33.66 52.47
N ASP A 174 6.28 -32.64 53.08
CA ASP A 174 5.59 -31.85 54.09
C ASP A 174 5.43 -30.38 53.73
N ALA A 175 5.86 -30.00 52.53
CA ALA A 175 5.86 -28.59 52.14
C ALA A 175 4.48 -28.21 51.61
N PRO A 176 4.05 -26.97 51.89
CA PRO A 176 2.81 -26.46 51.29
C PRO A 176 2.99 -26.13 49.79
N ILE A 177 2.16 -26.74 48.94
CA ILE A 177 2.23 -26.56 47.50
C ILE A 177 0.87 -26.17 46.90
N LEU A 178 0.78 -24.95 46.35
CA LEU A 178 -0.37 -24.53 45.56
C LEU A 178 -0.11 -24.60 44.04
N LEU A 179 -0.99 -25.29 43.33
CA LEU A 179 -0.94 -25.27 41.87
C LEU A 179 -2.13 -24.47 41.31
N PHE A 180 -1.86 -23.43 40.53
CA PHE A 180 -2.93 -22.68 39.88
C PHE A 180 -3.09 -22.93 38.37
N VAL A 181 -4.32 -23.25 37.97
CA VAL A 181 -4.69 -23.50 36.57
C VAL A 181 -5.53 -22.37 35.97
N HIS A 182 -5.01 -21.72 34.95
CA HIS A 182 -5.66 -20.53 34.38
C HIS A 182 -6.67 -20.81 33.30
N ILE A 183 -6.86 -22.08 32.97
CA ILE A 183 -7.80 -22.43 31.90
C ILE A 183 -8.95 -23.31 32.40
N PRO A 184 -9.98 -23.50 31.57
CA PRO A 184 -11.03 -24.38 32.10
C PRO A 184 -10.59 -25.82 32.39
N TRP A 185 -11.34 -26.45 33.27
CA TRP A 185 -11.25 -27.88 33.35
C TRP A 185 -12.49 -28.50 32.74
N PRO A 186 -12.31 -29.30 31.69
CA PRO A 186 -13.41 -29.88 30.91
C PRO A 186 -14.16 -30.93 31.69
N SER A 187 -15.34 -31.30 31.18
CA SER A 187 -16.14 -32.34 31.79
C SER A 187 -15.41 -33.67 31.78
N ALA A 188 -15.79 -34.57 32.68
CA ALA A 188 -15.14 -35.87 32.78
C ALA A 188 -15.15 -36.65 31.47
N ASP A 189 -16.31 -36.68 30.81
CA ASP A 189 -16.44 -37.42 29.53
C ASP A 189 -15.53 -36.82 28.47
N TYR A 190 -15.33 -35.51 28.53
CA TYR A 190 -14.49 -34.83 27.57
C TYR A 190 -12.99 -35.03 27.87
N TRP A 191 -12.64 -35.03 29.15
CA TRP A 191 -11.25 -35.25 29.60
C TRP A 191 -10.72 -36.63 29.15
N ARG A 192 -11.53 -37.66 29.41
CA ARG A 192 -11.37 -39.01 28.84
C ARG A 192 -11.00 -39.11 27.36
N ILE A 193 -11.31 -38.09 26.56
CA ILE A 193 -10.96 -38.15 25.13
C ILE A 193 -9.44 -38.31 24.99
N LEU A 194 -8.71 -37.66 25.88
CA LEU A 194 -7.26 -37.80 25.90
C LEU A 194 -6.83 -39.25 26.02
N PRO A 195 -5.70 -39.58 25.42
CA PRO A 195 -5.10 -40.92 25.47
C PRO A 195 -4.67 -41.36 26.88
N LYS A 196 -4.89 -42.62 27.20
CA LYS A 196 -4.83 -43.10 28.59
C LYS A 196 -3.71 -42.58 29.47
N GLU A 197 -2.49 -42.56 28.94
CA GLU A 197 -1.33 -42.10 29.69
C GLU A 197 -1.44 -40.64 30.12
N ILE A 198 -1.97 -39.80 29.23
CA ILE A 198 -2.02 -38.37 29.46
C ILE A 198 -3.14 -38.00 30.42
N ARG A 199 -4.32 -38.57 30.20
CA ARG A 199 -5.46 -38.22 31.03
C ARG A 199 -5.24 -38.56 32.50
N THR A 200 -4.70 -39.75 32.78
CA THR A 200 -4.32 -40.07 34.18
C THR A 200 -3.02 -39.37 34.59
N GLY A 201 -2.03 -39.39 33.70
CA GLY A 201 -0.74 -38.75 33.94
C GLY A 201 -0.87 -37.38 34.55
N ILE A 202 -1.58 -36.49 33.85
CA ILE A 202 -1.81 -35.12 34.31
C ILE A 202 -2.38 -35.06 35.76
N LEU A 203 -3.43 -35.85 36.02
CA LEU A 203 -4.05 -35.88 37.34
C LEU A 203 -3.06 -36.32 38.42
N HIS A 204 -2.22 -37.32 38.08
CA HIS A 204 -1.17 -37.80 38.97
C HIS A 204 -0.22 -36.70 39.41
N GLY A 205 0.14 -35.83 38.47
CA GLY A 205 1.10 -34.79 38.72
C GLY A 205 0.51 -33.63 39.48
N MET A 206 -0.82 -33.54 39.49
CA MET A 206 -1.52 -32.41 40.11
C MET A 206 -1.86 -32.67 41.58
N LEU A 207 -2.58 -33.77 41.83
CA LEU A 207 -3.10 -34.07 43.16
C LEU A 207 -2.13 -33.89 44.35
N PRO A 208 -0.86 -34.29 44.21
CA PRO A 208 0.12 -34.02 45.28
C PRO A 208 0.21 -32.56 45.78
N ALA A 209 -0.52 -31.65 45.18
CA ALA A 209 -0.52 -30.29 45.68
C ALA A 209 -1.32 -30.23 46.97
N THR A 210 -1.06 -29.23 47.79
CA THR A 210 -1.89 -29.02 48.95
C THR A 210 -3.21 -28.44 48.50
N THR A 211 -3.13 -27.33 47.78
CA THR A 211 -4.31 -26.73 47.13
C THR A 211 -4.16 -26.61 45.62
N ILE A 212 -5.22 -27.00 44.93
CA ILE A 212 -5.37 -26.76 43.50
C ILE A 212 -6.43 -25.68 43.31
N GLY A 213 -6.06 -24.60 42.65
CA GLY A 213 -7.01 -23.54 42.36
C GLY A 213 -7.37 -23.29 40.91
N PHE A 214 -8.64 -23.02 40.65
CA PHE A 214 -9.10 -22.56 39.35
C PHE A 214 -9.77 -21.20 39.49
N PHE A 215 -10.23 -20.63 38.36
CA PHE A 215 -10.87 -19.32 38.35
C PHE A 215 -12.37 -19.37 38.62
N ALA A 216 -12.97 -20.54 38.44
CA ALA A 216 -14.43 -20.73 38.57
C ALA A 216 -14.81 -22.06 39.18
N ASP A 217 -15.99 -22.08 39.80
CA ASP A 217 -16.49 -23.27 40.46
C ASP A 217 -16.64 -24.42 39.49
N ARG A 218 -17.10 -24.12 38.28
CA ARG A 218 -17.46 -25.17 37.34
C ARG A 218 -16.20 -25.94 37.03
N TRP A 219 -15.09 -25.23 37.02
CA TRP A 219 -13.84 -25.87 36.75
C TRP A 219 -13.48 -26.88 37.86
N CYS A 220 -13.46 -26.43 39.11
CA CYS A 220 -13.21 -27.32 40.23
C CYS A 220 -14.13 -28.54 40.17
N ARG A 221 -15.42 -28.33 39.95
CA ARG A 221 -16.35 -29.45 39.95
C ARG A 221 -15.98 -30.44 38.85
N ASN A 222 -15.73 -29.91 37.64
CA ASN A 222 -15.34 -30.72 36.49
C ASN A 222 -14.05 -31.56 36.73
N PHE A 223 -13.10 -30.97 37.46
CA PHE A 223 -11.88 -31.65 37.89
C PHE A 223 -12.21 -32.77 38.88
N LEU A 224 -12.98 -32.47 39.92
CA LEU A 224 -13.44 -33.51 40.83
C LEU A 224 -14.12 -34.65 40.09
N GLU A 225 -14.93 -34.32 39.10
CA GLU A 225 -15.64 -35.36 38.38
C GLU A 225 -14.71 -36.20 37.52
N SER A 226 -13.67 -35.56 36.99
CA SER A 226 -12.61 -36.27 36.26
C SER A 226 -11.88 -37.28 37.15
N VAL A 227 -11.36 -36.77 38.26
CA VAL A 227 -10.65 -37.55 39.25
C VAL A 227 -11.46 -38.80 39.60
N ALA A 228 -12.70 -38.58 40.02
CA ALA A 228 -13.59 -39.67 40.44
C ALA A 228 -13.82 -40.67 39.31
N ASP A 229 -13.73 -40.23 38.06
CA ASP A 229 -14.07 -41.08 36.93
C ASP A 229 -12.86 -41.91 36.56
N LEU A 230 -11.68 -41.38 36.84
CA LEU A 230 -10.46 -41.92 36.28
C LEU A 230 -9.55 -42.64 37.26
N LEU A 231 -9.53 -42.17 38.51
CA LEU A 231 -8.81 -42.84 39.60
C LEU A 231 -9.79 -43.54 40.51
N PRO A 232 -9.97 -44.86 40.31
CA PRO A 232 -10.96 -45.59 41.12
C PRO A 232 -10.50 -45.64 42.58
N ASP A 233 -9.19 -45.48 42.78
CA ASP A 233 -8.59 -45.38 44.10
C ASP A 233 -9.04 -44.13 44.86
N ALA A 234 -9.11 -43.02 44.15
CA ALA A 234 -9.37 -41.71 44.73
C ALA A 234 -10.76 -41.61 45.30
N ARG A 235 -11.00 -40.57 46.09
CA ARG A 235 -12.23 -40.44 46.84
C ARG A 235 -12.52 -38.96 46.93
N ILE A 236 -13.65 -38.54 46.37
CA ILE A 236 -13.93 -37.12 46.27
C ILE A 236 -15.07 -36.71 47.19
N ASP A 237 -15.04 -35.46 47.63
CA ASP A 237 -16.13 -34.92 48.42
C ASP A 237 -16.55 -33.60 47.82
N ARG A 238 -17.73 -33.56 47.22
CA ARG A 238 -18.24 -32.34 46.60
C ARG A 238 -18.46 -31.23 47.62
N GLU A 239 -18.98 -31.58 48.79
CA GLU A 239 -19.30 -30.60 49.82
C GLU A 239 -18.06 -29.87 50.34
N ALA A 240 -16.98 -30.61 50.53
CA ALA A 240 -15.73 -30.03 51.02
C ALA A 240 -14.77 -29.65 49.90
N MET A 241 -15.07 -30.08 48.68
CA MET A 241 -14.19 -29.82 47.54
C MET A 241 -12.79 -30.37 47.79
N THR A 242 -12.71 -31.55 48.37
CA THR A 242 -11.43 -32.17 48.71
C THR A 242 -11.29 -33.57 48.11
N VAL A 243 -10.07 -33.92 47.74
CA VAL A 243 -9.79 -35.25 47.17
C VAL A 243 -8.82 -36.05 48.05
N GLU A 244 -9.20 -37.29 48.34
CA GLU A 244 -8.37 -38.19 49.12
C GLU A 244 -7.88 -39.32 48.22
N TRP A 245 -6.58 -39.29 47.90
CA TRP A 245 -6.02 -40.28 47.01
C TRP A 245 -4.59 -40.64 47.45
N ARG A 246 -4.40 -41.92 47.76
CA ARG A 246 -3.12 -42.45 48.23
C ARG A 246 -2.58 -41.72 49.48
N GLY A 247 -3.48 -41.50 50.44
CA GLY A 247 -3.10 -40.91 51.72
C GLY A 247 -2.93 -39.39 51.70
N HIS A 248 -2.87 -38.83 50.50
CA HIS A 248 -2.81 -37.39 50.36
C HIS A 248 -4.21 -36.79 50.14
N ARG A 249 -4.45 -35.67 50.83
CA ARG A 249 -5.72 -34.96 50.74
C ARG A 249 -5.56 -33.60 50.06
N THR A 250 -6.21 -33.45 48.89
CA THR A 250 -6.10 -32.22 48.12
C THR A 250 -7.33 -31.36 48.25
N ARG A 251 -7.12 -30.05 48.34
CA ARG A 251 -8.22 -29.11 48.45
C ARG A 251 -8.29 -28.20 47.23
N LEU A 252 -9.47 -28.06 46.65
CA LEU A 252 -9.65 -27.23 45.47
C LEU A 252 -10.36 -25.94 45.85
N ARG A 253 -9.73 -24.82 45.51
CA ARG A 253 -10.25 -23.50 45.86
C ARG A 253 -10.51 -22.64 44.64
N THR A 254 -11.68 -22.03 44.59
CA THR A 254 -12.04 -21.11 43.51
C THR A 254 -11.53 -19.74 43.87
N MET A 255 -10.51 -19.29 43.14
CA MET A 255 -9.93 -17.97 43.34
C MET A 255 -10.03 -17.10 42.09
N PRO A 256 -11.14 -16.37 41.95
CA PRO A 256 -11.41 -15.50 40.80
C PRO A 256 -10.44 -14.35 40.75
N LEU A 257 -10.04 -13.96 39.54
CA LEU A 257 -9.18 -12.81 39.33
C LEU A 257 -9.84 -11.97 38.26
N GLY A 258 -9.77 -10.65 38.42
CA GLY A 258 -10.47 -9.78 37.50
C GLY A 258 -9.52 -9.02 36.61
N TYR A 259 -8.59 -8.30 37.24
CA TYR A 259 -7.74 -7.38 36.50
C TYR A 259 -6.62 -6.86 37.40
N SER A 260 -5.59 -6.34 36.75
CA SER A 260 -4.51 -5.64 37.43
C SER A 260 -4.70 -4.16 37.21
N PRO A 261 -4.71 -3.39 38.29
CA PRO A 261 -4.92 -1.95 38.26
C PRO A 261 -3.77 -1.21 37.63
N LEU A 262 -2.58 -1.80 37.73
CA LEU A 262 -1.38 -1.16 37.20
C LEU A 262 -1.43 -0.99 35.69
N THR A 263 -2.14 -1.90 35.03
CA THR A 263 -2.24 -1.89 33.57
C THR A 263 -3.20 -0.82 33.03
N LEU A 264 -3.80 -0.04 33.92
CA LEU A 264 -4.79 0.96 33.53
C LEU A 264 -4.55 2.35 34.16
N PRO A 269 -5.13 6.15 26.25
CA PRO A 269 -4.43 5.55 25.10
C PRO A 269 -4.69 6.32 23.82
N GLN A 270 -5.17 5.61 22.79
CA GLN A 270 -5.44 6.23 21.51
C GLN A 270 -5.81 5.16 20.52
N LEU A 271 -6.85 5.48 19.76
CA LEU A 271 -7.50 4.56 18.87
C LEU A 271 -6.60 4.27 17.70
N PRO A 272 -6.63 3.03 17.28
CA PRO A 272 -5.97 2.61 16.03
C PRO A 272 -6.24 3.57 14.87
N GLU A 273 -5.33 3.59 13.90
CA GLU A 273 -5.42 4.51 12.77
C GLU A 273 -6.74 4.34 12.06
N GLY A 274 -7.42 5.46 11.85
CA GLY A 274 -8.66 5.48 11.12
C GLY A 274 -9.90 5.00 11.85
N ILE A 275 -9.74 4.54 13.09
CA ILE A 275 -10.89 4.04 13.82
C ILE A 275 -11.73 5.22 14.30
N GLU A 276 -11.08 6.21 14.88
CA GLU A 276 -11.83 7.37 15.35
C GLU A 276 -12.73 7.91 14.24
N GLU A 277 -12.14 8.22 13.09
CA GLU A 277 -12.94 8.84 12.02
C GLU A 277 -14.02 7.93 11.46
N TRP A 278 -13.70 6.66 11.26
CA TRP A 278 -14.68 5.68 10.77
C TRP A 278 -15.86 5.52 11.72
N ALA A 279 -15.61 5.72 13.01
CA ALA A 279 -16.64 5.49 14.02
C ALA A 279 -17.36 6.76 14.45
N ASP A 280 -16.92 7.89 13.89
CA ASP A 280 -17.45 9.20 14.26
C ASP A 280 -18.98 9.27 14.15
N GLY A 281 -19.61 9.67 15.26
CA GLY A 281 -21.06 9.77 15.35
C GLY A 281 -21.73 8.49 14.93
N HIS A 282 -21.29 7.40 15.53
CA HIS A 282 -21.84 6.11 15.22
C HIS A 282 -21.77 5.39 16.55
N ARG A 283 -22.76 4.58 16.84
CA ARG A 283 -22.65 3.66 17.97
C ARG A 283 -21.68 2.50 17.68
N LEU A 284 -20.75 2.26 18.59
CA LEU A 284 -19.71 1.25 18.34
C LEU A 284 -19.90 -0.04 19.15
N VAL A 285 -20.08 -1.13 18.43
CA VAL A 285 -19.99 -2.46 19.04
C VAL A 285 -18.57 -2.95 18.97
N VAL A 286 -18.03 -3.33 20.13
CA VAL A 286 -16.68 -3.89 20.17
C VAL A 286 -16.60 -5.35 20.63
N HIS A 287 -15.94 -6.17 19.82
CA HIS A 287 -15.54 -7.52 20.23
C HIS A 287 -14.03 -7.55 20.25
N SER A 288 -13.46 -7.88 21.40
CA SER A 288 -12.00 -7.94 21.52
C SER A 288 -11.56 -9.27 22.08
N GLY A 289 -10.56 -9.87 21.43
CA GLY A 289 -9.94 -11.10 21.88
C GLY A 289 -8.77 -11.53 21.00
N ARG A 290 -7.96 -12.43 21.52
CA ARG A 290 -6.88 -13.04 20.75
C ARG A 290 -7.44 -13.76 19.53
N THR A 291 -6.65 -13.92 18.47
CA THR A 291 -7.07 -14.79 17.39
C THR A 291 -6.95 -16.27 17.85
N ASP A 292 -7.99 -16.70 18.55
CA ASP A 292 -8.12 -18.05 19.04
C ASP A 292 -9.61 -18.37 18.85
N PRO A 293 -9.94 -19.54 18.32
CA PRO A 293 -11.31 -20.00 18.12
C PRO A 293 -12.28 -19.72 19.27
N ILE A 294 -11.81 -19.80 20.52
CA ILE A 294 -12.72 -19.74 21.66
C ILE A 294 -13.35 -18.36 21.84
N LYS A 295 -12.67 -17.31 21.36
CA LYS A 295 -13.17 -15.95 21.50
C LYS A 295 -14.48 -15.69 20.74
N ASN A 296 -14.73 -16.47 19.69
CA ASN A 296 -16.09 -16.59 19.10
C ASN A 296 -16.53 -15.37 18.27
N ALA A 297 -15.58 -14.64 17.70
CA ALA A 297 -15.86 -13.26 17.27
C ALA A 297 -17.01 -13.24 16.28
N GLU A 298 -16.87 -14.22 15.37
CA GLU A 298 -17.73 -14.51 14.23
C GLU A 298 -19.14 -14.97 14.57
N ARG A 299 -19.33 -15.87 15.54
CA ARG A 299 -20.70 -15.94 15.99
C ARG A 299 -21.25 -14.57 16.40
N ALA A 300 -20.37 -13.69 16.90
CA ALA A 300 -20.77 -12.35 17.31
C ALA A 300 -21.14 -11.46 16.12
N VAL A 301 -20.31 -11.48 15.09
CA VAL A 301 -20.62 -10.76 13.88
C VAL A 301 -21.95 -11.26 13.28
N ARG A 302 -22.20 -12.56 13.35
CA ARG A 302 -23.45 -13.09 12.77
C ARG A 302 -24.66 -12.70 13.61
N ALA A 303 -24.47 -12.54 14.90
CA ALA A 303 -25.55 -12.19 15.80
C ALA A 303 -25.87 -10.72 15.55
N PHE A 304 -24.81 -9.96 15.31
CA PHE A 304 -24.95 -8.55 14.98
C PHE A 304 -25.83 -8.36 13.75
N VAL A 305 -25.47 -9.03 12.65
CA VAL A 305 -26.33 -9.03 11.46
C VAL A 305 -27.79 -9.37 11.81
N LEU A 306 -28.00 -10.47 12.51
CA LEU A 306 -29.34 -10.85 12.93
C LEU A 306 -30.13 -9.75 13.67
N ALA A 307 -29.40 -8.91 14.39
CA ALA A 307 -30.05 -7.86 15.16
C ALA A 307 -30.33 -6.66 14.26
N ALA A 308 -29.34 -6.30 13.45
CA ALA A 308 -29.44 -5.13 12.59
C ALA A 308 -30.53 -5.32 11.53
N ARG A 309 -30.74 -6.58 11.16
CA ARG A 309 -31.75 -6.93 10.18
C ARG A 309 -33.14 -6.56 10.68
N GLY A 310 -33.38 -6.82 11.96
CA GLY A 310 -34.63 -6.45 12.58
C GLY A 310 -34.75 -4.95 12.84
N GLY A 311 -33.77 -4.20 12.34
CA GLY A 311 -33.80 -2.75 12.35
C GLY A 311 -33.37 -2.07 13.63
N GLY A 312 -33.30 -0.75 13.59
CA GLY A 312 -33.05 0.05 14.76
C GLY A 312 -31.57 0.10 15.04
N LEU A 313 -30.83 -0.68 14.26
CA LEU A 313 -29.38 -0.56 14.25
C LEU A 313 -29.07 0.50 13.23
N GLU A 314 -29.49 1.73 13.51
CA GLU A 314 -29.29 2.83 12.60
C GLU A 314 -28.14 3.66 13.11
N LYS A 315 -27.13 3.84 12.26
CA LYS A 315 -25.96 4.57 12.65
C LYS A 315 -25.03 3.66 13.46
N THR A 316 -25.42 2.40 13.62
CA THR A 316 -24.64 1.45 14.39
C THR A 316 -23.50 0.83 13.59
N ARG A 317 -22.39 0.53 14.26
CA ARG A 317 -21.24 -0.09 13.63
C ARG A 317 -20.61 -1.13 14.55
N MET A 318 -19.66 -1.90 14.03
CA MET A 318 -19.02 -2.95 14.81
C MET A 318 -17.54 -3.11 14.47
N LEU A 319 -16.71 -3.21 15.50
CA LEU A 319 -15.27 -3.40 15.33
C LEU A 319 -14.87 -4.70 15.97
N VAL A 320 -14.25 -5.58 15.19
CA VAL A 320 -13.62 -6.78 15.73
C VAL A 320 -12.14 -6.50 16.01
N ARG A 321 -11.81 -6.29 17.29
CA ARG A 321 -10.40 -6.34 17.78
C ARG A 321 -9.83 -7.76 17.90
N MET A 322 -8.71 -7.98 17.24
CA MET A 322 -8.02 -9.26 17.31
C MET A 322 -6.55 -9.10 17.60
N ASN A 323 -6.06 -9.91 18.53
CA ASN A 323 -4.64 -9.97 18.85
C ASN A 323 -4.03 -11.19 18.17
N PRO A 324 -3.01 -10.96 17.36
CA PRO A 324 -2.34 -12.00 16.58
C PRO A 324 -1.46 -12.95 17.39
N ASN A 325 -1.22 -14.13 16.83
CA ASN A 325 -0.38 -15.16 17.45
C ASN A 325 0.92 -15.35 16.68
N ARG A 326 2.02 -15.53 17.41
CA ARG A 326 3.35 -15.60 16.80
C ARG A 326 3.50 -16.80 15.86
N LEU A 327 3.00 -17.95 16.28
CA LEU A 327 3.01 -19.12 15.43
C LEU A 327 1.76 -19.23 14.58
N TYR A 328 1.88 -20.13 13.62
CA TYR A 328 0.79 -20.53 12.75
C TYR A 328 0.23 -21.82 13.32
N VAL A 329 -0.97 -21.72 13.89
CA VAL A 329 -1.73 -22.87 14.32
C VAL A 329 -3.01 -22.93 13.49
N PRO A 330 -3.20 -24.03 12.74
CA PRO A 330 -4.30 -24.20 11.79
C PRO A 330 -5.66 -23.77 12.34
N ALA A 331 -6.03 -24.24 13.55
CA ALA A 331 -7.32 -23.88 14.12
C ALA A 331 -7.46 -22.37 14.27
N ASN A 332 -6.34 -21.70 14.52
CA ASN A 332 -6.36 -20.25 14.59
C ASN A 332 -6.63 -19.64 13.20
N ALA A 333 -5.95 -20.17 12.19
CA ALA A 333 -6.04 -19.65 10.85
C ALA A 333 -7.45 -19.83 10.30
N ASP A 334 -8.07 -20.96 10.66
CA ASP A 334 -9.41 -21.26 10.19
C ASP A 334 -10.43 -20.32 10.84
N TYR A 335 -10.19 -19.99 12.10
CA TYR A 335 -11.03 -19.09 12.85
C TYR A 335 -10.98 -17.75 12.16
N VAL A 336 -9.78 -17.33 11.76
CA VAL A 336 -9.67 -16.04 11.09
C VAL A 336 -10.40 -16.01 9.74
N HIS A 337 -10.23 -17.07 8.94
CA HIS A 337 -11.02 -17.20 7.72
C HIS A 337 -12.50 -17.04 8.01
N ARG A 338 -13.01 -17.85 8.95
CA ARG A 338 -14.43 -17.83 9.30
C ARG A 338 -14.90 -16.43 9.64
N VAL A 339 -14.04 -15.67 10.34
CA VAL A 339 -14.37 -14.35 10.82
C VAL A 339 -14.48 -13.38 9.64
N GLU A 340 -13.43 -13.34 8.85
CA GLU A 340 -13.35 -12.47 7.71
C GLU A 340 -14.47 -12.74 6.69
N THR A 341 -14.98 -13.95 6.70
CA THR A 341 -16.02 -14.31 5.74
C THR A 341 -17.32 -13.74 6.27
N ALA A 342 -17.46 -13.80 7.60
CA ALA A 342 -18.64 -13.30 8.27
C ALA A 342 -18.66 -11.77 8.22
N VAL A 343 -17.47 -11.18 8.29
CA VAL A 343 -17.37 -9.74 8.30
C VAL A 343 -17.79 -9.23 6.92
N ALA A 344 -17.36 -9.94 5.87
CA ALA A 344 -17.66 -9.53 4.50
C ALA A 344 -19.13 -9.73 4.15
N GLU A 345 -19.70 -10.83 4.60
CA GLU A 345 -21.10 -11.09 4.35
C GLU A 345 -21.98 -10.11 5.11
N ALA A 346 -21.44 -9.52 6.17
CA ALA A 346 -22.20 -8.51 6.92
C ALA A 346 -22.16 -7.17 6.21
N ASN A 347 -20.97 -6.77 5.77
CA ASN A 347 -20.81 -5.55 5.00
C ASN A 347 -21.59 -5.62 3.70
N ALA A 348 -21.58 -6.78 3.06
CA ALA A 348 -22.28 -6.94 1.80
C ALA A 348 -23.80 -7.01 1.98
N GLU A 349 -24.28 -6.92 3.22
CA GLU A 349 -25.72 -6.96 3.46
C GLU A 349 -26.21 -5.70 4.15
N LEU A 350 -25.37 -5.17 5.02
CA LEU A 350 -25.71 -3.99 5.81
C LEU A 350 -25.13 -2.71 5.21
N GLY A 351 -24.50 -2.86 4.06
CA GLY A 351 -23.81 -1.75 3.42
C GLY A 351 -22.33 -1.74 3.74
N SER A 352 -21.55 -1.04 2.94
CA SER A 352 -20.10 -1.01 3.05
C SER A 352 -19.61 -0.38 4.35
N ASP A 353 -18.52 -0.93 4.88
CA ASP A 353 -17.88 -0.39 6.07
C ASP A 353 -18.79 -0.35 7.29
N THR A 354 -19.64 -1.35 7.43
CA THR A 354 -20.49 -1.48 8.62
C THR A 354 -19.71 -2.18 9.72
N VAL A 355 -18.93 -3.18 9.34
CA VAL A 355 -18.07 -3.90 10.28
C VAL A 355 -16.61 -3.94 9.84
N ARG A 356 -15.70 -3.83 10.81
CA ARG A 356 -14.26 -3.75 10.55
C ARG A 356 -13.47 -4.69 11.45
N ILE A 357 -12.41 -5.30 10.89
CA ILE A 357 -11.46 -6.00 11.72
C ILE A 357 -10.31 -5.06 11.97
N ASP A 358 -9.76 -5.11 13.20
CA ASP A 358 -8.47 -4.49 13.53
C ASP A 358 -7.53 -5.49 14.20
N ASN A 359 -6.37 -5.74 13.59
CA ASN A 359 -5.56 -6.89 13.94
C ASN A 359 -4.09 -6.59 14.20
N ASP A 360 -3.80 -5.87 15.28
CA ASP A 360 -2.42 -5.65 15.70
C ASP A 360 -2.21 -6.08 17.15
N ASN A 361 -0.95 -6.17 17.58
CA ASN A 361 -0.66 -6.42 18.98
C ASN A 361 -0.26 -5.12 19.65
N ASP A 362 -1.20 -4.53 20.37
CA ASP A 362 -0.96 -3.27 21.07
C ASP A 362 -2.02 -3.06 22.15
N VAL A 363 -1.61 -3.21 23.41
CA VAL A 363 -2.56 -3.30 24.51
C VAL A 363 -3.23 -1.94 24.77
N ASN A 364 -2.57 -0.88 24.32
CA ASN A 364 -3.19 0.44 24.29
C ASN A 364 -4.40 0.48 23.37
N HIS A 365 -4.16 0.26 22.09
CA HIS A 365 -5.23 0.27 21.09
C HIS A 365 -6.44 -0.52 21.60
N THR A 366 -6.19 -1.66 22.23
CA THR A 366 -7.27 -2.43 22.85
C THR A 366 -8.06 -1.61 23.86
N ILE A 367 -7.35 -0.91 24.72
CA ILE A 367 -8.00 -0.19 25.79
C ILE A 367 -8.73 1.02 25.21
N ALA A 368 -8.12 1.66 24.22
CA ALA A 368 -8.78 2.79 23.58
C ALA A 368 -10.13 2.32 23.06
N CYS A 369 -10.12 1.13 22.48
CA CYS A 369 -11.33 0.53 21.96
C CYS A 369 -12.32 0.24 23.09
N PHE A 370 -11.81 -0.17 24.24
CA PHE A 370 -12.68 -0.44 25.38
C PHE A 370 -13.33 0.89 25.80
N ARG A 371 -12.55 1.96 25.77
CA ARG A 371 -13.00 3.27 26.22
C ARG A 371 -14.09 3.82 25.32
N ARG A 372 -13.98 3.50 24.03
CA ARG A 372 -14.87 4.03 23.00
C ARG A 372 -16.19 3.25 22.84
N ALA A 373 -16.18 2.01 23.30
CA ALA A 373 -17.32 1.11 23.11
C ALA A 373 -18.67 1.66 23.57
N ASP A 374 -19.69 1.36 22.78
CA ASP A 374 -21.07 1.61 23.18
C ASP A 374 -21.72 0.31 23.61
N LEU A 375 -21.22 -0.79 23.05
CA LEU A 375 -21.61 -2.12 23.45
C LEU A 375 -20.37 -2.99 23.41
N LEU A 376 -20.13 -3.70 24.52
CA LEU A 376 -19.03 -4.68 24.57
C LEU A 376 -19.52 -6.14 24.52
N ILE A 377 -18.89 -6.92 23.63
CA ILE A 377 -19.22 -8.35 23.54
C ILE A 377 -18.07 -9.25 23.94
N PHE A 378 -18.32 -10.10 24.92
CA PHE A 378 -17.38 -11.17 25.33
C PHE A 378 -18.10 -12.51 25.38
N ASN A 379 -18.39 -13.04 24.20
CA ASN A 379 -19.19 -14.24 24.04
C ASN A 379 -18.37 -15.52 23.81
N SER A 380 -17.24 -15.65 24.52
CA SER A 380 -16.36 -16.82 24.38
C SER A 380 -17.10 -18.14 24.36
N THR A 381 -16.65 -19.09 23.55
CA THR A 381 -17.27 -20.41 23.56
C THR A 381 -17.03 -21.04 24.94
N VAL A 382 -15.80 -20.93 25.42
CA VAL A 382 -15.46 -21.17 26.81
C VAL A 382 -14.30 -20.22 27.08
N ASP A 383 -14.02 -19.97 28.33
CA ASP A 383 -12.90 -19.10 28.70
C ASP A 383 -12.59 -19.34 30.17
N GLY A 384 -11.30 -19.49 30.48
CA GLY A 384 -10.87 -19.84 31.82
C GLY A 384 -11.35 -18.80 32.81
N GLN A 385 -11.22 -17.54 32.41
CA GLN A 385 -11.80 -16.45 33.17
C GLN A 385 -12.32 -15.36 32.23
N ASN A 386 -11.45 -14.91 31.32
CA ASN A 386 -11.61 -13.68 30.54
C ASN A 386 -11.46 -12.41 31.37
N LEU A 387 -10.27 -11.82 31.30
CA LEU A 387 -9.94 -10.67 32.13
C LEU A 387 -10.35 -9.37 31.46
N SER A 388 -10.68 -9.47 30.18
CA SER A 388 -11.10 -8.30 29.43
C SER A 388 -12.44 -7.84 29.93
N THR A 389 -13.27 -8.77 30.37
CA THR A 389 -14.60 -8.41 30.77
C THR A 389 -14.64 -7.66 32.10
N PHE A 390 -13.51 -7.62 32.80
CA PHE A 390 -13.40 -6.73 33.96
C PHE A 390 -12.79 -5.39 33.54
N GLU A 391 -11.73 -5.43 32.75
CA GLU A 391 -10.99 -4.24 32.35
C GLU A 391 -11.87 -3.27 31.58
N ALA A 392 -12.58 -3.78 30.58
CA ALA A 392 -13.37 -2.94 29.68
C ALA A 392 -14.41 -2.06 30.39
N PRO A 393 -15.25 -2.64 31.26
CA PRO A 393 -16.19 -1.79 32.01
C PRO A 393 -15.47 -0.73 32.82
N LEU A 394 -14.34 -1.10 33.42
CA LEU A 394 -13.65 -0.19 34.32
C LEU A 394 -12.95 0.94 33.59
N VAL A 395 -12.79 0.81 32.27
CA VAL A 395 -12.20 1.89 31.51
C VAL A 395 -13.18 2.52 30.52
N ASN A 396 -14.41 2.01 30.45
CA ASN A 396 -15.35 2.55 29.49
C ASN A 396 -15.93 3.90 29.87
N GLU A 397 -15.81 4.84 28.94
CA GLU A 397 -16.25 6.20 29.20
C GLU A 397 -17.65 6.51 28.68
N ARG A 398 -18.40 5.50 28.25
CA ARG A 398 -19.66 5.73 27.55
C ARG A 398 -20.81 4.87 28.06
N ASP A 399 -20.67 4.37 29.28
CA ASP A 399 -21.68 3.51 29.91
C ASP A 399 -22.14 2.35 29.01
N ALA A 400 -21.16 1.64 28.46
CA ALA A 400 -21.42 0.56 27.51
C ALA A 400 -21.97 -0.65 28.22
N ASP A 401 -22.92 -1.32 27.57
CA ASP A 401 -23.51 -2.50 28.14
C ASP A 401 -22.52 -3.67 27.86
N VAL A 402 -22.69 -4.77 28.57
CA VAL A 402 -21.85 -5.93 28.32
C VAL A 402 -22.62 -7.24 28.05
N ILE A 403 -22.35 -7.82 26.89
CA ILE A 403 -22.83 -9.15 26.61
C ILE A 403 -21.76 -10.18 26.98
N LEU A 404 -22.10 -11.10 27.88
CA LEU A 404 -21.13 -12.02 28.44
C LEU A 404 -21.59 -13.47 28.32
N SER A 405 -20.76 -14.30 27.69
CA SER A 405 -21.02 -15.72 27.67
C SER A 405 -21.16 -16.28 29.10
N GLU A 406 -22.16 -17.12 29.28
CA GLU A 406 -22.34 -17.89 30.50
C GLU A 406 -21.24 -18.95 30.68
N THR A 407 -20.41 -19.12 29.66
CA THR A 407 -19.34 -20.11 29.74
C THR A 407 -17.97 -19.49 30.06
N CYS A 408 -17.92 -18.18 30.26
CA CYS A 408 -16.74 -17.52 30.78
C CYS A 408 -16.69 -17.72 32.28
N GLY A 409 -15.47 -17.91 32.80
CA GLY A 409 -15.25 -17.97 34.23
C GLY A 409 -15.81 -16.71 34.85
N ALA A 410 -15.59 -15.60 34.19
CA ALA A 410 -15.99 -14.31 34.72
C ALA A 410 -17.48 -14.23 35.02
N ALA A 411 -18.27 -15.04 34.33
CA ALA A 411 -19.71 -15.05 34.50
C ALA A 411 -20.15 -15.37 35.94
N GLU A 412 -19.31 -16.09 36.67
CA GLU A 412 -19.67 -16.47 38.04
C GLU A 412 -19.54 -15.28 38.99
N VAL A 413 -18.97 -14.19 38.49
CA VAL A 413 -18.79 -12.97 39.26
C VAL A 413 -19.52 -11.78 38.65
N LEU A 414 -19.69 -11.78 37.33
CA LEU A 414 -20.24 -10.62 36.63
C LEU A 414 -21.51 -10.90 35.84
N GLY A 415 -22.02 -12.13 35.92
CA GLY A 415 -23.14 -12.53 35.09
C GLY A 415 -24.44 -11.83 35.42
N GLU A 416 -24.56 -11.38 36.66
CA GLU A 416 -25.75 -10.67 37.14
C GLU A 416 -25.68 -9.21 36.73
N TYR A 417 -24.52 -8.79 36.25
CA TYR A 417 -24.29 -7.38 36.00
C TYR A 417 -24.10 -7.16 34.52
N CYS A 418 -24.41 -8.19 33.76
CA CYS A 418 -24.25 -8.17 32.32
C CYS A 418 -25.40 -8.94 31.70
N ARG A 419 -25.59 -8.74 30.40
CA ARG A 419 -26.51 -9.58 29.63
C ARG A 419 -25.86 -10.92 29.28
N SER A 420 -26.46 -12.00 29.77
CA SER A 420 -25.77 -13.28 29.85
C SER A 420 -26.25 -14.22 28.74
N VAL A 421 -25.32 -14.70 27.93
CA VAL A 421 -25.67 -15.35 26.67
C VAL A 421 -25.16 -16.79 26.62
N ASN A 422 -25.94 -17.66 26.00
CA ASN A 422 -25.43 -18.91 25.48
C ASN A 422 -24.74 -18.59 24.16
N PRO A 423 -23.40 -18.73 24.12
CA PRO A 423 -22.60 -18.23 22.99
C PRO A 423 -22.82 -19.01 21.67
N PHE A 424 -23.65 -20.05 21.71
CA PHE A 424 -23.93 -20.86 20.54
C PHE A 424 -25.26 -20.49 19.92
N ASP A 425 -26.09 -19.79 20.69
CA ASP A 425 -27.42 -19.34 20.27
C ASP A 425 -27.31 -17.96 19.62
N LEU A 426 -27.43 -17.89 18.30
CA LEU A 426 -27.29 -16.63 17.59
C LEU A 426 -28.47 -15.70 17.87
N VAL A 427 -29.66 -16.27 17.92
CA VAL A 427 -30.86 -15.49 18.14
C VAL A 427 -30.83 -14.80 19.48
N GLU A 428 -30.51 -15.56 20.53
CA GLU A 428 -30.38 -14.96 21.86
C GLU A 428 -29.36 -13.84 21.86
N GLN A 429 -28.19 -14.09 21.27
CA GLN A 429 -27.15 -13.07 21.18
C GLN A 429 -27.65 -11.82 20.43
N ALA A 430 -28.33 -12.03 19.31
CA ALA A 430 -28.88 -10.91 18.57
C ALA A 430 -29.89 -10.12 19.41
N GLU A 431 -30.77 -10.83 20.11
CA GLU A 431 -31.80 -10.16 20.91
C GLU A 431 -31.17 -9.42 22.05
N ALA A 432 -30.05 -9.94 22.51
CA ALA A 432 -29.36 -9.33 23.61
C ALA A 432 -28.75 -8.04 23.12
N ILE A 433 -28.12 -8.08 21.96
CA ILE A 433 -27.53 -6.89 21.35
C ILE A 433 -28.60 -5.79 21.15
N SER A 434 -29.71 -6.16 20.52
CA SER A 434 -30.85 -5.26 20.32
C SER A 434 -31.28 -4.61 21.61
N ALA A 435 -31.50 -5.40 22.64
CA ALA A 435 -31.95 -4.85 23.92
C ALA A 435 -30.93 -3.90 24.48
N ALA A 436 -29.66 -4.29 24.42
CA ALA A 436 -28.58 -3.52 25.04
C ALA A 436 -28.52 -2.14 24.40
N LEU A 437 -28.67 -2.13 23.08
CA LEU A 437 -28.62 -0.89 22.31
C LEU A 437 -29.93 -0.07 22.34
N ALA A 438 -31.02 -0.64 22.82
CA ALA A 438 -32.26 0.13 22.92
C ALA A 438 -32.38 0.88 24.22
N ALA A 439 -31.46 0.65 25.13
CA ALA A 439 -31.59 1.22 26.46
C ALA A 439 -31.23 2.69 26.43
N GLY A 440 -31.94 3.48 27.24
CA GLY A 440 -31.59 4.87 27.44
C GLY A 440 -30.33 5.03 28.28
N PRO A 441 -29.63 6.13 28.06
CA PRO A 441 -28.33 6.40 28.69
C PRO A 441 -28.32 6.34 30.21
N ARG A 442 -29.47 6.55 30.83
CA ARG A 442 -29.57 6.57 32.29
C ARG A 442 -29.66 5.14 32.79
N GLN A 443 -30.49 4.37 32.10
CA GLN A 443 -30.62 2.95 32.38
C GLN A 443 -29.22 2.33 32.32
N ARG A 444 -28.53 2.65 31.22
CA ARG A 444 -27.16 2.18 30.97
C ARG A 444 -26.18 2.66 32.03
N ALA A 445 -26.27 3.94 32.37
CA ALA A 445 -25.42 4.51 33.40
C ALA A 445 -25.53 3.74 34.70
N GLU A 446 -26.76 3.45 35.11
CA GLU A 446 -26.99 2.76 36.36
C GLU A 446 -26.38 1.37 36.32
N ALA A 447 -26.67 0.65 35.25
CA ALA A 447 -26.27 -0.75 35.14
C ALA A 447 -24.75 -0.84 34.97
N ALA A 448 -24.16 0.24 34.46
CA ALA A 448 -22.71 0.32 34.33
C ALA A 448 -22.01 0.73 35.64
N ALA A 449 -22.72 1.46 36.50
CA ALA A 449 -22.17 1.75 37.82
C ALA A 449 -22.07 0.45 38.60
N ARG A 450 -23.15 -0.31 38.63
CA ARG A 450 -23.21 -1.57 39.36
C ARG A 450 -22.17 -2.54 38.82
N ARG A 451 -22.07 -2.61 37.50
CA ARG A 451 -21.12 -3.49 36.86
C ARG A 451 -19.66 -3.18 37.29
N ARG A 452 -19.31 -1.90 37.29
CA ARG A 452 -17.99 -1.50 37.72
C ARG A 452 -17.76 -1.81 39.19
N ASP A 453 -18.79 -1.59 40.01
CA ASP A 453 -18.68 -1.78 41.45
C ASP A 453 -18.51 -3.24 41.79
N ALA A 454 -18.96 -4.12 40.90
CA ALA A 454 -18.80 -5.55 41.13
C ALA A 454 -17.47 -6.07 40.56
N ALA A 455 -16.95 -5.37 39.56
CA ALA A 455 -15.66 -5.73 39.01
C ALA A 455 -14.50 -5.22 39.86
N ARG A 456 -14.67 -4.04 40.46
CA ARG A 456 -13.53 -3.35 41.06
C ARG A 456 -12.73 -4.14 42.09
N PRO A 457 -13.40 -4.78 43.06
CA PRO A 457 -12.66 -5.54 44.08
C PRO A 457 -11.70 -6.64 43.56
N TRP A 458 -12.12 -7.39 42.55
CA TRP A 458 -11.35 -8.50 42.02
C TRP A 458 -9.98 -8.14 41.41
N THR A 459 -9.13 -7.56 42.24
CA THR A 459 -7.81 -7.15 41.83
C THR A 459 -6.78 -8.29 41.89
N LEU A 460 -5.66 -8.06 41.23
CA LEU A 460 -4.56 -9.01 41.15
C LEU A 460 -4.00 -9.28 42.53
N GLU A 461 -3.94 -8.23 43.34
CA GLU A 461 -3.42 -8.38 44.68
C GLU A 461 -4.36 -9.22 45.55
N ALA A 462 -5.65 -8.97 45.41
CA ALA A 462 -6.67 -9.65 46.20
C ALA A 462 -6.59 -11.13 45.92
N TRP A 463 -6.21 -11.43 44.69
CA TRP A 463 -6.15 -12.79 44.20
C TRP A 463 -4.93 -13.51 44.78
N VAL A 464 -3.79 -12.83 44.77
CA VAL A 464 -2.57 -13.35 45.35
C VAL A 464 -2.82 -13.68 46.82
N GLN A 465 -3.46 -12.75 47.54
CA GLN A 465 -3.70 -12.94 48.96
C GLN A 465 -4.59 -14.15 49.16
N ALA A 466 -5.49 -14.38 48.22
CA ALA A 466 -6.44 -15.47 48.37
C ALA A 466 -5.72 -16.81 48.30
N GLN A 467 -4.64 -16.81 47.53
CA GLN A 467 -3.84 -18.02 47.36
C GLN A 467 -3.03 -18.30 48.64
N LEU A 468 -2.21 -17.32 49.02
CA LEU A 468 -1.44 -17.36 50.27
C LEU A 468 -2.32 -17.78 51.43
N ASP A 469 -3.45 -17.07 51.60
CA ASP A 469 -4.37 -17.34 52.69
C ASP A 469 -4.96 -18.75 52.61
N GLY A 470 -5.35 -19.16 51.41
CA GLY A 470 -5.98 -20.47 51.23
C GLY A 470 -5.02 -21.64 51.34
N LEU A 471 -3.81 -21.48 50.80
CA LEU A 471 -2.79 -22.51 50.90
C LEU A 471 -2.49 -22.77 52.37
N ALA A 472 -2.38 -21.68 53.13
CA ALA A 472 -2.09 -21.73 54.57
C ALA A 472 -3.16 -22.47 55.35
N ALA A 473 -4.41 -22.07 55.14
CA ALA A 473 -5.53 -22.70 55.80
C ALA A 473 -5.58 -24.19 55.50
N ASP A 474 -5.22 -24.55 54.27
CA ASP A 474 -5.31 -25.93 53.80
C ASP A 474 -4.12 -26.76 54.22
N HIS A 475 -2.95 -26.12 54.32
CA HIS A 475 -1.78 -26.82 54.84
C HIS A 475 -1.88 -27.01 56.35
N ALA A 476 -2.82 -26.30 56.96
CA ALA A 476 -3.03 -26.40 58.39
C ALA A 476 -3.89 -27.59 58.83
N ALA A 477 -4.51 -28.31 57.89
CA ALA A 477 -5.26 -29.53 58.26
C ALA A 477 -4.66 -30.85 57.74
N GLU B 5 -52.85 -52.86 33.43
CA GLU B 5 -52.96 -52.55 32.01
C GLU B 5 -51.70 -51.80 31.62
N ILE B 6 -51.07 -52.20 30.52
CA ILE B 6 -49.78 -51.59 30.17
C ILE B 6 -49.80 -50.93 28.80
N PHE B 7 -49.32 -49.69 28.75
CA PHE B 7 -49.35 -48.90 27.53
C PHE B 7 -47.97 -48.48 27.10
N LEU B 8 -47.55 -48.93 25.92
CA LEU B 8 -46.20 -48.68 25.44
C LEU B 8 -46.18 -47.87 24.15
N ALA B 9 -45.40 -46.80 24.13
CA ALA B 9 -45.28 -45.95 22.95
C ALA B 9 -43.84 -45.81 22.48
N SER B 10 -43.60 -46.04 21.19
CA SER B 10 -42.28 -45.86 20.62
C SER B 10 -42.32 -44.91 19.42
N LYS B 11 -41.38 -43.99 19.33
CA LYS B 11 -41.36 -43.04 18.23
C LYS B 11 -41.37 -43.67 16.81
N ARG B 12 -40.67 -44.78 16.60
CA ARG B 12 -40.21 -45.11 15.26
C ARG B 12 -40.56 -46.53 14.84
N ALA B 13 -41.15 -46.65 13.65
CA ALA B 13 -41.50 -47.96 13.11
C ALA B 13 -41.12 -48.06 11.64
N ALA B 14 -40.21 -48.97 11.35
CA ALA B 14 -39.76 -49.19 9.97
C ALA B 14 -40.45 -50.40 9.36
N ILE B 15 -41.67 -50.20 8.88
CA ILE B 15 -42.46 -51.28 8.30
C ILE B 15 -42.38 -51.26 6.77
N THR B 16 -42.35 -52.45 6.18
CA THR B 16 -42.34 -52.58 4.73
C THR B 16 -43.58 -53.32 4.26
N TYR B 17 -44.17 -52.84 3.17
CA TYR B 17 -45.39 -53.45 2.64
C TYR B 17 -45.15 -54.14 1.30
N ASP B 18 -44.90 -55.44 1.36
CA ASP B 18 -44.71 -56.24 0.17
C ASP B 18 -45.77 -57.35 0.11
N THR B 19 -45.59 -58.29 -0.80
CA THR B 19 -46.51 -59.41 -0.93
C THR B 19 -45.78 -60.73 -0.68
N ASP B 20 -46.36 -61.57 0.17
CA ASP B 20 -45.75 -62.86 0.50
C ASP B 20 -45.70 -63.77 -0.73
N PRO B 26 -51.04 -59.21 0.51
CA PRO B 26 -50.84 -58.29 1.62
C PRO B 26 -49.79 -58.79 2.60
N ARG B 27 -48.81 -57.95 2.94
CA ARG B 27 -47.76 -58.33 3.85
C ARG B 27 -47.02 -57.11 4.41
N ALA B 28 -47.20 -56.85 5.70
CA ALA B 28 -46.50 -55.76 6.38
C ALA B 28 -45.53 -56.34 7.39
N TRP B 29 -44.34 -55.76 7.48
CA TRP B 29 -43.32 -56.29 8.38
C TRP B 29 -42.38 -55.23 8.90
N LEU B 30 -41.75 -55.48 10.06
CA LEU B 30 -40.81 -54.53 10.65
C LEU B 30 -39.34 -54.87 10.36
N ALA B 31 -38.54 -53.83 10.09
CA ALA B 31 -37.10 -54.02 9.89
C ALA B 31 -36.40 -54.39 11.20
N PRO B 32 -35.44 -55.34 11.13
CA PRO B 32 -34.64 -55.75 12.29
C PRO B 32 -33.60 -54.70 12.66
N GLY B 33 -33.08 -54.75 13.88
CA GLY B 33 -32.11 -53.78 14.35
C GLY B 33 -32.71 -52.40 14.59
N GLY B 34 -31.95 -51.54 15.26
CA GLY B 34 -32.48 -50.25 15.68
C GLY B 34 -33.41 -50.44 16.85
N THR B 35 -33.79 -49.34 17.49
CA THR B 35 -34.64 -49.40 18.68
C THR B 35 -35.99 -50.02 18.33
N GLY B 36 -36.50 -49.68 17.15
CA GLY B 36 -37.85 -50.02 16.76
C GLY B 36 -38.16 -51.49 16.99
N ASN B 37 -37.29 -52.36 16.51
CA ASN B 37 -37.46 -53.79 16.70
C ASN B 37 -37.45 -54.12 18.18
N VAL B 38 -36.59 -53.45 18.94
CA VAL B 38 -36.49 -53.70 20.38
C VAL B 38 -37.83 -53.46 21.07
N VAL B 39 -38.42 -52.30 20.81
CA VAL B 39 -39.64 -51.92 21.48
C VAL B 39 -40.79 -52.79 21.01
N ALA B 40 -40.77 -53.14 19.73
CA ALA B 40 -41.76 -54.02 19.13
C ALA B 40 -41.69 -55.41 19.78
N GLU B 41 -40.47 -55.87 20.03
CA GLU B 41 -40.27 -57.16 20.68
C GLU B 41 -40.87 -57.08 22.08
N GLN B 42 -40.68 -55.93 22.73
CA GLN B 42 -41.21 -55.74 24.07
C GLN B 42 -42.72 -55.87 24.06
N ALA B 43 -43.36 -55.34 23.02
CA ALA B 43 -44.81 -55.44 22.92
C ALA B 43 -45.21 -56.91 22.86
N GLY B 44 -44.41 -57.71 22.15
CA GLY B 44 -44.62 -59.15 22.04
C GLY B 44 -44.49 -59.89 23.36
N VAL B 45 -43.49 -59.55 24.14
CA VAL B 45 -43.27 -60.12 25.47
C VAL B 45 -44.45 -59.82 26.40
N LEU B 46 -44.92 -58.58 26.36
CA LEU B 46 -45.95 -58.11 27.26
C LEU B 46 -47.36 -58.35 26.73
N ASN B 47 -47.46 -58.68 25.44
CA ASN B 47 -48.74 -58.92 24.76
C ASN B 47 -49.65 -57.66 24.69
N ILE B 48 -49.11 -56.58 24.13
CA ILE B 48 -49.88 -55.34 23.92
C ILE B 48 -49.84 -54.78 22.50
N SER B 49 -50.24 -53.53 22.34
CA SER B 49 -50.38 -52.98 21.00
C SER B 49 -49.18 -52.17 20.56
N TRP B 50 -48.73 -51.28 21.43
CA TRP B 50 -47.63 -50.40 21.11
C TRP B 50 -48.21 -49.17 20.48
N ILE B 51 -47.51 -48.05 20.59
CA ILE B 51 -47.90 -46.84 19.90
C ILE B 51 -46.70 -46.29 19.16
N ALA B 52 -46.87 -45.95 17.88
CA ALA B 52 -45.75 -45.37 17.15
C ALA B 52 -46.24 -44.40 16.04
N SER B 53 -45.33 -43.68 15.40
CA SER B 53 -45.71 -42.73 14.35
C SER B 53 -45.72 -43.31 12.95
N ALA B 54 -46.57 -42.75 12.09
CA ALA B 54 -46.60 -43.19 10.71
C ALA B 54 -45.61 -42.35 9.90
N ASP B 55 -44.55 -42.99 9.41
CA ASP B 55 -43.52 -42.28 8.65
C ASP B 55 -43.95 -42.00 7.21
N SER B 56 -43.90 -43.02 6.37
CA SER B 56 -44.17 -42.85 4.95
C SER B 56 -45.67 -42.82 4.63
N GLU B 57 -45.97 -42.52 3.37
CA GLU B 57 -47.33 -42.48 2.87
C GLU B 57 -47.98 -43.85 3.01
N ASP B 58 -47.20 -44.89 2.75
CA ASP B 58 -47.69 -46.25 2.86
C ASP B 58 -48.13 -46.49 4.31
N ASP B 59 -47.35 -45.98 5.25
CA ASP B 59 -47.69 -46.10 6.65
C ASP B 59 -48.93 -45.29 6.96
N ARG B 60 -48.99 -44.08 6.38
CA ARG B 60 -50.15 -43.21 6.54
C ARG B 60 -51.40 -43.84 5.94
N ARG B 61 -51.24 -44.45 4.76
CA ARG B 61 -52.35 -45.13 4.11
C ARG B 61 -52.81 -46.32 4.93
N ALA B 62 -51.85 -47.04 5.48
CA ALA B 62 -52.13 -48.24 6.27
C ALA B 62 -52.93 -47.92 7.52
N SER B 63 -52.60 -46.82 8.18
CA SER B 63 -53.24 -46.46 9.44
C SER B 63 -54.65 -45.93 9.20
N ALA B 64 -54.84 -45.28 8.05
CA ALA B 64 -56.15 -44.72 7.68
C ALA B 64 -57.17 -45.84 7.52
N LEU B 65 -56.77 -46.87 6.77
CA LEU B 65 -57.62 -48.04 6.53
C LEU B 65 -57.91 -48.82 7.81
N ASN B 66 -56.86 -49.03 8.59
CA ASN B 66 -57.03 -49.57 9.91
C ASN B 66 -56.68 -48.48 10.91
N PRO B 67 -57.71 -48.03 11.61
CA PRO B 67 -57.56 -47.18 12.79
C PRO B 67 -57.32 -48.02 14.04
N ASP B 68 -57.99 -49.16 14.12
CA ASP B 68 -57.89 -50.03 15.29
C ASP B 68 -56.47 -50.54 15.49
N GLY B 69 -55.81 -50.90 14.39
CA GLY B 69 -54.44 -51.35 14.48
C GLY B 69 -53.99 -52.11 13.24
N VAL B 70 -52.74 -51.88 12.83
CA VAL B 70 -52.16 -52.63 11.74
C VAL B 70 -51.39 -53.82 12.29
N THR B 71 -51.38 -54.92 11.56
CA THR B 71 -50.70 -56.13 12.01
C THR B 71 -49.46 -56.40 11.18
N MET B 72 -48.33 -56.58 11.85
CA MET B 72 -47.06 -56.83 11.19
C MET B 72 -46.29 -57.93 11.89
N GLU B 73 -45.42 -58.61 11.13
CA GLU B 73 -44.60 -59.68 11.67
C GLU B 73 -43.17 -59.19 11.91
N LEU B 74 -42.64 -59.50 13.08
CA LEU B 74 -41.28 -59.09 13.44
C LEU B 74 -40.24 -60.00 12.80
N HIS B 75 -38.97 -59.77 13.15
CA HIS B 75 -37.88 -60.58 12.62
C HIS B 75 -37.94 -61.97 13.18
N SER B 76 -38.70 -62.15 14.25
CA SER B 76 -38.83 -63.46 14.89
C SER B 76 -39.88 -64.30 14.17
N ARG B 78 -42.46 -63.24 15.24
CA ARG B 78 -43.61 -62.90 16.07
C ARG B 78 -44.55 -61.95 15.36
N GLU B 79 -45.78 -61.85 15.85
CA GLU B 79 -46.78 -60.98 15.25
C GLU B 79 -47.31 -59.96 16.26
N ILE B 80 -47.05 -58.69 16.01
CA ILE B 80 -47.48 -57.62 16.91
C ILE B 80 -48.56 -56.75 16.26
N LEU B 81 -49.24 -55.96 17.08
CA LEU B 81 -50.31 -55.10 16.59
C LEU B 81 -50.01 -53.63 16.89
N VAL B 82 -49.57 -52.91 15.87
CA VAL B 82 -49.27 -51.48 16.01
C VAL B 82 -50.47 -50.56 15.82
N ARG B 83 -50.55 -49.54 16.67
CA ARG B 83 -51.47 -48.42 16.48
C ARG B 83 -50.71 -47.15 16.05
N LEU B 84 -50.49 -46.99 14.75
CA LEU B 84 -49.79 -45.83 14.18
C LEU B 84 -50.51 -44.48 14.37
N ILE B 85 -49.74 -43.41 14.43
CA ILE B 85 -50.29 -42.06 14.50
C ILE B 85 -50.02 -41.31 13.22
N ARG B 86 -51.05 -40.75 12.59
CA ARG B 86 -50.83 -39.85 11.48
C ARG B 86 -50.65 -38.43 12.00
N HIS B 87 -49.44 -37.89 11.88
CA HIS B 87 -49.15 -36.52 12.32
C HIS B 87 -49.46 -35.55 11.21
N ASP B 88 -49.07 -34.31 11.39
CA ASP B 88 -49.04 -33.39 10.25
C ASP B 88 -47.77 -33.65 9.44
N PRO B 89 -47.91 -33.77 8.12
CA PRO B 89 -46.80 -34.11 7.22
C PRO B 89 -45.70 -33.06 7.12
N ALA B 90 -45.86 -31.93 7.78
CA ALA B 90 -44.83 -30.89 7.76
C ALA B 90 -44.25 -30.75 9.16
N VAL B 91 -45.12 -30.93 10.15
CA VAL B 91 -44.71 -31.03 11.53
C VAL B 91 -43.77 -32.22 11.66
N PHE B 92 -44.18 -33.35 11.09
CA PHE B 92 -43.45 -34.60 11.30
C PHE B 92 -42.16 -34.64 10.52
N ARG B 93 -42.19 -34.12 9.31
CA ARG B 93 -41.00 -34.06 8.47
C ARG B 93 -39.94 -33.18 9.10
N ASN B 94 -40.37 -32.17 9.84
CA ASN B 94 -39.46 -31.21 10.45
C ASN B 94 -38.89 -31.73 11.78
N VAL B 95 -39.72 -32.45 12.52
CA VAL B 95 -39.24 -33.10 13.72
C VAL B 95 -38.20 -34.15 13.35
N GLN B 96 -38.37 -34.76 12.18
CA GLN B 96 -37.35 -35.71 11.69
C GLN B 96 -36.18 -34.99 11.01
N ASN B 97 -35.87 -33.82 11.55
CA ASN B 97 -34.64 -33.10 11.28
C ASN B 97 -34.10 -32.71 12.64
N PHE B 98 -35.03 -32.30 13.50
CA PHE B 98 -34.71 -31.87 14.86
C PHE B 98 -34.08 -33.04 15.60
N MET B 99 -34.69 -34.20 15.44
CA MET B 99 -34.29 -35.46 16.06
C MET B 99 -32.92 -35.90 15.58
N THR B 100 -32.65 -35.62 14.31
CA THR B 100 -31.45 -36.05 13.64
C THR B 100 -30.26 -35.27 14.17
N ALA B 101 -29.06 -35.65 13.73
CA ALA B 101 -27.82 -35.24 14.36
C ALA B 101 -27.76 -33.73 14.32
N ASN B 102 -28.52 -33.13 13.41
CA ASN B 102 -28.56 -31.69 13.27
C ASN B 102 -28.87 -31.05 14.61
N LEU B 103 -29.78 -31.66 15.35
CA LEU B 103 -30.15 -31.16 16.66
C LEU B 103 -30.06 -32.22 17.76
N MET B 104 -31.14 -32.97 17.94
CA MET B 104 -31.24 -33.93 19.04
C MET B 104 -30.16 -35.01 19.05
N TRP B 105 -29.85 -35.56 17.88
CA TRP B 105 -28.87 -36.63 17.80
C TRP B 105 -27.49 -36.16 18.12
N ALA B 106 -27.12 -34.98 17.62
CA ALA B 106 -25.80 -34.43 17.87
C ALA B 106 -25.64 -34.01 19.33
N ALA B 107 -26.72 -33.68 19.98
CA ALA B 107 -26.64 -33.19 21.34
C ALA B 107 -26.44 -34.34 22.32
N ASN B 108 -26.92 -35.53 21.98
CA ASN B 108 -26.79 -36.64 22.89
C ASN B 108 -25.69 -37.64 22.55
N ASN B 109 -25.14 -37.53 21.34
CA ASN B 109 -24.06 -38.43 20.97
C ASN B 109 -22.79 -37.65 20.63
N TYR B 110 -22.71 -36.44 21.15
CA TYR B 110 -21.49 -35.67 21.12
C TYR B 110 -20.90 -35.31 19.73
N GLY B 111 -21.75 -34.93 18.77
CA GLY B 111 -21.27 -34.46 17.47
C GLY B 111 -20.73 -33.04 17.26
N TRP B 112 -20.79 -32.19 18.29
CA TRP B 112 -20.34 -30.80 18.15
C TRP B 112 -18.98 -30.50 18.71
N ASP B 113 -18.18 -29.79 17.93
CA ASP B 113 -16.88 -29.29 18.37
C ASP B 113 -16.93 -27.94 19.15
N ARG B 114 -18.12 -27.31 19.20
CA ARG B 114 -18.37 -25.97 19.80
C ARG B 114 -17.69 -24.77 19.12
N TRP B 115 -16.48 -24.94 18.61
CA TRP B 115 -15.75 -23.81 18.08
C TRP B 115 -16.39 -23.35 16.80
N THR B 116 -16.90 -24.31 16.02
CA THR B 116 -17.46 -23.98 14.70
C THR B 116 -18.91 -24.45 14.51
N GLN B 117 -19.35 -25.37 15.35
CA GLN B 117 -20.72 -25.87 15.32
C GLN B 117 -21.09 -26.16 16.76
N PRO B 118 -22.35 -25.95 17.15
CA PRO B 118 -23.48 -25.47 16.35
C PRO B 118 -23.70 -23.95 16.45
N SER B 119 -24.60 -23.43 15.62
CA SER B 119 -25.00 -22.03 15.69
C SER B 119 -26.49 -21.97 15.48
N PHE B 120 -27.25 -21.89 16.57
CA PHE B 120 -28.71 -21.95 16.48
C PHE B 120 -29.34 -20.63 15.99
N GLY B 121 -30.31 -20.77 15.09
CA GLY B 121 -31.10 -19.65 14.60
C GLY B 121 -32.60 -19.84 14.75
N SER B 122 -33.35 -19.26 13.83
CA SER B 122 -34.80 -19.34 13.90
C SER B 122 -35.30 -20.79 13.75
N ASP B 123 -34.51 -21.61 13.06
CA ASP B 123 -34.93 -22.96 12.79
C ASP B 123 -35.14 -23.65 14.14
N ALA B 124 -34.31 -23.30 15.11
CA ALA B 124 -34.31 -24.00 16.38
C ALA B 124 -35.58 -23.71 17.16
N ARG B 125 -36.07 -22.48 17.05
CA ARG B 125 -37.31 -22.12 17.70
C ARG B 125 -38.47 -22.78 16.99
N GLU B 126 -38.33 -22.95 15.69
CA GLU B 126 -39.44 -23.51 14.92
C GLU B 126 -39.55 -25.02 15.12
N GLY B 127 -38.41 -25.71 15.05
CA GLY B 127 -38.43 -27.12 15.31
C GLY B 127 -38.91 -27.38 16.71
N TRP B 128 -38.53 -26.49 17.63
CA TRP B 128 -38.88 -26.67 19.03
C TRP B 128 -40.38 -26.58 19.25
N ALA B 129 -41.02 -25.78 18.40
CA ALA B 129 -42.45 -25.61 18.46
C ALA B 129 -43.10 -26.86 17.89
N ASP B 130 -42.67 -27.24 16.69
CA ASP B 130 -43.14 -28.46 16.04
C ASP B 130 -42.97 -29.67 16.92
N PHE B 131 -41.91 -29.68 17.71
CA PHE B 131 -41.68 -30.74 18.67
C PHE B 131 -42.78 -30.73 19.72
N GLY B 132 -43.22 -29.54 20.10
CA GLY B 132 -44.31 -29.43 21.06
C GLY B 132 -45.60 -30.03 20.52
N ARG B 133 -45.91 -29.74 19.27
CA ARG B 133 -47.09 -30.32 18.62
C ARG B 133 -46.97 -31.84 18.48
N PHE B 134 -45.77 -32.29 18.12
CA PHE B 134 -45.51 -33.72 17.94
C PHE B 134 -45.69 -34.45 19.26
N THR B 135 -45.25 -33.82 20.33
CA THR B 135 -45.36 -34.38 21.67
C THR B 135 -46.81 -34.50 22.12
N ARG B 136 -47.60 -33.47 21.87
CA ARG B 136 -49.04 -33.52 22.20
C ARG B 136 -49.74 -34.60 21.39
N ASP B 137 -49.41 -34.68 20.10
CA ASP B 137 -49.86 -35.75 19.22
C ASP B 137 -49.73 -37.10 19.92
N PHE B 138 -48.54 -37.39 20.42
CA PHE B 138 -48.29 -38.60 21.18
C PHE B 138 -49.04 -38.67 22.53
N ALA B 139 -48.94 -37.61 23.33
CA ALA B 139 -49.58 -37.59 24.64
C ALA B 139 -51.08 -37.85 24.54
N ASP B 140 -51.74 -37.16 23.63
CA ASP B 140 -53.19 -37.29 23.49
C ASP B 140 -53.53 -38.72 23.10
N ALA B 141 -52.69 -39.30 22.26
CA ALA B 141 -52.96 -40.63 21.77
C ALA B 141 -52.71 -41.72 22.83
N ILE B 142 -51.80 -41.48 23.77
CA ILE B 142 -51.59 -42.44 24.85
C ILE B 142 -52.84 -42.38 25.72
N LEU B 143 -53.16 -41.17 26.17
CA LEU B 143 -54.23 -40.93 27.14
C LEU B 143 -55.58 -41.41 26.64
N LYS B 144 -55.78 -41.32 25.33
CA LYS B 144 -56.99 -41.78 24.68
C LYS B 144 -57.11 -43.30 24.74
N SER B 145 -56.15 -44.00 24.15
CA SER B 145 -56.22 -45.47 24.12
C SER B 145 -56.05 -46.09 25.51
N SER B 146 -55.81 -45.25 26.51
CA SER B 146 -55.72 -45.70 27.89
C SER B 146 -56.84 -45.10 28.71
N ALA B 147 -57.82 -44.50 28.04
CA ALA B 147 -58.85 -43.71 28.74
C ALA B 147 -59.82 -44.55 29.57
N GLN B 148 -60.07 -45.79 29.16
CA GLN B 148 -60.95 -46.68 29.92
C GLN B 148 -60.12 -47.63 30.79
N SER B 149 -59.18 -47.06 31.54
CA SER B 149 -58.27 -47.85 32.35
C SER B 149 -58.16 -47.27 33.75
N ALA B 150 -58.53 -48.06 34.75
CA ALA B 150 -58.53 -47.58 36.12
C ALA B 150 -57.12 -47.31 36.62
N ASP B 151 -56.26 -48.30 36.45
CA ASP B 151 -54.85 -48.09 36.62
C ASP B 151 -54.21 -48.47 35.31
N PRO B 152 -53.61 -47.47 34.68
CA PRO B 152 -52.76 -47.68 33.51
C PRO B 152 -51.30 -47.52 33.89
N VAL B 153 -50.44 -48.18 33.14
CA VAL B 153 -49.02 -48.12 33.37
C VAL B 153 -48.39 -47.69 32.06
N TYR B 154 -47.63 -46.61 32.10
CA TYR B 154 -47.11 -46.01 30.88
C TYR B 154 -45.62 -46.28 30.68
N LEU B 155 -45.33 -46.92 29.55
CA LEU B 155 -43.94 -47.11 29.12
C LEU B 155 -43.61 -46.26 27.90
N VAL B 156 -42.86 -45.19 28.15
CA VAL B 156 -42.48 -44.25 27.09
C VAL B 156 -41.04 -44.50 26.65
N HIS B 157 -40.86 -44.83 25.38
CA HIS B 157 -39.57 -45.22 24.87
C HIS B 157 -39.12 -44.33 23.74
N ASP B 158 -38.49 -43.21 24.09
CA ASP B 158 -37.09 -42.99 23.78
C ASP B 158 -36.73 -41.52 23.96
N TYR B 159 -35.91 -40.99 23.07
CA TYR B 159 -35.42 -39.62 23.20
C TYR B 159 -36.26 -38.65 22.38
N GLN B 160 -37.12 -39.19 21.52
CA GLN B 160 -38.10 -38.38 20.81
C GLN B 160 -39.29 -38.12 21.73
N LEU B 161 -39.66 -39.13 22.52
CA LEU B 161 -40.84 -39.03 23.36
C LEU B 161 -40.49 -38.47 24.73
N VAL B 162 -39.41 -37.72 24.77
CA VAL B 162 -38.94 -37.12 26.01
C VAL B 162 -40.00 -36.17 26.56
N GLY B 163 -40.67 -35.44 25.67
CA GLY B 163 -41.58 -34.41 26.11
C GLY B 163 -42.80 -34.99 26.79
N VAL B 164 -42.97 -36.30 26.62
CA VAL B 164 -44.24 -36.96 26.91
C VAL B 164 -44.66 -37.10 28.38
N PRO B 165 -43.74 -37.45 29.27
CA PRO B 165 -44.21 -37.71 30.63
C PRO B 165 -44.94 -36.52 31.28
N ALA B 166 -44.46 -35.30 31.10
CA ALA B 166 -45.09 -34.13 31.74
C ALA B 166 -46.56 -34.03 31.37
N LEU B 167 -46.84 -34.25 30.10
CA LEU B 167 -48.19 -34.21 29.56
C LEU B 167 -49.09 -35.30 30.15
N LEU B 168 -48.60 -36.53 30.23
CA LEU B 168 -49.36 -37.61 30.86
C LEU B 168 -49.68 -37.31 32.33
N ARG B 169 -48.69 -36.76 33.04
CA ARG B 169 -48.78 -36.56 34.48
C ARG B 169 -49.89 -35.56 34.83
N GLU B 170 -50.23 -34.71 33.86
CA GLU B 170 -51.34 -33.79 34.04
C GLU B 170 -52.66 -34.54 34.12
N GLN B 171 -52.96 -35.32 33.09
CA GLN B 171 -54.16 -36.15 33.07
C GLN B 171 -54.17 -37.33 34.07
N ARG B 172 -53.08 -38.11 34.13
CA ARG B 172 -52.97 -39.25 35.05
C ARG B 172 -51.92 -38.97 36.14
N PRO B 173 -52.29 -38.18 37.14
CA PRO B 173 -51.26 -37.70 38.07
C PRO B 173 -50.94 -38.71 39.15
N ASP B 174 -51.52 -39.90 39.07
CA ASP B 174 -51.27 -40.93 40.06
C ASP B 174 -50.81 -42.23 39.42
N ALA B 175 -50.65 -42.21 38.11
CA ALA B 175 -50.26 -43.41 37.38
C ALA B 175 -48.74 -43.47 37.21
N PRO B 176 -48.19 -44.70 37.21
CA PRO B 176 -46.74 -44.88 37.07
C PRO B 176 -46.30 -44.63 35.63
N ILE B 177 -45.24 -43.85 35.48
CA ILE B 177 -44.70 -43.57 34.16
C ILE B 177 -43.22 -43.85 34.11
N LEU B 178 -42.82 -44.71 33.18
CA LEU B 178 -41.41 -44.91 32.90
C LEU B 178 -41.02 -44.24 31.59
N LEU B 179 -40.08 -43.31 31.66
CA LEU B 179 -39.45 -42.81 30.45
C LEU B 179 -38.10 -43.51 30.29
N PHE B 180 -37.89 -44.19 29.17
CA PHE B 180 -36.62 -44.88 28.94
C PHE B 180 -35.84 -44.39 27.71
N VAL B 181 -34.66 -43.85 27.95
CA VAL B 181 -33.86 -43.29 26.87
C VAL B 181 -32.78 -44.25 26.38
N HIS B 182 -32.84 -44.56 25.09
CA HIS B 182 -31.95 -45.56 24.51
C HIS B 182 -30.61 -44.98 24.03
N ILE B 183 -30.35 -43.71 24.33
CA ILE B 183 -29.12 -43.08 23.83
C ILE B 183 -28.32 -42.53 25.03
N PRO B 184 -27.10 -42.00 24.80
CA PRO B 184 -26.43 -41.42 25.95
C PRO B 184 -27.11 -40.18 26.45
N TRP B 185 -26.73 -39.76 27.66
CA TRP B 185 -26.99 -38.39 28.09
C TRP B 185 -25.66 -37.71 28.28
N PRO B 186 -25.48 -36.54 27.68
CA PRO B 186 -24.15 -35.90 27.70
C PRO B 186 -23.86 -35.15 29.00
N SER B 187 -22.61 -34.73 29.19
CA SER B 187 -22.23 -33.96 30.37
C SER B 187 -22.99 -32.66 30.38
N ALA B 188 -23.32 -32.19 31.59
CA ALA B 188 -24.02 -30.92 31.80
C ALA B 188 -23.55 -29.79 30.89
N ASP B 189 -22.22 -29.63 30.81
CA ASP B 189 -21.63 -28.59 30.00
C ASP B 189 -22.05 -28.72 28.55
N TYR B 190 -22.13 -29.94 28.07
CA TYR B 190 -22.45 -30.18 26.67
C TYR B 190 -23.94 -29.95 26.38
N TRP B 191 -24.76 -30.31 27.36
CA TRP B 191 -26.21 -30.17 27.29
C TRP B 191 -26.58 -28.69 27.11
N ARG B 192 -25.87 -27.85 27.85
CA ARG B 192 -26.08 -26.42 27.82
C ARG B 192 -25.85 -25.83 26.44
N ILE B 193 -25.23 -26.59 25.53
CA ILE B 193 -24.96 -26.03 24.22
C ILE B 193 -26.31 -25.73 23.61
N LEU B 194 -27.24 -26.66 23.79
CA LEU B 194 -28.61 -26.50 23.37
C LEU B 194 -29.18 -25.17 23.85
N PRO B 195 -30.02 -24.52 23.04
CA PRO B 195 -30.53 -23.21 23.41
C PRO B 195 -31.41 -23.27 24.67
N LYS B 196 -31.53 -22.17 25.39
CA LYS B 196 -32.18 -22.20 26.70
C LYS B 196 -33.56 -22.82 26.78
N GLU B 197 -34.46 -22.44 25.90
CA GLU B 197 -35.80 -23.03 25.97
C GLU B 197 -35.75 -24.56 25.83
N ILE B 198 -34.87 -25.06 24.95
CA ILE B 198 -34.79 -26.49 24.72
C ILE B 198 -34.11 -27.22 25.90
N ARG B 199 -33.01 -26.65 26.40
CA ARG B 199 -32.27 -27.36 27.43
C ARG B 199 -33.08 -27.54 28.71
N THR B 200 -33.85 -26.53 29.07
CA THR B 200 -34.70 -26.67 30.26
C THR B 200 -36.01 -27.36 29.92
N GLY B 201 -36.57 -27.02 28.76
CA GLY B 201 -37.83 -27.57 28.31
C GLY B 201 -37.84 -29.07 28.23
N ILE B 202 -36.76 -29.64 27.70
CA ILE B 202 -36.64 -31.08 27.65
C ILE B 202 -36.75 -31.65 29.05
N LEU B 203 -35.98 -31.09 29.99
CA LEU B 203 -35.97 -31.58 31.37
C LEU B 203 -37.33 -31.42 32.06
N HIS B 204 -38.00 -30.31 31.79
CA HIS B 204 -39.34 -30.03 32.34
C HIS B 204 -40.32 -31.14 31.98
N GLY B 205 -40.08 -31.80 30.84
CA GLY B 205 -40.94 -32.85 30.34
C GLY B 205 -40.57 -34.26 30.77
N MET B 206 -39.30 -34.44 31.13
CA MET B 206 -38.82 -35.74 31.58
C MET B 206 -39.07 -36.00 33.08
N LEU B 207 -38.63 -35.06 33.91
CA LEU B 207 -38.75 -35.17 35.38
C LEU B 207 -40.11 -35.62 35.96
N PRO B 208 -41.24 -35.27 35.33
CA PRO B 208 -42.49 -35.74 35.94
C PRO B 208 -42.72 -37.26 35.88
N ALA B 209 -41.84 -37.97 35.18
CA ALA B 209 -41.96 -39.42 35.14
C ALA B 209 -41.64 -40.04 36.51
N THR B 210 -42.20 -41.22 36.78
CA THR B 210 -41.90 -41.93 38.02
C THR B 210 -40.45 -42.36 38.00
N THR B 211 -40.04 -42.91 36.87
CA THR B 211 -38.70 -43.45 36.70
C THR B 211 -38.14 -43.03 35.34
N ILE B 212 -36.89 -42.57 35.33
CA ILE B 212 -36.18 -42.38 34.08
C ILE B 212 -35.03 -43.37 34.01
N GLY B 213 -35.05 -44.19 32.97
CA GLY B 213 -34.03 -45.21 32.80
C GLY B 213 -33.12 -45.00 31.61
N PHE B 214 -31.89 -45.51 31.73
CA PHE B 214 -30.87 -45.49 30.69
C PHE B 214 -30.20 -46.85 30.66
N PHE B 215 -29.36 -47.09 29.65
CA PHE B 215 -28.60 -48.33 29.55
C PHE B 215 -27.33 -48.30 30.41
N ALA B 216 -26.91 -47.12 30.86
CA ALA B 216 -25.64 -47.02 31.57
C ALA B 216 -25.61 -46.04 32.76
N ASP B 217 -24.82 -46.34 33.78
CA ASP B 217 -24.68 -45.44 34.94
C ASP B 217 -24.24 -44.06 34.51
N ARG B 218 -23.33 -43.99 33.55
CA ARG B 218 -22.70 -42.72 33.19
C ARG B 218 -23.75 -41.73 32.68
N TRP B 219 -24.71 -42.29 31.94
CA TRP B 219 -25.83 -41.54 31.43
C TRP B 219 -26.74 -41.01 32.55
N CYS B 220 -27.04 -41.88 33.52
CA CYS B 220 -27.80 -41.43 34.68
C CYS B 220 -27.06 -40.34 35.46
N ARG B 221 -25.73 -40.46 35.57
CA ARG B 221 -24.98 -39.47 36.32
C ARG B 221 -24.98 -38.15 35.54
N ASN B 222 -24.77 -38.22 34.24
CA ASN B 222 -24.80 -37.00 33.42
C ASN B 222 -26.14 -36.30 33.45
N PHE B 223 -27.22 -37.08 33.50
CA PHE B 223 -28.55 -36.51 33.58
C PHE B 223 -28.71 -35.73 34.88
N LEU B 224 -28.36 -36.36 36.00
CA LEU B 224 -28.46 -35.66 37.27
C LEU B 224 -27.69 -34.34 37.25
N GLU B 225 -26.47 -34.37 36.69
CA GLU B 225 -25.60 -33.19 36.73
C GLU B 225 -26.17 -32.08 35.87
N SER B 226 -26.85 -32.49 34.81
CA SER B 226 -27.58 -31.55 33.99
C SER B 226 -28.72 -30.86 34.76
N VAL B 227 -29.55 -31.67 35.44
CA VAL B 227 -30.73 -31.18 36.17
C VAL B 227 -30.29 -30.22 37.26
N ALA B 228 -29.14 -30.50 37.85
CA ALA B 228 -28.62 -29.66 38.91
C ALA B 228 -28.00 -28.41 38.35
N ASP B 229 -27.49 -28.50 37.13
CA ASP B 229 -26.88 -27.36 36.50
C ASP B 229 -27.92 -26.37 35.92
N LEU B 230 -29.11 -26.86 35.59
CA LEU B 230 -30.07 -26.03 34.86
C LEU B 230 -31.37 -25.71 35.58
N LEU B 231 -31.68 -26.46 36.63
CA LEU B 231 -32.85 -26.19 37.45
C LEU B 231 -32.41 -25.96 38.87
N PRO B 232 -32.31 -24.69 39.24
CA PRO B 232 -31.88 -24.28 40.59
C PRO B 232 -32.86 -24.76 41.64
N ASP B 233 -34.15 -24.65 41.36
CA ASP B 233 -35.15 -25.14 42.29
C ASP B 233 -35.32 -26.63 42.05
N ALA B 234 -34.23 -27.36 42.21
CA ALA B 234 -34.22 -28.80 42.07
C ALA B 234 -33.23 -29.37 43.07
N ARG B 235 -33.45 -30.61 43.51
CA ARG B 235 -32.55 -31.21 44.48
C ARG B 235 -32.21 -32.65 44.07
N ILE B 236 -30.94 -32.89 43.80
CA ILE B 236 -30.55 -34.21 43.36
C ILE B 236 -29.77 -34.96 44.44
N ASP B 237 -29.84 -36.29 44.39
CA ASP B 237 -29.10 -37.15 45.32
C ASP B 237 -28.27 -38.18 44.54
N ARG B 238 -26.97 -37.90 44.36
CA ARG B 238 -26.12 -38.80 43.55
C ARG B 238 -25.98 -40.20 44.14
N GLU B 239 -26.30 -40.34 45.42
CA GLU B 239 -26.26 -41.65 46.08
C GLU B 239 -27.50 -42.40 45.71
N ALA B 240 -28.65 -41.79 46.01
CA ALA B 240 -29.94 -42.42 45.80
C ALA B 240 -30.36 -42.41 44.33
N MET B 241 -29.60 -41.69 43.50
CA MET B 241 -29.95 -41.50 42.09
C MET B 241 -31.37 -40.95 42.00
N THR B 242 -31.64 -39.89 42.75
CA THR B 242 -32.99 -39.33 42.79
C THR B 242 -33.02 -37.84 42.43
N VAL B 243 -34.20 -37.37 42.04
CA VAL B 243 -34.39 -35.97 41.69
C VAL B 243 -35.73 -35.47 42.23
N GLU B 244 -35.67 -34.52 43.15
CA GLU B 244 -36.86 -33.93 43.71
C GLU B 244 -37.00 -32.52 43.15
N TRP B 245 -38.11 -32.24 42.49
CA TRP B 245 -38.27 -30.95 41.86
C TRP B 245 -39.75 -30.57 41.68
N ARG B 246 -40.14 -29.45 42.29
CA ARG B 246 -41.52 -28.96 42.24
C ARG B 246 -42.49 -30.02 42.76
N GLY B 247 -42.10 -30.72 43.82
CA GLY B 247 -42.94 -31.76 44.40
C GLY B 247 -43.08 -33.04 43.59
N HIS B 248 -42.32 -33.16 42.50
CA HIS B 248 -42.11 -34.44 41.83
C HIS B 248 -40.89 -35.14 42.43
N ARG B 249 -41.02 -36.43 42.69
CA ARG B 249 -39.89 -37.25 43.05
C ARG B 249 -39.64 -38.16 41.86
N THR B 250 -38.46 -38.05 41.27
CA THR B 250 -38.08 -38.88 40.13
C THR B 250 -36.87 -39.74 40.45
N ARG B 251 -36.95 -41.02 40.09
CA ARG B 251 -35.86 -41.94 40.36
C ARG B 251 -35.17 -42.37 39.07
N LEU B 252 -33.84 -42.36 39.07
CA LEU B 252 -33.07 -42.76 37.91
C LEU B 252 -32.53 -44.17 38.05
N ARG B 253 -32.59 -44.91 36.95
CA ARG B 253 -32.18 -46.29 36.99
C ARG B 253 -31.38 -46.72 35.78
N THR B 254 -30.44 -47.64 36.01
CA THR B 254 -29.73 -48.28 34.93
C THR B 254 -30.39 -49.64 34.68
N MET B 255 -30.80 -49.87 33.45
CA MET B 255 -31.36 -51.15 33.09
C MET B 255 -30.68 -51.62 31.82
N PRO B 256 -29.53 -52.29 31.98
CA PRO B 256 -28.74 -52.68 30.81
C PRO B 256 -29.46 -53.73 30.00
N LEU B 257 -29.21 -53.71 28.70
CA LEU B 257 -29.82 -54.60 27.73
C LEU B 257 -28.72 -55.20 26.83
N GLY B 258 -28.87 -56.46 26.47
CA GLY B 258 -27.78 -57.13 25.81
C GLY B 258 -28.12 -57.58 24.43
N TYR B 259 -29.22 -58.32 24.31
CA TYR B 259 -29.57 -58.97 23.06
C TYR B 259 -30.89 -59.68 23.15
N SER B 260 -31.44 -60.02 21.99
CA SER B 260 -32.68 -60.76 21.93
C SER B 260 -32.34 -62.18 21.51
N PRO B 261 -32.61 -63.14 22.38
CA PRO B 261 -32.30 -64.55 22.13
C PRO B 261 -32.91 -65.01 20.80
N LEU B 262 -34.16 -64.62 20.57
CA LEU B 262 -34.88 -65.01 19.36
C LEU B 262 -34.20 -64.48 18.12
N THR B 263 -34.22 -63.16 17.96
CA THR B 263 -33.56 -62.54 16.82
C THR B 263 -32.05 -62.79 16.83
N LEU B 264 -31.68 -64.03 16.52
CA LEU B 264 -30.27 -64.42 16.50
C LEU B 264 -30.03 -65.56 15.52
N GLN B 270 -26.06 -66.51 6.42
CA GLN B 270 -24.76 -66.79 5.80
C GLN B 270 -24.08 -65.59 5.08
N LEU B 271 -22.85 -65.79 4.61
CA LEU B 271 -21.96 -64.68 4.22
C LEU B 271 -22.34 -63.92 2.94
N PRO B 272 -22.01 -62.61 2.87
CA PRO B 272 -22.12 -61.78 1.66
C PRO B 272 -21.32 -62.29 0.47
N GLU B 273 -21.72 -61.87 -0.72
CA GLU B 273 -21.13 -62.42 -1.93
C GLU B 273 -19.64 -62.11 -1.98
N GLY B 274 -18.87 -63.17 -2.19
CA GLY B 274 -17.45 -63.07 -2.42
C GLY B 274 -16.64 -62.93 -1.18
N ILE B 275 -17.30 -62.86 -0.02
CA ILE B 275 -16.56 -62.67 1.23
C ILE B 275 -15.85 -63.94 1.69
N GLU B 276 -16.59 -65.05 1.76
CA GLU B 276 -16.00 -66.33 2.15
C GLU B 276 -14.77 -66.66 1.31
N GLU B 277 -14.80 -66.26 0.04
CA GLU B 277 -13.70 -66.55 -0.86
C GLU B 277 -12.48 -65.67 -0.58
N TRP B 278 -12.75 -64.38 -0.38
CA TRP B 278 -11.74 -63.36 -0.14
C TRP B 278 -11.04 -63.56 1.19
N ALA B 279 -11.78 -64.10 2.16
CA ALA B 279 -11.28 -64.26 3.50
C ALA B 279 -10.69 -65.65 3.74
N ASP B 280 -10.81 -66.54 2.76
CA ASP B 280 -10.33 -67.90 2.95
C ASP B 280 -8.82 -67.93 3.17
N GLY B 281 -8.40 -68.63 4.21
CA GLY B 281 -6.99 -68.72 4.54
C GLY B 281 -6.47 -67.42 5.12
N HIS B 282 -7.37 -66.65 5.69
CA HIS B 282 -6.99 -65.37 6.25
C HIS B 282 -7.60 -65.18 7.61
N ARG B 283 -6.86 -64.48 8.47
CA ARG B 283 -7.48 -63.98 9.68
C ARG B 283 -8.38 -62.78 9.31
N LEU B 284 -9.61 -62.79 9.83
CA LEU B 284 -10.58 -61.76 9.49
C LEU B 284 -10.97 -60.83 10.65
N VAL B 285 -10.55 -59.57 10.52
CA VAL B 285 -10.99 -58.50 11.42
C VAL B 285 -12.30 -57.93 10.90
N VAL B 286 -13.29 -57.83 11.78
CA VAL B 286 -14.60 -57.28 11.43
C VAL B 286 -15.03 -56.06 12.25
N HIS B 287 -15.27 -54.94 11.58
CA HIS B 287 -15.98 -53.81 12.15
C HIS B 287 -17.40 -53.85 11.63
N SER B 288 -18.37 -53.68 12.51
CA SER B 288 -19.77 -53.67 12.10
C SER B 288 -20.54 -52.56 12.81
N GLY B 289 -21.36 -51.84 12.05
CA GLY B 289 -22.16 -50.75 12.58
C GLY B 289 -22.93 -49.99 11.51
N ARG B 290 -23.92 -49.22 11.94
CA ARG B 290 -24.72 -48.39 11.05
C ARG B 290 -23.90 -47.32 10.37
N THR B 291 -24.34 -46.85 9.21
CA THR B 291 -23.75 -45.67 8.61
C THR B 291 -24.06 -44.44 9.47
N ASP B 292 -23.25 -44.26 10.51
CA ASP B 292 -23.45 -43.23 11.52
C ASP B 292 -22.09 -42.91 12.09
N PRO B 293 -21.73 -41.63 12.18
CA PRO B 293 -20.39 -41.25 12.61
C PRO B 293 -19.93 -41.88 13.92
N ILE B 294 -20.87 -42.16 14.84
CA ILE B 294 -20.47 -42.67 16.16
C ILE B 294 -19.91 -44.10 16.15
N LYS B 295 -20.23 -44.86 15.11
CA LYS B 295 -19.72 -46.21 14.95
C LYS B 295 -18.21 -46.29 14.70
N ASN B 296 -17.62 -45.19 14.26
CA ASN B 296 -16.16 -44.99 14.30
C ASN B 296 -15.30 -45.89 13.43
N ALA B 297 -15.83 -46.34 12.29
CA ALA B 297 -15.04 -47.20 11.43
C ALA B 297 -13.88 -46.53 10.69
N GLU B 298 -13.85 -45.20 10.61
CA GLU B 298 -12.69 -44.60 9.98
C GLU B 298 -11.47 -44.89 10.84
N ARG B 299 -11.57 -44.53 12.12
CA ARG B 299 -10.49 -44.71 13.08
C ARG B 299 -10.05 -46.18 13.20
N ALA B 300 -11.02 -47.10 13.18
CA ALA B 300 -10.74 -48.53 13.14
C ALA B 300 -9.87 -48.95 11.96
N VAL B 301 -10.23 -48.52 10.75
CA VAL B 301 -9.41 -48.82 9.59
C VAL B 301 -8.02 -48.19 9.75
N ARG B 302 -7.98 -46.98 10.31
CA ARG B 302 -6.71 -46.29 10.48
C ARG B 302 -5.83 -47.06 11.43
N ALA B 303 -6.45 -47.54 12.51
CA ALA B 303 -5.73 -48.25 13.55
C ALA B 303 -5.21 -49.59 13.08
N PHE B 304 -5.95 -50.25 12.19
CA PHE B 304 -5.53 -51.51 11.57
C PHE B 304 -4.28 -51.37 10.70
N VAL B 305 -4.23 -50.31 9.89
CA VAL B 305 -3.04 -49.95 9.13
C VAL B 305 -1.87 -49.75 10.09
N LEU B 306 -2.10 -48.99 11.15
CA LEU B 306 -1.08 -48.83 12.18
C LEU B 306 -0.54 -50.17 12.72
N ALA B 307 -1.43 -51.14 12.91
CA ALA B 307 -1.03 -52.44 13.38
C ALA B 307 -0.25 -53.20 12.30
N ALA B 308 -0.59 -52.95 11.05
CA ALA B 308 -0.09 -53.77 9.96
C ALA B 308 1.29 -53.32 9.45
N ARG B 309 1.69 -52.11 9.81
CA ARG B 309 3.07 -51.69 9.57
C ARG B 309 3.91 -52.31 10.66
N GLY B 310 3.34 -52.36 11.87
CA GLY B 310 3.96 -52.98 13.02
C GLY B 310 3.97 -54.50 12.85
N GLY B 311 3.62 -54.94 11.63
CA GLY B 311 3.88 -56.27 11.13
C GLY B 311 3.22 -57.42 11.85
N GLY B 312 3.42 -58.63 11.33
CA GLY B 312 2.91 -59.83 11.95
C GLY B 312 1.43 -59.96 11.72
N LEU B 313 0.87 -58.95 11.06
CA LEU B 313 -0.55 -58.89 10.74
C LEU B 313 -0.81 -59.52 9.38
N GLU B 314 0.25 -60.05 8.78
CA GLU B 314 0.15 -60.62 7.44
C GLU B 314 -0.80 -61.81 7.42
N LYS B 315 -1.54 -61.94 6.32
CA LYS B 315 -2.55 -62.98 6.21
C LYS B 315 -3.82 -62.55 6.91
N THR B 316 -3.84 -61.30 7.37
CA THR B 316 -5.00 -60.72 8.02
C THR B 316 -5.71 -59.79 7.04
N ARG B 317 -7.04 -59.81 7.06
CA ARG B 317 -7.83 -58.91 6.23
C ARG B 317 -8.94 -58.27 7.05
N MET B 318 -9.31 -57.04 6.71
CA MET B 318 -10.41 -56.35 7.40
C MET B 318 -11.66 -56.24 6.59
N LEU B 319 -12.79 -56.48 7.23
CA LEU B 319 -14.07 -56.24 6.59
C LEU B 319 -14.89 -55.24 7.40
N VAL B 320 -15.33 -54.17 6.73
CA VAL B 320 -16.18 -53.18 7.39
C VAL B 320 -17.61 -53.37 6.94
N ARG B 321 -18.44 -53.94 7.81
CA ARG B 321 -19.89 -54.05 7.57
C ARG B 321 -20.58 -52.78 7.93
N MET B 322 -21.23 -52.17 6.96
CA MET B 322 -22.08 -51.03 7.24
C MET B 322 -23.55 -51.35 6.96
N ASN B 323 -24.43 -50.73 7.73
CA ASN B 323 -25.86 -50.85 7.51
C ASN B 323 -26.45 -49.47 7.18
N PRO B 324 -26.74 -49.22 5.88
CA PRO B 324 -27.22 -47.91 5.41
C PRO B 324 -28.37 -47.41 6.25
N ASN B 325 -28.25 -46.18 6.70
CA ASN B 325 -29.28 -45.62 7.56
C ASN B 325 -29.22 -44.13 7.65
N ARG B 326 -30.28 -43.45 7.18
CA ARG B 326 -30.37 -42.00 7.18
C ARG B 326 -29.24 -41.33 6.40
N LEU B 327 -28.94 -41.89 5.22
CA LEU B 327 -27.81 -41.45 4.41
C LEU B 327 -28.07 -40.09 3.81
N TYR B 328 -29.24 -39.52 4.15
CA TYR B 328 -29.65 -38.23 3.63
C TYR B 328 -29.19 -37.13 4.58
N VAL B 329 -28.83 -37.50 5.80
CA VAL B 329 -28.19 -36.56 6.71
C VAL B 329 -26.73 -36.44 6.29
N PRO B 330 -26.27 -35.20 6.06
CA PRO B 330 -24.90 -35.01 5.58
C PRO B 330 -23.84 -35.79 6.39
N ALA B 331 -23.90 -35.68 7.72
CA ALA B 331 -22.94 -36.35 8.62
C ALA B 331 -22.76 -37.86 8.36
N ASN B 332 -23.86 -38.58 8.37
CA ASN B 332 -23.88 -40.01 8.07
C ASN B 332 -23.25 -40.35 6.72
N ALA B 333 -23.47 -39.50 5.73
CA ALA B 333 -22.99 -39.81 4.39
C ALA B 333 -21.52 -39.42 4.27
N ASP B 334 -21.15 -38.37 4.98
CA ASP B 334 -19.76 -37.98 5.10
C ASP B 334 -18.92 -39.03 5.83
N TYR B 335 -19.53 -39.62 6.85
CA TYR B 335 -18.91 -40.70 7.56
C TYR B 335 -18.63 -41.85 6.58
N VAL B 336 -19.63 -42.28 5.84
CA VAL B 336 -19.38 -43.29 4.84
C VAL B 336 -18.25 -42.89 3.87
N HIS B 337 -18.20 -41.62 3.47
CA HIS B 337 -17.14 -41.19 2.58
C HIS B 337 -15.75 -41.25 3.25
N ARG B 338 -15.67 -40.75 4.48
CA ARG B 338 -14.42 -40.82 5.25
C ARG B 338 -13.91 -42.26 5.34
N VAL B 339 -14.84 -43.17 5.62
CA VAL B 339 -14.50 -44.56 5.79
C VAL B 339 -13.96 -45.11 4.49
N GLU B 340 -14.65 -44.83 3.38
CA GLU B 340 -14.24 -45.29 2.06
C GLU B 340 -12.83 -44.83 1.71
N THR B 341 -12.55 -43.58 2.03
CA THR B 341 -11.27 -42.97 1.70
C THR B 341 -10.14 -43.68 2.43
N ALA B 342 -10.46 -44.08 3.65
CA ALA B 342 -9.48 -44.72 4.51
C ALA B 342 -9.21 -46.13 4.02
N VAL B 343 -10.28 -46.86 3.70
CA VAL B 343 -10.15 -48.20 3.16
C VAL B 343 -9.25 -48.21 1.92
N ALA B 344 -9.53 -47.31 0.98
CA ALA B 344 -8.73 -47.13 -0.22
C ALA B 344 -7.27 -46.82 0.07
N GLU B 345 -7.05 -45.91 1.01
CA GLU B 345 -5.68 -45.58 1.44
C GLU B 345 -4.98 -46.77 2.12
N ALA B 346 -5.74 -47.55 2.87
CA ALA B 346 -5.17 -48.73 3.52
C ALA B 346 -4.75 -49.73 2.47
N ASN B 347 -5.64 -49.95 1.48
CA ASN B 347 -5.34 -50.91 0.42
C ASN B 347 -4.16 -50.46 -0.45
N ALA B 348 -4.00 -49.15 -0.57
CA ALA B 348 -2.89 -48.62 -1.33
C ALA B 348 -1.58 -48.92 -0.59
N GLU B 349 -1.60 -48.82 0.73
CA GLU B 349 -0.41 -49.06 1.53
C GLU B 349 -0.13 -50.53 1.80
N LEU B 350 -1.15 -51.29 2.20
CA LEU B 350 -0.93 -52.67 2.64
C LEU B 350 -0.98 -53.68 1.51
N GLY B 351 -1.56 -53.26 0.39
CA GLY B 351 -1.69 -54.15 -0.75
C GLY B 351 -3.13 -54.27 -1.16
N SER B 352 -3.36 -54.48 -2.45
CA SER B 352 -4.71 -54.50 -2.98
C SER B 352 -5.60 -55.49 -2.23
N ASP B 353 -6.88 -55.12 -2.09
CA ASP B 353 -7.88 -56.01 -1.52
C ASP B 353 -7.59 -56.48 -0.07
N THR B 354 -6.71 -55.78 0.63
CA THR B 354 -6.48 -56.06 2.03
C THR B 354 -7.73 -55.78 2.90
N VAL B 355 -8.45 -54.72 2.56
CA VAL B 355 -9.67 -54.35 3.29
C VAL B 355 -10.84 -54.14 2.35
N ARG B 356 -12.04 -54.55 2.77
CA ARG B 356 -13.22 -54.34 1.94
C ARG B 356 -14.33 -53.75 2.75
N ILE B 357 -15.26 -53.09 2.06
CA ILE B 357 -16.47 -52.59 2.67
C ILE B 357 -17.61 -53.43 2.15
N ASP B 358 -18.56 -53.75 3.02
CA ASP B 358 -19.80 -54.37 2.61
C ASP B 358 -20.94 -53.57 3.22
N ASN B 359 -21.64 -52.86 2.35
CA ASN B 359 -22.61 -51.84 2.73
C ASN B 359 -24.00 -52.18 2.21
N ASP B 360 -24.69 -53.14 2.84
CA ASP B 360 -26.09 -53.46 2.53
C ASP B 360 -26.95 -53.57 3.80
N ASN B 361 -28.21 -53.99 3.66
CA ASN B 361 -29.12 -53.98 4.80
C ASN B 361 -29.55 -55.36 5.30
N ASP B 362 -28.88 -56.40 4.85
CA ASP B 362 -29.27 -57.74 5.30
C ASP B 362 -28.69 -58.11 6.67
N VAL B 363 -29.57 -58.23 7.66
CA VAL B 363 -29.14 -58.51 9.02
C VAL B 363 -28.54 -59.91 9.14
N ASN B 364 -28.86 -60.78 8.20
CA ASN B 364 -28.32 -62.13 8.25
C ASN B 364 -26.90 -62.16 7.75
N HIS B 365 -26.63 -61.34 6.74
CA HIS B 365 -25.27 -61.14 6.30
C HIS B 365 -24.41 -60.64 7.46
N THR B 366 -24.98 -59.87 8.37
CA THR B 366 -24.16 -59.28 9.42
C THR B 366 -23.82 -60.32 10.47
N ILE B 367 -24.80 -61.13 10.82
CA ILE B 367 -24.60 -62.15 11.85
C ILE B 367 -23.61 -63.19 11.33
N ALA B 368 -23.66 -63.46 10.04
CA ALA B 368 -22.71 -64.36 9.42
C ALA B 368 -21.28 -63.83 9.52
N CYS B 369 -21.14 -62.50 9.44
CA CYS B 369 -19.85 -61.85 9.59
C CYS B 369 -19.44 -61.90 11.05
N PHE B 370 -20.39 -61.81 11.96
CA PHE B 370 -20.11 -62.00 13.37
C PHE B 370 -19.54 -63.40 13.57
N ARG B 371 -20.11 -64.37 12.86
CA ARG B 371 -19.67 -65.75 13.02
C ARG B 371 -18.27 -66.01 12.50
N ARG B 372 -17.92 -65.39 11.38
CA ARG B 372 -16.68 -65.68 10.67
C ARG B 372 -15.47 -64.92 11.25
N ALA B 373 -15.75 -63.90 12.06
CA ALA B 373 -14.72 -63.02 12.55
C ALA B 373 -13.68 -63.71 13.43
N ASP B 374 -12.44 -63.27 13.29
CA ASP B 374 -11.36 -63.64 14.18
C ASP B 374 -11.14 -62.53 15.20
N LEU B 375 -11.47 -61.31 14.78
CA LEU B 375 -11.41 -60.17 15.66
C LEU B 375 -12.59 -59.25 15.37
N LEU B 376 -13.40 -59.04 16.40
CA LEU B 376 -14.50 -58.07 16.35
C LEU B 376 -14.09 -56.73 16.94
N ILE B 377 -14.34 -55.64 16.20
CA ILE B 377 -14.10 -54.30 16.73
C ILE B 377 -15.37 -53.50 16.85
N PHE B 378 -15.70 -53.10 18.08
CA PHE B 378 -16.81 -52.18 18.35
C PHE B 378 -16.34 -50.93 19.08
N ASN B 379 -15.63 -50.08 18.35
CA ASN B 379 -14.93 -48.92 18.93
C ASN B 379 -15.70 -47.61 18.82
N SER B 380 -16.97 -47.62 19.19
CA SER B 380 -17.79 -46.41 19.11
C SER B 380 -17.17 -45.14 19.76
N THR B 381 -17.51 -43.97 19.23
CA THR B 381 -17.00 -42.75 19.80
C THR B 381 -17.80 -42.56 21.06
N VAL B 382 -19.02 -43.09 21.04
CA VAL B 382 -19.94 -43.10 22.17
C VAL B 382 -21.07 -44.00 21.73
N ASP B 383 -21.83 -44.55 22.67
CA ASP B 383 -22.97 -45.38 22.32
C ASP B 383 -23.81 -45.62 23.55
N GLY B 384 -25.12 -45.48 23.41
CA GLY B 384 -26.05 -45.70 24.50
C GLY B 384 -25.88 -47.06 25.13
N GLN B 385 -25.73 -48.08 24.29
CA GLN B 385 -25.39 -49.41 24.77
C GLN B 385 -24.44 -50.16 23.84
N ASN B 386 -24.99 -50.53 22.68
CA ASN B 386 -24.36 -51.33 21.62
C ASN B 386 -24.65 -52.82 21.82
N LEU B 387 -25.68 -53.30 21.16
CA LEU B 387 -26.18 -54.64 21.35
C LEU B 387 -25.37 -55.58 20.49
N SER B 388 -24.68 -55.01 19.51
CA SER B 388 -23.84 -55.82 18.63
C SER B 388 -22.77 -56.55 19.43
N THR B 389 -22.19 -55.83 20.39
CA THR B 389 -21.08 -56.31 21.18
C THR B 389 -21.51 -57.44 22.14
N PHE B 390 -22.81 -57.65 22.31
CA PHE B 390 -23.33 -58.84 22.99
C PHE B 390 -23.60 -59.95 21.97
N GLU B 391 -24.34 -59.63 20.92
CA GLU B 391 -24.70 -60.61 19.90
C GLU B 391 -23.49 -61.33 19.28
N ALA B 392 -22.49 -60.56 18.87
CA ALA B 392 -21.40 -61.13 18.11
C ALA B 392 -20.56 -62.20 18.86
N PRO B 393 -20.23 -61.97 20.14
CA PRO B 393 -19.58 -63.06 20.86
C PRO B 393 -20.47 -64.30 21.02
N LEU B 394 -21.76 -64.07 21.25
CA LEU B 394 -22.68 -65.16 21.50
C LEU B 394 -22.93 -66.00 20.26
N VAL B 395 -22.50 -65.54 19.09
CA VAL B 395 -22.69 -66.33 17.86
C VAL B 395 -21.36 -66.69 17.21
N ASN B 396 -20.28 -66.04 17.61
CA ASN B 396 -18.98 -66.32 17.00
C ASN B 396 -18.50 -67.74 17.29
N GLU B 397 -18.07 -68.44 16.24
CA GLU B 397 -17.55 -69.80 16.35
C GLU B 397 -16.03 -69.89 16.33
N ARG B 398 -15.35 -68.74 16.24
CA ARG B 398 -13.89 -68.72 16.13
C ARG B 398 -13.18 -68.27 17.41
N ASP B 399 -13.93 -68.13 18.50
CA ASP B 399 -13.36 -67.54 19.71
C ASP B 399 -12.71 -66.20 19.41
N ALA B 400 -13.46 -65.32 18.76
CA ALA B 400 -12.90 -64.06 18.31
C ALA B 400 -12.67 -63.15 19.50
N ASP B 401 -11.56 -62.41 19.46
CA ASP B 401 -11.35 -61.39 20.48
C ASP B 401 -12.30 -60.21 20.19
N VAL B 402 -12.49 -59.36 21.17
CA VAL B 402 -13.39 -58.25 21.03
C VAL B 402 -12.74 -57.00 21.55
N ILE B 403 -12.49 -56.07 20.64
CA ILE B 403 -12.06 -54.73 21.04
C ILE B 403 -13.27 -53.81 21.18
N LEU B 404 -13.54 -53.39 22.40
CA LEU B 404 -14.75 -52.62 22.72
C LEU B 404 -14.38 -51.24 23.31
N SER B 405 -15.02 -50.19 22.81
CA SER B 405 -14.71 -48.84 23.27
C SER B 405 -15.21 -48.60 24.69
N GLU B 406 -14.40 -47.92 25.51
CA GLU B 406 -14.81 -47.47 26.86
C GLU B 406 -16.08 -46.54 26.86
N THR B 407 -16.44 -46.01 25.70
CA THR B 407 -17.54 -45.06 25.63
C THR B 407 -18.92 -45.67 25.26
N CYS B 408 -18.97 -46.99 25.08
CA CYS B 408 -20.25 -47.67 24.90
C CYS B 408 -20.87 -47.97 26.25
N GLY B 409 -22.20 -47.96 26.30
CA GLY B 409 -22.87 -48.24 27.54
C GLY B 409 -22.50 -49.65 27.94
N ALA B 410 -22.29 -50.49 26.93
CA ALA B 410 -22.05 -51.90 27.15
C ALA B 410 -20.79 -52.13 27.95
N ALA B 411 -19.84 -51.21 27.85
CA ALA B 411 -18.54 -51.41 28.49
C ALA B 411 -18.67 -51.55 30.01
N GLU B 412 -19.78 -51.03 30.54
CA GLU B 412 -20.09 -51.13 31.97
C GLU B 412 -20.48 -52.57 32.40
N VAL B 413 -20.60 -53.44 31.41
CA VAL B 413 -21.04 -54.82 31.61
C VAL B 413 -19.99 -55.81 31.08
N LEU B 414 -19.33 -55.47 29.97
CA LEU B 414 -18.40 -56.37 29.30
C LEU B 414 -16.98 -55.84 29.13
N GLY B 415 -16.72 -54.64 29.67
CA GLY B 415 -15.42 -54.01 29.51
C GLY B 415 -14.25 -54.81 30.07
N GLU B 416 -14.53 -55.54 31.16
CA GLU B 416 -13.51 -56.36 31.80
C GLU B 416 -13.24 -57.56 30.92
N TYR B 417 -14.27 -58.02 30.22
CA TYR B 417 -14.19 -59.23 29.42
C TYR B 417 -13.66 -58.97 28.01
N CYS B 418 -13.23 -57.74 27.76
CA CYS B 418 -12.82 -57.29 26.44
C CYS B 418 -11.62 -56.37 26.55
N ARG B 419 -11.01 -56.11 25.41
CA ARG B 419 -9.94 -55.12 25.34
C ARG B 419 -10.58 -53.74 25.27
N SER B 420 -10.67 -53.11 26.43
CA SER B 420 -11.34 -51.84 26.57
C SER B 420 -10.41 -50.77 26.03
N VAL B 421 -10.82 -50.11 24.95
CA VAL B 421 -9.95 -49.12 24.32
C VAL B 421 -10.55 -47.69 24.33
N ASN B 422 -9.67 -46.69 24.35
CA ASN B 422 -10.07 -45.30 24.10
C ASN B 422 -10.31 -45.10 22.58
N PRO B 423 -11.54 -44.73 22.20
CA PRO B 423 -11.91 -44.71 20.77
C PRO B 423 -11.16 -43.67 19.96
N PHE B 424 -10.51 -42.73 20.63
CA PHE B 424 -9.84 -41.60 19.99
C PHE B 424 -8.34 -41.83 19.81
N ASP B 425 -7.81 -42.84 20.50
CA ASP B 425 -6.40 -43.14 20.42
C ASP B 425 -6.13 -44.23 19.36
N LEU B 426 -5.52 -43.86 18.25
CA LEU B 426 -5.18 -44.85 17.21
C LEU B 426 -4.06 -45.82 17.66
N VAL B 427 -3.02 -45.30 18.31
CA VAL B 427 -1.91 -46.12 18.76
C VAL B 427 -2.38 -47.22 19.71
N GLU B 428 -3.25 -46.85 20.63
CA GLU B 428 -3.75 -47.84 21.57
C GLU B 428 -4.64 -48.84 20.85
N GLN B 429 -5.45 -48.33 19.92
CA GLN B 429 -6.30 -49.24 19.16
C GLN B 429 -5.52 -50.21 18.28
N ALA B 430 -4.42 -49.74 17.71
CA ALA B 430 -3.55 -50.59 16.90
C ALA B 430 -2.83 -51.64 17.74
N GLU B 431 -2.26 -51.21 18.86
CA GLU B 431 -1.56 -52.12 19.75
C GLU B 431 -2.48 -53.21 20.26
N ALA B 432 -3.74 -52.85 20.47
CA ALA B 432 -4.70 -53.81 20.93
C ALA B 432 -5.02 -54.79 19.82
N ILE B 433 -5.05 -54.31 18.59
CA ILE B 433 -5.34 -55.18 17.46
C ILE B 433 -4.21 -56.20 17.35
N SER B 434 -2.98 -55.69 17.43
CA SER B 434 -1.78 -56.53 17.40
C SER B 434 -1.79 -57.58 18.53
N ALA B 435 -2.16 -57.16 19.73
CA ALA B 435 -2.22 -58.08 20.86
C ALA B 435 -3.22 -59.17 20.60
N ALA B 436 -4.44 -58.74 20.23
CA ALA B 436 -5.57 -59.65 20.00
C ALA B 436 -5.24 -60.75 18.99
N LEU B 437 -4.56 -60.34 17.93
CA LEU B 437 -4.20 -61.26 16.87
C LEU B 437 -2.98 -62.12 17.20
N ALA B 438 -2.17 -61.71 18.17
CA ALA B 438 -1.00 -62.51 18.52
C ALA B 438 -1.32 -63.59 19.55
N ALA B 439 -2.51 -63.50 20.14
CA ALA B 439 -2.94 -64.49 21.12
C ALA B 439 -3.30 -65.81 20.43
N GLY B 440 -2.91 -66.91 21.07
CA GLY B 440 -3.17 -68.24 20.55
C GLY B 440 -4.58 -68.71 20.85
N PRO B 441 -4.96 -69.83 20.23
CA PRO B 441 -6.33 -70.36 20.21
C PRO B 441 -6.86 -70.61 21.61
N ARG B 442 -5.96 -71.01 22.50
CA ARG B 442 -6.33 -71.47 23.84
C ARG B 442 -6.58 -70.29 24.75
N GLN B 443 -5.79 -69.25 24.54
CA GLN B 443 -5.95 -68.00 25.23
C GLN B 443 -7.28 -67.33 24.81
N ARG B 444 -7.54 -67.33 23.52
CA ARG B 444 -8.75 -66.71 23.01
C ARG B 444 -10.00 -67.51 23.38
N ALA B 445 -9.91 -68.84 23.31
CA ALA B 445 -11.01 -69.72 23.67
C ALA B 445 -11.47 -69.45 25.08
N GLU B 446 -10.48 -69.24 25.95
CA GLU B 446 -10.73 -68.94 27.36
C GLU B 446 -11.45 -67.61 27.52
N ALA B 447 -10.90 -66.59 26.88
CA ALA B 447 -11.46 -65.27 26.97
C ALA B 447 -12.90 -65.26 26.44
N ALA B 448 -13.07 -65.85 25.25
CA ALA B 448 -14.37 -65.88 24.59
C ALA B 448 -15.41 -66.60 25.45
N ALA B 449 -14.95 -67.63 26.16
CA ALA B 449 -15.82 -68.40 27.03
C ALA B 449 -16.42 -67.51 28.13
N ARG B 450 -15.57 -66.71 28.79
CA ARG B 450 -16.02 -65.82 29.85
C ARG B 450 -16.93 -64.71 29.31
N ARG B 451 -16.52 -64.17 28.16
CA ARG B 451 -17.27 -63.11 27.51
C ARG B 451 -18.68 -63.58 27.30
N ARG B 452 -18.83 -64.77 26.71
CA ARG B 452 -20.15 -65.31 26.44
C ARG B 452 -20.94 -65.50 27.72
N ASP B 453 -20.25 -65.69 28.84
CA ASP B 453 -20.94 -65.93 30.10
C ASP B 453 -21.41 -64.62 30.70
N ALA B 454 -20.61 -63.57 30.48
CA ALA B 454 -20.94 -62.24 30.94
C ALA B 454 -22.09 -61.63 30.12
N ALA B 455 -22.13 -62.00 28.84
CA ALA B 455 -23.13 -61.48 27.95
C ALA B 455 -24.48 -62.17 28.14
N ARG B 456 -24.44 -63.49 28.30
CA ARG B 456 -25.65 -64.32 28.15
C ARG B 456 -26.88 -63.90 28.96
N PRO B 457 -26.70 -63.46 30.21
CA PRO B 457 -27.94 -63.25 30.96
C PRO B 457 -28.67 -61.95 30.63
N TRP B 458 -28.08 -61.07 29.83
CA TRP B 458 -28.69 -59.76 29.55
C TRP B 458 -29.66 -59.83 28.37
N THR B 459 -30.78 -60.48 28.61
CA THR B 459 -31.77 -60.69 27.57
C THR B 459 -32.80 -59.58 27.55
N LEU B 460 -33.47 -59.49 26.41
CA LEU B 460 -34.57 -58.56 26.23
C LEU B 460 -35.66 -58.80 27.27
N GLU B 461 -36.01 -60.07 27.45
CA GLU B 461 -37.03 -60.47 28.41
C GLU B 461 -36.65 -60.01 29.80
N ALA B 462 -35.37 -60.13 30.13
CA ALA B 462 -34.89 -59.78 31.46
C ALA B 462 -34.81 -58.27 31.67
N TRP B 463 -34.71 -57.53 30.56
CA TRP B 463 -34.67 -56.07 30.59
C TRP B 463 -36.08 -55.48 30.74
N VAL B 464 -37.02 -56.07 30.02
CA VAL B 464 -38.43 -55.75 30.16
C VAL B 464 -38.85 -55.92 31.60
N GLN B 465 -38.36 -57.01 32.20
CA GLN B 465 -38.66 -57.31 33.59
C GLN B 465 -38.07 -56.25 34.50
N ALA B 466 -36.84 -55.87 34.20
CA ALA B 466 -36.16 -54.85 35.00
C ALA B 466 -36.91 -53.52 34.94
N GLN B 467 -37.59 -53.27 33.83
CA GLN B 467 -38.33 -52.03 33.71
C GLN B 467 -39.52 -52.05 34.67
N LEU B 468 -40.25 -53.17 34.62
CA LEU B 468 -41.45 -53.35 35.42
C LEU B 468 -41.13 -53.35 36.91
N ASP B 469 -40.17 -54.18 37.32
CA ASP B 469 -39.76 -54.20 38.72
C ASP B 469 -39.26 -52.85 39.23
N GLY B 470 -38.56 -52.12 38.38
CA GLY B 470 -38.06 -50.80 38.74
C GLY B 470 -39.20 -49.80 38.93
N LEU B 471 -40.07 -49.74 37.94
CA LEU B 471 -41.19 -48.81 37.96
C LEU B 471 -42.10 -49.09 39.15
N ALA B 472 -42.34 -50.37 39.39
CA ALA B 472 -43.21 -50.82 40.46
C ALA B 472 -42.72 -50.31 41.81
N ALA B 473 -41.43 -50.54 42.08
CA ALA B 473 -40.85 -50.17 43.37
C ALA B 473 -40.78 -48.66 43.56
N ASP B 474 -40.57 -47.95 42.46
CA ASP B 474 -40.41 -46.50 42.50
C ASP B 474 -41.75 -45.83 42.65
N HIS B 475 -42.76 -46.41 42.00
CA HIS B 475 -44.12 -45.95 42.18
C HIS B 475 -44.60 -46.21 43.59
N ALA B 476 -44.09 -47.26 44.22
CA ALA B 476 -44.51 -47.60 45.57
C ALA B 476 -43.83 -46.73 46.63
N ALA B 477 -42.76 -46.06 46.25
CA ALA B 477 -41.96 -45.32 47.22
C ALA B 477 -42.37 -43.84 47.31
N ARG B 478 -43.34 -43.44 46.49
CA ARG B 478 -43.94 -42.12 46.60
C ARG B 478 -44.51 -41.90 48.01
N SER C 4 -18.80 -41.28 -26.91
CA SER C 4 -18.52 -42.05 -25.69
C SER C 4 -19.26 -41.47 -24.49
N GLU C 5 -18.75 -41.75 -23.29
CA GLU C 5 -19.37 -41.23 -22.06
C GLU C 5 -18.51 -40.12 -21.44
N ILE C 6 -19.11 -38.93 -21.33
CA ILE C 6 -18.36 -37.74 -21.01
C ILE C 6 -18.58 -37.22 -19.58
N PHE C 7 -17.49 -36.95 -18.89
CA PHE C 7 -17.54 -36.45 -17.51
C PHE C 7 -17.02 -35.03 -17.38
N LEU C 8 -17.81 -34.20 -16.69
CA LEU C 8 -17.56 -32.78 -16.60
C LEU C 8 -17.41 -32.35 -15.15
N ALA C 9 -16.46 -31.46 -14.88
CA ALA C 9 -16.27 -31.00 -13.51
C ALA C 9 -15.58 -29.63 -13.38
N SER C 10 -16.04 -28.84 -12.42
CA SER C 10 -15.43 -27.56 -12.10
C SER C 10 -15.79 -27.20 -10.64
N LYS C 11 -15.04 -26.28 -10.03
CA LYS C 11 -15.13 -25.95 -8.59
C LYS C 11 -16.37 -25.30 -7.93
N ARG C 12 -16.96 -24.26 -8.52
CA ARG C 12 -18.02 -23.52 -7.83
C ARG C 12 -19.32 -23.12 -8.56
N ALA C 13 -20.44 -23.38 -7.89
CA ALA C 13 -21.75 -22.73 -8.11
C ALA C 13 -22.18 -22.32 -6.70
N ALA C 14 -22.78 -21.18 -6.43
CA ALA C 14 -23.79 -20.57 -7.20
C ALA C 14 -25.15 -21.18 -6.85
N ILE C 15 -25.38 -22.02 -5.86
CA ILE C 15 -26.76 -22.56 -5.83
C ILE C 15 -27.77 -21.82 -4.93
N THR C 16 -28.98 -21.46 -5.42
CA THR C 16 -29.92 -20.95 -4.44
C THR C 16 -31.11 -21.89 -4.33
N TYR C 17 -31.48 -22.27 -3.11
CA TYR C 17 -32.57 -23.21 -2.90
C TYR C 17 -33.82 -22.52 -2.37
N ASP C 18 -34.92 -22.65 -3.10
CA ASP C 18 -36.18 -22.04 -2.72
C ASP C 18 -37.36 -22.94 -3.08
N ALA C 28 -34.30 -25.02 -6.76
CA ALA C 28 -32.92 -24.54 -6.71
C ALA C 28 -32.45 -24.09 -8.09
N TRP C 29 -31.86 -22.91 -8.16
CA TRP C 29 -31.37 -22.37 -9.40
C TRP C 29 -29.99 -21.81 -9.25
N LEU C 30 -29.18 -21.95 -10.29
CA LEU C 30 -27.81 -21.47 -10.28
C LEU C 30 -27.75 -19.98 -10.63
N ALA C 31 -26.70 -19.31 -10.17
CA ALA C 31 -26.54 -17.89 -10.44
C ALA C 31 -26.03 -17.67 -11.86
N PRO C 32 -26.19 -16.46 -12.38
CA PRO C 32 -25.78 -16.15 -13.75
C PRO C 32 -24.38 -15.55 -13.79
N GLY C 33 -23.70 -15.70 -14.93
CA GLY C 33 -22.36 -15.17 -15.10
C GLY C 33 -21.31 -16.07 -14.47
N GLY C 34 -20.06 -15.64 -14.54
CA GLY C 34 -18.97 -16.43 -14.01
C GLY C 34 -18.78 -17.70 -14.80
N THR C 35 -17.82 -18.51 -14.37
CA THR C 35 -17.52 -19.81 -14.96
C THR C 35 -18.64 -20.83 -14.77
N GLY C 36 -19.23 -20.82 -13.58
CA GLY C 36 -20.18 -21.85 -13.17
C GLY C 36 -21.29 -21.97 -14.19
N ASN C 37 -21.74 -20.80 -14.65
CA ASN C 37 -22.80 -20.70 -15.66
C ASN C 37 -22.36 -21.30 -16.98
N VAL C 38 -21.14 -20.99 -17.38
CA VAL C 38 -20.63 -21.54 -18.63
C VAL C 38 -20.54 -23.06 -18.58
N VAL C 39 -20.01 -23.59 -17.47
CA VAL C 39 -19.79 -25.05 -17.35
C VAL C 39 -21.12 -25.78 -17.24
N ALA C 40 -22.05 -25.18 -16.50
CA ALA C 40 -23.39 -25.73 -16.38
C ALA C 40 -24.10 -25.72 -17.74
N GLU C 41 -24.03 -24.60 -18.43
CA GLU C 41 -24.60 -24.49 -19.79
C GLU C 41 -23.93 -25.53 -20.67
N GLN C 42 -22.62 -25.72 -20.50
CA GLN C 42 -21.93 -26.76 -21.23
C GLN C 42 -22.52 -28.12 -20.89
N ALA C 43 -22.82 -28.31 -19.61
CA ALA C 43 -23.33 -29.59 -19.13
C ALA C 43 -24.66 -29.95 -19.79
N GLY C 44 -25.48 -28.94 -20.08
CA GLY C 44 -26.75 -29.19 -20.73
C GLY C 44 -26.65 -29.45 -22.21
N VAL C 45 -25.75 -28.71 -22.87
CA VAL C 45 -25.51 -28.87 -24.28
C VAL C 45 -25.06 -30.29 -24.57
N LEU C 46 -24.30 -30.85 -23.65
CA LEU C 46 -23.79 -32.21 -23.80
C LEU C 46 -24.73 -33.27 -23.22
N ASN C 47 -25.74 -32.81 -22.48
CA ASN C 47 -26.66 -33.66 -21.71
C ASN C 47 -25.96 -34.64 -20.75
N ILE C 48 -25.16 -34.10 -19.84
CA ILE C 48 -24.42 -34.90 -18.88
C ILE C 48 -24.51 -34.31 -17.47
N SER C 49 -24.15 -35.10 -16.47
CA SER C 49 -24.08 -34.59 -15.11
C SER C 49 -22.93 -33.60 -14.97
N TRP C 50 -22.98 -32.78 -13.92
CA TRP C 50 -21.92 -31.85 -13.61
C TRP C 50 -21.44 -32.09 -12.18
N ILE C 51 -20.14 -32.26 -12.03
CA ILE C 51 -19.54 -32.44 -10.72
C ILE C 51 -18.89 -31.15 -10.22
N ALA C 52 -19.28 -30.71 -9.03
CA ALA C 52 -18.72 -29.48 -8.48
C ALA C 52 -18.76 -29.52 -6.96
N SER C 53 -18.12 -28.57 -6.32
CA SER C 53 -18.16 -28.48 -4.86
C SER C 53 -19.48 -27.94 -4.30
N ALA C 54 -19.94 -28.58 -3.22
CA ALA C 54 -20.97 -28.00 -2.37
C ALA C 54 -20.30 -26.91 -1.54
N ASP C 55 -21.10 -25.94 -1.08
CA ASP C 55 -20.54 -24.79 -0.37
C ASP C 55 -21.34 -24.49 0.90
N SER C 56 -22.64 -24.27 0.74
CA SER C 56 -23.51 -23.97 1.87
C SER C 56 -23.97 -25.21 2.65
N GLU C 57 -24.45 -25.01 3.87
CA GLU C 57 -25.13 -26.10 4.56
C GLU C 57 -26.34 -26.59 3.73
N ASP C 58 -26.96 -25.67 3.00
CA ASP C 58 -28.00 -26.01 2.02
C ASP C 58 -27.42 -26.83 0.86
N ASP C 59 -26.23 -26.48 0.39
CA ASP C 59 -25.56 -27.27 -0.63
C ASP C 59 -25.35 -28.67 -0.10
N ARG C 60 -24.81 -28.77 1.11
CA ARG C 60 -24.51 -30.07 1.73
C ARG C 60 -25.75 -30.94 2.01
N ARG C 61 -26.82 -30.32 2.50
CA ARG C 61 -28.08 -31.05 2.70
C ARG C 61 -28.68 -31.58 1.40
N ALA C 62 -28.74 -30.71 0.39
CA ALA C 62 -29.34 -31.03 -0.92
C ALA C 62 -28.58 -32.15 -1.58
N SER C 63 -27.27 -32.08 -1.44
CA SER C 63 -26.35 -33.06 -1.97
C SER C 63 -26.58 -34.44 -1.36
N ALA C 64 -26.90 -34.46 -0.06
CA ALA C 64 -27.06 -35.71 0.67
C ALA C 64 -28.43 -36.31 0.43
N LEU C 65 -29.43 -35.45 0.30
CA LEU C 65 -30.78 -35.88 -0.06
C LEU C 65 -30.77 -36.49 -1.45
N ASN C 66 -30.01 -35.89 -2.35
CA ASN C 66 -30.00 -36.30 -3.75
C ASN C 66 -28.64 -36.76 -4.25
N PRO C 67 -28.29 -38.00 -3.91
CA PRO C 67 -26.96 -38.51 -4.23
C PRO C 67 -26.75 -38.63 -5.73
N ASP C 68 -27.83 -38.85 -6.47
CA ASP C 68 -27.78 -38.92 -7.93
C ASP C 68 -27.41 -37.58 -8.55
N GLY C 69 -27.96 -36.52 -7.98
CA GLY C 69 -27.83 -35.19 -8.53
C GLY C 69 -28.98 -34.29 -8.09
N VAL C 70 -28.67 -33.03 -7.82
CA VAL C 70 -29.67 -32.02 -7.59
C VAL C 70 -30.13 -31.59 -8.98
N THR C 71 -31.40 -31.23 -9.12
CA THR C 71 -31.89 -30.65 -10.36
C THR C 71 -32.07 -29.14 -10.23
N MET C 72 -31.69 -28.42 -11.27
CA MET C 72 -31.77 -26.96 -11.27
C MET C 72 -31.97 -26.44 -12.68
N GLU C 73 -32.18 -25.14 -12.81
CA GLU C 73 -32.41 -24.52 -14.12
C GLU C 73 -31.30 -23.55 -14.48
N LEU C 74 -30.89 -23.59 -15.73
CA LEU C 74 -29.86 -22.66 -16.23
C LEU C 74 -30.49 -21.37 -16.75
N ARG C 78 -32.73 -25.43 -20.20
CA ARG C 78 -32.51 -26.86 -20.00
C ARG C 78 -32.04 -27.15 -18.58
N GLU C 79 -32.46 -28.29 -18.04
CA GLU C 79 -32.07 -28.69 -16.69
C GLU C 79 -30.74 -29.44 -16.71
N ILE C 80 -29.96 -29.28 -15.66
CA ILE C 80 -28.65 -29.91 -15.57
C ILE C 80 -28.52 -30.63 -14.24
N LEU C 81 -28.13 -31.91 -14.28
CA LEU C 81 -27.98 -32.67 -13.06
C LEU C 81 -26.64 -32.33 -12.43
N VAL C 82 -26.69 -31.88 -11.17
CA VAL C 82 -25.46 -31.51 -10.45
C VAL C 82 -25.11 -32.47 -9.29
N ARG C 83 -23.94 -33.09 -9.36
CA ARG C 83 -23.48 -33.86 -8.23
C ARG C 83 -22.52 -32.99 -7.45
N LEU C 84 -22.92 -32.62 -6.23
CA LEU C 84 -22.06 -31.81 -5.38
C LEU C 84 -21.10 -32.67 -4.56
N ILE C 85 -19.89 -32.18 -4.38
CA ILE C 85 -18.91 -32.83 -3.53
C ILE C 85 -18.91 -32.15 -2.16
N ARG C 86 -19.01 -32.93 -1.11
CA ARG C 86 -19.02 -32.36 0.23
C ARG C 86 -17.66 -32.47 0.88
N HIS C 87 -16.82 -31.46 0.70
CA HIS C 87 -15.48 -31.40 1.28
C HIS C 87 -15.50 -31.21 2.81
N ASP C 88 -14.34 -31.43 3.44
CA ASP C 88 -14.16 -31.06 4.82
C ASP C 88 -14.23 -29.54 4.92
N PRO C 89 -15.13 -29.05 5.77
CA PRO C 89 -15.43 -27.63 5.94
C PRO C 89 -14.19 -26.79 6.12
N ALA C 90 -13.31 -27.21 7.03
CA ALA C 90 -12.09 -26.47 7.31
C ALA C 90 -11.17 -26.50 6.10
N VAL C 91 -11.17 -27.64 5.41
CA VAL C 91 -10.27 -27.81 4.28
C VAL C 91 -10.72 -26.92 3.16
N PHE C 92 -12.02 -26.96 2.89
CA PHE C 92 -12.64 -26.09 1.89
C PHE C 92 -12.42 -24.59 2.16
N ARG C 93 -12.74 -24.11 3.37
CA ARG C 93 -12.52 -22.71 3.72
C ARG C 93 -11.09 -22.27 3.44
N ASN C 94 -10.13 -23.19 3.61
CA ASN C 94 -8.72 -22.84 3.39
C ASN C 94 -8.38 -22.80 1.90
N VAL C 95 -8.80 -23.82 1.18
CA VAL C 95 -8.64 -23.85 -0.27
C VAL C 95 -9.27 -22.63 -0.98
N GLN C 96 -10.49 -22.30 -0.60
CA GLN C 96 -11.15 -21.16 -1.18
C GLN C 96 -10.54 -19.84 -0.70
N ASN C 97 -10.72 -19.55 0.57
CA ASN C 97 -10.37 -18.24 1.11
C ASN C 97 -8.90 -17.89 0.97
N PHE C 98 -8.05 -18.90 0.95
CA PHE C 98 -6.62 -18.62 0.94
C PHE C 98 -5.97 -18.93 -0.41
N MET C 99 -6.41 -20.02 -1.03
CA MET C 99 -5.74 -20.53 -2.21
C MET C 99 -6.39 -20.01 -3.49
N THR C 100 -7.56 -20.51 -3.82
CA THR C 100 -8.20 -20.07 -5.03
C THR C 100 -8.62 -18.59 -4.98
N ALA C 101 -9.08 -18.08 -3.85
CA ALA C 101 -9.63 -16.72 -3.93
C ALA C 101 -8.56 -15.65 -4.04
N ASN C 102 -7.33 -15.95 -3.61
CA ASN C 102 -6.27 -14.97 -3.84
C ASN C 102 -4.88 -15.44 -4.09
N LEU C 103 -4.41 -16.46 -3.39
CA LEU C 103 -3.09 -16.98 -3.73
C LEU C 103 -3.03 -17.23 -5.24
N MET C 104 -3.91 -18.08 -5.75
CA MET C 104 -3.82 -18.46 -7.15
C MET C 104 -4.37 -17.36 -8.03
N TRP C 105 -5.30 -16.61 -7.48
CA TRP C 105 -5.87 -15.52 -8.24
C TRP C 105 -4.80 -14.48 -8.57
N ALA C 106 -4.05 -14.09 -7.55
CA ALA C 106 -2.91 -13.19 -7.72
C ALA C 106 -1.78 -13.80 -8.55
N ALA C 107 -1.68 -15.12 -8.53
CA ALA C 107 -0.63 -15.79 -9.27
C ALA C 107 -0.89 -15.79 -10.78
N ASN C 108 -2.16 -15.82 -11.17
CA ASN C 108 -2.52 -15.90 -12.59
C ASN C 108 -3.12 -14.64 -13.18
N ASN C 109 -3.51 -13.69 -12.33
CA ASN C 109 -4.09 -12.44 -12.80
C ASN C 109 -3.24 -11.23 -12.39
N TYR C 110 -1.97 -11.50 -12.14
CA TYR C 110 -0.97 -10.47 -11.94
C TYR C 110 -1.26 -9.45 -10.85
N GLY C 111 -1.56 -9.89 -9.62
CA GLY C 111 -1.69 -8.99 -8.50
C GLY C 111 -0.48 -8.61 -7.63
N TRP C 112 0.71 -9.14 -7.89
CA TRP C 112 1.84 -8.90 -6.98
C TRP C 112 2.87 -7.93 -7.52
N ASP C 113 3.37 -7.05 -6.66
CA ASP C 113 4.37 -6.07 -7.05
C ASP C 113 5.80 -6.59 -6.93
N ARG C 114 5.98 -7.74 -6.25
CA ARG C 114 7.28 -8.37 -5.96
C ARG C 114 8.10 -7.61 -4.91
N TRP C 115 8.13 -6.29 -4.98
CA TRP C 115 8.85 -5.53 -3.99
C TRP C 115 8.33 -5.70 -2.56
N THR C 116 7.00 -5.77 -2.41
CA THR C 116 6.39 -5.85 -1.08
C THR C 116 5.44 -7.02 -0.93
N GLN C 117 5.02 -7.63 -2.02
CA GLN C 117 4.18 -8.81 -1.95
C GLN C 117 4.53 -9.67 -3.13
N PRO C 118 4.41 -11.01 -2.98
CA PRO C 118 3.98 -11.72 -1.77
C PRO C 118 5.15 -12.19 -0.89
N SER C 119 4.81 -12.69 0.30
CA SER C 119 5.73 -13.29 1.26
C SER C 119 5.11 -14.58 1.78
N PHE C 120 5.53 -15.69 1.19
CA PHE C 120 4.99 -16.99 1.55
C PHE C 120 5.54 -17.52 2.88
N GLY C 121 4.63 -17.99 3.71
CA GLY C 121 4.97 -18.55 5.00
C GLY C 121 4.38 -19.93 5.20
N SER C 122 4.19 -20.27 6.47
CA SER C 122 3.69 -21.58 6.87
C SER C 122 2.30 -21.83 6.29
N ASP C 123 1.50 -20.77 6.21
CA ASP C 123 0.14 -20.87 5.72
C ASP C 123 0.12 -21.43 4.30
N ALA C 124 1.09 -21.01 3.49
CA ALA C 124 1.19 -21.51 2.12
C ALA C 124 1.43 -23.02 2.12
N ARG C 125 2.27 -23.48 3.05
CA ARG C 125 2.51 -24.92 3.23
C ARG C 125 1.20 -25.67 3.48
N GLU C 126 0.42 -25.14 4.42
CA GLU C 126 -0.87 -25.73 4.74
C GLU C 126 -1.80 -25.66 3.55
N GLY C 127 -1.86 -24.48 2.93
CA GLY C 127 -2.69 -24.27 1.75
C GLY C 127 -2.42 -25.31 0.71
N TRP C 128 -1.16 -25.47 0.34
CA TRP C 128 -0.80 -26.46 -0.67
C TRP C 128 -1.22 -27.88 -0.25
N ALA C 129 -1.17 -28.15 1.05
CA ALA C 129 -1.59 -29.45 1.55
C ALA C 129 -3.11 -29.62 1.45
N ASP C 130 -3.82 -28.61 1.93
CA ASP C 130 -5.27 -28.56 1.79
C ASP C 130 -5.70 -28.63 0.32
N PHE C 131 -4.90 -28.01 -0.53
CA PHE C 131 -5.20 -27.99 -1.94
C PHE C 131 -5.07 -29.39 -2.48
N GLY C 132 -4.09 -30.12 -1.96
CA GLY C 132 -3.93 -31.52 -2.36
C GLY C 132 -5.15 -32.32 -1.98
N ARG C 133 -5.60 -32.17 -0.74
CA ARG C 133 -6.76 -32.92 -0.27
C ARG C 133 -7.97 -32.56 -1.11
N PHE C 134 -8.10 -31.27 -1.43
CA PHE C 134 -9.17 -30.79 -2.30
C PHE C 134 -9.15 -31.41 -3.69
N THR C 135 -7.96 -31.62 -4.22
CA THR C 135 -7.77 -32.22 -5.54
C THR C 135 -8.22 -33.67 -5.58
N ARG C 136 -7.76 -34.44 -4.59
CA ARG C 136 -8.14 -35.85 -4.50
C ARG C 136 -9.65 -35.98 -4.38
N ASP C 137 -10.26 -35.11 -3.57
CA ASP C 137 -11.71 -35.11 -3.40
C ASP C 137 -12.40 -35.11 -4.78
N PHE C 138 -11.83 -34.35 -5.71
CA PHE C 138 -12.38 -34.25 -7.05
C PHE C 138 -12.02 -35.45 -7.87
N ALA C 139 -10.73 -35.76 -7.89
CA ALA C 139 -10.25 -36.95 -8.57
C ALA C 139 -11.03 -38.19 -8.13
N ASP C 140 -11.33 -38.28 -6.84
CA ASP C 140 -12.09 -39.43 -6.33
C ASP C 140 -13.50 -39.45 -6.92
N ALA C 141 -14.23 -38.34 -6.75
CA ALA C 141 -15.59 -38.22 -7.26
C ALA C 141 -15.72 -38.43 -8.78
N ILE C 142 -14.73 -37.96 -9.52
CA ILE C 142 -14.69 -38.14 -10.98
C ILE C 142 -14.57 -39.62 -11.29
N LEU C 143 -13.55 -40.24 -10.70
CA LEU C 143 -13.27 -41.65 -10.96
C LEU C 143 -14.42 -42.58 -10.58
N LYS C 144 -15.09 -42.27 -9.48
CA LYS C 144 -16.24 -43.07 -9.02
C LYS C 144 -17.44 -43.03 -9.99
N SER C 145 -17.63 -41.91 -10.69
CA SER C 145 -18.68 -41.82 -11.72
C SER C 145 -18.27 -42.57 -12.98
N SER C 146 -17.05 -42.32 -13.43
CA SER C 146 -16.51 -42.97 -14.62
C SER C 146 -16.16 -44.44 -14.37
N ALA C 147 -16.42 -44.88 -13.14
CA ALA C 147 -16.07 -46.25 -12.70
C ALA C 147 -16.58 -47.36 -13.62
N GLN C 148 -17.76 -47.16 -14.20
CA GLN C 148 -18.42 -48.20 -14.96
C GLN C 148 -18.18 -48.06 -16.46
N SER C 149 -17.62 -46.93 -16.86
CA SER C 149 -17.52 -46.61 -18.26
C SER C 149 -16.42 -47.37 -18.97
N ALA C 150 -16.71 -47.84 -20.17
CA ALA C 150 -15.73 -48.55 -20.98
C ALA C 150 -14.63 -47.60 -21.41
N ASP C 151 -15.04 -46.53 -22.07
CA ASP C 151 -14.11 -45.48 -22.48
C ASP C 151 -14.67 -44.10 -22.13
N PRO C 152 -14.25 -43.55 -20.98
CA PRO C 152 -14.67 -42.25 -20.48
C PRO C 152 -13.84 -41.06 -21.02
N VAL C 153 -14.52 -39.94 -21.25
CA VAL C 153 -13.86 -38.71 -21.67
C VAL C 153 -13.97 -37.69 -20.54
N TYR C 154 -12.85 -37.09 -20.18
CA TYR C 154 -12.79 -36.20 -19.03
C TYR C 154 -12.60 -34.75 -19.45
N LEU C 155 -13.54 -33.89 -19.06
CA LEU C 155 -13.39 -32.46 -19.27
C LEU C 155 -13.30 -31.73 -17.93
N VAL C 156 -12.08 -31.35 -17.56
CA VAL C 156 -11.87 -30.64 -16.31
C VAL C 156 -11.79 -29.16 -16.64
N HIS C 157 -12.60 -28.36 -15.96
CA HIS C 157 -12.70 -26.95 -16.27
C HIS C 157 -12.17 -26.08 -15.16
N ASP C 158 -11.02 -25.46 -15.41
CA ASP C 158 -10.67 -24.21 -14.73
C ASP C 158 -9.63 -24.46 -13.64
N TYR C 159 -9.05 -23.39 -13.13
CA TYR C 159 -7.73 -23.44 -12.52
C TYR C 159 -7.77 -24.13 -11.16
N GLN C 160 -8.97 -24.51 -10.74
CA GLN C 160 -9.17 -25.07 -9.41
C GLN C 160 -8.83 -26.56 -9.44
N LEU C 161 -9.24 -27.21 -10.51
CA LEU C 161 -8.98 -28.63 -10.71
C LEU C 161 -7.68 -28.89 -11.47
N VAL C 162 -7.01 -27.83 -11.93
CA VAL C 162 -5.80 -28.02 -12.72
C VAL C 162 -5.00 -29.22 -12.22
N GLY C 163 -4.96 -29.39 -10.91
CA GLY C 163 -4.24 -30.48 -10.28
C GLY C 163 -4.74 -31.85 -10.71
N VAL C 164 -6.04 -31.94 -10.99
CA VAL C 164 -6.72 -33.21 -11.17
C VAL C 164 -6.21 -34.12 -12.29
N PRO C 165 -5.88 -33.58 -13.46
CA PRO C 165 -5.40 -34.45 -14.54
C PRO C 165 -4.44 -35.54 -14.13
N ALA C 166 -3.39 -35.19 -13.38
CA ALA C 166 -2.38 -36.18 -12.98
C ALA C 166 -3.02 -37.33 -12.22
N LEU C 167 -3.94 -36.99 -11.32
CA LEU C 167 -4.64 -37.97 -10.51
C LEU C 167 -5.61 -38.81 -11.34
N LEU C 168 -6.02 -38.30 -12.49
CA LEU C 168 -6.89 -39.06 -13.40
C LEU C 168 -6.06 -39.98 -14.30
N ARG C 169 -4.83 -39.57 -14.59
CA ARG C 169 -3.95 -40.34 -15.45
C ARG C 169 -3.45 -41.62 -14.77
N GLU C 170 -3.37 -41.59 -13.43
CA GLU C 170 -2.92 -42.77 -12.67
C GLU C 170 -3.88 -43.96 -12.82
N GLN C 171 -5.17 -43.67 -12.94
CA GLN C 171 -6.18 -44.72 -13.02
C GLN C 171 -6.67 -44.96 -14.45
N ARG C 172 -6.63 -43.93 -15.29
CA ARG C 172 -7.13 -44.03 -16.65
C ARG C 172 -6.07 -43.56 -17.63
N PRO C 173 -5.00 -44.35 -17.79
CA PRO C 173 -3.82 -43.95 -18.55
C PRO C 173 -4.15 -43.78 -20.01
N ASP C 174 -5.36 -44.17 -20.40
CA ASP C 174 -5.73 -44.18 -21.80
C ASP C 174 -6.86 -43.22 -22.09
N ALA C 175 -7.53 -42.76 -21.05
CA ALA C 175 -8.63 -41.84 -21.23
C ALA C 175 -8.12 -40.51 -21.78
N PRO C 176 -8.89 -39.92 -22.71
CA PRO C 176 -8.65 -38.55 -23.15
C PRO C 176 -9.00 -37.55 -22.04
N ILE C 177 -8.08 -36.64 -21.75
CA ILE C 177 -8.31 -35.63 -20.71
C ILE C 177 -8.10 -34.23 -21.28
N LEU C 178 -9.12 -33.39 -21.17
CA LEU C 178 -8.96 -31.95 -21.44
C LEU C 178 -8.97 -31.14 -20.13
N LEU C 179 -7.91 -30.36 -19.92
CA LEU C 179 -7.92 -29.42 -18.81
C LEU C 179 -8.06 -28.03 -19.39
N PHE C 180 -9.16 -27.36 -19.07
CA PHE C 180 -9.39 -26.02 -19.58
C PHE C 180 -9.25 -24.98 -18.49
N VAL C 181 -8.38 -24.01 -18.72
CA VAL C 181 -8.13 -22.91 -17.80
C VAL C 181 -8.79 -21.58 -18.23
N HIS C 182 -9.79 -21.12 -17.49
CA HIS C 182 -10.55 -19.93 -17.93
C HIS C 182 -9.87 -18.62 -17.57
N ILE C 183 -8.68 -18.68 -16.99
CA ILE C 183 -8.01 -17.45 -16.57
C ILE C 183 -6.71 -17.28 -17.35
N PRO C 184 -5.97 -16.17 -17.14
CA PRO C 184 -4.68 -16.11 -17.86
C PRO C 184 -3.66 -17.13 -17.36
N TRP C 185 -2.53 -17.18 -18.07
CA TRP C 185 -1.34 -17.81 -17.55
C TRP C 185 -0.23 -16.78 -17.63
N PRO C 186 0.41 -16.51 -16.49
CA PRO C 186 1.39 -15.42 -16.42
C PRO C 186 2.70 -15.77 -17.11
N SER C 187 3.59 -14.79 -17.24
CA SER C 187 4.92 -15.02 -17.75
C SER C 187 5.69 -15.98 -16.83
N ALA C 188 6.71 -16.67 -17.37
CA ALA C 188 7.52 -17.57 -16.55
C ALA C 188 8.15 -16.87 -15.34
N ASP C 189 8.55 -15.62 -15.51
CA ASP C 189 9.22 -14.90 -14.42
C ASP C 189 8.25 -14.69 -13.31
N TYR C 190 6.96 -14.62 -13.65
CA TYR C 190 5.96 -14.32 -12.65
C TYR C 190 5.45 -15.58 -11.98
N TRP C 191 5.30 -16.64 -12.75
CA TRP C 191 4.95 -17.94 -12.21
C TRP C 191 5.98 -18.40 -11.15
N ARG C 192 7.24 -18.04 -11.39
CA ARG C 192 8.37 -18.31 -10.50
C ARG C 192 8.23 -17.73 -9.10
N ILE C 193 7.27 -16.85 -8.90
CA ILE C 193 7.14 -16.16 -7.62
C ILE C 193 6.61 -17.18 -6.62
N LEU C 194 5.71 -18.03 -7.10
CA LEU C 194 5.12 -19.08 -6.28
C LEU C 194 6.21 -19.94 -5.67
N PRO C 195 5.97 -20.42 -4.45
CA PRO C 195 6.94 -21.31 -3.80
C PRO C 195 7.20 -22.59 -4.64
N LYS C 196 8.41 -23.13 -4.46
CA LYS C 196 8.88 -24.23 -5.29
C LYS C 196 7.96 -25.46 -5.32
N GLU C 197 7.44 -25.89 -4.17
CA GLU C 197 6.50 -27.03 -4.21
C GLU C 197 5.25 -26.77 -5.05
N ILE C 198 4.80 -25.52 -5.13
CA ILE C 198 3.59 -25.18 -5.87
C ILE C 198 3.81 -24.94 -7.37
N ARG C 199 4.84 -24.16 -7.69
CA ARG C 199 5.08 -23.77 -9.08
C ARG C 199 5.42 -24.97 -9.96
N THR C 200 6.02 -25.99 -9.35
CA THR C 200 6.30 -27.25 -10.04
C THR C 200 5.14 -28.22 -9.87
N GLY C 201 4.57 -28.24 -8.66
CA GLY C 201 3.43 -29.07 -8.34
C GLY C 201 2.24 -28.91 -9.29
N ILE C 202 1.74 -27.68 -9.44
CA ILE C 202 0.67 -27.35 -10.39
C ILE C 202 0.94 -27.97 -11.77
N LEU C 203 2.14 -27.71 -12.31
CA LEU C 203 2.54 -28.20 -13.62
C LEU C 203 2.52 -29.73 -13.68
N HIS C 204 3.06 -30.34 -12.64
CA HIS C 204 3.02 -31.79 -12.49
C HIS C 204 1.59 -32.26 -12.60
N GLY C 205 0.68 -31.52 -11.96
CA GLY C 205 -0.72 -31.90 -11.96
C GLY C 205 -1.35 -31.74 -13.33
N MET C 206 -0.81 -30.83 -14.13
CA MET C 206 -1.48 -30.42 -15.37
C MET C 206 -1.08 -31.23 -16.60
N LEU C 207 0.23 -31.44 -16.75
CA LEU C 207 0.79 -32.04 -17.96
C LEU C 207 0.26 -33.42 -18.37
N PRO C 208 -0.13 -34.27 -17.40
CA PRO C 208 -0.76 -35.54 -17.76
C PRO C 208 -2.02 -35.44 -18.63
N ALA C 209 -2.57 -34.25 -18.82
CA ALA C 209 -3.76 -34.12 -19.65
C ALA C 209 -3.43 -34.37 -21.12
N THR C 210 -4.41 -34.84 -21.87
CA THR C 210 -4.22 -35.02 -23.29
C THR C 210 -4.06 -33.65 -23.94
N THR C 211 -4.99 -32.76 -23.59
CA THR C 211 -4.99 -31.39 -24.06
C THR C 211 -5.22 -30.40 -22.93
N ILE C 212 -4.40 -29.35 -22.91
CA ILE C 212 -4.61 -28.20 -22.04
C ILE C 212 -5.01 -26.96 -22.84
N GLY C 213 -6.19 -26.42 -22.59
CA GLY C 213 -6.64 -25.23 -23.30
C GLY C 213 -6.58 -23.91 -22.55
N PHE C 214 -6.54 -22.82 -23.30
CA PHE C 214 -6.71 -21.48 -22.75
C PHE C 214 -7.63 -20.69 -23.65
N PHE C 215 -7.98 -19.47 -23.24
CA PHE C 215 -8.89 -18.67 -24.06
C PHE C 215 -8.13 -17.83 -25.10
N ALA C 216 -6.81 -17.81 -24.98
CA ALA C 216 -6.00 -16.91 -25.79
C ALA C 216 -4.61 -17.48 -26.09
N ASP C 217 -4.07 -17.13 -27.26
CA ASP C 217 -2.74 -17.60 -27.66
C ASP C 217 -1.73 -17.23 -26.61
N ARG C 218 -1.80 -15.99 -26.15
CA ARG C 218 -0.80 -15.43 -25.22
C ARG C 218 -0.68 -16.26 -23.95
N TRP C 219 -1.82 -16.80 -23.50
CA TRP C 219 -1.82 -17.63 -22.31
C TRP C 219 -1.06 -18.93 -22.56
N CYS C 220 -1.40 -19.60 -23.66
CA CYS C 220 -0.70 -20.81 -24.10
C CYS C 220 0.79 -20.60 -24.15
N ARG C 221 1.21 -19.45 -24.68
CA ARG C 221 2.63 -19.15 -24.81
C ARG C 221 3.32 -19.06 -23.46
N ASN C 222 2.71 -18.29 -22.56
CA ASN C 222 3.24 -18.14 -21.22
C ASN C 222 3.35 -19.48 -20.52
N PHE C 223 2.37 -20.36 -20.76
CA PHE C 223 2.39 -21.69 -20.17
C PHE C 223 3.65 -22.46 -20.60
N LEU C 224 3.84 -22.59 -21.92
CA LEU C 224 5.00 -23.28 -22.46
C LEU C 224 6.31 -22.77 -21.85
N GLU C 225 6.43 -21.44 -21.79
CA GLU C 225 7.65 -20.81 -21.29
C GLU C 225 7.85 -21.09 -19.81
N SER C 226 6.74 -21.24 -19.08
CA SER C 226 6.79 -21.59 -17.65
C SER C 226 7.37 -22.99 -17.47
N VAL C 227 6.79 -23.95 -18.19
CA VAL C 227 7.27 -25.32 -18.22
C VAL C 227 8.77 -25.39 -18.55
N ALA C 228 9.13 -24.72 -19.65
CA ALA C 228 10.51 -24.69 -20.15
C ALA C 228 11.45 -24.19 -19.07
N ASP C 229 10.92 -23.37 -18.18
CA ASP C 229 11.70 -22.67 -17.18
C ASP C 229 11.91 -23.50 -15.91
N LEU C 230 10.95 -24.36 -15.58
CA LEU C 230 10.91 -25.05 -14.30
C LEU C 230 11.06 -26.56 -14.40
N LEU C 231 10.87 -27.10 -15.59
CA LEU C 231 11.05 -28.53 -15.83
C LEU C 231 12.09 -28.73 -16.92
N PRO C 232 13.33 -29.07 -16.52
CA PRO C 232 14.41 -29.30 -17.50
C PRO C 232 14.12 -30.55 -18.31
N ASP C 233 13.43 -31.50 -17.68
CA ASP C 233 13.02 -32.75 -18.30
C ASP C 233 12.13 -32.52 -19.51
N ALA C 234 11.32 -31.48 -19.45
CA ALA C 234 10.30 -31.28 -20.47
C ALA C 234 10.91 -30.65 -21.70
N ARG C 235 10.37 -31.02 -22.85
CA ARG C 235 10.74 -30.40 -24.12
C ARG C 235 9.52 -29.78 -24.80
N ILE C 236 9.66 -28.50 -25.16
CA ILE C 236 8.53 -27.78 -25.75
C ILE C 236 8.76 -27.49 -27.22
N ASP C 237 7.72 -27.65 -28.03
CA ASP C 237 7.75 -27.21 -29.41
C ASP C 237 6.83 -26.01 -29.51
N ARG C 238 7.41 -24.81 -29.61
CA ARG C 238 6.61 -23.58 -29.67
C ARG C 238 5.77 -23.47 -30.93
N GLU C 239 6.20 -24.17 -31.99
CA GLU C 239 5.52 -24.15 -33.28
C GLU C 239 4.35 -25.15 -33.31
N ALA C 240 4.54 -26.27 -32.63
CA ALA C 240 3.49 -27.28 -32.54
C ALA C 240 2.55 -27.04 -31.35
N MET C 241 2.94 -26.11 -30.47
CA MET C 241 2.25 -25.89 -29.20
C MET C 241 2.15 -27.21 -28.40
N THR C 242 3.31 -27.73 -28.00
CA THR C 242 3.43 -29.13 -27.59
C THR C 242 4.52 -29.38 -26.53
N VAL C 243 4.15 -30.08 -25.46
CA VAL C 243 5.11 -30.47 -24.40
C VAL C 243 5.31 -31.99 -24.25
N GLU C 244 6.56 -32.42 -24.38
CA GLU C 244 6.93 -33.81 -24.11
C GLU C 244 7.64 -33.87 -22.76
N TRP C 245 7.03 -34.55 -21.80
CA TRP C 245 7.60 -34.63 -20.46
C TRP C 245 7.39 -35.96 -19.80
N ARG C 246 8.49 -36.60 -19.41
CA ARG C 246 8.48 -37.94 -18.81
C ARG C 246 7.57 -38.90 -19.58
N GLY C 247 7.74 -38.92 -20.90
CA GLY C 247 6.95 -39.77 -21.80
C GLY C 247 5.50 -39.35 -21.96
N HIS C 248 5.09 -38.25 -21.35
CA HIS C 248 3.77 -37.67 -21.62
C HIS C 248 3.93 -36.84 -22.86
N ARG C 249 2.80 -36.49 -23.49
CA ARG C 249 2.78 -35.59 -24.62
C ARG C 249 1.50 -34.76 -24.61
N THR C 250 1.59 -33.54 -24.11
CA THR C 250 0.43 -32.67 -23.98
C THR C 250 0.38 -31.61 -25.08
N ARG C 251 -0.83 -31.31 -25.56
CA ARG C 251 -1.02 -30.30 -26.58
C ARG C 251 -1.72 -29.08 -26.00
N LEU C 252 -1.29 -27.90 -26.42
CA LEU C 252 -1.94 -26.68 -25.98
C LEU C 252 -2.72 -26.06 -27.08
N ARG C 253 -3.99 -25.85 -26.82
CA ARG C 253 -4.87 -25.22 -27.80
C ARG C 253 -5.48 -23.89 -27.31
N THR C 254 -5.79 -23.03 -28.24
CA THR C 254 -6.55 -21.84 -27.94
C THR C 254 -7.97 -22.03 -28.42
N MET C 255 -8.92 -21.97 -27.49
CA MET C 255 -10.33 -22.10 -27.84
C MET C 255 -11.12 -20.89 -27.37
N PRO C 256 -11.11 -19.82 -28.16
CA PRO C 256 -11.85 -18.58 -27.82
C PRO C 256 -13.33 -18.83 -27.61
N LEU C 257 -13.89 -18.16 -26.60
CA LEU C 257 -15.31 -18.24 -26.28
C LEU C 257 -15.84 -16.82 -26.16
N GLY C 258 -17.03 -16.58 -26.68
CA GLY C 258 -17.58 -15.25 -26.74
C GLY C 258 -18.77 -15.06 -25.82
N TYR C 259 -19.82 -15.85 -26.03
CA TYR C 259 -21.09 -15.62 -25.34
C TYR C 259 -22.04 -16.82 -25.49
N SER C 260 -23.06 -16.86 -24.63
CA SER C 260 -24.13 -17.85 -24.77
C SER C 260 -25.38 -17.16 -25.29
N PRO C 261 -25.83 -17.54 -26.50
CA PRO C 261 -26.93 -16.84 -27.17
C PRO C 261 -28.23 -17.01 -26.42
N LEU C 262 -28.52 -18.22 -25.94
CA LEU C 262 -29.84 -18.50 -25.45
C LEU C 262 -30.11 -17.48 -24.36
N THR C 263 -29.06 -17.08 -23.68
CA THR C 263 -29.17 -16.22 -22.49
C THR C 263 -29.48 -14.79 -22.89
N LEU C 264 -29.66 -14.56 -24.19
CA LEU C 264 -29.97 -13.23 -24.71
C LEU C 264 -31.00 -13.32 -25.83
N GLN C 270 -34.95 -4.46 -18.02
CA GLN C 270 -35.21 -3.12 -17.52
C GLN C 270 -34.00 -2.60 -16.73
N LEU C 271 -33.73 -1.30 -16.87
CA LEU C 271 -32.63 -0.68 -16.14
C LEU C 271 -32.90 -0.76 -14.63
N PRO C 272 -31.84 -0.82 -13.82
CA PRO C 272 -32.04 -0.76 -12.36
C PRO C 272 -32.67 0.58 -11.99
N GLU C 273 -33.21 0.67 -10.78
CA GLU C 273 -34.04 1.81 -10.39
C GLU C 273 -33.32 3.15 -10.40
N GLY C 274 -34.02 4.19 -10.86
CA GLY C 274 -33.50 5.54 -10.90
C GLY C 274 -32.47 5.82 -11.97
N ILE C 275 -32.02 4.78 -12.67
CA ILE C 275 -30.98 4.96 -13.69
C ILE C 275 -31.51 5.63 -14.94
N GLU C 276 -32.68 5.20 -15.39
CA GLU C 276 -33.31 5.82 -16.55
C GLU C 276 -33.48 7.32 -16.31
N GLU C 277 -34.11 7.65 -15.18
CA GLU C 277 -34.32 9.04 -14.76
C GLU C 277 -33.01 9.83 -14.67
N TRP C 278 -31.96 9.19 -14.14
CA TRP C 278 -30.65 9.82 -13.90
C TRP C 278 -29.89 10.06 -15.19
N ALA C 279 -30.05 9.13 -16.12
CA ALA C 279 -29.31 9.16 -17.36
C ALA C 279 -30.07 9.83 -18.49
N ASP C 280 -31.29 10.28 -18.19
CA ASP C 280 -32.16 10.86 -19.19
C ASP C 280 -31.48 12.07 -19.79
N GLY C 281 -31.44 12.12 -21.12
CA GLY C 281 -30.89 13.26 -21.82
C GLY C 281 -29.38 13.34 -21.74
N HIS C 282 -28.77 12.28 -21.24
CA HIS C 282 -27.33 12.25 -21.12
C HIS C 282 -26.77 11.11 -21.96
N ARG C 283 -25.58 11.31 -22.49
CA ARG C 283 -24.86 10.22 -23.10
C ARG C 283 -24.18 9.37 -22.01
N LEU C 284 -24.47 8.07 -21.98
CA LEU C 284 -24.01 7.22 -20.88
C LEU C 284 -22.83 6.29 -21.17
N VAL C 285 -21.75 6.48 -20.42
CA VAL C 285 -20.60 5.60 -20.46
C VAL C 285 -20.80 4.49 -19.42
N VAL C 286 -20.63 3.24 -19.82
CA VAL C 286 -20.84 2.13 -18.90
C VAL C 286 -19.62 1.20 -18.73
N HIS C 287 -19.24 0.99 -17.47
CA HIS C 287 -18.19 0.04 -17.11
C HIS C 287 -18.81 -1.08 -16.28
N SER C 288 -18.60 -2.33 -16.67
CA SER C 288 -19.19 -3.46 -15.95
C SER C 288 -18.16 -4.52 -15.57
N GLY C 289 -18.31 -5.10 -14.38
CA GLY C 289 -17.44 -6.18 -13.95
C GLY C 289 -17.65 -6.55 -12.49
N ARG C 290 -17.20 -7.74 -12.09
CA ARG C 290 -17.23 -8.11 -10.68
C ARG C 290 -16.35 -7.20 -9.78
N THR C 291 -16.55 -7.28 -8.47
CA THR C 291 -15.66 -6.61 -7.53
C THR C 291 -14.32 -7.36 -7.45
N ASP C 292 -13.41 -6.99 -8.35
CA ASP C 292 -12.18 -7.73 -8.58
C ASP C 292 -11.22 -6.79 -9.26
N PRO C 293 -10.09 -6.47 -8.60
CA PRO C 293 -9.18 -5.42 -9.13
C PRO C 293 -8.82 -5.55 -10.61
N ILE C 294 -8.94 -6.74 -11.21
CA ILE C 294 -8.53 -6.94 -12.61
C ILE C 294 -9.48 -6.16 -13.53
N LYS C 295 -10.70 -5.96 -13.07
CA LYS C 295 -11.71 -5.20 -13.83
C LYS C 295 -11.43 -3.70 -14.01
N ASN C 296 -10.49 -3.17 -13.25
CA ASN C 296 -9.94 -1.84 -13.51
C ASN C 296 -10.91 -0.62 -13.52
N ALA C 297 -11.99 -0.69 -12.75
CA ALA C 297 -12.89 0.46 -12.71
C ALA C 297 -12.27 1.72 -12.13
N GLU C 298 -11.32 1.62 -11.22
CA GLU C 298 -10.74 2.86 -10.70
C GLU C 298 -10.11 3.64 -11.86
N ARG C 299 -9.31 2.95 -12.67
CA ARG C 299 -8.59 3.61 -13.77
C ARG C 299 -9.55 4.14 -14.83
N ALA C 300 -10.62 3.40 -15.03
CA ALA C 300 -11.66 3.84 -15.93
C ALA C 300 -12.23 5.21 -15.50
N VAL C 301 -12.79 5.26 -14.29
CA VAL C 301 -13.33 6.50 -13.72
C VAL C 301 -12.32 7.66 -13.71
N ARG C 302 -11.03 7.36 -13.55
CA ARG C 302 -10.04 8.43 -13.56
C ARG C 302 -9.82 8.96 -14.99
N ALA C 303 -9.80 8.04 -15.95
CA ALA C 303 -9.52 8.40 -17.33
C ALA C 303 -10.70 9.16 -17.93
N PHE C 304 -11.90 8.84 -17.47
CA PHE C 304 -13.10 9.63 -17.79
C PHE C 304 -12.94 11.09 -17.39
N VAL C 305 -12.71 11.33 -16.08
CA VAL C 305 -12.39 12.65 -15.53
C VAL C 305 -11.35 13.36 -16.37
N LEU C 306 -10.33 12.65 -16.80
CA LEU C 306 -9.35 13.24 -17.69
C LEU C 306 -9.92 13.69 -19.04
N ALA C 307 -10.83 12.87 -19.59
CA ALA C 307 -11.47 13.19 -20.87
C ALA C 307 -12.37 14.41 -20.72
N ALA C 308 -13.21 14.38 -19.67
CA ALA C 308 -14.12 15.49 -19.34
C ALA C 308 -13.48 16.88 -19.39
N ARG C 309 -12.31 17.01 -18.79
CA ARG C 309 -11.61 18.30 -18.77
C ARG C 309 -11.26 18.78 -20.17
N GLY C 310 -10.83 17.84 -21.02
CA GLY C 310 -10.47 18.17 -22.39
C GLY C 310 -11.64 18.61 -23.27
N GLY C 311 -12.80 18.80 -22.65
CA GLY C 311 -14.02 19.19 -23.33
C GLY C 311 -14.56 18.09 -24.22
N GLY C 312 -15.71 18.34 -24.80
CA GLY C 312 -16.35 17.37 -25.66
C GLY C 312 -17.31 16.52 -24.85
N LEU C 313 -17.18 16.59 -23.53
CA LEU C 313 -18.00 15.77 -22.66
C LEU C 313 -18.87 16.60 -21.73
N GLU C 314 -19.85 17.28 -22.31
CA GLU C 314 -20.91 17.91 -21.54
C GLU C 314 -22.12 17.04 -21.72
N LYS C 315 -23.07 17.13 -20.80
CA LYS C 315 -24.24 16.26 -20.81
C LYS C 315 -23.84 14.76 -20.92
N THR C 316 -22.66 14.44 -20.40
CA THR C 316 -22.14 13.07 -20.42
C THR C 316 -21.97 12.52 -19.01
N ARG C 317 -22.45 11.30 -18.79
CA ARG C 317 -22.42 10.67 -17.45
C ARG C 317 -21.84 9.25 -17.46
N MET C 318 -21.37 8.78 -16.30
CA MET C 318 -20.73 7.46 -16.22
C MET C 318 -21.37 6.55 -15.20
N LEU C 319 -21.63 5.32 -15.61
CA LEU C 319 -22.14 4.30 -14.69
C LEU C 319 -21.18 3.12 -14.50
N VAL C 320 -20.63 3.01 -13.30
CA VAL C 320 -19.84 1.85 -12.92
C VAL C 320 -20.79 0.80 -12.38
N ARG C 321 -21.10 -0.20 -13.20
CA ARG C 321 -21.76 -1.44 -12.75
C ARG C 321 -20.72 -2.34 -12.07
N MET C 322 -21.07 -2.79 -10.88
CA MET C 322 -20.25 -3.75 -10.16
C MET C 322 -21.09 -4.93 -9.71
N ASN C 323 -20.45 -6.09 -9.64
CA ASN C 323 -21.13 -7.27 -9.16
C ASN C 323 -20.32 -7.78 -7.98
N PRO C 324 -20.95 -7.91 -6.80
CA PRO C 324 -20.20 -8.33 -5.61
C PRO C 324 -19.72 -9.78 -5.70
N ASN C 325 -18.51 -10.02 -5.22
CA ASN C 325 -17.89 -11.35 -5.30
C ASN C 325 -16.62 -11.38 -4.44
N ARG C 326 -16.50 -12.37 -3.55
CA ARG C 326 -15.28 -12.55 -2.77
C ARG C 326 -14.81 -11.35 -1.93
N LEU C 327 -15.73 -10.56 -1.38
CA LEU C 327 -15.30 -9.38 -0.64
C LEU C 327 -14.42 -9.66 0.59
N TYR C 328 -14.25 -10.93 0.93
CA TYR C 328 -13.36 -11.32 2.02
C TYR C 328 -11.87 -11.18 1.70
N VAL C 329 -11.54 -11.20 0.42
CA VAL C 329 -10.17 -10.93 0.02
C VAL C 329 -9.91 -9.42 0.04
N PRO C 330 -8.92 -8.99 0.82
CA PRO C 330 -8.53 -7.60 0.97
C PRO C 330 -8.43 -6.89 -0.37
N ALA C 331 -7.80 -7.54 -1.34
CA ALA C 331 -7.62 -6.95 -2.67
C ALA C 331 -8.93 -6.57 -3.38
N ASN C 332 -9.95 -7.42 -3.27
CA ASN C 332 -11.28 -7.06 -3.74
C ASN C 332 -11.95 -5.96 -2.93
N ALA C 333 -11.77 -6.00 -1.62
CA ALA C 333 -12.35 -4.99 -0.79
C ALA C 333 -11.64 -3.68 -1.04
N ASP C 334 -10.32 -3.70 -1.08
CA ASP C 334 -9.58 -2.47 -1.28
C ASP C 334 -10.03 -1.89 -2.61
N TYR C 335 -10.28 -2.78 -3.57
CA TYR C 335 -10.63 -2.39 -4.92
C TYR C 335 -11.92 -1.56 -4.88
N VAL C 336 -12.97 -2.15 -4.28
CA VAL C 336 -14.26 -1.48 -4.10
C VAL C 336 -14.11 -0.09 -3.43
N HIS C 337 -13.24 -0.03 -2.44
CA HIS C 337 -12.99 1.22 -1.75
C HIS C 337 -12.28 2.13 -2.69
N ARG C 338 -11.24 1.63 -3.35
CA ARG C 338 -10.38 2.44 -4.23
C ARG C 338 -11.25 3.14 -5.30
N VAL C 339 -12.28 2.41 -5.73
CA VAL C 339 -13.23 2.84 -6.73
C VAL C 339 -14.23 3.90 -6.22
N GLU C 340 -14.81 3.65 -5.03
CA GLU C 340 -15.75 4.59 -4.41
C GLU C 340 -15.06 5.94 -4.19
N THR C 341 -13.77 5.87 -3.90
CA THR C 341 -12.98 7.07 -3.66
C THR C 341 -12.77 7.85 -4.95
N ALA C 342 -12.58 7.13 -6.05
CA ALA C 342 -12.38 7.80 -7.32
C ALA C 342 -13.69 8.42 -7.82
N VAL C 343 -14.79 7.71 -7.59
CA VAL C 343 -16.08 8.17 -8.06
C VAL C 343 -16.50 9.47 -7.37
N ALA C 344 -16.44 9.46 -6.04
CA ALA C 344 -16.75 10.63 -5.24
C ALA C 344 -15.87 11.83 -5.58
N GLU C 345 -14.63 11.55 -5.93
CA GLU C 345 -13.71 12.64 -6.22
C GLU C 345 -13.92 13.12 -7.64
N ALA C 346 -14.45 12.23 -8.49
CA ALA C 346 -14.81 12.61 -9.84
C ALA C 346 -15.98 13.58 -9.78
N ASN C 347 -17.08 13.13 -9.16
CA ASN C 347 -18.23 13.98 -8.88
C ASN C 347 -17.81 15.33 -8.31
N ALA C 348 -16.97 15.29 -7.29
CA ALA C 348 -16.52 16.48 -6.62
C ALA C 348 -15.81 17.46 -7.55
N GLU C 349 -15.46 17.02 -8.75
CA GLU C 349 -14.78 17.88 -9.70
C GLU C 349 -15.71 18.26 -10.85
N LEU C 350 -16.28 17.23 -11.47
CA LEU C 350 -17.11 17.41 -12.64
C LEU C 350 -18.48 17.95 -12.24
N GLY C 351 -18.95 17.55 -11.06
CA GLY C 351 -20.30 17.91 -10.64
C GLY C 351 -21.04 16.71 -10.09
N SER C 352 -21.82 16.95 -9.03
CA SER C 352 -22.51 15.90 -8.31
C SER C 352 -23.32 15.04 -9.25
N ASP C 353 -23.31 13.72 -9.02
CA ASP C 353 -24.14 12.80 -9.78
C ASP C 353 -23.63 12.55 -11.20
N THR C 354 -22.43 13.03 -11.52
CA THR C 354 -21.86 12.75 -12.83
C THR C 354 -21.57 11.27 -13.02
N VAL C 355 -20.96 10.67 -12.01
CA VAL C 355 -20.62 9.24 -12.02
C VAL C 355 -21.31 8.48 -10.90
N ARG C 356 -21.89 7.33 -11.22
CA ARG C 356 -22.58 6.51 -10.23
C ARG C 356 -22.06 5.06 -10.17
N ILE C 357 -22.10 4.47 -8.98
CA ILE C 357 -21.84 3.05 -8.84
C ILE C 357 -23.19 2.38 -8.62
N ASP C 358 -23.39 1.24 -9.26
CA ASP C 358 -24.54 0.38 -8.96
C ASP C 358 -23.98 -1.03 -8.70
N ASN C 359 -23.67 -1.29 -7.43
CA ASN C 359 -23.15 -2.57 -7.00
C ASN C 359 -24.24 -3.51 -6.49
N ASP C 360 -24.91 -4.21 -7.39
CA ASP C 360 -25.79 -5.29 -6.98
C ASP C 360 -25.66 -6.50 -7.87
N ASN C 361 -26.33 -7.57 -7.50
CA ASN C 361 -26.30 -8.78 -8.32
C ASN C 361 -27.61 -8.94 -9.05
N ASP C 362 -27.69 -8.30 -10.21
CA ASP C 362 -28.77 -8.56 -11.16
C ASP C 362 -28.20 -8.52 -12.56
N VAL C 363 -28.06 -9.71 -13.17
CA VAL C 363 -27.49 -9.78 -14.51
C VAL C 363 -28.41 -9.11 -15.52
N ASN C 364 -29.71 -9.09 -15.23
CA ASN C 364 -30.67 -8.43 -16.10
C ASN C 364 -30.51 -6.92 -16.08
N HIS C 365 -30.21 -6.38 -14.91
CA HIS C 365 -29.88 -4.97 -14.78
C HIS C 365 -28.66 -4.64 -15.62
N THR C 366 -27.73 -5.57 -15.71
CA THR C 366 -26.50 -5.30 -16.44
C THR C 366 -26.70 -5.33 -17.96
N ILE C 367 -27.38 -6.33 -18.46
CA ILE C 367 -27.64 -6.41 -19.89
C ILE C 367 -28.38 -5.16 -20.34
N ALA C 368 -29.27 -4.67 -19.47
CA ALA C 368 -29.97 -3.43 -19.70
C ALA C 368 -28.99 -2.25 -19.78
N CYS C 369 -27.94 -2.30 -18.97
CA CYS C 369 -26.95 -1.24 -18.99
C CYS C 369 -26.09 -1.30 -20.24
N PHE C 370 -25.90 -2.50 -20.76
CA PHE C 370 -25.27 -2.64 -22.07
C PHE C 370 -26.17 -2.00 -23.16
N ARG C 371 -27.49 -2.13 -23.03
CA ARG C 371 -28.41 -1.60 -24.02
C ARG C 371 -28.36 -0.08 -24.09
N ARG C 372 -28.37 0.55 -22.93
CA ARG C 372 -28.52 2.00 -22.85
C ARG C 372 -27.19 2.68 -23.13
N ALA C 373 -26.12 1.89 -23.11
CA ALA C 373 -24.77 2.45 -23.18
C ALA C 373 -24.49 3.18 -24.49
N ASP C 374 -23.81 4.32 -24.40
CA ASP C 374 -23.32 5.03 -25.57
C ASP C 374 -21.83 4.81 -25.74
N LEU C 375 -21.17 4.45 -24.64
CA LEU C 375 -19.78 4.02 -24.66
C LEU C 375 -19.61 2.87 -23.69
N LEU C 376 -18.99 1.79 -24.16
CA LEU C 376 -18.66 0.65 -23.30
C LEU C 376 -17.18 0.58 -23.06
N ILE C 377 -16.79 0.50 -21.78
CA ILE C 377 -15.39 0.34 -21.42
C ILE C 377 -15.14 -1.01 -20.78
N PHE C 378 -14.32 -1.85 -21.42
CA PHE C 378 -13.81 -3.05 -20.77
C PHE C 378 -12.30 -3.02 -20.72
N ASN C 379 -11.79 -2.30 -19.73
CA ASN C 379 -10.37 -1.94 -19.68
C ASN C 379 -9.61 -2.74 -18.63
N SER C 380 -9.94 -4.02 -18.52
CA SER C 380 -9.31 -4.94 -17.59
C SER C 380 -7.77 -4.84 -17.53
N THR C 381 -7.19 -4.94 -16.34
CA THR C 381 -5.73 -5.00 -16.26
C THR C 381 -5.24 -6.29 -16.94
N VAL C 382 -6.00 -7.35 -16.75
CA VAL C 382 -5.81 -8.60 -17.45
C VAL C 382 -7.14 -9.36 -17.41
N ASP C 383 -7.36 -10.23 -18.40
CA ASP C 383 -8.52 -11.11 -18.36
C ASP C 383 -8.21 -12.47 -18.97
N GLY C 384 -8.87 -13.51 -18.48
CA GLY C 384 -8.77 -14.81 -19.10
C GLY C 384 -9.34 -14.71 -20.49
N GLN C 385 -10.50 -14.06 -20.57
CA GLN C 385 -11.15 -13.72 -21.83
C GLN C 385 -11.84 -12.36 -21.76
N ASN C 386 -12.87 -12.32 -20.93
CA ASN C 386 -13.86 -11.24 -20.82
C ASN C 386 -15.05 -11.40 -21.81
N LEU C 387 -16.11 -11.98 -21.27
CA LEU C 387 -17.29 -12.32 -22.04
C LEU C 387 -18.24 -11.14 -22.21
N SER C 388 -18.19 -10.19 -21.28
CA SER C 388 -19.04 -9.00 -21.34
C SER C 388 -18.80 -8.22 -22.63
N THR C 389 -17.60 -8.35 -23.20
CA THR C 389 -17.17 -7.55 -24.35
C THR C 389 -17.73 -8.10 -25.68
N PHE C 390 -18.27 -9.32 -25.63
CA PHE C 390 -19.01 -9.85 -26.76
C PHE C 390 -20.49 -9.54 -26.60
N GLU C 391 -21.03 -9.85 -25.43
CA GLU C 391 -22.45 -9.72 -25.15
C GLU C 391 -22.96 -8.29 -25.30
N ALA C 392 -22.17 -7.34 -24.84
CA ALA C 392 -22.58 -5.92 -24.84
C ALA C 392 -22.77 -5.30 -26.25
N PRO C 393 -21.81 -5.49 -27.18
CA PRO C 393 -22.09 -4.96 -28.51
C PRO C 393 -23.30 -5.63 -29.15
N LEU C 394 -23.42 -6.94 -28.95
CA LEU C 394 -24.50 -7.70 -29.54
C LEU C 394 -25.87 -7.27 -29.01
N VAL C 395 -25.93 -6.72 -27.80
CA VAL C 395 -27.21 -6.24 -27.30
C VAL C 395 -27.37 -4.71 -27.28
N ASN C 396 -26.34 -3.98 -27.70
CA ASN C 396 -26.38 -2.52 -27.63
C ASN C 396 -27.25 -1.91 -28.72
N GLU C 397 -28.02 -0.90 -28.36
CA GLU C 397 -28.99 -0.30 -29.27
C GLU C 397 -28.55 1.06 -29.82
N ARG C 398 -27.55 1.67 -29.21
CA ARG C 398 -27.10 3.01 -29.61
C ARG C 398 -25.88 3.03 -30.54
N ASP C 399 -25.42 1.86 -30.98
CA ASP C 399 -24.16 1.79 -31.73
C ASP C 399 -22.94 2.33 -30.95
N ALA C 400 -22.82 1.87 -29.71
CA ALA C 400 -21.75 2.35 -28.83
C ALA C 400 -20.38 1.88 -29.30
N ASP C 401 -19.38 2.74 -29.12
CA ASP C 401 -18.03 2.31 -29.39
C ASP C 401 -17.56 1.46 -28.18
N VAL C 402 -16.61 0.56 -28.39
CA VAL C 402 -16.08 -0.22 -27.27
C VAL C 402 -14.61 0.04 -27.02
N ILE C 403 -14.31 0.36 -25.77
CA ILE C 403 -12.93 0.46 -25.31
C ILE C 403 -12.47 -0.83 -24.64
N LEU C 404 -11.56 -1.53 -25.32
CA LEU C 404 -11.09 -2.85 -24.90
C LEU C 404 -9.60 -2.84 -24.55
N SER C 405 -9.27 -3.41 -23.41
CA SER C 405 -7.87 -3.51 -23.00
C SER C 405 -7.13 -4.53 -23.83
N GLU C 406 -5.93 -4.16 -24.27
CA GLU C 406 -5.07 -5.06 -25.03
C GLU C 406 -4.77 -6.36 -24.26
N THR C 407 -4.98 -6.33 -22.95
CA THR C 407 -4.66 -7.47 -22.10
C THR C 407 -5.80 -8.44 -21.85
N CYS C 408 -6.96 -8.20 -22.47
CA CYS C 408 -8.05 -9.17 -22.40
C CYS C 408 -7.78 -10.30 -23.38
N GLY C 409 -8.34 -11.46 -23.11
CA GLY C 409 -8.21 -12.59 -24.01
C GLY C 409 -9.04 -12.28 -25.23
N ALA C 410 -10.11 -11.53 -25.01
CA ALA C 410 -11.02 -11.20 -26.07
C ALA C 410 -10.38 -10.30 -27.11
N ALA C 411 -9.29 -9.63 -26.76
CA ALA C 411 -8.65 -8.71 -27.70
C ALA C 411 -8.06 -9.42 -28.95
N GLU C 412 -7.73 -10.71 -28.80
CA GLU C 412 -7.16 -11.47 -29.90
C GLU C 412 -8.20 -11.70 -30.98
N VAL C 413 -9.46 -11.55 -30.60
CA VAL C 413 -10.58 -11.69 -31.51
C VAL C 413 -11.24 -10.32 -31.85
N LEU C 414 -11.46 -9.47 -30.84
CA LEU C 414 -12.18 -8.19 -30.99
C LEU C 414 -11.29 -6.93 -31.03
N GLY C 415 -9.99 -7.09 -30.86
CA GLY C 415 -9.08 -5.97 -30.79
C GLY C 415 -9.13 -4.99 -31.96
N GLU C 416 -9.29 -5.52 -33.17
CA GLU C 416 -9.30 -4.65 -34.34
C GLU C 416 -10.66 -3.94 -34.49
N TYR C 417 -11.69 -4.45 -33.84
CA TYR C 417 -13.02 -3.92 -34.00
C TYR C 417 -13.39 -2.97 -32.86
N CYS C 418 -12.42 -2.71 -31.98
CA CYS C 418 -12.63 -1.80 -30.86
C CYS C 418 -11.40 -0.94 -30.60
N ARG C 419 -11.53 0.01 -29.68
CA ARG C 419 -10.43 0.90 -29.33
C ARG C 419 -9.49 0.22 -28.33
N SER C 420 -8.32 -0.18 -28.81
CA SER C 420 -7.34 -0.87 -27.97
C SER C 420 -6.59 0.09 -27.06
N VAL C 421 -6.73 -0.12 -25.76
CA VAL C 421 -6.08 0.72 -24.77
C VAL C 421 -5.22 -0.05 -23.79
N ASN C 422 -4.01 0.45 -23.59
CA ASN C 422 -3.16 0.02 -22.50
C ASN C 422 -3.92 0.37 -21.24
N PRO C 423 -4.28 -0.62 -20.44
CA PRO C 423 -5.18 -0.35 -19.32
C PRO C 423 -4.51 0.45 -18.20
N PHE C 424 -3.22 0.73 -18.33
CA PHE C 424 -2.47 1.40 -17.26
C PHE C 424 -2.25 2.87 -17.59
N ASP C 425 -2.30 3.16 -18.88
CA ASP C 425 -2.13 4.52 -19.40
C ASP C 425 -3.47 5.28 -19.31
N LEU C 426 -3.54 6.22 -18.39
CA LEU C 426 -4.78 6.96 -18.18
C LEU C 426 -5.03 8.00 -19.28
N VAL C 427 -3.96 8.66 -19.69
CA VAL C 427 -4.02 9.60 -20.79
C VAL C 427 -4.53 8.93 -22.10
N GLU C 428 -4.00 7.74 -22.40
CA GLU C 428 -4.43 7.03 -23.62
C GLU C 428 -5.92 6.69 -23.56
N GLN C 429 -6.34 6.17 -22.41
CA GLN C 429 -7.73 5.77 -22.24
C GLN C 429 -8.67 6.98 -22.36
N ALA C 430 -8.19 8.14 -21.93
CA ALA C 430 -8.99 9.35 -21.92
C ALA C 430 -9.16 9.89 -23.34
N GLU C 431 -8.05 9.88 -24.10
CA GLU C 431 -8.08 10.25 -25.51
C GLU C 431 -9.05 9.34 -26.26
N ALA C 432 -9.19 8.10 -25.79
CA ALA C 432 -10.06 7.11 -26.39
C ALA C 432 -11.52 7.35 -26.04
N ILE C 433 -11.78 7.80 -24.81
CA ILE C 433 -13.14 8.17 -24.40
C ILE C 433 -13.64 9.36 -25.22
N SER C 434 -12.76 10.33 -25.44
CA SER C 434 -13.05 11.50 -26.26
C SER C 434 -13.36 11.10 -27.70
N ALA C 435 -12.39 10.44 -28.33
CA ALA C 435 -12.52 10.06 -29.73
C ALA C 435 -13.78 9.28 -29.99
N ALA C 436 -14.22 8.47 -29.03
CA ALA C 436 -15.35 7.61 -29.25
C ALA C 436 -16.62 8.41 -29.14
N LEU C 437 -16.57 9.45 -28.32
CA LEU C 437 -17.75 10.27 -28.09
C LEU C 437 -17.85 11.45 -29.05
N ALA C 438 -16.83 11.65 -29.86
CA ALA C 438 -16.81 12.77 -30.77
C ALA C 438 -17.05 12.26 -32.18
N ALA C 439 -17.10 10.94 -32.32
CA ALA C 439 -17.30 10.31 -33.61
C ALA C 439 -18.76 10.43 -34.01
N GLY C 440 -19.01 10.60 -35.31
CA GLY C 440 -20.36 10.79 -35.80
C GLY C 440 -21.07 9.45 -35.96
N PRO C 441 -22.39 9.48 -36.03
CA PRO C 441 -23.18 8.25 -36.14
C PRO C 441 -22.68 7.31 -37.24
N ARG C 442 -22.34 7.87 -38.40
CA ARG C 442 -21.89 7.07 -39.53
C ARG C 442 -20.77 6.12 -39.11
N GLN C 443 -19.63 6.68 -38.71
CA GLN C 443 -18.49 5.89 -38.28
C GLN C 443 -18.89 4.84 -37.25
N ARG C 444 -19.77 5.23 -36.34
CA ARG C 444 -20.19 4.35 -35.26
C ARG C 444 -21.02 3.18 -35.76
N ALA C 445 -22.01 3.47 -36.58
CA ALA C 445 -22.88 2.44 -37.15
C ALA C 445 -22.07 1.38 -37.89
N GLU C 446 -21.14 1.85 -38.71
CA GLU C 446 -20.21 1.00 -39.47
C GLU C 446 -19.34 0.12 -38.54
N ALA C 447 -18.74 0.73 -37.54
CA ALA C 447 -17.86 0.01 -36.63
C ALA C 447 -18.62 -0.95 -35.75
N ALA C 448 -19.79 -0.52 -35.30
CA ALA C 448 -20.63 -1.36 -34.45
C ALA C 448 -21.10 -2.60 -35.19
N ALA C 449 -21.34 -2.43 -36.48
CA ALA C 449 -21.84 -3.53 -37.28
C ALA C 449 -20.73 -4.51 -37.60
N ARG C 450 -19.53 -4.01 -37.93
CA ARG C 450 -18.40 -4.89 -38.19
C ARG C 450 -18.06 -5.67 -36.92
N ARG C 451 -18.34 -5.04 -35.79
CA ARG C 451 -18.03 -5.59 -34.47
C ARG C 451 -18.98 -6.73 -34.10
N ARG C 452 -20.28 -6.47 -34.21
CA ARG C 452 -21.29 -7.51 -33.97
C ARG C 452 -21.02 -8.73 -34.86
N ASP C 453 -20.55 -8.48 -36.08
CA ASP C 453 -20.21 -9.55 -37.00
C ASP C 453 -19.03 -10.37 -36.46
N ALA C 454 -18.00 -9.69 -35.97
CA ALA C 454 -16.85 -10.39 -35.38
C ALA C 454 -17.17 -11.16 -34.09
N ALA C 455 -18.22 -10.72 -33.38
CA ALA C 455 -18.60 -11.31 -32.10
C ALA C 455 -19.47 -12.55 -32.25
N ARG C 456 -20.41 -12.51 -33.18
CA ARG C 456 -21.40 -13.58 -33.39
C ARG C 456 -20.87 -15.04 -33.52
N PRO C 457 -19.81 -15.29 -34.31
CA PRO C 457 -19.29 -16.67 -34.53
C PRO C 457 -18.90 -17.44 -33.29
N TRP C 458 -18.63 -16.72 -32.19
CA TRP C 458 -17.99 -17.32 -31.03
C TRP C 458 -18.98 -17.66 -29.94
N THR C 459 -19.95 -18.48 -30.30
CA THR C 459 -20.98 -18.90 -29.39
C THR C 459 -20.41 -19.96 -28.43
N LEU C 460 -21.16 -20.27 -27.38
CA LEU C 460 -20.82 -21.28 -26.41
C LEU C 460 -20.76 -22.66 -27.06
N GLU C 461 -21.81 -22.97 -27.80
CA GLU C 461 -21.92 -24.24 -28.48
C GLU C 461 -20.73 -24.50 -29.40
N ALA C 462 -20.33 -23.49 -30.17
CA ALA C 462 -19.14 -23.59 -31.02
C ALA C 462 -17.92 -23.99 -30.20
N TRP C 463 -17.83 -23.40 -29.03
CA TRP C 463 -16.70 -23.61 -28.12
C TRP C 463 -16.68 -25.02 -27.54
N VAL C 464 -17.82 -25.48 -27.02
CA VAL C 464 -17.98 -26.84 -26.54
C VAL C 464 -17.57 -27.80 -27.65
N GLN C 465 -17.97 -27.47 -28.88
CA GLN C 465 -17.56 -28.25 -30.04
C GLN C 465 -16.04 -28.22 -30.17
N ALA C 466 -15.48 -27.02 -30.10
CA ALA C 466 -14.05 -26.83 -30.28
C ALA C 466 -13.21 -27.69 -29.31
N GLN C 467 -13.72 -27.84 -28.10
CA GLN C 467 -13.10 -28.67 -27.08
C GLN C 467 -13.03 -30.11 -27.56
N LEU C 468 -14.20 -30.66 -27.86
CA LEU C 468 -14.33 -32.07 -28.22
C LEU C 468 -13.50 -32.41 -29.44
N ASP C 469 -13.58 -31.56 -30.46
CA ASP C 469 -12.80 -31.77 -31.68
C ASP C 469 -11.29 -31.77 -31.41
N GLY C 470 -10.82 -30.80 -30.64
CA GLY C 470 -9.41 -30.68 -30.34
C GLY C 470 -8.89 -31.86 -29.55
N LEU C 471 -9.63 -32.21 -28.49
CA LEU C 471 -9.22 -33.30 -27.60
C LEU C 471 -9.11 -34.59 -28.36
N ALA C 472 -10.12 -34.88 -29.16
CA ALA C 472 -10.14 -36.09 -29.99
C ALA C 472 -8.97 -36.09 -30.96
N ALA C 473 -8.77 -34.96 -31.64
CA ALA C 473 -7.69 -34.85 -32.59
C ALA C 473 -6.33 -35.10 -31.91
N ASP C 474 -6.24 -34.69 -30.65
CA ASP C 474 -5.00 -34.89 -29.88
C ASP C 474 -4.92 -36.27 -29.25
N HIS C 475 -6.08 -36.91 -29.08
CA HIS C 475 -6.12 -38.28 -28.60
C HIS C 475 -5.61 -39.22 -29.70
N ALA C 476 -5.98 -38.89 -30.93
CA ALA C 476 -5.60 -39.69 -32.09
C ALA C 476 -4.12 -39.58 -32.36
N ALA C 477 -3.59 -38.39 -32.15
CA ALA C 477 -2.21 -38.09 -32.48
C ALA C 477 -1.22 -38.59 -31.43
N ARG C 478 -1.76 -39.10 -30.32
CA ARG C 478 -0.99 -39.33 -29.09
C ARG C 478 0.21 -40.28 -29.18
N THR C 479 0.55 -40.72 -30.38
CA THR C 479 1.65 -41.66 -30.51
C THR C 479 2.85 -41.06 -31.25
N ALA C 480 3.89 -40.82 -30.46
CA ALA C 480 5.22 -40.38 -30.91
C ALA C 480 6.06 -40.02 -29.68
N SER D 4 -27.65 51.62 -2.77
CA SER D 4 -26.87 51.41 -3.99
C SER D 4 -27.23 50.08 -4.64
N GLU D 5 -27.21 50.04 -5.97
CA GLU D 5 -27.35 48.79 -6.71
C GLU D 5 -26.00 48.22 -7.15
N ILE D 6 -25.63 47.09 -6.58
CA ILE D 6 -24.26 46.62 -6.74
C ILE D 6 -24.11 45.37 -7.60
N PHE D 7 -23.19 45.46 -8.54
CA PHE D 7 -22.88 44.36 -9.44
C PHE D 7 -21.43 43.91 -9.29
N LEU D 8 -21.28 42.80 -8.56
CA LEU D 8 -20.01 42.17 -8.28
C LEU D 8 -19.68 41.15 -9.33
N ALA D 9 -18.49 41.26 -9.93
CA ALA D 9 -18.00 40.23 -10.84
C ALA D 9 -16.70 39.61 -10.34
N SER D 10 -16.63 38.28 -10.42
CA SER D 10 -15.40 37.52 -10.06
C SER D 10 -15.33 36.19 -10.81
N LYS D 11 -14.18 35.52 -10.73
CA LYS D 11 -13.92 34.26 -11.44
C LYS D 11 -14.98 33.20 -11.19
N ARG D 12 -15.30 32.95 -9.93
CA ARG D 12 -16.37 32.01 -9.60
C ARG D 12 -17.12 32.40 -8.34
N ALA D 13 -18.33 31.88 -8.18
CA ALA D 13 -19.12 32.17 -6.99
C ALA D 13 -19.33 30.87 -6.23
N ALA D 14 -18.94 30.87 -4.96
CA ALA D 14 -18.92 29.66 -4.16
C ALA D 14 -20.29 29.06 -3.90
N ILE D 15 -20.74 28.17 -4.77
CA ILE D 15 -22.07 27.58 -4.65
C ILE D 15 -22.01 26.06 -4.43
N THR D 16 -22.74 25.55 -3.45
CA THR D 16 -22.83 24.10 -3.29
C THR D 16 -24.19 23.58 -3.77
N TYR D 17 -24.21 22.33 -4.22
CA TYR D 17 -25.44 21.70 -4.70
C TYR D 17 -25.71 20.40 -3.96
N ASP D 18 -26.56 20.45 -2.94
CA ASP D 18 -26.88 19.28 -2.15
C ASP D 18 -28.36 18.90 -2.31
N THR D 19 -28.90 18.21 -1.30
CA THR D 19 -30.28 17.78 -1.32
C THR D 19 -31.07 18.43 -0.18
N PRO D 26 -33.84 18.38 -4.47
CA PRO D 26 -32.55 19.00 -4.80
C PRO D 26 -32.38 20.34 -4.09
N ARG D 27 -31.37 21.10 -4.49
CA ARG D 27 -31.12 22.41 -3.90
C ARG D 27 -29.77 22.99 -4.32
N ALA D 28 -29.66 24.30 -4.26
CA ALA D 28 -28.43 24.99 -4.59
C ALA D 28 -28.31 26.26 -3.75
N TRP D 29 -27.43 26.24 -2.76
CA TRP D 29 -27.29 27.36 -1.85
C TRP D 29 -25.92 27.96 -1.91
N LEU D 30 -25.84 29.25 -1.64
CA LEU D 30 -24.57 29.97 -1.68
C LEU D 30 -23.81 29.82 -0.37
N ALA D 31 -22.74 29.03 -0.39
CA ALA D 31 -21.89 28.85 0.77
C ALA D 31 -21.55 30.21 1.37
N PRO D 32 -21.59 30.31 2.72
CA PRO D 32 -21.40 31.60 3.39
C PRO D 32 -19.94 32.01 3.34
N GLY D 33 -19.67 33.29 3.51
CA GLY D 33 -18.30 33.75 3.49
C GLY D 33 -17.77 34.19 2.14
N GLY D 34 -18.44 33.80 1.04
CA GLY D 34 -18.17 34.34 -0.28
C GLY D 34 -18.14 35.87 -0.23
N THR D 35 -17.38 36.48 -1.14
CA THR D 35 -17.23 37.92 -1.11
C THR D 35 -18.60 38.55 -1.31
N GLY D 36 -19.40 37.93 -2.16
CA GLY D 36 -20.74 38.42 -2.45
C GLY D 36 -21.62 38.59 -1.24
N ASN D 37 -21.67 37.58 -0.38
CA ASN D 37 -22.57 37.58 0.75
C ASN D 37 -22.26 38.74 1.68
N VAL D 38 -20.98 39.01 1.85
CA VAL D 38 -20.53 40.10 2.71
C VAL D 38 -20.93 41.49 2.20
N VAL D 39 -21.01 41.63 0.88
CA VAL D 39 -21.37 42.90 0.28
C VAL D 39 -22.86 43.14 0.45
N ALA D 40 -23.64 42.07 0.40
CA ALA D 40 -25.05 42.15 0.68
C ALA D 40 -25.30 42.72 2.07
N GLU D 41 -24.48 42.32 3.03
CA GLU D 41 -24.67 42.67 4.42
C GLU D 41 -24.30 44.11 4.78
N GLN D 42 -23.72 44.82 3.81
CA GLN D 42 -23.24 46.20 3.96
C GLN D 42 -24.32 47.30 3.99
N ALA D 43 -23.95 48.48 4.49
CA ALA D 43 -24.89 49.57 4.71
C ALA D 43 -25.74 50.21 3.62
N GLY D 44 -25.18 50.87 2.64
CA GLY D 44 -26.08 51.52 1.72
C GLY D 44 -26.80 50.54 0.78
N VAL D 45 -26.24 49.35 0.68
CA VAL D 45 -26.58 48.46 -0.41
C VAL D 45 -28.06 48.17 -0.40
N LEU D 46 -28.65 48.24 -1.58
CA LEU D 46 -30.07 47.95 -1.77
C LEU D 46 -30.28 46.52 -2.24
N ASN D 47 -29.60 46.18 -3.33
CA ASN D 47 -29.61 44.81 -3.86
C ASN D 47 -28.28 44.54 -4.54
N ILE D 48 -27.91 43.28 -4.63
CA ILE D 48 -26.61 42.90 -5.18
C ILE D 48 -26.71 41.73 -6.13
N SER D 49 -26.18 41.91 -7.33
CA SER D 49 -26.11 40.81 -8.30
C SER D 49 -24.64 40.43 -8.51
N TRP D 50 -24.38 39.14 -8.61
CA TRP D 50 -23.02 38.58 -8.73
C TRP D 50 -22.84 37.84 -10.07
N ILE D 51 -21.85 38.25 -10.85
CA ILE D 51 -21.58 37.57 -12.10
C ILE D 51 -20.26 36.80 -12.07
N ALA D 52 -20.29 35.54 -12.46
CA ALA D 52 -19.13 34.64 -12.40
C ALA D 52 -19.18 33.51 -13.46
N SER D 53 -18.06 32.83 -13.62
CA SER D 53 -17.98 31.74 -14.60
C SER D 53 -18.65 30.46 -14.09
N ALA D 54 -19.40 29.82 -14.95
CA ALA D 54 -19.87 28.46 -14.71
C ALA D 54 -18.68 27.49 -14.88
N ASP D 55 -18.54 26.55 -13.95
CA ASP D 55 -17.45 25.61 -14.00
C ASP D 55 -17.72 24.21 -13.44
N SER D 56 -18.89 23.66 -13.72
CA SER D 56 -19.23 22.28 -13.38
C SER D 56 -20.53 21.94 -14.06
N GLU D 57 -20.89 20.67 -14.10
CA GLU D 57 -22.16 20.31 -14.70
C GLU D 57 -23.31 20.86 -13.86
N ASP D 58 -23.00 21.23 -12.62
CA ASP D 58 -23.99 21.88 -11.77
C ASP D 58 -24.14 23.33 -12.18
N ASP D 59 -23.00 24.00 -12.35
CA ASP D 59 -22.99 25.40 -12.74
C ASP D 59 -23.59 25.64 -14.13
N ARG D 60 -23.19 24.80 -15.07
CA ARG D 60 -23.66 24.88 -16.45
C ARG D 60 -25.16 24.62 -16.56
N ARG D 61 -25.63 23.61 -15.82
CA ARG D 61 -27.05 23.24 -15.86
C ARG D 61 -27.97 24.27 -15.16
N ALA D 62 -27.43 24.95 -14.16
CA ALA D 62 -28.18 25.98 -13.46
C ALA D 62 -28.26 27.21 -14.34
N SER D 63 -27.17 27.50 -15.03
CA SER D 63 -27.14 28.65 -15.91
C SER D 63 -28.17 28.49 -17.03
N ALA D 64 -28.32 27.26 -17.48
CA ALA D 64 -29.22 26.92 -18.57
C ALA D 64 -30.66 27.04 -18.11
N LEU D 65 -30.87 26.81 -16.82
CA LEU D 65 -32.19 26.87 -16.22
C LEU D 65 -32.66 28.30 -16.02
N ASN D 66 -31.75 29.17 -15.62
CA ASN D 66 -32.06 30.58 -15.40
C ASN D 66 -31.03 31.51 -16.03
N PRO D 67 -30.97 31.54 -17.37
CA PRO D 67 -29.93 32.28 -18.10
C PRO D 67 -29.69 33.74 -17.69
N ASP D 68 -30.62 34.36 -16.97
CA ASP D 68 -30.46 35.77 -16.71
C ASP D 68 -30.18 36.03 -15.25
N GLY D 69 -30.00 34.92 -14.53
CA GLY D 69 -29.71 34.97 -13.11
C GLY D 69 -30.70 34.15 -12.33
N VAL D 70 -30.37 33.90 -11.07
CA VAL D 70 -31.26 33.23 -10.14
C VAL D 70 -31.04 33.88 -8.79
N THR D 71 -32.04 33.81 -7.92
CA THR D 71 -31.91 34.42 -6.61
C THR D 71 -31.71 33.36 -5.55
N MET D 72 -30.63 33.48 -4.79
CA MET D 72 -30.35 32.56 -3.71
C MET D 72 -30.53 33.29 -2.40
N GLU D 73 -31.40 32.75 -1.53
CA GLU D 73 -31.66 33.39 -0.26
C GLU D 73 -30.46 33.32 0.66
N LEU D 74 -30.17 34.42 1.33
CA LEU D 74 -29.17 34.46 2.38
C LEU D 74 -29.82 34.49 3.75
N HIS D 75 -28.99 34.38 4.78
CA HIS D 75 -29.42 34.70 6.13
C HIS D 75 -29.69 36.19 6.19
N SER D 76 -30.21 36.66 7.32
CA SER D 76 -30.59 38.07 7.49
C SER D 76 -31.68 38.51 6.50
N GLY D 77 -32.28 37.53 5.83
CA GLY D 77 -33.39 37.76 4.92
C GLY D 77 -32.99 38.39 3.61
N ARG D 78 -31.68 38.54 3.41
CA ARG D 78 -31.17 39.16 2.21
C ARG D 78 -31.10 38.14 1.10
N GLU D 79 -31.18 38.63 -0.13
CA GLU D 79 -31.08 37.78 -1.29
C GLU D 79 -30.04 38.40 -2.21
N ILE D 80 -29.45 37.56 -3.05
CA ILE D 80 -28.49 38.02 -4.05
C ILE D 80 -28.81 37.37 -5.38
N LEU D 81 -28.62 38.10 -6.46
CA LEU D 81 -28.82 37.54 -7.79
C LEU D 81 -27.49 36.94 -8.27
N VAL D 82 -27.51 35.69 -8.71
CA VAL D 82 -26.26 35.03 -9.11
C VAL D 82 -26.33 34.55 -10.55
N ARG D 83 -25.52 35.17 -11.39
CA ARG D 83 -25.57 34.91 -12.82
C ARG D 83 -24.28 34.25 -13.28
N LEU D 84 -24.38 32.96 -13.62
CA LEU D 84 -23.22 32.20 -14.08
C LEU D 84 -23.07 32.26 -15.58
N ILE D 85 -21.87 32.57 -16.06
CA ILE D 85 -21.63 32.67 -17.49
C ILE D 85 -21.16 31.33 -18.06
N ARG D 86 -21.79 30.85 -19.13
CA ARG D 86 -21.30 29.65 -19.80
C ARG D 86 -20.46 30.07 -20.97
N HIS D 87 -19.13 30.07 -20.79
CA HIS D 87 -18.21 30.45 -21.86
C HIS D 87 -18.10 29.32 -22.86
N ASP D 88 -17.61 29.64 -24.06
CA ASP D 88 -17.17 28.59 -24.97
C ASP D 88 -16.03 27.83 -24.31
N PRO D 89 -16.17 26.50 -24.16
CA PRO D 89 -15.25 25.67 -23.37
C PRO D 89 -13.80 25.80 -23.81
N ALA D 90 -13.58 25.89 -25.11
CA ALA D 90 -12.22 26.02 -25.64
C ALA D 90 -11.63 27.37 -25.30
N VAL D 91 -12.47 28.41 -25.24
CA VAL D 91 -12.02 29.72 -24.80
C VAL D 91 -11.65 29.66 -23.31
N PHE D 92 -12.50 29.01 -22.53
CA PHE D 92 -12.33 28.86 -21.10
C PHE D 92 -11.03 28.08 -20.81
N ARG D 93 -10.86 26.94 -21.48
CA ARG D 93 -9.65 26.13 -21.32
C ARG D 93 -8.36 26.89 -21.60
N ASN D 94 -8.29 27.56 -22.75
CA ASN D 94 -7.07 28.29 -23.09
C ASN D 94 -6.80 29.48 -22.19
N VAL D 95 -7.86 30.04 -21.60
CA VAL D 95 -7.70 31.22 -20.74
C VAL D 95 -7.16 30.79 -19.40
N GLN D 96 -7.59 29.61 -18.95
CA GLN D 96 -7.09 29.01 -17.73
C GLN D 96 -5.59 28.78 -17.88
N ASN D 97 -5.19 28.26 -19.04
CA ASN D 97 -3.79 27.93 -19.29
C ASN D 97 -2.94 29.16 -19.32
N PHE D 98 -3.47 30.15 -20.06
CA PHE D 98 -2.91 31.48 -20.20
C PHE D 98 -2.73 32.14 -18.85
N MET D 99 -3.55 31.79 -17.88
CA MET D 99 -3.39 32.35 -16.53
C MET D 99 -2.39 31.58 -15.64
N THR D 100 -1.98 30.39 -16.07
CA THR D 100 -1.02 29.61 -15.28
C THR D 100 0.42 30.08 -15.47
N ALA D 101 1.34 29.30 -14.90
CA ALA D 101 2.76 29.62 -14.84
C ALA D 101 3.35 29.68 -16.24
N ASN D 102 2.64 29.09 -17.20
CA ASN D 102 3.12 29.05 -18.57
C ASN D 102 3.28 30.46 -19.13
N LEU D 103 2.35 31.34 -18.82
CA LEU D 103 2.45 32.73 -19.28
C LEU D 103 2.12 33.79 -18.22
N MET D 104 0.86 33.88 -17.84
CA MET D 104 0.37 34.93 -16.95
C MET D 104 0.88 34.91 -15.50
N TRP D 105 0.94 33.72 -14.91
CA TRP D 105 1.34 33.60 -13.50
C TRP D 105 2.78 33.99 -13.33
N ALA D 106 3.59 33.72 -14.35
CA ALA D 106 5.00 34.10 -14.34
C ALA D 106 5.19 35.60 -14.50
N ALA D 107 4.22 36.25 -15.13
CA ALA D 107 4.35 37.68 -15.35
C ALA D 107 4.14 38.49 -14.06
N ASN D 108 3.29 37.98 -13.19
CA ASN D 108 2.92 38.74 -12.01
C ASN D 108 3.51 38.19 -10.73
N ASN D 109 4.04 36.98 -10.80
CA ASN D 109 4.64 36.39 -9.63
C ASN D 109 6.11 36.07 -9.84
N TYR D 110 6.73 36.79 -10.76
CA TYR D 110 8.19 36.85 -10.88
C TYR D 110 8.93 35.55 -11.22
N GLY D 111 8.36 34.69 -12.06
CA GLY D 111 9.01 33.44 -12.45
C GLY D 111 10.05 33.33 -13.58
N TRP D 112 10.44 34.43 -14.23
CA TRP D 112 11.28 34.36 -15.44
C TRP D 112 12.69 34.89 -15.19
N ASP D 113 13.69 34.21 -15.75
CA ASP D 113 15.08 34.63 -15.54
C ASP D 113 15.59 35.52 -16.67
N ARG D 114 14.75 35.74 -17.67
CA ARG D 114 15.05 36.63 -18.80
C ARG D 114 16.16 36.09 -19.74
N TRP D 115 17.22 35.52 -19.15
CA TRP D 115 18.27 34.93 -19.97
C TRP D 115 17.84 33.69 -20.76
N THR D 116 16.93 32.89 -20.22
CA THR D 116 16.57 31.67 -20.89
C THR D 116 15.06 31.51 -21.05
N GLN D 117 14.28 32.05 -20.12
CA GLN D 117 12.83 32.12 -20.30
C GLN D 117 12.42 33.56 -20.03
N PRO D 118 11.41 34.09 -20.71
CA PRO D 118 10.48 33.44 -21.64
C PRO D 118 10.84 33.71 -23.08
N SER D 119 10.22 32.98 -24.00
CA SER D 119 10.39 33.23 -25.42
C SER D 119 9.03 33.17 -26.09
N PHE D 120 8.39 34.32 -26.21
CA PHE D 120 7.01 34.35 -26.72
C PHE D 120 6.89 33.95 -28.19
N GLY D 121 5.92 33.08 -28.45
CA GLY D 121 5.58 32.64 -29.79
C GLY D 121 4.17 33.06 -30.19
N SER D 122 3.61 32.32 -31.13
CA SER D 122 2.27 32.59 -31.60
C SER D 122 1.22 32.25 -30.53
N ASP D 123 1.61 31.40 -29.58
CA ASP D 123 0.70 30.95 -28.54
C ASP D 123 0.24 32.10 -27.67
N ALA D 124 1.17 33.00 -27.34
CA ALA D 124 0.82 34.20 -26.60
C ALA D 124 -0.27 34.99 -27.32
N ARG D 125 -0.21 35.04 -28.64
CA ARG D 125 -1.21 35.76 -29.39
C ARG D 125 -2.57 35.07 -29.38
N GLU D 126 -2.57 33.78 -29.63
CA GLU D 126 -3.73 32.95 -29.46
C GLU D 126 -4.36 33.16 -28.09
N GLY D 127 -3.56 32.93 -27.05
CA GLY D 127 -4.00 33.12 -25.69
C GLY D 127 -4.62 34.47 -25.43
N TRP D 128 -3.87 35.51 -25.80
CA TRP D 128 -4.33 36.88 -25.71
C TRP D 128 -5.73 37.04 -26.27
N ALA D 129 -5.99 36.39 -27.42
CA ALA D 129 -7.26 36.57 -28.12
C ALA D 129 -8.39 35.95 -27.33
N ASP D 130 -8.12 34.76 -26.75
CA ASP D 130 -9.09 34.09 -25.90
C ASP D 130 -9.29 34.91 -24.65
N PHE D 131 -8.22 35.53 -24.17
CA PHE D 131 -8.38 36.38 -23.01
C PHE D 131 -9.37 37.49 -23.33
N GLY D 132 -9.26 38.05 -24.54
CA GLY D 132 -10.18 39.06 -25.03
C GLY D 132 -11.62 38.57 -25.16
N ARG D 133 -11.81 37.39 -25.75
CA ARG D 133 -13.15 36.85 -25.89
C ARG D 133 -13.79 36.59 -24.53
N PHE D 134 -12.99 36.07 -23.62
CA PHE D 134 -13.40 35.83 -22.24
C PHE D 134 -13.74 37.13 -21.52
N THR D 135 -12.93 38.17 -21.73
CA THR D 135 -13.17 39.49 -21.16
C THR D 135 -14.55 40.05 -21.58
N ARG D 136 -14.81 39.92 -22.88
CA ARG D 136 -16.06 40.38 -23.47
C ARG D 136 -17.25 39.64 -22.88
N ASP D 137 -17.17 38.30 -22.88
CA ASP D 137 -18.19 37.42 -22.29
C ASP D 137 -18.61 38.00 -20.95
N PHE D 138 -17.62 38.35 -20.13
CA PHE D 138 -17.85 38.94 -18.82
C PHE D 138 -18.50 40.32 -18.87
N ALA D 139 -17.85 41.27 -19.54
CA ALA D 139 -18.40 42.62 -19.73
C ALA D 139 -19.86 42.66 -20.19
N ASP D 140 -20.15 41.88 -21.22
CA ASP D 140 -21.51 41.72 -21.74
C ASP D 140 -22.46 41.29 -20.63
N ALA D 141 -22.10 40.22 -19.91
CA ALA D 141 -22.95 39.71 -18.83
C ALA D 141 -23.21 40.73 -17.72
N ILE D 142 -22.22 41.56 -17.41
CA ILE D 142 -22.35 42.53 -16.32
C ILE D 142 -23.36 43.60 -16.71
N LEU D 143 -23.09 44.24 -17.84
CA LEU D 143 -23.93 45.30 -18.36
C LEU D 143 -25.37 44.83 -18.51
N LYS D 144 -25.52 43.68 -19.15
CA LYS D 144 -26.80 43.10 -19.50
C LYS D 144 -27.70 42.80 -18.31
N SER D 145 -27.14 42.67 -17.12
CA SER D 145 -27.95 42.47 -15.92
C SER D 145 -27.93 43.70 -15.02
N SER D 146 -27.28 44.75 -15.51
CA SER D 146 -27.33 46.07 -14.89
C SER D 146 -27.96 47.00 -15.91
N ALA D 147 -28.74 46.40 -16.79
CA ALA D 147 -29.36 47.17 -17.87
C ALA D 147 -30.44 48.11 -17.34
N GLN D 148 -31.20 47.65 -16.35
CA GLN D 148 -32.35 48.40 -15.89
C GLN D 148 -32.02 49.15 -14.62
N SER D 149 -30.76 49.49 -14.48
CA SER D 149 -30.30 50.17 -13.27
C SER D 149 -29.79 51.56 -13.60
N ALA D 150 -30.13 52.52 -12.74
CA ALA D 150 -29.88 53.92 -13.04
C ALA D 150 -28.47 54.36 -12.66
N ASP D 151 -28.08 54.09 -11.43
CA ASP D 151 -26.73 54.43 -11.00
C ASP D 151 -26.01 53.18 -10.43
N PRO D 152 -25.64 52.23 -11.32
CA PRO D 152 -25.10 50.94 -10.86
C PRO D 152 -23.66 51.04 -10.40
N VAL D 153 -23.36 50.42 -9.27
CA VAL D 153 -22.00 50.31 -8.74
C VAL D 153 -21.37 48.99 -9.18
N TYR D 154 -20.23 49.09 -9.87
CA TYR D 154 -19.53 47.90 -10.38
C TYR D 154 -18.27 47.52 -9.57
N LEU D 155 -18.33 46.35 -8.93
CA LEU D 155 -17.18 45.74 -8.25
C LEU D 155 -16.61 44.62 -9.10
N VAL D 156 -15.40 44.81 -9.61
CA VAL D 156 -14.71 43.78 -10.41
C VAL D 156 -13.52 43.19 -9.67
N HIS D 157 -13.62 41.89 -9.36
CA HIS D 157 -12.58 41.08 -8.68
C HIS D 157 -11.87 40.03 -9.55
N ASP D 158 -10.60 39.80 -9.21
CA ASP D 158 -9.73 38.73 -9.78
C ASP D 158 -8.93 39.19 -11.00
N TYR D 159 -7.83 38.50 -11.27
CA TYR D 159 -6.91 38.96 -12.30
C TYR D 159 -7.45 38.73 -13.71
N GLN D 160 -8.23 37.66 -13.88
CA GLN D 160 -8.78 37.30 -15.19
C GLN D 160 -9.86 38.27 -15.65
N LEU D 161 -10.33 39.12 -14.75
CA LEU D 161 -11.40 40.07 -15.08
C LEU D 161 -10.83 41.46 -15.34
N VAL D 162 -9.54 41.52 -15.66
CA VAL D 162 -8.73 42.70 -15.39
C VAL D 162 -8.86 43.70 -16.53
N GLY D 163 -9.26 43.22 -17.70
CA GLY D 163 -9.53 44.09 -18.82
C GLY D 163 -11.00 44.45 -18.93
N VAL D 164 -11.72 44.31 -17.83
CA VAL D 164 -13.18 44.36 -17.85
C VAL D 164 -13.68 45.79 -17.64
N PRO D 165 -12.97 46.56 -16.82
CA PRO D 165 -13.29 47.98 -16.65
C PRO D 165 -13.41 48.81 -17.92
N ALA D 166 -12.51 48.66 -18.89
CA ALA D 166 -12.60 49.46 -20.12
C ALA D 166 -13.94 49.22 -20.85
N LEU D 167 -14.34 47.96 -20.93
CA LEU D 167 -15.59 47.58 -21.58
C LEU D 167 -16.81 48.15 -20.85
N LEU D 168 -16.76 48.12 -19.53
CA LEU D 168 -17.83 48.67 -18.70
C LEU D 168 -17.91 50.18 -18.87
N ARG D 169 -16.75 50.82 -18.93
CA ARG D 169 -16.66 52.27 -19.01
C ARG D 169 -17.31 52.82 -20.28
N GLU D 170 -17.10 52.14 -21.40
CA GLU D 170 -17.66 52.61 -22.66
C GLU D 170 -19.18 52.73 -22.59
N GLN D 171 -19.81 51.76 -21.96
CA GLN D 171 -21.27 51.76 -21.83
C GLN D 171 -21.78 52.44 -20.56
N ARG D 172 -20.87 52.87 -19.69
CA ARG D 172 -21.28 53.47 -18.43
C ARG D 172 -20.24 54.50 -18.02
N PRO D 173 -20.10 55.54 -18.83
CA PRO D 173 -19.00 56.50 -18.71
C PRO D 173 -19.03 57.24 -17.39
N ASP D 174 -20.14 57.15 -16.67
CA ASP D 174 -20.29 57.87 -15.40
C ASP D 174 -20.41 56.96 -14.19
N ALA D 175 -20.37 55.64 -14.40
CA ALA D 175 -20.59 54.69 -13.32
C ALA D 175 -19.33 54.50 -12.47
N PRO D 176 -19.50 54.31 -11.15
CA PRO D 176 -18.34 53.98 -10.31
C PRO D 176 -17.90 52.51 -10.49
N ILE D 177 -16.62 52.34 -10.87
CA ILE D 177 -16.05 51.02 -11.12
C ILE D 177 -14.80 50.77 -10.27
N LEU D 178 -14.88 49.79 -9.38
CA LEU D 178 -13.67 49.30 -8.68
C LEU D 178 -13.16 47.97 -9.27
N LEU D 179 -11.88 47.96 -9.64
CA LEU D 179 -11.21 46.71 -10.02
C LEU D 179 -10.23 46.28 -8.92
N PHE D 180 -10.40 45.06 -8.41
CA PHE D 180 -9.44 44.52 -7.43
C PHE D 180 -8.52 43.41 -7.99
N VAL D 181 -7.21 43.58 -7.78
CA VAL D 181 -6.19 42.61 -8.20
C VAL D 181 -5.57 41.90 -7.00
N HIS D 182 -5.71 40.57 -6.97
CA HIS D 182 -5.27 39.78 -5.82
C HIS D 182 -3.86 39.26 -5.89
N ILE D 183 -3.12 39.60 -6.94
CA ILE D 183 -1.75 39.14 -7.08
C ILE D 183 -0.77 40.32 -7.17
N PRO D 184 0.54 40.05 -7.09
CA PRO D 184 1.43 41.21 -7.18
C PRO D 184 1.38 41.92 -8.51
N TRP D 185 1.79 43.19 -8.48
CA TRP D 185 2.11 43.87 -9.70
C TRP D 185 3.59 44.06 -9.79
N PRO D 186 4.19 43.47 -10.82
CA PRO D 186 5.65 43.38 -10.98
C PRO D 186 6.25 44.72 -11.31
N SER D 187 7.57 44.85 -11.14
CA SER D 187 8.28 46.05 -11.52
C SER D 187 8.10 46.37 -13.00
N ALA D 188 8.26 47.66 -13.32
CA ALA D 188 8.12 48.12 -14.69
C ALA D 188 9.00 47.35 -15.70
N ASP D 189 10.27 47.17 -15.37
CA ASP D 189 11.21 46.45 -16.25
C ASP D 189 10.79 45.01 -16.47
N TYR D 190 10.20 44.42 -15.43
CA TYR D 190 9.70 43.05 -15.51
C TYR D 190 8.38 42.95 -16.32
N TRP D 191 7.49 43.93 -16.12
CA TRP D 191 6.19 43.96 -16.82
C TRP D 191 6.40 44.06 -18.34
N ARG D 192 7.35 44.90 -18.74
CA ARG D 192 7.87 45.00 -20.10
C ARG D 192 8.25 43.68 -20.78
N ILE D 193 8.60 42.65 -20.02
CA ILE D 193 8.96 41.36 -20.61
C ILE D 193 7.85 40.86 -21.50
N LEU D 194 6.61 41.12 -21.07
CA LEU D 194 5.42 40.76 -21.85
C LEU D 194 5.47 41.34 -23.25
N PRO D 195 4.95 40.58 -24.22
CA PRO D 195 4.85 41.05 -25.61
C PRO D 195 3.99 42.32 -25.74
N LYS D 196 4.37 43.24 -26.62
CA LYS D 196 3.80 44.59 -26.68
C LYS D 196 2.29 44.72 -26.57
N GLU D 197 1.54 43.93 -27.32
CA GLU D 197 0.07 44.06 -27.24
C GLU D 197 -0.53 43.72 -25.86
N ILE D 198 0.11 42.81 -25.13
CA ILE D 198 -0.39 42.33 -23.84
C ILE D 198 -0.03 43.31 -22.74
N ARG D 199 1.23 43.73 -22.69
CA ARG D 199 1.66 44.67 -21.66
C ARG D 199 0.93 46.03 -21.71
N THR D 200 0.73 46.59 -22.89
CA THR D 200 -0.13 47.78 -22.96
C THR D 200 -1.63 47.44 -22.86
N GLY D 201 -2.05 46.43 -23.63
CA GLY D 201 -3.43 45.93 -23.60
C GLY D 201 -4.03 45.87 -22.20
N ILE D 202 -3.43 45.05 -21.32
CA ILE D 202 -3.86 44.93 -19.93
C ILE D 202 -4.10 46.30 -19.28
N LEU D 203 -3.12 47.20 -19.40
CA LEU D 203 -3.20 48.51 -18.75
C LEU D 203 -4.37 49.34 -19.26
N HIS D 204 -4.62 49.22 -20.58
CA HIS D 204 -5.76 49.86 -21.25
C HIS D 204 -7.09 49.44 -20.66
N GLY D 205 -7.25 48.15 -20.41
CA GLY D 205 -8.48 47.61 -19.84
C GLY D 205 -8.69 47.96 -18.37
N MET D 206 -7.60 48.28 -17.67
CA MET D 206 -7.65 48.56 -16.24
C MET D 206 -7.98 50.03 -15.93
N LEU D 207 -7.16 50.94 -16.45
CA LEU D 207 -7.27 52.35 -16.11
C LEU D 207 -8.67 52.99 -16.07
N PRO D 208 -9.53 52.68 -17.05
CA PRO D 208 -10.94 53.13 -17.00
C PRO D 208 -11.71 52.90 -15.68
N ALA D 209 -11.12 52.16 -14.74
CA ALA D 209 -11.77 52.00 -13.46
C ALA D 209 -11.71 53.32 -12.70
N THR D 210 -12.62 53.49 -11.76
CA THR D 210 -12.54 54.63 -10.85
C THR D 210 -11.44 54.38 -9.84
N THR D 211 -11.53 53.24 -9.17
CA THR D 211 -10.44 52.81 -8.29
C THR D 211 -9.87 51.43 -8.65
N ILE D 212 -8.55 51.36 -8.63
CA ILE D 212 -7.85 50.10 -8.78
C ILE D 212 -7.19 49.81 -7.44
N GLY D 213 -7.49 48.64 -6.88
CA GLY D 213 -6.92 48.25 -5.61
C GLY D 213 -6.03 47.01 -5.60
N PHE D 214 -4.96 47.08 -4.82
CA PHE D 214 -4.11 45.93 -4.57
C PHE D 214 -4.03 45.64 -3.07
N PHE D 215 -3.33 44.58 -2.71
CA PHE D 215 -3.19 44.19 -1.30
C PHE D 215 -2.06 44.91 -0.56
N ALA D 216 -1.09 45.42 -1.32
CA ALA D 216 0.06 46.13 -0.75
C ALA D 216 0.48 47.37 -1.52
N ASP D 217 1.17 48.27 -0.82
CA ASP D 217 1.70 49.50 -1.41
C ASP D 217 2.63 49.24 -2.59
N ARG D 218 3.52 48.27 -2.41
CA ARG D 218 4.55 47.98 -3.40
C ARG D 218 3.90 47.66 -4.72
N TRP D 219 2.80 46.93 -4.64
CA TRP D 219 2.03 46.66 -5.84
C TRP D 219 1.50 47.92 -6.55
N CYS D 220 0.81 48.80 -5.83
CA CYS D 220 0.36 50.06 -6.44
C CYS D 220 1.52 50.84 -7.05
N ARG D 221 2.61 50.96 -6.31
CA ARG D 221 3.77 51.68 -6.81
C ARG D 221 4.28 51.08 -8.12
N ASN D 222 4.47 49.77 -8.13
CA ASN D 222 4.93 49.06 -9.31
C ASN D 222 4.02 49.24 -10.53
N PHE D 223 2.71 49.30 -10.28
CA PHE D 223 1.72 49.56 -11.33
C PHE D 223 1.89 50.99 -11.87
N LEU D 224 1.93 51.97 -10.98
CA LEU D 224 2.18 53.34 -11.38
C LEU D 224 3.45 53.45 -12.22
N GLU D 225 4.48 52.69 -11.86
CA GLU D 225 5.75 52.76 -12.57
C GLU D 225 5.64 52.12 -13.95
N SER D 226 4.78 51.11 -14.05
CA SER D 226 4.51 50.45 -15.33
C SER D 226 3.80 51.40 -16.25
N VAL D 227 2.71 51.96 -15.75
CA VAL D 227 1.89 52.91 -16.48
C VAL D 227 2.79 53.99 -17.06
N ALA D 228 3.57 54.60 -16.17
CA ALA D 228 4.42 55.71 -16.55
C ALA D 228 5.44 55.30 -17.62
N ASP D 229 5.84 54.03 -17.60
CA ASP D 229 6.89 53.55 -18.48
C ASP D 229 6.33 53.23 -19.86
N LEU D 230 5.08 52.82 -19.88
CA LEU D 230 4.50 52.25 -21.09
C LEU D 230 3.49 53.12 -21.84
N LEU D 231 2.77 53.98 -21.12
CA LEU D 231 1.86 54.95 -21.75
C LEU D 231 2.47 56.34 -21.66
N PRO D 232 3.11 56.79 -22.73
CA PRO D 232 3.78 58.09 -22.65
C PRO D 232 2.74 59.21 -22.52
N ASP D 233 1.52 58.90 -22.96
CA ASP D 233 0.37 59.78 -22.81
C ASP D 233 -0.03 60.01 -21.33
N ALA D 234 0.06 58.95 -20.53
CA ALA D 234 -0.42 58.96 -19.16
C ALA D 234 0.44 59.84 -18.27
N ARG D 235 -0.07 60.11 -17.08
CA ARG D 235 0.55 61.06 -16.18
C ARG D 235 0.27 60.57 -14.77
N ILE D 236 1.33 60.26 -14.05
CA ILE D 236 1.16 59.63 -12.74
C ILE D 236 1.57 60.57 -11.61
N ASP D 237 0.98 60.36 -10.45
CA ASP D 237 1.32 61.16 -9.29
C ASP D 237 1.49 60.21 -8.16
N ARG D 238 2.73 60.07 -7.72
CA ARG D 238 3.07 59.13 -6.67
C ARG D 238 2.56 59.60 -5.30
N GLU D 239 2.44 60.91 -5.11
CA GLU D 239 1.92 61.43 -3.86
C GLU D 239 0.45 61.05 -3.69
N ALA D 240 -0.33 61.33 -4.73
CA ALA D 240 -1.77 61.11 -4.68
C ALA D 240 -2.16 59.70 -5.09
N MET D 241 -1.20 58.93 -5.60
CA MET D 241 -1.45 57.59 -6.11
C MET D 241 -2.49 57.65 -7.25
N THR D 242 -2.20 58.44 -8.27
CA THR D 242 -3.21 58.67 -9.30
C THR D 242 -2.68 58.58 -10.72
N VAL D 243 -3.57 58.23 -11.64
CA VAL D 243 -3.22 58.18 -13.06
C VAL D 243 -4.17 59.01 -13.86
N GLU D 244 -3.62 59.99 -14.58
CA GLU D 244 -4.39 60.79 -15.52
C GLU D 244 -4.02 60.39 -16.93
N TRP D 245 -4.94 59.71 -17.60
CA TRP D 245 -4.69 59.23 -18.95
C TRP D 245 -5.98 59.32 -19.79
N ARG D 246 -5.88 60.06 -20.89
CA ARG D 246 -6.99 60.29 -21.80
C ARG D 246 -8.25 60.86 -21.11
N GLY D 247 -8.04 61.84 -20.24
CA GLY D 247 -9.13 62.53 -19.58
C GLY D 247 -9.72 61.80 -18.39
N HIS D 248 -9.39 60.51 -18.27
CA HIS D 248 -9.82 59.75 -17.12
C HIS D 248 -8.77 59.74 -16.00
N ARG D 249 -9.25 59.89 -14.76
CA ARG D 249 -8.36 59.92 -13.60
C ARG D 249 -8.60 58.69 -12.72
N THR D 250 -7.57 57.85 -12.58
CA THR D 250 -7.71 56.62 -11.81
C THR D 250 -7.04 56.74 -10.46
N ARG D 251 -7.67 56.15 -9.44
CA ARG D 251 -7.07 56.13 -8.11
C ARG D 251 -6.58 54.74 -7.71
N LEU D 252 -5.34 54.63 -7.27
CA LEU D 252 -4.82 53.35 -6.82
C LEU D 252 -4.85 53.31 -5.30
N ARG D 253 -5.50 52.28 -4.76
CA ARG D 253 -5.64 52.18 -3.31
C ARG D 253 -5.05 50.90 -2.79
N THR D 254 -4.60 50.93 -1.55
CA THR D 254 -4.10 49.72 -0.92
C THR D 254 -5.10 49.26 0.11
N MET D 255 -5.74 48.12 -0.17
CA MET D 255 -6.72 47.53 0.71
C MET D 255 -6.34 46.12 1.15
N PRO D 256 -5.59 46.02 2.27
CA PRO D 256 -5.09 44.75 2.83
C PRO D 256 -6.23 43.93 3.35
N LEU D 257 -6.10 42.63 3.20
CA LEU D 257 -7.07 41.67 3.68
C LEU D 257 -6.29 40.61 4.44
N GLY D 258 -6.83 40.14 5.55
CA GLY D 258 -6.09 39.19 6.37
C GLY D 258 -6.72 37.82 6.32
N TYR D 259 -8.00 37.75 6.65
CA TYR D 259 -8.67 36.47 6.81
C TYR D 259 -10.18 36.66 6.95
N SER D 260 -10.90 35.56 6.73
CA SER D 260 -12.32 35.48 7.01
C SER D 260 -12.52 34.68 8.29
N PRO D 261 -13.21 35.27 9.26
CA PRO D 261 -13.49 34.67 10.57
C PRO D 261 -14.41 33.46 10.48
N LEU D 262 -15.28 33.45 9.47
CA LEU D 262 -16.20 32.34 9.26
C LEU D 262 -15.50 31.01 9.02
N THR D 263 -14.31 31.07 8.41
CA THR D 263 -13.56 29.87 8.08
C THR D 263 -12.85 29.24 9.28
N LEU D 264 -12.99 29.86 10.45
CA LEU D 264 -12.33 29.39 11.68
C LEU D 264 -13.25 29.26 12.89
N GLN D 270 -8.81 18.70 13.26
CA GLN D 270 -8.18 17.39 13.30
C GLN D 270 -6.95 17.33 12.41
N LEU D 271 -5.98 16.51 12.79
CA LEU D 271 -4.74 16.37 12.02
C LEU D 271 -4.82 15.29 10.91
N PRO D 272 -3.86 15.33 9.96
CA PRO D 272 -3.71 14.26 8.98
C PRO D 272 -3.21 12.94 9.62
N GLU D 273 -3.54 11.83 8.96
CA GLU D 273 -3.24 10.52 9.48
C GLU D 273 -1.76 10.42 9.74
N GLY D 274 -1.43 10.00 10.96
CA GLY D 274 -0.07 9.71 11.37
C GLY D 274 0.75 10.92 11.76
N ILE D 275 0.17 12.10 11.65
CA ILE D 275 0.94 13.31 11.93
C ILE D 275 1.06 13.49 13.42
N GLU D 276 -0.04 13.30 14.13
CA GLU D 276 0.00 13.44 15.57
C GLU D 276 1.08 12.53 16.17
N GLU D 277 1.03 11.25 15.87
CA GLU D 277 1.98 10.28 16.42
C GLU D 277 3.44 10.53 16.00
N TRP D 278 3.65 10.86 14.73
CA TRP D 278 4.98 11.19 14.22
C TRP D 278 5.58 12.44 14.90
N ALA D 279 4.71 13.38 15.27
CA ALA D 279 5.16 14.65 15.84
C ALA D 279 5.13 14.68 17.39
N ASP D 280 4.64 13.59 17.99
CA ASP D 280 4.53 13.49 19.44
C ASP D 280 5.84 13.82 20.19
N GLY D 281 5.75 14.78 21.11
CA GLY D 281 6.88 15.21 21.92
C GLY D 281 8.06 15.59 21.04
N HIS D 282 7.76 16.45 20.07
CA HIS D 282 8.72 16.96 19.14
C HIS D 282 8.27 18.37 18.90
N ARG D 283 9.21 19.29 18.70
CA ARG D 283 8.87 20.60 18.20
C ARG D 283 8.55 20.55 16.69
N LEU D 284 7.45 21.17 16.29
CA LEU D 284 7.00 21.09 14.89
C LEU D 284 7.18 22.39 14.11
N VAL D 285 7.98 22.32 13.05
CA VAL D 285 8.07 23.40 12.09
C VAL D 285 7.06 23.13 10.98
N VAL D 286 6.21 24.11 10.72
CA VAL D 286 5.23 23.99 9.63
C VAL D 286 5.37 24.99 8.48
N HIS D 287 5.49 24.45 7.27
CA HIS D 287 5.41 25.24 6.04
C HIS D 287 4.17 24.80 5.29
N SER D 288 3.27 25.73 5.06
CA SER D 288 2.03 25.41 4.36
C SER D 288 1.80 26.33 3.18
N GLY D 289 1.46 25.73 2.05
CA GLY D 289 1.13 26.48 0.84
C GLY D 289 0.72 25.58 -0.30
N ARG D 290 0.08 26.15 -1.31
CA ARG D 290 -0.28 25.41 -2.51
C ARG D 290 0.99 24.88 -3.20
N THR D 291 0.87 23.83 -4.02
CA THR D 291 2.01 23.40 -4.80
C THR D 291 2.16 24.39 -5.98
N ASP D 292 2.87 25.47 -5.71
CA ASP D 292 3.17 26.53 -6.65
C ASP D 292 4.58 26.99 -6.24
N PRO D 293 5.49 27.11 -7.22
CA PRO D 293 6.86 27.59 -7.01
C PRO D 293 7.00 28.76 -6.01
N ILE D 294 6.04 29.68 -5.98
CA ILE D 294 6.23 30.92 -5.22
C ILE D 294 6.22 30.69 -3.71
N LYS D 295 5.60 29.59 -3.30
CA LYS D 295 5.52 29.25 -1.87
C LYS D 295 6.86 28.92 -1.24
N ASN D 296 7.82 28.45 -2.04
CA ASN D 296 9.23 28.44 -1.64
C ASN D 296 9.62 27.35 -0.62
N ALA D 297 8.89 26.24 -0.63
CA ALA D 297 9.14 25.20 0.35
C ALA D 297 10.50 24.56 0.19
N GLU D 298 11.06 24.57 -1.01
CA GLU D 298 12.38 24.00 -1.23
C GLU D 298 13.43 24.77 -0.44
N ARG D 299 13.34 26.10 -0.46
CA ARG D 299 14.28 26.95 0.24
C ARG D 299 14.12 26.85 1.76
N ALA D 300 12.91 26.58 2.22
CA ALA D 300 12.59 26.49 3.65
C ALA D 300 13.17 25.22 4.27
N VAL D 301 12.98 24.10 3.60
CA VAL D 301 13.62 22.87 4.00
C VAL D 301 15.14 23.01 4.06
N ARG D 302 15.72 23.72 3.10
CA ARG D 302 17.19 23.84 3.06
C ARG D 302 17.69 24.75 4.18
N ALA D 303 16.87 25.74 4.54
CA ALA D 303 17.21 26.66 5.61
C ALA D 303 17.14 25.92 6.93
N PHE D 304 16.15 25.06 7.04
CA PHE D 304 15.99 24.19 8.19
C PHE D 304 17.23 23.32 8.44
N VAL D 305 17.66 22.57 7.42
CA VAL D 305 18.90 21.83 7.53
C VAL D 305 20.02 22.74 8.00
N LEU D 306 20.17 23.90 7.37
CA LEU D 306 21.24 24.82 7.76
C LEU D 306 21.22 25.18 9.24
N ALA D 307 20.02 25.22 9.81
CA ALA D 307 19.88 25.60 11.19
C ALA D 307 20.18 24.42 12.11
N ALA D 308 19.61 23.27 11.75
CA ALA D 308 19.73 22.08 12.56
C ALA D 308 21.19 21.63 12.62
N ARG D 309 21.93 21.95 11.56
CA ARG D 309 23.33 21.58 11.46
C ARG D 309 24.14 22.23 12.56
N GLY D 310 23.84 23.50 12.83
CA GLY D 310 24.50 24.23 13.90
C GLY D 310 24.01 23.81 15.28
N GLY D 311 23.19 22.76 15.33
CA GLY D 311 22.72 22.16 16.56
C GLY D 311 21.67 22.92 17.35
N GLY D 312 21.03 22.23 18.31
CA GLY D 312 20.01 22.82 19.15
C GLY D 312 18.62 22.39 18.73
N LEU D 313 18.53 21.76 17.56
CA LEU D 313 17.25 21.37 16.94
C LEU D 313 17.12 19.86 16.85
N GLU D 314 17.61 19.18 17.88
CA GLU D 314 17.66 17.72 17.91
C GLU D 314 16.30 17.01 17.90
N LYS D 315 15.35 17.54 18.67
CA LYS D 315 14.04 16.90 18.77
C LYS D 315 13.01 17.73 18.00
N THR D 316 13.48 18.40 16.95
CA THR D 316 12.61 19.20 16.08
C THR D 316 12.27 18.45 14.79
N ARG D 317 11.02 18.54 14.36
CA ARG D 317 10.58 17.94 13.09
C ARG D 317 9.87 18.97 12.22
N MET D 318 9.99 18.83 10.90
CA MET D 318 9.40 19.81 9.97
C MET D 318 8.40 19.14 9.05
N LEU D 319 7.24 19.75 8.95
CA LEU D 319 6.19 19.22 8.10
C LEU D 319 5.93 20.20 6.95
N VAL D 320 6.06 19.72 5.72
CA VAL D 320 5.69 20.51 4.54
C VAL D 320 4.26 20.20 4.12
N ARG D 321 3.35 21.13 4.44
CA ARG D 321 1.95 21.07 3.96
C ARG D 321 1.80 21.63 2.54
N MET D 322 1.21 20.82 1.69
CA MET D 322 1.10 21.18 0.28
C MET D 322 -0.28 20.87 -0.25
N ASN D 323 -0.86 21.86 -0.92
CA ASN D 323 -2.19 21.73 -1.51
C ASN D 323 -2.01 21.53 -2.98
N PRO D 324 -2.51 20.41 -3.49
CA PRO D 324 -2.32 19.99 -4.89
C PRO D 324 -3.15 20.74 -5.95
N ASN D 325 -2.65 20.74 -7.18
CA ASN D 325 -3.39 21.25 -8.33
C ASN D 325 -3.59 20.17 -9.38
N ARG D 326 -4.82 20.06 -9.88
CA ARG D 326 -5.20 18.99 -10.81
C ARG D 326 -4.60 18.97 -12.23
N LEU D 327 -4.58 20.13 -12.87
CA LEU D 327 -3.99 20.27 -14.19
C LEU D 327 -2.50 20.09 -14.02
N TYR D 328 -1.86 19.50 -15.01
CA TYR D 328 -0.42 19.30 -14.89
C TYR D 328 0.26 20.54 -15.46
N VAL D 329 0.88 21.29 -14.56
CA VAL D 329 1.63 22.47 -14.96
C VAL D 329 3.09 22.18 -14.64
N PRO D 330 3.93 22.29 -15.66
CA PRO D 330 5.34 21.94 -15.55
C PRO D 330 6.08 22.62 -14.39
N ALA D 331 5.96 23.94 -14.27
CA ALA D 331 6.60 24.70 -13.21
C ALA D 331 6.18 24.18 -11.85
N ASN D 332 4.93 23.75 -11.74
CA ASN D 332 4.46 23.18 -10.49
C ASN D 332 5.10 21.83 -10.21
N ALA D 333 5.18 20.99 -11.23
CA ALA D 333 5.77 19.67 -11.09
C ALA D 333 7.24 19.76 -10.77
N ASP D 334 7.92 20.74 -11.36
CA ASP D 334 9.34 20.88 -11.09
C ASP D 334 9.59 21.32 -9.65
N TYR D 335 8.69 22.15 -9.15
CA TYR D 335 8.77 22.66 -7.79
C TYR D 335 8.62 21.49 -6.83
N VAL D 336 7.70 20.60 -7.14
CA VAL D 336 7.51 19.45 -6.30
C VAL D 336 8.75 18.53 -6.28
N HIS D 337 9.30 18.22 -7.45
CA HIS D 337 10.56 17.50 -7.53
C HIS D 337 11.56 18.18 -6.63
N ARG D 338 11.78 19.47 -6.84
CA ARG D 338 12.78 20.21 -6.07
C ARG D 338 12.62 20.00 -4.58
N VAL D 339 11.36 20.03 -4.13
CA VAL D 339 11.01 19.93 -2.73
C VAL D 339 11.33 18.52 -2.18
N GLU D 340 10.80 17.52 -2.87
CA GLU D 340 10.99 16.14 -2.48
C GLU D 340 12.47 15.77 -2.44
N THR D 341 13.28 16.44 -3.23
CA THR D 341 14.71 16.14 -3.30
C THR D 341 15.34 16.74 -2.06
N ALA D 342 14.85 17.92 -1.70
CA ALA D 342 15.38 18.63 -0.55
C ALA D 342 14.93 17.95 0.73
N VAL D 343 13.74 17.38 0.69
CA VAL D 343 13.20 16.70 1.85
C VAL D 343 14.01 15.45 2.10
N ALA D 344 14.36 14.74 1.04
CA ALA D 344 15.13 13.50 1.18
C ALA D 344 16.58 13.75 1.60
N GLU D 345 17.16 14.81 1.07
CA GLU D 345 18.53 15.14 1.43
C GLU D 345 18.60 15.59 2.88
N ALA D 346 17.47 16.01 3.42
CA ALA D 346 17.43 16.48 4.80
C ALA D 346 17.36 15.29 5.73
N ASN D 347 16.47 14.37 5.38
CA ASN D 347 16.31 13.15 6.14
C ASN D 347 17.56 12.29 6.12
N ALA D 348 18.22 12.26 4.98
CA ALA D 348 19.42 11.48 4.84
C ALA D 348 20.61 12.15 5.55
N GLU D 349 20.41 13.31 6.13
CA GLU D 349 21.50 13.98 6.83
C GLU D 349 21.17 14.16 8.30
N LEU D 350 19.89 14.32 8.62
CA LEU D 350 19.46 14.65 9.96
C LEU D 350 18.82 13.49 10.70
N GLY D 351 18.36 12.49 9.95
CA GLY D 351 17.71 11.35 10.56
C GLY D 351 16.44 10.98 9.82
N SER D 352 16.12 9.69 9.77
CA SER D 352 14.93 9.27 9.05
C SER D 352 13.70 9.89 9.68
N ASP D 353 12.78 10.37 8.85
CA ASP D 353 11.53 10.93 9.33
C ASP D 353 11.69 12.32 9.94
N THR D 354 12.85 12.93 9.75
CA THR D 354 13.11 14.26 10.30
C THR D 354 12.16 15.30 9.72
N VAL D 355 11.93 15.20 8.41
CA VAL D 355 10.97 16.05 7.72
C VAL D 355 10.05 15.23 6.81
N ARG D 356 8.80 15.72 6.67
CA ARG D 356 7.70 15.01 6.03
C ARG D 356 6.91 15.94 5.13
N ILE D 357 6.47 15.42 3.99
CA ILE D 357 5.54 16.15 3.14
C ILE D 357 4.17 15.59 3.41
N ASP D 358 3.17 16.47 3.46
CA ASP D 358 1.78 16.03 3.49
C ASP D 358 1.01 16.75 2.39
N ASN D 359 0.44 15.97 1.47
CA ASN D 359 -0.04 16.51 0.20
C ASN D 359 -1.49 16.16 -0.16
N ASP D 360 -2.45 16.64 0.62
CA ASP D 360 -3.86 16.51 0.27
C ASP D 360 -4.61 17.86 0.20
N ASN D 361 -5.81 17.85 -0.38
CA ASN D 361 -6.64 19.06 -0.34
C ASN D 361 -7.69 18.91 0.76
N ASP D 362 -7.40 19.52 1.91
CA ASP D 362 -8.36 19.57 3.01
C ASP D 362 -8.04 20.69 3.98
N VAL D 363 -8.95 21.66 4.08
CA VAL D 363 -8.68 22.85 4.87
C VAL D 363 -8.60 22.57 6.36
N ASN D 364 -9.27 21.52 6.79
CA ASN D 364 -9.24 21.16 8.19
C ASN D 364 -7.85 20.71 8.59
N HIS D 365 -7.27 19.85 7.78
CA HIS D 365 -5.93 19.33 8.03
C HIS D 365 -4.92 20.47 8.04
N THR D 366 -5.08 21.44 7.15
CA THR D 366 -4.24 22.64 7.16
C THR D 366 -4.32 23.42 8.48
N ILE D 367 -5.53 23.58 9.00
CA ILE D 367 -5.71 24.38 10.20
C ILE D 367 -5.27 23.61 11.43
N ALA D 368 -5.50 22.30 11.41
CA ALA D 368 -4.99 21.46 12.47
C ALA D 368 -3.48 21.65 12.56
N CYS D 369 -2.81 21.66 11.41
CA CYS D 369 -1.37 21.84 11.36
C CYS D 369 -0.97 23.22 11.86
N PHE D 370 -1.78 24.22 11.53
CA PHE D 370 -1.59 25.57 12.05
C PHE D 370 -1.65 25.58 13.57
N ARG D 371 -2.63 24.89 14.12
CA ARG D 371 -2.85 24.88 15.56
C ARG D 371 -1.77 24.12 16.32
N ARG D 372 -1.06 23.24 15.63
CA ARG D 372 -0.07 22.38 16.29
C ARG D 372 1.33 22.96 16.17
N ALA D 373 1.51 23.88 15.22
CA ALA D 373 2.84 24.42 14.93
C ALA D 373 3.58 25.02 16.14
N ASP D 374 4.89 24.79 16.17
CA ASP D 374 5.77 25.42 17.14
C ASP D 374 6.53 26.54 16.46
N LEU D 375 6.73 26.36 15.14
CA LEU D 375 7.28 27.40 14.27
C LEU D 375 6.54 27.39 12.94
N LEU D 376 6.05 28.57 12.53
CA LEU D 376 5.38 28.76 11.22
C LEU D 376 6.22 29.51 10.19
N ILE D 377 6.39 28.90 9.03
CA ILE D 377 7.14 29.52 7.96
C ILE D 377 6.27 29.90 6.76
N PHE D 378 6.29 31.20 6.43
CA PHE D 378 5.68 31.72 5.19
C PHE D 378 6.69 32.56 4.40
N ASN D 379 7.65 31.85 3.79
CA ASN D 379 8.77 32.48 3.09
C ASN D 379 8.59 32.55 1.58
N SER D 380 7.38 32.90 1.12
CA SER D 380 7.07 33.02 -0.31
C SER D 380 8.14 33.83 -1.06
N THR D 381 8.45 33.44 -2.30
CA THR D 381 9.35 34.23 -3.12
C THR D 381 8.68 35.60 -3.41
N VAL D 382 7.41 35.54 -3.78
CA VAL D 382 6.56 36.70 -3.76
C VAL D 382 5.16 36.18 -3.45
N ASP D 383 4.28 37.04 -2.98
CA ASP D 383 2.92 36.62 -2.71
C ASP D 383 2.05 37.87 -2.68
N GLY D 384 0.91 37.82 -3.36
CA GLY D 384 0.03 38.97 -3.49
C GLY D 384 -0.35 39.48 -2.13
N GLN D 385 -0.69 38.54 -1.24
CA GLN D 385 -0.93 38.89 0.15
C GLN D 385 -0.39 37.80 1.08
N ASN D 386 -0.83 36.57 0.84
CA ASN D 386 -0.71 35.42 1.78
C ASN D 386 -1.64 35.55 2.98
N LEU D 387 -2.81 34.95 2.84
CA LEU D 387 -3.79 34.91 3.92
C LEU D 387 -3.30 34.07 5.09
N SER D 388 -2.63 32.97 4.75
CA SER D 388 -2.30 31.94 5.74
C SER D 388 -1.56 32.57 6.90
N THR D 389 -0.80 33.61 6.61
CA THR D 389 0.02 34.21 7.65
C THR D 389 -0.81 35.04 8.64
N PHE D 390 -2.08 35.24 8.35
CA PHE D 390 -3.01 35.79 9.34
C PHE D 390 -3.71 34.66 10.09
N GLU D 391 -4.26 33.70 9.34
CA GLU D 391 -5.02 32.58 9.90
C GLU D 391 -4.24 31.80 10.91
N ALA D 392 -3.04 31.37 10.54
CA ALA D 392 -2.22 30.50 11.39
C ALA D 392 -1.96 31.04 12.80
N PRO D 393 -1.51 32.31 12.94
CA PRO D 393 -1.34 32.84 14.30
C PRO D 393 -2.64 32.84 15.09
N LEU D 394 -3.73 33.19 14.42
CA LEU D 394 -5.00 33.33 15.12
C LEU D 394 -5.55 31.97 15.56
N VAL D 395 -5.05 30.87 15.01
CA VAL D 395 -5.52 29.56 15.45
C VAL D 395 -4.46 28.76 16.18
N ASN D 396 -3.25 29.31 16.29
CA ASN D 396 -2.17 28.53 16.89
C ASN D 396 -2.28 28.45 18.39
N GLU D 397 -2.23 27.23 18.90
CA GLU D 397 -2.44 26.96 20.31
C GLU D 397 -1.14 26.84 21.10
N ARG D 398 0.00 27.19 20.50
CA ARG D 398 1.29 26.89 21.12
C ARG D 398 2.28 28.05 21.04
N ASP D 399 1.75 29.26 20.87
CA ASP D 399 2.56 30.48 20.79
C ASP D 399 3.73 30.33 19.82
N ALA D 400 3.42 29.85 18.63
CA ALA D 400 4.41 29.63 17.57
C ALA D 400 4.89 30.96 17.03
N ASP D 401 6.18 31.01 16.74
CA ASP D 401 6.75 32.18 16.10
C ASP D 401 6.44 32.16 14.59
N VAL D 402 6.59 33.30 13.94
CA VAL D 402 6.36 33.34 12.49
C VAL D 402 7.53 33.91 11.68
N ILE D 403 8.04 33.11 10.76
CA ILE D 403 8.99 33.60 9.76
C ILE D 403 8.26 34.01 8.48
N LEU D 404 8.39 35.28 8.12
CA LEU D 404 7.59 35.86 7.06
C LEU D 404 8.45 36.55 6.03
N SER D 405 8.32 36.15 4.78
CA SER D 405 9.02 36.81 3.69
C SER D 405 8.64 38.29 3.64
N GLU D 406 9.66 39.13 3.50
CA GLU D 406 9.50 40.56 3.23
C GLU D 406 8.81 40.83 1.87
N THR D 407 8.69 39.79 1.05
CA THR D 407 8.07 39.95 -0.27
C THR D 407 6.60 39.54 -0.31
N CYS D 408 6.04 39.08 0.82
CA CYS D 408 4.60 38.88 0.95
C CYS D 408 3.90 40.23 1.16
N GLY D 409 2.73 40.37 0.56
CA GLY D 409 1.92 41.54 0.79
C GLY D 409 1.66 41.69 2.28
N ALA D 410 1.44 40.56 2.95
CA ALA D 410 1.13 40.58 4.36
C ALA D 410 2.20 41.24 5.20
N ALA D 411 3.43 41.26 4.71
CA ALA D 411 4.54 41.85 5.45
C ALA D 411 4.33 43.34 5.76
N GLU D 412 3.50 44.02 4.96
CA GLU D 412 3.29 45.45 5.18
C GLU D 412 2.37 45.68 6.36
N VAL D 413 1.80 44.59 6.85
CA VAL D 413 0.90 44.63 8.00
C VAL D 413 1.44 43.86 9.19
N LEU D 414 2.19 42.79 8.92
CA LEU D 414 2.62 41.89 9.98
C LEU D 414 4.13 41.75 10.13
N GLY D 415 4.89 42.52 9.37
CA GLY D 415 6.33 42.32 9.33
C GLY D 415 7.04 42.67 10.62
N GLU D 416 6.42 43.56 11.38
CA GLU D 416 6.97 44.03 12.64
C GLU D 416 6.66 43.03 13.73
N TYR D 417 5.74 42.10 13.44
CA TYR D 417 5.25 41.18 14.46
C TYR D 417 5.69 39.77 14.16
N CYS D 418 6.62 39.66 13.23
CA CYS D 418 7.16 38.39 12.77
C CYS D 418 8.63 38.58 12.51
N ARG D 419 9.34 37.45 12.42
CA ARG D 419 10.71 37.43 11.91
C ARG D 419 10.71 37.56 10.38
N SER D 420 11.11 38.73 9.92
CA SER D 420 11.03 39.13 8.52
C SER D 420 12.28 38.74 7.70
N VAL D 421 12.09 37.92 6.66
CA VAL D 421 13.23 37.40 5.93
C VAL D 421 13.28 37.68 4.43
N ASN D 422 14.49 37.73 3.90
CA ASN D 422 14.71 37.70 2.45
C ASN D 422 14.63 36.25 2.05
N PRO D 423 13.60 35.90 1.28
CA PRO D 423 13.32 34.48 1.04
C PRO D 423 14.35 33.76 0.15
N PHE D 424 15.35 34.50 -0.32
CA PHE D 424 16.39 33.93 -1.17
C PHE D 424 17.65 33.63 -0.38
N ASP D 425 17.77 34.26 0.79
CA ASP D 425 18.92 34.10 1.67
C ASP D 425 18.67 32.93 2.63
N LEU D 426 19.35 31.81 2.40
CA LEU D 426 19.16 30.62 3.22
C LEU D 426 19.77 30.83 4.62
N VAL D 427 20.92 31.47 4.67
CA VAL D 427 21.56 31.69 5.95
C VAL D 427 20.64 32.48 6.86
N GLU D 428 20.15 33.62 6.36
CA GLU D 428 19.25 34.47 7.16
C GLU D 428 18.03 33.69 7.62
N GLN D 429 17.46 32.91 6.70
CA GLN D 429 16.32 32.07 7.03
C GLN D 429 16.67 31.04 8.11
N ALA D 430 17.85 30.44 8.00
CA ALA D 430 18.28 29.46 8.99
C ALA D 430 18.46 30.14 10.34
N GLU D 431 19.15 31.27 10.35
CA GLU D 431 19.39 32.03 11.59
C GLU D 431 18.10 32.46 12.23
N ALA D 432 17.13 32.76 11.39
CA ALA D 432 15.82 33.15 11.84
C ALA D 432 15.13 31.98 12.55
N ILE D 433 15.16 30.83 11.90
CA ILE D 433 14.60 29.61 12.48
C ILE D 433 15.22 29.30 13.85
N SER D 434 16.56 29.27 13.88
CA SER D 434 17.32 29.06 15.11
C SER D 434 16.87 29.98 16.24
N ALA D 435 16.83 31.27 15.94
CA ALA D 435 16.42 32.27 16.94
C ALA D 435 15.01 32.03 17.42
N ALA D 436 14.10 31.80 16.48
CA ALA D 436 12.69 31.58 16.79
C ALA D 436 12.51 30.41 17.74
N LEU D 437 13.21 29.33 17.47
CA LEU D 437 13.16 28.15 18.31
C LEU D 437 13.98 28.25 19.60
N ALA D 438 14.80 29.28 19.76
CA ALA D 438 15.60 29.42 20.97
C ALA D 438 14.90 30.26 22.02
N ALA D 439 13.76 30.82 21.65
CA ALA D 439 13.05 31.69 22.57
C ALA D 439 12.33 30.89 23.66
N GLY D 440 12.24 31.50 24.84
CA GLY D 440 11.47 30.94 25.94
C GLY D 440 9.98 31.20 25.77
N PRO D 441 9.17 30.27 26.26
CA PRO D 441 7.72 30.27 26.00
C PRO D 441 6.99 31.54 26.45
N ARG D 442 7.70 32.39 27.19
CA ARG D 442 7.13 33.60 27.74
C ARG D 442 7.33 34.67 26.72
N GLN D 443 8.57 34.75 26.24
CA GLN D 443 8.94 35.63 25.17
C GLN D 443 8.03 35.39 23.95
N ARG D 444 7.91 34.12 23.57
CA ARG D 444 7.04 33.70 22.51
C ARG D 444 5.58 34.08 22.75
N ALA D 445 5.10 33.85 23.97
CA ALA D 445 3.72 34.14 24.31
C ALA D 445 3.41 35.61 24.09
N GLU D 446 4.32 36.46 24.55
CA GLU D 446 4.18 37.89 24.39
C GLU D 446 4.10 38.32 22.92
N ALA D 447 5.09 37.89 22.14
CA ALA D 447 5.20 38.24 20.74
C ALA D 447 4.04 37.68 19.92
N ALA D 448 3.47 36.59 20.41
CA ALA D 448 2.32 35.94 19.77
C ALA D 448 1.00 36.63 20.13
N ALA D 449 0.98 37.27 21.29
CA ALA D 449 -0.18 38.06 21.64
C ALA D 449 -0.25 39.27 20.69
N ARG D 450 0.88 39.96 20.57
CA ARG D 450 0.98 41.14 19.71
C ARG D 450 0.67 40.80 18.26
N ARG D 451 1.24 39.69 17.81
CA ARG D 451 1.02 39.22 16.46
C ARG D 451 -0.47 39.00 16.16
N ARG D 452 -1.18 38.37 17.10
CA ARG D 452 -2.61 38.11 16.94
C ARG D 452 -3.40 39.40 16.95
N ASP D 453 -3.00 40.32 17.82
CA ASP D 453 -3.68 41.59 17.98
C ASP D 453 -3.51 42.48 16.75
N ALA D 454 -2.46 42.22 15.99
CA ALA D 454 -2.20 42.98 14.78
C ALA D 454 -2.87 42.34 13.56
N ALA D 455 -3.08 41.03 13.62
CA ALA D 455 -3.79 40.31 12.58
C ALA D 455 -5.32 40.41 12.69
N ARG D 456 -5.85 40.42 13.92
CA ARG D 456 -7.29 40.30 14.12
C ARG D 456 -8.17 41.29 13.34
N PRO D 457 -7.88 42.61 13.37
CA PRO D 457 -8.73 43.57 12.66
C PRO D 457 -8.96 43.33 11.15
N TRP D 458 -7.92 42.86 10.47
CA TRP D 458 -7.93 42.70 9.01
C TRP D 458 -8.87 41.62 8.54
N THR D 459 -10.14 41.83 8.83
CA THR D 459 -11.17 40.89 8.44
C THR D 459 -11.71 41.14 7.03
N LEU D 460 -12.39 40.13 6.51
CA LEU D 460 -12.96 40.12 5.18
C LEU D 460 -13.99 41.23 5.07
N GLU D 461 -14.74 41.43 6.15
CA GLU D 461 -15.76 42.45 6.13
C GLU D 461 -15.12 43.84 6.10
N ALA D 462 -14.08 44.01 6.90
CA ALA D 462 -13.40 45.31 6.99
C ALA D 462 -12.86 45.70 5.61
N TRP D 463 -12.48 44.66 4.88
CA TRP D 463 -11.90 44.81 3.57
C TRP D 463 -12.94 45.22 2.55
N VAL D 464 -14.10 44.56 2.58
CA VAL D 464 -15.22 44.94 1.74
C VAL D 464 -15.63 46.39 1.96
N GLN D 465 -15.71 46.79 3.22
CA GLN D 465 -16.08 48.15 3.55
C GLN D 465 -15.06 49.14 3.00
N ALA D 466 -13.80 48.74 3.00
CA ALA D 466 -12.72 49.61 2.54
C ALA D 466 -12.89 49.90 1.07
N GLN D 467 -13.47 48.93 0.36
CA GLN D 467 -13.64 49.06 -1.08
C GLN D 467 -14.80 49.99 -1.35
N LEU D 468 -15.97 49.65 -0.79
CA LEU D 468 -17.18 50.46 -0.87
C LEU D 468 -16.89 51.89 -0.50
N ASP D 469 -16.25 52.07 0.65
CA ASP D 469 -15.92 53.41 1.14
C ASP D 469 -14.94 54.14 0.21
N GLY D 470 -13.92 53.44 -0.26
CA GLY D 470 -12.91 54.03 -1.12
C GLY D 470 -13.37 54.36 -2.52
N LEU D 471 -14.18 53.47 -3.10
CA LEU D 471 -14.75 53.67 -4.42
C LEU D 471 -15.60 54.96 -4.39
N ALA D 472 -16.42 55.07 -3.35
CA ALA D 472 -17.29 56.23 -3.18
C ALA D 472 -16.53 57.53 -3.08
N ALA D 473 -15.51 57.55 -2.22
CA ALA D 473 -14.71 58.74 -2.03
C ALA D 473 -14.08 59.18 -3.35
N ASP D 474 -13.69 58.18 -4.14
CA ASP D 474 -12.97 58.42 -5.37
C ASP D 474 -13.90 58.79 -6.52
N HIS D 475 -15.10 58.21 -6.51
CA HIS D 475 -16.10 58.59 -7.51
C HIS D 475 -16.65 59.97 -7.20
N ALA D 476 -16.37 60.47 -6.01
CA ALA D 476 -16.85 61.79 -5.62
C ALA D 476 -15.98 62.95 -6.11
N ALA D 477 -14.81 62.66 -6.67
CA ALA D 477 -13.96 63.71 -7.22
C ALA D 477 -13.84 63.63 -8.76
N ARG D 478 -13.65 64.78 -9.40
CA ARG D 478 -13.47 64.83 -10.86
C ARG D 478 -12.43 65.88 -11.27
N SER E 4 41.53 69.02 -11.93
CA SER E 4 42.91 69.50 -11.78
C SER E 4 43.90 68.35 -11.85
N GLU E 5 43.96 67.55 -10.79
CA GLU E 5 44.89 66.45 -10.75
C GLU E 5 43.94 65.31 -10.68
N ILE E 6 44.06 64.44 -11.65
CA ILE E 6 42.96 63.48 -11.84
C ILE E 6 43.36 62.02 -11.65
N PHE E 7 42.61 61.30 -10.82
CA PHE E 7 42.95 59.93 -10.49
C PHE E 7 41.87 58.96 -10.95
N LEU E 8 42.26 58.01 -11.78
CA LEU E 8 41.35 57.13 -12.47
C LEU E 8 41.52 55.67 -12.07
N ALA E 9 40.42 54.99 -11.75
CA ALA E 9 40.54 53.57 -11.38
C ALA E 9 39.41 52.68 -11.89
N SER E 10 39.75 51.43 -12.17
CA SER E 10 38.77 50.39 -12.49
C SER E 10 39.46 49.04 -12.26
N LYS E 11 38.74 47.93 -12.36
CA LYS E 11 39.31 46.60 -12.11
C LYS E 11 40.10 45.95 -13.25
N ARG E 12 39.39 45.54 -14.29
CA ARG E 12 39.96 44.64 -15.27
C ARG E 12 40.72 45.39 -16.33
N ALA E 13 42.02 45.52 -16.09
CA ALA E 13 42.96 45.91 -17.11
C ALA E 13 43.48 44.57 -17.59
N ALA E 14 42.74 43.93 -18.50
CA ALA E 14 43.16 42.66 -19.09
C ALA E 14 44.40 42.90 -19.94
N ILE E 15 45.37 42.00 -19.86
CA ILE E 15 46.64 42.22 -20.55
C ILE E 15 47.26 40.96 -21.16
N THR E 16 48.13 41.14 -22.16
CA THR E 16 48.86 40.03 -22.76
C THR E 16 50.34 40.42 -22.85
N TYR E 17 51.21 39.43 -22.69
CA TYR E 17 52.64 39.68 -22.73
C TYR E 17 53.31 38.86 -23.82
N ASP E 18 54.25 39.48 -24.53
CA ASP E 18 55.03 38.78 -25.55
C ASP E 18 56.44 39.35 -25.66
N THR E 19 57.32 38.63 -26.35
CA THR E 19 58.74 38.98 -26.36
C THR E 19 59.15 39.72 -27.63
N ARG E 27 57.11 43.04 -22.99
CA ARG E 27 56.12 43.82 -23.73
C ARG E 27 54.72 43.58 -23.19
N ALA E 28 53.97 44.65 -22.98
CA ALA E 28 52.62 44.56 -22.44
C ALA E 28 51.58 45.00 -23.46
N TRP E 29 50.54 44.19 -23.62
CA TRP E 29 49.45 44.47 -24.57
C TRP E 29 48.07 44.33 -23.94
N LEU E 30 47.21 45.32 -24.16
CA LEU E 30 45.84 45.28 -23.67
C LEU E 30 44.89 44.78 -24.76
N ALA E 31 43.85 44.05 -24.33
CA ALA E 31 42.84 43.53 -25.25
C ALA E 31 41.75 44.55 -25.55
N PRO E 32 41.31 44.63 -26.83
CA PRO E 32 40.26 45.56 -27.25
C PRO E 32 38.89 45.09 -26.75
N GLY E 33 37.90 45.98 -26.76
CA GLY E 33 36.56 45.62 -26.30
C GLY E 33 36.49 45.41 -24.79
N GLY E 34 35.27 45.34 -24.26
CA GLY E 34 35.09 45.33 -22.81
C GLY E 34 35.39 46.70 -22.22
N THR E 35 35.03 46.88 -20.96
CA THR E 35 35.19 48.17 -20.31
C THR E 35 36.66 48.56 -20.27
N GLY E 36 37.50 47.57 -20.04
CA GLY E 36 38.91 47.80 -19.76
C GLY E 36 39.53 48.75 -20.78
N ASN E 37 39.35 48.44 -22.05
CA ASN E 37 39.88 49.28 -23.11
C ASN E 37 39.28 50.67 -23.00
N VAL E 38 38.01 50.78 -22.63
CA VAL E 38 37.39 52.09 -22.54
C VAL E 38 38.07 52.95 -21.47
N VAL E 39 38.36 52.35 -20.32
CA VAL E 39 39.05 53.05 -19.25
C VAL E 39 40.48 53.45 -19.65
N ALA E 40 41.16 52.55 -20.34
CA ALA E 40 42.52 52.80 -20.81
C ALA E 40 42.52 53.94 -21.82
N GLU E 41 41.54 53.93 -22.71
CA GLU E 41 41.40 54.99 -23.69
C GLU E 41 41.15 56.31 -22.98
N GLN E 42 40.32 56.27 -21.95
CA GLN E 42 40.02 57.45 -21.16
C GLN E 42 41.28 58.02 -20.51
N ALA E 43 42.14 57.12 -20.01
CA ALA E 43 43.38 57.56 -19.38
C ALA E 43 44.25 58.28 -20.39
N GLY E 44 44.29 57.75 -21.61
CA GLY E 44 45.01 58.35 -22.72
C GLY E 44 44.53 59.75 -23.05
N VAL E 45 43.22 59.94 -23.04
CA VAL E 45 42.60 61.24 -23.33
C VAL E 45 43.02 62.24 -22.27
N LEU E 46 43.01 61.80 -21.02
CA LEU E 46 43.30 62.68 -19.90
C LEU E 46 44.78 62.77 -19.58
N ASN E 47 45.58 61.87 -20.15
CA ASN E 47 47.03 61.79 -19.89
C ASN E 47 47.40 61.45 -18.43
N ILE E 48 46.83 60.37 -17.91
CA ILE E 48 47.09 59.98 -16.53
C ILE E 48 47.21 58.48 -16.33
N SER E 49 47.92 58.08 -15.28
CA SER E 49 48.02 56.68 -14.91
C SER E 49 46.67 56.16 -14.41
N TRP E 50 46.38 54.90 -14.70
CA TRP E 50 45.12 54.30 -14.33
C TRP E 50 45.34 53.14 -13.39
N ILE E 51 44.62 53.14 -12.27
CA ILE E 51 44.81 52.10 -11.28
C ILE E 51 43.87 50.92 -11.54
N ALA E 52 44.46 49.74 -11.68
CA ALA E 52 43.70 48.51 -11.94
C ALA E 52 44.28 47.33 -11.16
N SER E 53 43.62 46.17 -11.20
CA SER E 53 44.09 44.99 -10.48
C SER E 53 44.95 44.06 -11.33
N ALA E 54 45.85 43.33 -10.67
CA ALA E 54 46.66 42.35 -11.37
C ALA E 54 45.95 41.01 -11.38
N ASP E 55 45.51 40.57 -12.55
CA ASP E 55 44.79 39.31 -12.65
C ASP E 55 45.73 38.11 -12.56
N SER E 56 46.41 37.81 -13.67
CA SER E 56 47.25 36.62 -13.75
C SER E 56 48.61 36.80 -13.07
N GLU E 57 49.35 35.69 -12.96
CA GLU E 57 50.67 35.71 -12.34
C GLU E 57 51.61 36.64 -13.10
N ASP E 58 51.58 36.54 -14.43
CA ASP E 58 52.41 37.41 -15.25
C ASP E 58 52.20 38.87 -14.85
N ASP E 59 50.94 39.29 -14.81
CA ASP E 59 50.61 40.65 -14.41
C ASP E 59 51.18 40.96 -13.04
N ARG E 60 50.86 40.11 -12.07
CA ARG E 60 51.36 40.28 -10.71
C ARG E 60 52.85 40.61 -10.72
N ARG E 61 53.62 39.81 -11.43
CA ARG E 61 55.06 40.03 -11.54
C ARG E 61 55.36 41.37 -12.16
N ALA E 62 55.00 41.52 -13.43
CA ALA E 62 55.20 42.78 -14.14
C ALA E 62 55.00 43.94 -13.16
N SER E 63 54.07 43.77 -12.24
CA SER E 63 53.81 44.78 -11.23
C SER E 63 54.92 44.77 -10.18
N ALA E 64 55.34 43.56 -9.80
CA ALA E 64 56.41 43.42 -8.82
C ALA E 64 57.69 44.09 -9.30
N LEU E 65 58.02 43.85 -10.58
CA LEU E 65 59.20 44.44 -11.21
C LEU E 65 59.07 45.95 -11.38
N ASN E 66 57.93 46.36 -11.91
CA ASN E 66 57.66 47.77 -11.99
C ASN E 66 56.60 48.06 -10.97
N PRO E 67 57.00 48.74 -9.91
CA PRO E 67 56.00 49.25 -8.95
C PRO E 67 55.63 50.70 -9.22
N ASP E 68 56.39 51.33 -10.12
CA ASP E 68 56.11 52.70 -10.51
C ASP E 68 55.04 52.72 -11.59
N GLY E 69 55.04 51.69 -12.43
CA GLY E 69 54.04 51.53 -13.48
C GLY E 69 54.50 50.67 -14.65
N VAL E 70 53.58 49.88 -15.19
CA VAL E 70 53.88 49.08 -16.38
C VAL E 70 53.20 49.67 -17.62
N THR E 71 53.97 49.87 -18.68
CA THR E 71 53.42 50.43 -19.92
C THR E 71 52.82 49.43 -20.92
N MET E 72 51.67 49.81 -21.47
CA MET E 72 50.99 49.15 -22.58
C MET E 72 50.84 50.09 -23.78
N GLU E 73 51.04 49.48 -24.95
CA GLU E 73 50.58 50.02 -26.23
C GLU E 73 49.20 49.44 -26.62
N LEU E 74 48.16 50.24 -26.37
CA LEU E 74 46.75 50.00 -26.67
C LEU E 74 46.53 49.65 -28.13
N HIS E 75 45.33 49.17 -28.44
CA HIS E 75 44.98 48.81 -29.79
C HIS E 75 44.96 50.00 -30.69
N ILE E 80 49.68 53.95 -22.58
CA ILE E 80 49.15 54.07 -21.22
C ILE E 80 50.07 53.48 -20.13
N LEU E 81 50.13 54.15 -18.98
CA LEU E 81 51.03 53.74 -17.88
C LEU E 81 50.30 53.17 -16.67
N VAL E 82 49.88 51.90 -16.75
CA VAL E 82 49.09 51.31 -15.67
C VAL E 82 49.86 51.09 -14.37
N ARG E 83 49.21 51.42 -13.26
CA ARG E 83 49.69 51.05 -11.93
C ARG E 83 48.85 49.89 -11.36
N LEU E 84 49.25 48.66 -11.66
CA LEU E 84 48.52 47.48 -11.22
C LEU E 84 48.57 47.30 -9.71
N ILE E 85 47.58 46.60 -9.17
CA ILE E 85 47.51 46.34 -7.74
C ILE E 85 47.50 44.84 -7.51
N ARG E 86 48.34 44.36 -6.59
CA ARG E 86 48.37 42.94 -6.31
C ARG E 86 47.47 42.60 -5.14
N HIS E 87 46.31 42.02 -5.46
CA HIS E 87 45.38 41.51 -4.48
C HIS E 87 45.84 40.17 -4.01
N ASP E 88 45.36 39.74 -2.85
CA ASP E 88 45.74 38.44 -2.33
C ASP E 88 45.27 37.35 -3.29
N PRO E 89 46.10 36.33 -3.46
CA PRO E 89 45.80 35.28 -4.44
C PRO E 89 44.47 34.61 -4.13
N ALA E 90 44.17 34.39 -2.86
CA ALA E 90 42.90 33.78 -2.51
C ALA E 90 41.72 34.74 -2.66
N VAL E 91 41.92 35.97 -2.21
CA VAL E 91 40.86 36.98 -2.26
C VAL E 91 40.38 37.22 -3.69
N PHE E 92 41.30 37.65 -4.55
CA PHE E 92 40.97 37.94 -5.94
C PHE E 92 40.10 36.85 -6.55
N ARG E 93 40.57 35.61 -6.47
CA ARG E 93 39.82 34.48 -7.02
C ARG E 93 38.40 34.46 -6.48
N ASN E 94 38.25 34.76 -5.19
CA ASN E 94 36.95 34.79 -4.55
C ASN E 94 36.07 35.91 -5.07
N VAL E 95 36.66 37.09 -5.28
CA VAL E 95 35.91 38.25 -5.75
C VAL E 95 35.58 38.09 -7.23
N GLN E 96 36.50 37.50 -7.98
CA GLN E 96 36.30 37.29 -9.41
C GLN E 96 35.09 36.40 -9.65
N ASN E 97 34.71 35.65 -8.63
CA ASN E 97 33.53 34.80 -8.70
C ASN E 97 32.29 35.59 -8.35
N PHE E 98 32.58 36.65 -7.58
CA PHE E 98 31.61 37.53 -6.94
C PHE E 98 31.14 38.48 -8.00
N MET E 99 32.04 39.00 -8.82
CA MET E 99 31.59 39.77 -10.00
C MET E 99 30.76 38.96 -11.04
N THR E 100 31.38 37.93 -11.61
CA THR E 100 30.89 37.12 -12.73
C THR E 100 29.65 36.33 -12.34
N LEU E 103 27.45 36.30 -9.46
CA LEU E 103 26.49 36.80 -8.48
C LEU E 103 26.13 38.26 -8.75
N MET E 104 27.14 39.12 -8.75
CA MET E 104 26.94 40.54 -9.01
C MET E 104 26.45 40.78 -10.42
N TRP E 105 27.02 40.06 -11.38
CA TRP E 105 26.62 40.20 -12.76
C TRP E 105 25.19 39.78 -12.95
N ALA E 106 24.82 38.70 -12.28
CA ALA E 106 23.45 38.19 -12.34
C ALA E 106 22.48 39.21 -11.74
N ALA E 107 22.90 39.85 -10.67
CA ALA E 107 22.07 40.81 -9.96
C ALA E 107 21.77 42.06 -10.79
N ASN E 108 22.73 42.50 -11.59
CA ASN E 108 22.57 43.73 -12.36
C ASN E 108 22.17 43.55 -13.81
N ASN E 109 22.24 42.32 -14.29
CA ASN E 109 21.83 42.02 -15.65
C ASN E 109 20.65 41.05 -15.72
N TYR E 110 19.97 40.91 -14.58
CA TYR E 110 18.72 40.18 -14.53
C TYR E 110 18.80 38.69 -14.93
N GLY E 111 19.74 37.95 -14.36
CA GLY E 111 19.80 36.52 -14.61
C GLY E 111 19.00 35.57 -13.74
N TRP E 112 18.33 36.06 -12.70
CA TRP E 112 17.61 35.16 -11.76
C TRP E 112 16.12 35.11 -12.01
N ASP E 113 15.58 33.90 -11.91
CA ASP E 113 14.16 33.68 -12.09
C ASP E 113 13.37 33.74 -10.76
N ARG E 114 14.09 33.92 -9.64
CA ARG E 114 13.55 33.89 -8.27
C ARG E 114 12.90 32.60 -7.76
N TRP E 115 12.19 31.88 -8.61
CA TRP E 115 11.52 30.68 -8.14
C TRP E 115 12.54 29.59 -7.81
N THR E 116 13.62 29.53 -8.58
CA THR E 116 14.58 28.45 -8.38
C THR E 116 16.01 28.93 -8.12
N GLN E 117 16.29 30.17 -8.47
CA GLN E 117 17.60 30.76 -8.22
C GLN E 117 17.34 32.22 -7.93
N PRO E 118 18.10 32.83 -7.01
CA PRO E 118 19.25 32.29 -6.30
C PRO E 118 18.88 31.77 -4.89
N SER E 119 19.85 31.19 -4.21
CA SER E 119 19.68 30.71 -2.85
C SER E 119 20.98 30.99 -2.12
N PHE E 120 21.08 32.12 -1.45
CA PHE E 120 22.34 32.50 -0.80
C PHE E 120 22.67 31.70 0.46
N GLY E 121 23.94 31.30 0.56
CA GLY E 121 24.45 30.59 1.72
C GLY E 121 25.66 31.26 2.33
N SER E 122 26.49 30.46 2.98
CA SER E 122 27.67 31.00 3.66
C SER E 122 28.64 31.65 2.66
N ASP E 123 28.59 31.21 1.41
CA ASP E 123 29.50 31.73 0.41
C ASP E 123 29.27 33.23 0.28
N ALA E 124 28.01 33.63 0.38
CA ALA E 124 27.64 35.02 0.16
C ALA E 124 28.23 35.93 1.23
N ARG E 125 28.28 35.43 2.46
CA ARG E 125 28.85 36.21 3.55
C ARG E 125 30.35 36.28 3.39
N GLU E 126 30.93 35.15 2.96
CA GLU E 126 32.36 35.03 2.70
C GLU E 126 32.89 35.88 1.52
N GLY E 127 32.17 35.87 0.42
CA GLY E 127 32.49 36.71 -0.72
C GLY E 127 32.35 38.17 -0.36
N TRP E 128 31.34 38.46 0.46
CA TRP E 128 31.04 39.83 0.84
C TRP E 128 32.14 40.40 1.70
N ALA E 129 32.76 39.54 2.50
CA ALA E 129 33.85 39.98 3.34
C ALA E 129 35.07 40.22 2.47
N ASP E 130 35.39 39.24 1.62
CA ASP E 130 36.48 39.36 0.64
C ASP E 130 36.33 40.61 -0.20
N PHE E 131 35.08 40.93 -0.58
CA PHE E 131 34.80 42.15 -1.30
C PHE E 131 35.16 43.39 -0.47
N GLY E 132 34.95 43.31 0.84
CA GLY E 132 35.39 44.34 1.76
C GLY E 132 36.89 44.60 1.73
N ARG E 133 37.68 43.52 1.76
CA ARG E 133 39.13 43.63 1.63
C ARG E 133 39.62 44.14 0.26
N PHE E 134 39.01 43.62 -0.81
CA PHE E 134 39.29 44.02 -2.17
C PHE E 134 39.02 45.50 -2.38
N THR E 135 38.02 46.02 -1.67
CA THR E 135 37.63 47.40 -1.76
C THR E 135 38.67 48.26 -1.07
N ARG E 136 39.09 47.85 0.11
CA ARG E 136 40.11 48.62 0.82
C ARG E 136 41.41 48.62 0.01
N ASP E 137 41.82 47.43 -0.45
CA ASP E 137 42.93 47.30 -1.38
C ASP E 137 42.92 48.46 -2.37
N PHE E 138 41.80 48.64 -3.07
CA PHE E 138 41.64 49.74 -4.02
C PHE E 138 41.67 51.13 -3.37
N ALA E 139 40.90 51.30 -2.30
CA ALA E 139 40.77 52.60 -1.67
C ALA E 139 42.12 53.11 -1.17
N ASP E 140 42.86 52.23 -0.51
CA ASP E 140 44.16 52.59 0.05
C ASP E 140 45.09 53.00 -1.09
N ALA E 141 45.00 52.27 -2.18
CA ALA E 141 45.88 52.53 -3.31
C ALA E 141 45.54 53.82 -4.10
N ILE E 142 44.27 54.24 -4.08
CA ILE E 142 43.90 55.51 -4.69
C ILE E 142 44.49 56.60 -3.82
N LEU E 143 44.14 56.55 -2.53
CA LEU E 143 44.50 57.59 -1.59
C LEU E 143 46.01 57.79 -1.45
N LYS E 144 46.75 56.70 -1.64
CA LYS E 144 48.21 56.73 -1.60
C LYS E 144 48.78 57.50 -2.79
N SER E 145 48.49 57.02 -3.99
CA SER E 145 49.05 57.63 -5.18
C SER E 145 48.49 59.03 -5.41
N SER E 146 47.52 59.43 -4.60
CA SER E 146 46.97 60.78 -4.66
C SER E 146 47.32 61.59 -3.41
N ALA E 147 48.22 61.04 -2.59
CA ALA E 147 48.49 61.60 -1.25
C ALA E 147 49.18 62.97 -1.26
N GLN E 148 49.96 63.23 -2.30
CA GLN E 148 50.64 64.52 -2.43
C GLN E 148 49.85 65.43 -3.40
N SER E 149 48.54 65.50 -3.19
CA SER E 149 47.67 66.27 -4.07
C SER E 149 46.75 67.18 -3.26
N ALA E 150 46.82 68.48 -3.51
CA ALA E 150 46.03 69.43 -2.74
C ALA E 150 44.54 69.30 -3.06
N ASP E 151 44.22 69.20 -4.35
CA ASP E 151 42.84 69.03 -4.80
C ASP E 151 42.67 67.91 -5.83
N PRO E 152 42.62 66.66 -5.37
CA PRO E 152 42.56 65.51 -6.28
C PRO E 152 41.12 65.33 -6.76
N VAL E 153 41.00 64.73 -7.93
CA VAL E 153 39.70 64.44 -8.51
C VAL E 153 39.65 62.95 -8.77
N TYR E 154 38.63 62.29 -8.23
CA TYR E 154 38.58 60.84 -8.30
C TYR E 154 37.53 60.34 -9.30
N LEU E 155 37.98 59.51 -10.24
CA LEU E 155 37.09 58.85 -11.19
C LEU E 155 37.15 57.35 -10.97
N VAL E 156 36.08 56.82 -10.38
CA VAL E 156 35.99 55.41 -10.04
C VAL E 156 35.09 54.73 -11.06
N HIS E 157 35.63 53.75 -11.76
CA HIS E 157 34.90 53.14 -12.87
C HIS E 157 34.64 51.69 -12.64
N ASP E 158 33.54 51.39 -11.96
CA ASP E 158 32.60 50.36 -12.42
C ASP E 158 32.22 49.44 -11.26
N TYR E 159 31.33 48.49 -11.54
CA TYR E 159 30.46 47.93 -10.51
C TYR E 159 31.26 47.16 -9.46
N GLN E 160 32.49 46.80 -9.82
CA GLN E 160 33.41 46.20 -8.87
C GLN E 160 33.89 47.21 -7.84
N LEU E 161 34.14 48.44 -8.29
CA LEU E 161 34.69 49.46 -7.39
C LEU E 161 33.59 50.26 -6.73
N VAL E 162 32.44 49.62 -6.61
CA VAL E 162 31.27 50.27 -6.03
C VAL E 162 31.55 50.65 -4.59
N GLY E 163 32.26 49.79 -3.88
CA GLY E 163 32.47 50.00 -2.46
C GLY E 163 33.35 51.21 -2.19
N VAL E 164 34.02 51.65 -3.24
CA VAL E 164 35.13 52.60 -3.12
C VAL E 164 34.81 54.03 -2.65
N PRO E 165 33.76 54.67 -3.19
CA PRO E 165 33.59 56.08 -2.81
C PRO E 165 33.50 56.34 -1.30
N ALA E 166 32.80 55.50 -0.55
CA ALA E 166 32.63 55.74 0.88
C ALA E 166 33.97 55.85 1.57
N LEU E 167 34.87 54.96 1.16
CA LEU E 167 36.20 54.88 1.74
C LEU E 167 37.05 56.12 1.44
N LEU E 168 36.95 56.61 0.20
CA LEU E 168 37.66 57.82 -0.19
C LEU E 168 37.15 59.04 0.57
N ARG E 169 35.84 59.08 0.76
CA ARG E 169 35.17 60.24 1.36
C ARG E 169 35.60 60.42 2.82
N GLU E 170 36.01 59.34 3.45
CA GLU E 170 36.56 59.44 4.80
C GLU E 170 37.85 60.25 4.82
N GLN E 171 38.81 59.85 3.99
CA GLN E 171 40.10 60.54 3.91
C GLN E 171 40.04 61.89 3.19
N ARG E 172 39.35 61.94 2.05
CA ARG E 172 39.22 63.18 1.27
C ARG E 172 37.78 63.64 1.27
N PRO E 173 37.34 64.25 2.37
CA PRO E 173 35.91 64.54 2.54
C PRO E 173 35.48 65.81 1.82
N ASP E 174 36.39 66.44 1.10
CA ASP E 174 36.06 67.65 0.34
C ASP E 174 36.41 67.53 -1.13
N ALA E 175 36.89 66.37 -1.54
CA ALA E 175 37.29 66.16 -2.94
C ALA E 175 36.14 65.58 -3.75
N PRO E 176 36.05 65.97 -5.03
CA PRO E 176 35.00 65.45 -5.93
C PRO E 176 35.24 63.99 -6.31
N ILE E 177 34.20 63.18 -6.20
CA ILE E 177 34.28 61.78 -6.56
C ILE E 177 33.17 61.41 -7.52
N LEU E 178 33.57 60.84 -8.66
CA LEU E 178 32.61 60.28 -9.60
C LEU E 178 32.70 58.76 -9.55
N LEU E 179 31.57 58.13 -9.23
CA LEU E 179 31.44 56.69 -9.43
C LEU E 179 30.63 56.46 -10.70
N PHE E 180 31.19 55.74 -11.66
CA PHE E 180 30.49 55.48 -12.90
C PHE E 180 30.28 54.00 -13.18
N VAL E 181 29.03 53.60 -13.28
CA VAL E 181 28.69 52.20 -13.45
C VAL E 181 28.37 51.85 -14.90
N HIS E 182 29.13 50.94 -15.47
CA HIS E 182 28.99 50.58 -16.86
C HIS E 182 27.93 49.52 -17.15
N ILE E 183 27.19 49.11 -16.13
CA ILE E 183 26.18 48.08 -16.34
C ILE E 183 24.78 48.59 -15.95
N PRO E 184 23.73 47.80 -16.15
CA PRO E 184 22.44 48.33 -15.69
C PRO E 184 22.35 48.40 -14.18
N TRP E 185 21.34 49.11 -13.70
CA TRP E 185 20.88 48.98 -12.33
C TRP E 185 19.46 48.46 -12.38
N PRO E 186 19.20 47.37 -11.65
CA PRO E 186 17.91 46.68 -11.77
C PRO E 186 16.83 47.34 -10.92
N SER E 187 15.58 46.97 -11.14
CA SER E 187 14.46 47.47 -10.36
C SER E 187 14.64 47.17 -8.88
N ALA E 188 14.13 48.07 -8.04
CA ALA E 188 14.22 47.95 -6.59
C ALA E 188 13.90 46.54 -6.09
N ASP E 189 12.80 45.98 -6.61
CA ASP E 189 12.37 44.65 -6.23
C ASP E 189 13.44 43.61 -6.50
N TYR E 190 14.13 43.80 -7.61
CA TYR E 190 15.13 42.84 -8.05
C TYR E 190 16.41 42.92 -7.23
N TRP E 191 16.77 44.14 -6.89
CA TRP E 191 17.92 44.45 -6.06
C TRP E 191 17.82 43.78 -4.69
N ARG E 192 16.61 43.86 -4.11
CA ARG E 192 16.25 43.20 -2.85
C ARG E 192 16.46 41.68 -2.84
N ILE E 193 16.80 41.07 -3.97
CA ILE E 193 16.99 39.64 -4.01
C ILE E 193 18.29 39.41 -3.28
N LEU E 194 19.25 40.27 -3.55
CA LEU E 194 20.53 40.25 -2.86
C LEU E 194 20.30 40.25 -1.35
N PRO E 195 21.17 39.54 -0.61
CA PRO E 195 21.02 39.44 0.85
C PRO E 195 21.20 40.77 1.55
N LYS E 196 20.62 40.94 2.73
CA LYS E 196 20.46 42.27 3.35
C LYS E 196 21.77 43.05 3.52
N GLU E 197 22.82 42.41 3.99
CA GLU E 197 24.07 43.14 4.18
C GLU E 197 24.64 43.66 2.86
N ILE E 198 24.47 42.89 1.80
CA ILE E 198 24.97 43.29 0.48
C ILE E 198 24.09 44.39 -0.13
N ARG E 199 22.79 44.22 -0.08
CA ARG E 199 21.92 45.16 -0.77
C ARG E 199 22.04 46.58 -0.21
N THR E 200 22.16 46.71 1.10
CA THR E 200 22.35 48.03 1.73
C THR E 200 23.81 48.45 1.67
N GLY E 201 24.69 47.50 1.94
CA GLY E 201 26.11 47.75 2.00
C GLY E 201 26.65 48.37 0.74
N ILE E 202 26.20 47.85 -0.40
CA ILE E 202 26.62 48.37 -1.70
C ILE E 202 26.23 49.84 -1.77
N LEU E 203 24.99 50.14 -1.39
CA LEU E 203 24.47 51.49 -1.46
C LEU E 203 25.22 52.42 -0.53
N HIS E 204 25.60 51.90 0.64
CA HIS E 204 26.28 52.67 1.68
C HIS E 204 27.62 53.17 1.16
N GLY E 205 28.17 52.43 0.21
CA GLY E 205 29.45 52.73 -0.40
C GLY E 205 29.40 53.57 -1.68
N MET E 206 28.25 53.59 -2.33
CA MET E 206 28.07 54.40 -3.53
C MET E 206 27.66 55.85 -3.22
N LEU E 207 26.62 56.00 -2.41
CA LEU E 207 26.06 57.31 -2.08
C LEU E 207 27.04 58.44 -1.67
N PRO E 208 28.15 58.11 -0.98
CA PRO E 208 29.04 59.21 -0.61
C PRO E 208 29.74 59.89 -1.79
N ALA E 209 29.58 59.37 -3.00
CA ALA E 209 30.19 59.96 -4.17
C ALA E 209 29.51 61.30 -4.49
N THR E 210 30.22 62.20 -5.16
CA THR E 210 29.61 63.47 -5.54
C THR E 210 28.57 63.23 -6.61
N THR E 211 28.92 62.37 -7.56
CA THR E 211 28.07 62.04 -8.70
C THR E 211 28.12 60.55 -8.98
N ILE E 212 26.97 59.96 -9.20
CA ILE E 212 26.91 58.60 -9.70
C ILE E 212 26.34 58.62 -11.10
N GLY E 213 27.11 58.09 -12.06
CA GLY E 213 26.71 58.09 -13.45
C GLY E 213 26.44 56.71 -14.03
N PHE E 214 25.53 56.65 -14.99
CA PHE E 214 25.19 55.45 -15.73
C PHE E 214 25.07 55.81 -17.20
N PHE E 215 24.99 54.81 -18.07
CA PHE E 215 24.79 55.05 -19.50
C PHE E 215 23.33 55.38 -19.88
N ALA E 216 22.37 55.13 -18.99
CA ALA E 216 20.96 55.30 -19.33
C ALA E 216 20.08 55.84 -18.20
N ASP E 217 19.06 56.63 -18.55
CA ASP E 217 18.09 57.17 -17.57
C ASP E 217 17.46 56.07 -16.76
N ARG E 218 17.15 54.95 -17.40
CA ARG E 218 16.40 53.89 -16.74
C ARG E 218 17.20 53.32 -15.57
N TRP E 219 18.51 53.29 -15.75
CA TRP E 219 19.40 52.82 -14.69
C TRP E 219 19.43 53.81 -13.53
N CYS E 220 19.45 55.10 -13.84
CA CYS E 220 19.44 56.12 -12.81
C CYS E 220 18.13 56.08 -12.04
N ARG E 221 17.02 55.89 -12.75
CA ARG E 221 15.72 55.80 -12.09
C ARG E 221 15.65 54.54 -11.19
N ASN E 222 16.08 53.40 -11.70
CA ASN E 222 16.11 52.20 -10.89
C ASN E 222 16.98 52.33 -9.64
N PHE E 223 18.09 53.03 -9.76
CA PHE E 223 18.97 53.26 -8.62
C PHE E 223 18.23 54.05 -7.54
N LEU E 224 17.65 55.18 -7.94
CA LEU E 224 16.91 55.98 -6.99
C LEU E 224 15.85 55.15 -6.28
N GLU E 225 15.16 54.28 -7.02
CA GLU E 225 14.02 53.54 -6.46
C GLU E 225 14.51 52.53 -5.47
N SER E 226 15.72 52.04 -5.72
CA SER E 226 16.38 51.15 -4.80
C SER E 226 16.72 51.85 -3.48
N VAL E 227 17.36 53.02 -3.60
CA VAL E 227 17.80 53.76 -2.44
C VAL E 227 16.61 54.10 -1.54
N ALA E 228 15.48 54.39 -2.16
CA ALA E 228 14.27 54.80 -1.46
C ALA E 228 13.59 53.58 -0.85
N ASP E 229 13.80 52.43 -1.46
CA ASP E 229 13.22 51.19 -0.98
C ASP E 229 14.01 50.59 0.16
N LEU E 230 15.30 50.91 0.25
CA LEU E 230 16.16 50.23 1.22
C LEU E 230 16.80 51.09 2.31
N LEU E 231 16.77 52.41 2.11
CA LEU E 231 17.28 53.34 3.11
C LEU E 231 16.17 54.31 3.43
N PRO E 232 15.48 54.06 4.54
CA PRO E 232 14.35 54.91 4.95
C PRO E 232 14.77 56.32 5.39
N ASP E 233 15.96 56.40 5.98
CA ASP E 233 16.61 57.68 6.25
C ASP E 233 16.84 58.61 5.05
N ALA E 234 17.30 58.03 3.94
CA ALA E 234 17.66 58.74 2.71
C ALA E 234 16.45 59.34 2.01
N ARG E 235 16.64 60.53 1.44
CA ARG E 235 15.58 61.19 0.69
C ARG E 235 16.01 61.35 -0.77
N ILE E 236 15.15 60.94 -1.68
CA ILE E 236 15.46 61.00 -3.11
C ILE E 236 14.43 61.79 -3.89
N ASP E 237 14.91 62.68 -4.75
CA ASP E 237 14.01 63.43 -5.63
C ASP E 237 14.20 62.94 -7.06
N ARG E 238 13.11 62.48 -7.65
CA ARG E 238 13.13 61.99 -9.03
C ARG E 238 13.45 63.09 -10.04
N GLU E 239 12.87 64.26 -9.82
CA GLU E 239 12.96 65.36 -10.77
C GLU E 239 14.41 65.78 -10.92
N ALA E 240 15.01 66.08 -9.77
CA ALA E 240 16.36 66.59 -9.70
C ALA E 240 17.39 65.48 -9.89
N MET E 241 16.91 64.24 -9.89
CA MET E 241 17.78 63.07 -9.89
C MET E 241 18.79 63.17 -8.77
N THR E 242 18.32 63.46 -7.56
CA THR E 242 19.25 63.69 -6.45
C THR E 242 18.92 62.85 -5.22
N VAL E 243 19.96 62.47 -4.49
CA VAL E 243 19.76 61.72 -3.24
C VAL E 243 20.43 62.44 -2.08
N GLU E 244 19.65 62.69 -1.03
CA GLU E 244 20.20 63.25 0.19
C GLU E 244 20.10 62.21 1.29
N TRP E 245 21.23 61.89 1.91
CA TRP E 245 21.26 60.81 2.88
C TRP E 245 22.42 60.91 3.87
N ARG E 246 22.11 61.04 5.16
CA ARG E 246 23.12 61.23 6.21
C ARG E 246 24.02 62.42 5.90
N GLY E 247 23.43 63.52 5.42
CA GLY E 247 24.16 64.72 5.11
C GLY E 247 25.06 64.65 3.89
N HIS E 248 24.97 63.56 3.13
CA HIS E 248 25.57 63.48 1.80
C HIS E 248 24.51 63.91 0.79
N ARG E 249 24.91 64.76 -0.15
CA ARG E 249 24.09 65.02 -1.30
C ARG E 249 24.79 64.38 -2.49
N THR E 250 24.11 63.44 -3.12
CA THR E 250 24.65 62.75 -4.29
C THR E 250 23.74 62.95 -5.49
N ARG E 251 24.31 63.34 -6.61
CA ARG E 251 23.54 63.59 -7.81
C ARG E 251 23.71 62.42 -8.79
N LEU E 252 22.64 62.11 -9.52
CA LEU E 252 22.69 61.05 -10.53
C LEU E 252 22.66 61.61 -11.95
N ARG E 253 23.42 61.00 -12.83
CA ARG E 253 23.55 61.52 -14.19
C ARG E 253 23.61 60.42 -15.23
N THR E 254 23.06 60.74 -16.40
CA THR E 254 23.19 59.89 -17.56
C THR E 254 24.27 60.49 -18.43
N MET E 255 25.26 59.67 -18.75
CA MET E 255 26.34 60.11 -19.63
C MET E 255 26.52 59.03 -20.67
N PRO E 256 25.73 59.12 -21.75
CA PRO E 256 25.75 58.06 -22.76
C PRO E 256 27.07 58.02 -23.51
N LEU E 257 27.44 56.82 -23.93
CA LEU E 257 28.69 56.57 -24.63
C LEU E 257 28.42 55.73 -25.89
N GLY E 258 29.10 56.06 -26.97
CA GLY E 258 28.76 55.45 -28.22
C GLY E 258 29.86 54.58 -28.76
N TYR E 259 31.04 55.17 -28.91
CA TYR E 259 32.11 54.50 -29.61
C TYR E 259 33.39 55.31 -29.50
N SER E 260 34.51 54.65 -29.79
CA SER E 260 35.79 55.32 -29.89
C SER E 260 36.17 55.46 -31.33
N PRO E 261 36.23 56.71 -31.81
CA PRO E 261 36.56 57.00 -33.21
C PRO E 261 37.97 56.55 -33.56
N LEU E 262 38.91 56.80 -32.67
CA LEU E 262 40.30 56.45 -32.89
C LEU E 262 40.48 54.94 -33.04
N THR E 263 39.78 54.19 -32.20
CA THR E 263 39.85 52.74 -32.28
C THR E 263 39.30 52.22 -33.60
N LEU E 264 38.18 52.79 -34.04
CA LEU E 264 37.60 52.44 -35.33
C LEU E 264 38.53 52.84 -36.47
N ASP E 265 39.13 54.02 -36.34
CA ASP E 265 40.06 54.55 -37.32
C ASP E 265 41.35 53.74 -37.35
N GLY E 266 41.82 53.38 -36.16
CA GLY E 266 43.00 52.55 -36.02
C GLY E 266 42.61 51.10 -35.90
N ARG E 267 42.09 50.54 -36.99
CA ARG E 267 41.74 49.13 -37.04
C ARG E 267 41.94 48.58 -38.46
N ASN E 268 42.46 47.36 -38.56
CA ASN E 268 42.68 46.73 -39.88
C ASN E 268 41.76 45.50 -40.08
N PRO E 269 40.46 45.72 -40.32
CA PRO E 269 39.54 44.60 -40.41
C PRO E 269 39.35 43.97 -41.79
N GLN E 270 39.40 42.65 -41.87
CA GLN E 270 38.75 41.89 -42.95
C GLN E 270 38.16 40.55 -42.44
N LEU E 271 37.45 39.83 -43.31
CA LEU E 271 36.54 38.76 -42.91
C LEU E 271 37.20 37.49 -42.45
N PRO E 272 36.53 36.73 -41.56
CA PRO E 272 36.94 35.38 -41.12
C PRO E 272 37.01 34.36 -42.25
N GLU E 273 37.75 33.28 -42.01
CA GLU E 273 37.98 32.31 -43.05
C GLU E 273 36.68 31.70 -43.52
N GLY E 274 36.52 31.69 -44.84
CA GLY E 274 35.41 31.04 -45.47
C GLY E 274 34.11 31.83 -45.48
N ILE E 275 34.08 32.98 -44.79
CA ILE E 275 32.84 33.74 -44.65
C ILE E 275 32.43 34.45 -45.93
N GLU E 276 33.35 35.23 -46.48
CA GLU E 276 33.14 35.92 -47.78
C GLU E 276 32.64 34.96 -48.86
N GLU E 277 33.12 33.73 -48.83
CA GLU E 277 32.73 32.76 -49.82
C GLU E 277 31.33 32.24 -49.59
N TRP E 278 31.04 31.97 -48.31
CA TRP E 278 29.76 31.39 -47.89
C TRP E 278 28.62 32.39 -48.04
N ALA E 279 28.95 33.65 -47.84
CA ALA E 279 27.99 34.73 -47.92
C ALA E 279 27.86 35.35 -49.31
N ASP E 280 28.70 34.94 -50.26
CA ASP E 280 28.67 35.57 -51.58
C ASP E 280 27.34 35.28 -52.28
N GLY E 281 26.72 36.34 -52.80
CA GLY E 281 25.45 36.19 -53.48
C GLY E 281 24.31 35.97 -52.52
N HIS E 282 24.54 36.38 -51.28
CA HIS E 282 23.55 36.20 -50.24
C HIS E 282 23.35 37.47 -49.43
N ARG E 283 22.12 37.70 -48.98
CA ARG E 283 21.89 38.67 -47.94
C ARG E 283 22.39 38.12 -46.56
N LEU E 284 23.14 38.94 -45.85
CA LEU E 284 23.76 38.49 -44.62
C LEU E 284 23.24 39.16 -43.34
N VAL E 285 22.54 38.36 -42.54
CA VAL E 285 22.15 38.79 -41.20
C VAL E 285 23.27 38.48 -40.24
N VAL E 286 23.64 39.46 -39.43
CA VAL E 286 24.71 39.30 -38.44
C VAL E 286 24.26 39.61 -37.01
N HIS E 287 24.46 38.63 -36.12
CA HIS E 287 24.38 38.85 -34.69
C HIS E 287 25.78 38.88 -34.18
N SER E 288 26.12 39.83 -33.31
CA SER E 288 27.47 39.91 -32.76
C SER E 288 27.41 40.25 -31.28
N GLY E 289 28.18 39.53 -30.47
CA GLY E 289 28.25 39.81 -29.04
C GLY E 289 29.11 38.80 -28.31
N ARG E 290 29.48 39.13 -27.08
CA ARG E 290 30.27 38.24 -26.22
C ARG E 290 29.56 36.93 -25.90
N THR E 291 30.32 35.88 -25.59
CA THR E 291 29.71 34.67 -25.04
C THR E 291 29.14 34.93 -23.63
N ASP E 292 27.93 35.49 -23.60
CA ASP E 292 27.29 35.98 -22.39
C ASP E 292 25.79 35.92 -22.61
N PRO E 293 25.05 35.34 -21.68
CA PRO E 293 23.61 35.12 -21.92
C PRO E 293 22.85 36.36 -22.34
N ILE E 294 23.27 37.53 -21.88
CA ILE E 294 22.53 38.75 -22.16
C ILE E 294 22.53 39.17 -23.63
N LYS E 295 23.55 38.76 -24.37
CA LYS E 295 23.63 39.04 -25.81
C LYS E 295 22.49 38.45 -26.65
N ASN E 296 21.85 37.40 -26.14
CA ASN E 296 20.58 36.92 -26.66
C ASN E 296 20.60 36.26 -28.06
N ALA E 297 21.72 35.70 -28.46
CA ALA E 297 21.78 35.08 -29.77
C ALA E 297 20.91 33.85 -29.98
N GLU E 298 20.54 33.12 -28.94
CA GLU E 298 19.67 31.98 -29.17
C GLU E 298 18.35 32.49 -29.75
N ARG E 299 17.73 33.44 -29.06
CA ARG E 299 16.45 34.01 -29.48
C ARG E 299 16.50 34.62 -30.91
N ALA E 300 17.59 35.33 -31.22
CA ALA E 300 17.83 35.83 -32.57
C ALA E 300 17.79 34.73 -33.63
N VAL E 301 18.52 33.63 -33.39
CA VAL E 301 18.51 32.51 -34.33
C VAL E 301 17.09 31.95 -34.43
N ARG E 302 16.42 31.84 -33.28
CA ARG E 302 15.06 31.33 -33.29
C ARG E 302 14.16 32.20 -34.14
N ALA E 303 14.31 33.51 -33.98
CA ALA E 303 13.44 34.48 -34.63
C ALA E 303 13.69 34.53 -36.14
N PHE E 304 14.94 34.30 -36.54
CA PHE E 304 15.31 34.18 -37.96
C PHE E 304 14.65 33.00 -38.68
N VAL E 305 14.64 31.83 -38.03
CA VAL E 305 13.89 30.67 -38.48
C VAL E 305 12.42 31.04 -38.65
N LEU E 306 11.85 31.72 -37.65
CA LEU E 306 10.47 32.16 -37.74
C LEU E 306 10.20 33.03 -38.97
N ALA E 307 11.12 33.94 -39.26
CA ALA E 307 11.04 34.76 -40.45
C ALA E 307 11.18 33.93 -41.72
N ALA E 308 11.98 32.88 -41.67
CA ALA E 308 12.31 32.19 -42.90
C ALA E 308 11.28 31.14 -43.30
N ARG E 309 10.42 30.73 -42.38
CA ARG E 309 9.24 29.95 -42.76
C ARG E 309 8.24 30.89 -43.41
N GLY E 310 8.16 32.09 -42.86
CA GLY E 310 7.35 33.17 -43.40
C GLY E 310 7.88 33.65 -44.74
N GLY E 311 8.87 32.93 -45.25
CA GLY E 311 9.30 33.02 -46.63
C GLY E 311 9.90 34.33 -47.07
N GLY E 312 10.39 34.34 -48.31
CA GLY E 312 10.93 35.54 -48.91
C GLY E 312 12.29 35.86 -48.36
N LEU E 313 12.72 35.06 -47.40
CA LEU E 313 14.08 35.13 -46.92
C LEU E 313 14.92 34.13 -47.69
N GLU E 314 14.61 34.01 -48.97
CA GLU E 314 15.44 33.25 -49.89
C GLU E 314 16.74 34.01 -50.09
N LYS E 315 17.82 33.29 -50.23
CA LYS E 315 19.14 33.88 -50.43
C LYS E 315 19.54 34.76 -49.25
N THR E 316 19.13 34.37 -48.05
CA THR E 316 19.58 35.05 -46.84
C THR E 316 20.29 34.03 -45.99
N ARG E 317 21.38 34.44 -45.34
CA ARG E 317 22.09 33.57 -44.41
C ARG E 317 22.43 34.32 -43.13
N MET E 318 22.50 33.61 -42.00
CA MET E 318 22.84 34.24 -40.74
C MET E 318 24.19 33.87 -40.21
N LEU E 319 24.91 34.86 -39.71
CA LEU E 319 26.19 34.64 -39.07
C LEU E 319 26.11 35.12 -37.63
N VAL E 320 26.46 34.24 -36.69
CA VAL E 320 26.53 34.62 -35.29
C VAL E 320 27.99 34.78 -34.90
N ARG E 321 28.45 36.02 -34.75
CA ARG E 321 29.76 36.33 -34.16
C ARG E 321 29.72 36.29 -32.65
N MET E 322 30.49 35.39 -32.05
CA MET E 322 30.69 35.40 -30.62
C MET E 322 32.16 35.71 -30.29
N ASN E 323 32.35 36.36 -29.15
CA ASN E 323 33.66 36.66 -28.66
C ASN E 323 33.84 35.94 -27.30
N PRO E 324 34.58 34.81 -27.28
CA PRO E 324 34.79 34.01 -26.07
C PRO E 324 35.21 34.85 -24.86
N ASN E 325 34.50 34.67 -23.76
CA ASN E 325 34.75 35.47 -22.59
C ASN E 325 34.15 34.86 -21.35
N ARG E 326 35.02 34.52 -20.39
CA ARG E 326 34.59 33.90 -19.14
C ARG E 326 33.84 32.60 -19.35
N LEU E 327 34.31 31.78 -20.28
CA LEU E 327 33.62 30.55 -20.64
C LEU E 327 33.66 29.53 -19.50
N TYR E 328 34.27 29.93 -18.40
CA TYR E 328 34.42 29.05 -17.25
C TYR E 328 33.26 29.22 -16.29
N VAL E 329 32.49 30.29 -16.48
CA VAL E 329 31.21 30.45 -15.78
C VAL E 329 30.20 29.60 -16.50
N PRO E 330 29.53 28.70 -15.75
CA PRO E 330 28.56 27.79 -16.36
C PRO E 330 27.58 28.51 -17.29
N ALA E 331 26.96 29.58 -16.81
CA ALA E 331 25.97 30.35 -17.60
C ALA E 331 26.44 30.70 -19.01
N ASN E 332 27.58 31.40 -19.10
CA ASN E 332 28.22 31.78 -20.35
C ASN E 332 28.47 30.61 -21.30
N ALA E 333 28.82 29.47 -20.75
CA ALA E 333 29.13 28.35 -21.61
C ALA E 333 27.85 27.63 -22.00
N ASP E 334 26.87 27.66 -21.10
CA ASP E 334 25.54 27.15 -21.41
C ASP E 334 24.84 27.95 -22.53
N TYR E 335 25.02 29.26 -22.45
CA TYR E 335 24.59 30.15 -23.50
C TYR E 335 25.18 29.73 -24.85
N VAL E 336 26.49 29.56 -24.90
CA VAL E 336 27.12 29.08 -26.12
C VAL E 336 26.48 27.78 -26.59
N HIS E 337 26.21 26.87 -25.66
CA HIS E 337 25.63 25.59 -26.06
C HIS E 337 24.21 25.76 -26.59
N ARG E 338 23.41 26.58 -25.92
CA ARG E 338 22.05 26.86 -26.35
C ARG E 338 22.06 27.41 -27.78
N VAL E 339 22.95 28.38 -28.01
CA VAL E 339 23.06 29.01 -29.30
C VAL E 339 23.41 27.97 -30.38
N GLU E 340 24.41 27.14 -30.09
CA GLU E 340 24.84 26.07 -31.02
C GLU E 340 23.70 25.13 -31.39
N THR E 341 22.89 24.80 -30.40
CA THR E 341 21.81 23.85 -30.58
C THR E 341 20.79 24.46 -31.51
N ALA E 342 20.59 25.76 -31.36
CA ALA E 342 19.60 26.44 -32.17
C ALA E 342 20.09 26.54 -33.62
N VAL E 343 21.36 26.90 -33.79
CA VAL E 343 21.93 27.00 -35.13
C VAL E 343 21.76 25.68 -35.89
N ALA E 344 22.07 24.60 -35.19
CA ALA E 344 21.96 23.27 -35.77
C ALA E 344 20.53 22.95 -36.13
N GLU E 345 19.62 23.27 -35.23
CA GLU E 345 18.21 23.06 -35.52
C GLU E 345 17.71 23.94 -36.69
N ALA E 346 18.25 25.15 -36.80
CA ALA E 346 17.84 26.05 -37.88
C ALA E 346 18.33 25.48 -39.20
N ASN E 347 19.57 25.03 -39.22
CA ASN E 347 20.14 24.47 -40.43
C ASN E 347 19.43 23.18 -40.84
N ALA E 348 18.91 22.45 -39.86
CA ALA E 348 18.21 21.22 -40.17
C ALA E 348 16.91 21.55 -40.85
N GLU E 349 16.27 22.64 -40.43
CA GLU E 349 14.98 23.03 -40.99
C GLU E 349 15.09 23.83 -42.29
N LEU E 350 16.00 24.81 -42.32
CA LEU E 350 16.06 25.72 -43.45
C LEU E 350 16.97 25.22 -44.57
N GLY E 351 17.84 24.27 -44.24
CA GLY E 351 18.77 23.71 -45.20
C GLY E 351 20.18 23.88 -44.71
N SER E 352 21.06 22.97 -45.14
CA SER E 352 22.42 22.96 -44.63
C SER E 352 23.12 24.30 -44.85
N ASP E 353 23.93 24.68 -43.88
CA ASP E 353 24.81 25.83 -44.00
C ASP E 353 24.07 27.16 -44.17
N THR E 354 22.79 27.18 -43.81
CA THR E 354 22.01 28.42 -43.79
C THR E 354 22.53 29.40 -42.72
N VAL E 355 22.95 28.86 -41.57
CA VAL E 355 23.50 29.68 -40.49
C VAL E 355 24.84 29.14 -40.00
N ARG E 356 25.76 30.04 -39.63
CA ARG E 356 27.04 29.63 -39.10
C ARG E 356 27.36 30.41 -37.84
N ILE E 357 28.23 29.81 -37.02
CA ILE E 357 28.77 30.52 -35.87
C ILE E 357 30.23 30.81 -36.17
N ASP E 358 30.70 31.98 -35.74
CA ASP E 358 32.12 32.25 -35.76
C ASP E 358 32.51 32.73 -34.38
N ASN E 359 33.25 31.90 -33.68
CA ASN E 359 33.55 32.08 -32.26
C ASN E 359 35.05 32.22 -31.99
N ASP E 360 35.65 33.36 -32.33
CA ASP E 360 37.05 33.65 -31.98
C ASP E 360 37.20 35.03 -31.31
N ASN E 361 38.42 35.51 -31.11
CA ASN E 361 38.62 36.74 -30.37
C ASN E 361 39.17 37.91 -31.18
N ASP E 362 39.17 37.80 -32.51
CA ASP E 362 39.72 38.89 -33.32
C ASP E 362 38.74 40.04 -33.53
N VAL E 363 39.04 41.19 -32.95
CA VAL E 363 38.17 42.32 -33.06
C VAL E 363 38.08 42.84 -34.49
N ASN E 364 39.05 42.48 -35.31
CA ASN E 364 39.06 42.98 -36.67
C ASN E 364 38.12 42.14 -37.51
N HIS E 365 38.07 40.86 -37.16
CA HIS E 365 37.12 39.97 -37.78
C HIS E 365 35.68 40.48 -37.51
N THR E 366 35.47 41.08 -36.35
CA THR E 366 34.11 41.47 -36.00
C THR E 366 33.69 42.71 -36.76
N ILE E 367 34.60 43.67 -36.87
CA ILE E 367 34.32 44.92 -37.58
C ILE E 367 34.08 44.66 -39.06
N ALA E 368 34.82 43.70 -39.61
CA ALA E 368 34.60 43.24 -40.98
C ALA E 368 33.19 42.68 -41.18
N CYS E 369 32.68 41.98 -40.16
CA CYS E 369 31.34 41.42 -40.21
C CYS E 369 30.35 42.56 -40.08
N PHE E 370 30.69 43.57 -39.28
CA PHE E 370 29.86 44.76 -39.22
C PHE E 370 29.76 45.38 -40.62
N ARG E 371 30.87 45.36 -41.36
CA ARG E 371 30.91 45.98 -42.68
C ARG E 371 30.06 45.23 -43.74
N ARG E 372 30.08 43.90 -43.67
CA ARG E 372 29.51 43.06 -44.71
C ARG E 372 28.02 42.84 -44.49
N ALA E 373 27.55 43.16 -43.29
CA ALA E 373 26.17 42.87 -42.91
C ALA E 373 25.14 43.62 -43.74
N ASP E 374 24.06 42.90 -44.05
CA ASP E 374 22.86 43.49 -44.63
C ASP E 374 21.84 43.82 -43.53
N LEU E 375 21.88 43.02 -42.47
CA LEU E 375 21.07 43.27 -41.28
C LEU E 375 21.86 42.93 -40.00
N LEU E 376 21.99 43.92 -39.15
CA LEU E 376 22.61 43.80 -37.84
C LEU E 376 21.54 43.59 -36.76
N ILE E 377 21.71 42.57 -35.92
CA ILE E 377 20.81 42.37 -34.80
C ILE E 377 21.54 42.51 -33.49
N PHE E 378 21.11 43.47 -32.68
CA PHE E 378 21.61 43.63 -31.31
C PHE E 378 20.46 43.56 -30.31
N ASN E 379 19.92 42.36 -30.15
CA ASN E 379 18.71 42.14 -29.37
C ASN E 379 18.92 41.73 -27.91
N SER E 380 19.81 42.42 -27.20
CA SER E 380 20.13 42.05 -25.80
C SER E 380 18.90 41.86 -24.89
N THR E 381 19.03 40.95 -23.92
CA THR E 381 17.97 40.81 -22.92
C THR E 381 17.99 42.05 -22.03
N VAL E 382 19.17 42.66 -21.96
CA VAL E 382 19.37 43.92 -21.26
C VAL E 382 20.81 44.27 -21.57
N ASP E 383 21.16 45.55 -21.44
CA ASP E 383 22.54 45.95 -21.65
C ASP E 383 22.75 47.36 -21.14
N GLY E 384 23.83 47.56 -20.39
CA GLY E 384 24.16 48.86 -19.85
C GLY E 384 24.16 49.94 -20.91
N GLN E 385 24.76 49.62 -22.06
CA GLN E 385 24.70 50.51 -23.21
C GLN E 385 24.64 49.75 -24.52
N ASN E 386 25.77 49.14 -24.87
CA ASN E 386 26.01 48.38 -26.11
C ASN E 386 26.64 49.26 -27.17
N LEU E 387 27.96 49.21 -27.24
CA LEU E 387 28.74 50.09 -28.07
C LEU E 387 28.76 49.57 -29.47
N SER E 388 28.45 48.28 -29.59
CA SER E 388 28.44 47.65 -30.91
C SER E 388 27.42 48.33 -31.82
N THR E 389 26.29 48.66 -31.23
CA THR E 389 25.17 49.19 -31.98
C THR E 389 25.43 50.60 -32.50
N PHE E 390 26.47 51.26 -32.00
CA PHE E 390 26.95 52.51 -32.56
C PHE E 390 28.01 52.23 -33.62
N GLU E 391 29.03 51.44 -33.26
CA GLU E 391 30.12 51.07 -34.18
C GLU E 391 29.64 50.48 -35.50
N ALA E 392 28.77 49.50 -35.41
CA ALA E 392 28.42 48.77 -36.62
C ALA E 392 27.76 49.63 -37.74
N PRO E 393 26.80 50.51 -37.39
CA PRO E 393 26.29 51.40 -38.43
C PRO E 393 27.35 52.34 -38.97
N LEU E 394 28.22 52.81 -38.10
CA LEU E 394 29.23 53.78 -38.52
C LEU E 394 30.33 53.17 -39.39
N VAL E 395 30.39 51.84 -39.49
CA VAL E 395 31.34 51.21 -40.41
C VAL E 395 30.64 50.44 -41.54
N ASN E 396 29.34 50.19 -41.39
CA ASN E 396 28.67 49.33 -42.36
C ASN E 396 28.59 49.96 -43.75
N GLU E 397 29.00 49.22 -44.78
CA GLU E 397 29.08 49.75 -46.14
C GLU E 397 27.90 49.41 -47.05
N ARG E 398 26.91 48.69 -46.51
CA ARG E 398 25.76 48.24 -47.28
C ARG E 398 24.40 48.86 -46.89
N ASP E 399 24.43 49.87 -46.04
CA ASP E 399 23.22 50.47 -45.49
C ASP E 399 22.38 49.42 -44.75
N ALA E 400 23.01 48.73 -43.81
CA ALA E 400 22.33 47.63 -43.15
C ALA E 400 21.27 48.17 -42.21
N ASP E 401 20.14 47.48 -42.13
CA ASP E 401 19.16 47.81 -41.12
C ASP E 401 19.68 47.37 -39.74
N VAL E 402 19.08 47.91 -38.68
CA VAL E 402 19.52 47.55 -37.35
C VAL E 402 18.33 47.26 -36.47
N ILE E 403 18.24 46.03 -36.01
CA ILE E 403 17.24 45.62 -35.03
C ILE E 403 17.90 45.70 -33.67
N LEU E 404 17.44 46.65 -32.86
CA LEU E 404 18.05 46.91 -31.57
C LEU E 404 17.06 46.65 -30.46
N SER E 405 17.46 45.86 -29.47
CA SER E 405 16.60 45.57 -28.33
C SER E 405 16.33 46.85 -27.56
N GLU E 406 15.11 46.98 -27.08
CA GLU E 406 14.72 48.15 -26.28
C GLU E 406 15.55 48.18 -25.00
N THR E 407 15.81 47.01 -24.45
CA THR E 407 16.44 46.91 -23.14
C THR E 407 17.92 47.33 -23.08
N CYS E 408 18.50 47.72 -24.22
CA CYS E 408 19.86 48.28 -24.21
C CYS E 408 19.85 49.74 -23.80
N GLY E 409 20.89 50.17 -23.08
CA GLY E 409 21.00 51.57 -22.72
C GLY E 409 20.98 52.42 -23.98
N ALA E 410 21.53 51.86 -25.05
CA ALA E 410 21.70 52.58 -26.28
C ALA E 410 20.38 52.99 -26.90
N ALA E 411 19.33 52.25 -26.57
CA ALA E 411 18.03 52.46 -27.21
C ALA E 411 17.50 53.85 -26.89
N GLU E 412 17.92 54.36 -25.74
CA GLU E 412 17.58 55.72 -25.34
C GLU E 412 18.19 56.83 -26.24
N VAL E 413 19.00 56.42 -27.20
CA VAL E 413 19.72 57.34 -28.07
C VAL E 413 19.43 57.01 -29.54
N LEU E 414 19.31 55.72 -29.85
CA LEU E 414 19.18 55.25 -31.24
C LEU E 414 17.92 54.43 -31.51
N GLY E 415 17.04 54.31 -30.51
CA GLY E 415 15.85 53.48 -30.65
C GLY E 415 14.92 53.96 -31.75
N GLU E 416 14.90 55.28 -31.95
CA GLU E 416 14.02 55.87 -32.93
C GLU E 416 14.58 55.58 -34.30
N TYR E 417 15.90 55.46 -34.34
CA TYR E 417 16.62 55.29 -35.59
C TYR E 417 16.74 53.83 -35.99
N CYS E 418 16.11 52.97 -35.19
CA CYS E 418 16.24 51.54 -35.41
C CYS E 418 14.89 50.86 -35.21
N ARG E 419 14.84 49.59 -35.57
CA ARG E 419 13.68 48.76 -35.28
C ARG E 419 13.80 48.28 -33.84
N SER E 420 13.13 49.02 -32.96
CA SER E 420 13.14 48.79 -31.52
C SER E 420 12.27 47.58 -31.20
N VAL E 421 12.89 46.52 -30.72
CA VAL E 421 12.15 45.30 -30.52
C VAL E 421 12.15 44.90 -29.02
N ASN E 422 11.11 44.17 -28.62
CA ASN E 422 11.11 43.45 -27.34
C ASN E 422 11.96 42.16 -27.44
N PRO E 423 13.04 42.06 -26.65
CA PRO E 423 13.99 40.96 -26.81
C PRO E 423 13.39 39.60 -26.53
N PHE E 424 12.24 39.59 -25.85
CA PHE E 424 11.64 38.34 -25.41
C PHE E 424 10.60 37.81 -26.36
N ASP E 425 10.20 38.64 -27.32
CA ASP E 425 9.14 38.29 -28.26
C ASP E 425 9.72 37.78 -29.60
N LEU E 426 9.66 36.47 -29.85
CA LEU E 426 10.16 35.93 -31.10
C LEU E 426 9.35 36.36 -32.34
N VAL E 427 8.03 36.40 -32.23
CA VAL E 427 7.20 36.79 -33.35
C VAL E 427 7.48 38.22 -33.80
N GLU E 428 7.70 39.10 -32.82
CA GLU E 428 7.98 40.49 -33.16
C GLU E 428 9.36 40.60 -33.77
N GLN E 429 10.31 39.88 -33.20
CA GLN E 429 11.66 39.87 -33.75
C GLN E 429 11.70 39.34 -35.19
N ALA E 430 10.91 38.31 -35.48
CA ALA E 430 10.88 37.71 -36.81
C ALA E 430 10.24 38.67 -37.78
N GLU E 431 9.10 39.23 -37.39
CA GLU E 431 8.40 40.17 -38.25
C GLU E 431 9.28 41.37 -38.58
N ALA E 432 10.07 41.81 -37.60
CA ALA E 432 10.99 42.88 -37.87
C ALA E 432 12.12 42.46 -38.82
N ILE E 433 12.63 41.24 -38.66
CA ILE E 433 13.64 40.73 -39.58
C ILE E 433 13.08 40.72 -41.01
N SER E 434 11.86 40.17 -41.16
CA SER E 434 11.16 40.17 -42.43
C SER E 434 11.01 41.59 -43.03
N ALA E 435 10.61 42.54 -42.18
CA ALA E 435 10.40 43.90 -42.66
C ALA E 435 11.70 44.49 -43.13
N ALA E 436 12.73 44.40 -42.29
CA ALA E 436 14.05 44.93 -42.59
C ALA E 436 14.58 44.45 -43.94
N LEU E 437 14.42 43.15 -44.17
CA LEU E 437 14.93 42.55 -45.38
C LEU E 437 14.07 42.81 -46.61
N ALA E 438 12.83 43.21 -46.42
CA ALA E 438 11.97 43.51 -47.57
C ALA E 438 12.09 44.96 -48.06
N ALA E 439 12.73 45.80 -47.26
CA ALA E 439 12.97 47.19 -47.60
C ALA E 439 14.02 47.29 -48.70
N GLY E 440 13.77 48.17 -49.66
CA GLY E 440 14.68 48.35 -50.79
C GLY E 440 15.86 49.21 -50.40
N PRO E 441 16.84 49.32 -51.30
CA PRO E 441 18.15 49.98 -51.12
C PRO E 441 18.02 51.43 -50.74
N ARG E 442 17.00 52.10 -51.26
CA ARG E 442 16.84 53.54 -51.10
C ARG E 442 16.24 53.86 -49.76
N GLN E 443 15.31 53.00 -49.35
CA GLN E 443 14.70 53.08 -48.04
C GLN E 443 15.78 52.89 -46.97
N ARG E 444 16.61 51.88 -47.17
CA ARG E 444 17.65 51.51 -46.20
C ARG E 444 18.76 52.54 -46.14
N ALA E 445 19.15 53.02 -47.31
CA ALA E 445 20.18 54.06 -47.41
C ALA E 445 19.80 55.29 -46.58
N GLU E 446 18.53 55.67 -46.70
CA GLU E 446 17.97 56.78 -45.95
C GLU E 446 18.03 56.53 -44.43
N ALA E 447 17.54 55.37 -44.01
CA ALA E 447 17.55 55.02 -42.62
C ALA E 447 18.97 54.98 -42.05
N ALA E 448 19.85 54.28 -42.77
CA ALA E 448 21.26 54.20 -42.39
C ALA E 448 21.90 55.57 -42.23
N ALA E 449 21.55 56.47 -43.13
CA ALA E 449 22.10 57.82 -43.11
C ALA E 449 21.77 58.54 -41.81
N ARG E 450 20.53 58.41 -41.34
CA ARG E 450 20.09 59.10 -40.13
C ARG E 450 20.71 58.44 -38.92
N ARG E 451 20.73 57.10 -38.96
CA ARG E 451 21.32 56.32 -37.89
C ARG E 451 22.75 56.77 -37.63
N ARG E 452 23.50 56.90 -38.73
CA ARG E 452 24.89 57.28 -38.62
C ARG E 452 25.01 58.67 -38.05
N ASP E 453 24.01 59.51 -38.30
CA ASP E 453 24.06 60.88 -37.79
C ASP E 453 23.74 60.91 -36.30
N ALA E 454 22.84 60.03 -35.87
CA ALA E 454 22.43 59.96 -34.48
C ALA E 454 23.56 59.35 -33.64
N ALA E 455 24.32 58.44 -34.26
CA ALA E 455 25.39 57.76 -33.55
C ALA E 455 26.63 58.61 -33.45
N ARG E 456 26.95 59.33 -34.52
CA ARG E 456 28.28 59.93 -34.67
C ARG E 456 28.79 60.81 -33.50
N PRO E 457 27.91 61.61 -32.87
CA PRO E 457 28.50 62.54 -31.90
C PRO E 457 28.80 61.93 -30.53
N TRP E 458 28.43 60.68 -30.32
CA TRP E 458 28.62 60.07 -29.02
C TRP E 458 29.99 59.43 -28.90
N THR E 459 31.02 60.26 -28.88
CA THR E 459 32.39 59.77 -28.84
C THR E 459 32.88 59.59 -27.43
N LEU E 460 33.90 58.75 -27.30
CA LEU E 460 34.56 58.54 -26.03
C LEU E 460 35.04 59.87 -25.46
N GLU E 461 35.68 60.68 -26.31
CA GLU E 461 36.22 61.95 -25.91
C GLU E 461 35.11 62.81 -25.35
N ALA E 462 33.94 62.77 -25.99
CA ALA E 462 32.80 63.58 -25.56
C ALA E 462 32.14 63.08 -24.27
N TRP E 463 32.31 61.79 -24.00
CA TRP E 463 31.81 61.16 -22.78
C TRP E 463 32.72 61.45 -21.56
N VAL E 464 34.03 61.45 -21.80
CA VAL E 464 35.01 61.83 -20.81
C VAL E 464 34.73 63.24 -20.38
N GLN E 465 34.41 64.08 -21.36
CA GLN E 465 34.11 65.47 -21.09
C GLN E 465 32.85 65.58 -20.25
N ALA E 466 31.86 64.77 -20.60
CA ALA E 466 30.59 64.78 -19.88
C ALA E 466 30.78 64.39 -18.42
N GLN E 467 31.73 63.50 -18.18
CA GLN E 467 32.05 63.13 -16.81
C GLN E 467 32.60 64.32 -16.03
N LEU E 468 33.57 65.01 -16.64
CA LEU E 468 34.24 66.13 -15.99
C LEU E 468 33.28 67.30 -15.76
N ASP E 469 32.56 67.70 -16.81
CA ASP E 469 31.59 68.78 -16.66
C ASP E 469 30.50 68.48 -15.62
N GLY E 470 30.08 67.21 -15.57
CA GLY E 470 29.07 66.79 -14.62
C GLY E 470 29.58 66.86 -13.19
N LEU E 471 30.75 66.25 -12.95
CA LEU E 471 31.36 66.20 -11.65
C LEU E 471 31.66 67.59 -11.14
N ALA E 472 32.14 68.44 -12.05
CA ALA E 472 32.49 69.81 -11.72
C ALA E 472 31.29 70.60 -11.20
N ALA E 473 30.18 70.54 -11.93
CA ALA E 473 28.98 71.30 -11.57
C ALA E 473 28.30 70.76 -10.32
N ASP E 474 28.40 69.45 -10.10
CA ASP E 474 27.79 68.81 -8.94
C ASP E 474 28.61 69.08 -7.68
N HIS E 475 29.93 69.10 -7.85
CA HIS E 475 30.82 69.43 -6.75
C HIS E 475 30.65 70.88 -6.36
N ALA E 476 30.29 71.71 -7.33
CA ALA E 476 30.11 73.13 -7.08
C ALA E 476 28.77 73.41 -6.42
N ALA E 477 27.86 72.44 -6.46
CA ALA E 477 26.51 72.69 -5.97
C ALA E 477 26.30 72.27 -4.52
N ARG E 478 27.34 71.70 -3.93
CA ARG E 478 27.35 71.41 -2.49
C ARG E 478 27.10 72.69 -1.70
N THR E 479 27.86 73.74 -2.08
CA THR E 479 28.02 74.96 -1.31
C THR E 479 26.72 75.76 -1.27
N SER F 4 41.18 1.00 -32.63
CA SER F 4 40.62 2.26 -33.11
C SER F 4 40.47 3.26 -31.98
N GLU F 5 39.58 4.23 -32.15
CA GLU F 5 39.33 5.24 -31.13
C GLU F 5 38.00 4.99 -30.45
N ILE F 6 38.03 4.79 -29.13
CA ILE F 6 36.88 4.30 -28.40
C ILE F 6 36.22 5.34 -27.49
N PHE F 7 34.90 5.45 -27.61
CA PHE F 7 34.14 6.41 -26.82
C PHE F 7 33.17 5.76 -25.81
N LEU F 8 33.24 6.25 -24.59
CA LEU F 8 32.52 5.63 -23.49
C LEU F 8 31.57 6.63 -22.84
N ALA F 9 30.37 6.18 -22.49
CA ALA F 9 29.42 7.07 -21.82
C ALA F 9 28.36 6.36 -20.99
N SER F 10 28.00 6.99 -19.87
CA SER F 10 26.98 6.48 -18.97
C SER F 10 26.44 7.63 -18.13
N LYS F 11 25.12 7.65 -17.85
CA LYS F 11 24.46 8.79 -17.13
C LYS F 11 24.67 9.14 -15.62
N ARG F 12 24.57 8.17 -14.71
CA ARG F 12 25.01 8.30 -13.32
C ARG F 12 26.51 8.50 -13.17
N ALA F 13 26.89 9.29 -12.17
CA ALA F 13 28.30 9.56 -11.88
C ALA F 13 28.42 10.41 -10.63
N ALA F 14 28.77 9.78 -9.52
CA ALA F 14 28.87 10.46 -8.24
C ALA F 14 30.28 10.99 -7.98
N ILE F 15 30.41 12.31 -7.92
CA ILE F 15 31.69 12.95 -7.64
C ILE F 15 31.67 13.84 -6.41
N THR F 16 32.83 13.95 -5.77
CA THR F 16 33.02 14.81 -4.60
C THR F 16 34.25 15.68 -4.85
N TYR F 17 34.16 16.95 -4.50
CA TYR F 17 35.26 17.88 -4.75
C TYR F 17 35.83 18.44 -3.45
N ASP F 18 37.14 18.34 -3.29
CA ASP F 18 37.82 18.84 -2.09
C ASP F 18 39.33 18.80 -2.29
N PRO F 26 41.64 20.79 -3.90
CA PRO F 26 41.92 20.65 -5.33
C PRO F 26 41.84 19.20 -5.80
N ARG F 27 40.90 18.45 -5.24
CA ARG F 27 40.73 17.05 -5.59
C ARG F 27 39.28 16.76 -6.00
N ALA F 28 39.09 15.72 -6.79
CA ALA F 28 37.76 15.34 -7.25
C ALA F 28 37.66 13.83 -7.48
N TRP F 29 36.94 13.15 -6.58
CA TRP F 29 36.76 11.72 -6.69
C TRP F 29 35.31 11.37 -6.76
N LEU F 30 35.01 10.10 -6.99
CA LEU F 30 33.63 9.64 -7.08
C LEU F 30 33.37 8.47 -6.13
N ALA F 31 32.16 8.41 -5.60
CA ALA F 31 31.77 7.35 -4.69
C ALA F 31 31.94 5.97 -5.33
N PRO F 32 32.36 5.00 -4.53
CA PRO F 32 32.56 3.64 -5.02
C PRO F 32 31.24 2.90 -5.22
N GLY F 33 31.30 1.69 -5.75
CA GLY F 33 30.11 0.90 -5.97
C GLY F 33 29.23 1.50 -7.06
N GLY F 34 28.11 0.84 -7.32
CA GLY F 34 27.21 1.26 -8.38
C GLY F 34 27.84 1.08 -9.74
N THR F 35 27.10 1.49 -10.76
CA THR F 35 27.54 1.47 -12.15
C THR F 35 28.69 2.43 -12.45
N GLY F 36 28.61 3.63 -11.89
CA GLY F 36 29.54 4.70 -12.18
C GLY F 36 30.96 4.22 -12.00
N ASN F 37 31.19 3.50 -10.90
CA ASN F 37 32.51 2.97 -10.57
C ASN F 37 32.96 1.97 -11.61
N VAL F 38 32.05 1.10 -12.05
CA VAL F 38 32.42 0.11 -13.06
C VAL F 38 32.80 0.76 -14.39
N VAL F 39 32.02 1.74 -14.81
CA VAL F 39 32.25 2.39 -16.09
C VAL F 39 33.51 3.24 -16.04
N ALA F 40 33.72 3.91 -14.91
CA ALA F 40 34.93 4.68 -14.71
C ALA F 40 36.15 3.75 -14.75
N GLU F 41 36.08 2.66 -13.98
CA GLU F 41 37.15 1.67 -13.94
C GLU F 41 37.34 1.13 -15.35
N GLN F 42 36.24 0.94 -16.08
CA GLN F 42 36.35 0.56 -17.47
C GLN F 42 37.13 1.61 -18.24
N ALA F 43 36.81 2.89 -17.96
CA ALA F 43 37.43 4.01 -18.66
C ALA F 43 38.95 4.05 -18.50
N GLY F 44 39.44 3.62 -17.34
CA GLY F 44 40.87 3.58 -17.10
C GLY F 44 41.58 2.42 -17.74
N VAL F 45 40.92 1.26 -17.72
CA VAL F 45 41.46 0.05 -18.31
C VAL F 45 41.67 0.26 -19.80
N LEU F 46 40.78 1.05 -20.41
CA LEU F 46 40.87 1.34 -21.84
C LEU F 46 41.70 2.60 -22.14
N ASN F 47 42.02 3.35 -21.09
CA ASN F 47 42.70 4.66 -21.20
C ASN F 47 41.98 5.65 -22.13
N ILE F 48 40.73 5.93 -21.81
CA ILE F 48 39.91 6.84 -22.58
C ILE F 48 39.15 7.81 -21.68
N SER F 49 38.61 8.87 -22.27
CA SER F 49 37.75 9.79 -21.54
C SER F 49 36.40 9.12 -21.24
N TRP F 50 35.68 9.67 -20.27
CA TRP F 50 34.37 9.18 -19.90
C TRP F 50 33.37 10.33 -19.98
N ILE F 51 32.28 10.10 -20.70
CA ILE F 51 31.23 11.10 -20.82
C ILE F 51 30.06 10.75 -19.92
N ALA F 52 29.67 11.67 -19.05
CA ALA F 52 28.55 11.44 -18.15
C ALA F 52 27.87 12.74 -17.78
N SER F 53 26.74 12.66 -17.08
CA SER F 53 26.05 13.88 -16.65
C SER F 53 26.67 14.57 -15.45
N ALA F 54 26.70 15.89 -15.53
CA ALA F 54 26.96 16.71 -14.36
C ALA F 54 25.68 16.73 -13.53
N ASP F 55 25.81 16.93 -12.22
CA ASP F 55 24.65 16.86 -11.32
C ASP F 55 24.60 18.04 -10.36
N SER F 56 25.68 18.25 -9.61
CA SER F 56 25.77 19.37 -8.66
C SER F 56 26.17 20.69 -9.31
N GLU F 57 25.91 21.81 -8.62
CA GLU F 57 26.49 23.07 -9.06
C GLU F 57 28.02 22.95 -9.11
N ASP F 58 28.58 22.12 -8.23
CA ASP F 58 30.01 21.82 -8.23
C ASP F 58 30.35 21.01 -9.47
N ASP F 59 29.48 20.08 -9.86
CA ASP F 59 29.69 19.34 -11.09
C ASP F 59 29.72 20.32 -12.24
N ARG F 60 28.73 21.20 -12.30
CA ARG F 60 28.62 22.18 -13.39
C ARG F 60 29.76 23.19 -13.46
N ARG F 61 30.18 23.71 -12.32
CA ARG F 61 31.37 24.58 -12.27
C ARG F 61 32.65 23.89 -12.77
N ALA F 62 32.91 22.70 -12.24
CA ALA F 62 34.10 21.94 -12.56
C ALA F 62 34.15 21.63 -14.03
N SER F 63 32.98 21.30 -14.55
CA SER F 63 32.81 20.96 -15.95
C SER F 63 33.16 22.13 -16.86
N ALA F 64 32.65 23.30 -16.48
CA ALA F 64 32.93 24.56 -17.15
C ALA F 64 34.38 25.01 -16.98
N LEU F 65 34.88 24.88 -15.76
CA LEU F 65 36.25 25.27 -15.47
C LEU F 65 37.18 24.43 -16.31
N ASN F 66 36.85 23.15 -16.43
CA ASN F 66 37.54 22.27 -17.35
C ASN F 66 36.57 21.79 -18.42
N PRO F 67 36.92 22.05 -19.66
CA PRO F 67 36.15 21.57 -20.81
C PRO F 67 36.74 20.28 -21.41
N ASP F 68 38.03 20.04 -21.17
CA ASP F 68 38.68 18.86 -21.72
C ASP F 68 38.45 17.64 -20.83
N GLY F 69 38.08 17.89 -19.59
CA GLY F 69 37.82 16.83 -18.65
C GLY F 69 38.27 17.17 -17.26
N VAL F 70 37.48 16.76 -16.27
CA VAL F 70 37.88 16.81 -14.88
C VAL F 70 38.78 15.60 -14.63
N THR F 71 39.81 15.76 -13.79
CA THR F 71 40.63 14.64 -13.35
C THR F 71 40.13 14.16 -11.98
N MET F 72 39.78 12.88 -11.88
CA MET F 72 39.24 12.35 -10.62
C MET F 72 39.85 11.01 -10.22
N GLU F 73 40.27 10.88 -8.97
CA GLU F 73 40.88 9.63 -8.49
C GLU F 73 39.88 8.47 -8.32
N LEU F 74 40.35 7.24 -8.57
CA LEU F 74 39.54 6.06 -8.27
C LEU F 74 40.13 5.25 -7.11
N ARG F 78 43.21 4.82 -9.57
CA ARG F 78 43.65 5.20 -10.92
C ARG F 78 43.29 6.64 -11.25
N GLU F 79 43.60 7.05 -12.48
CA GLU F 79 43.31 8.40 -12.92
C GLU F 79 42.52 8.38 -14.22
N ILE F 80 41.36 9.04 -14.23
CA ILE F 80 40.53 9.07 -15.42
C ILE F 80 40.14 10.49 -15.81
N LEU F 81 39.75 10.66 -17.07
CA LEU F 81 39.33 11.95 -17.58
C LEU F 81 37.83 11.98 -17.84
N VAL F 82 37.11 12.75 -17.04
CA VAL F 82 35.65 12.84 -17.14
C VAL F 82 35.12 14.13 -17.84
N ARG F 83 34.41 13.96 -18.94
CA ARG F 83 33.74 15.08 -19.54
C ARG F 83 32.30 15.07 -19.07
N LEU F 84 31.94 16.03 -18.23
CA LEU F 84 30.57 16.16 -17.75
C LEU F 84 29.65 16.88 -18.75
N ILE F 85 28.42 16.44 -18.86
CA ILE F 85 27.42 17.11 -19.68
C ILE F 85 26.53 17.99 -18.79
N ARG F 86 26.39 19.27 -19.13
CA ARG F 86 25.57 20.16 -18.33
C ARG F 86 24.15 20.31 -18.90
N HIS F 87 23.24 19.45 -18.46
CA HIS F 87 21.85 19.47 -18.93
C HIS F 87 21.08 20.67 -18.38
N ASP F 88 19.89 20.88 -18.94
CA ASP F 88 18.96 21.84 -18.37
C ASP F 88 18.47 21.30 -17.04
N PRO F 89 18.66 22.09 -15.97
CA PRO F 89 18.37 21.75 -14.57
C PRO F 89 17.00 21.16 -14.41
N ALA F 90 15.99 21.83 -14.94
CA ALA F 90 14.61 21.34 -14.87
C ALA F 90 14.44 20.04 -15.62
N VAL F 91 15.13 19.93 -16.76
CA VAL F 91 15.02 18.76 -17.62
C VAL F 91 15.63 17.58 -16.94
N PHE F 92 16.83 17.79 -16.38
CA PHE F 92 17.55 16.77 -15.63
C PHE F 92 16.75 16.29 -14.42
N ARG F 93 16.30 17.22 -13.57
CA ARG F 93 15.46 16.86 -12.40
C ARG F 93 14.28 15.98 -12.78
N ASN F 94 13.72 16.20 -13.96
CA ASN F 94 12.59 15.39 -14.39
C ASN F 94 12.99 14.01 -14.91
N VAL F 95 14.05 13.96 -15.72
CA VAL F 95 14.58 12.70 -16.17
C VAL F 95 15.01 11.78 -15.02
N GLN F 96 15.76 12.32 -14.06
CA GLN F 96 16.21 11.54 -12.92
C GLN F 96 15.08 11.17 -11.94
N ASN F 97 14.53 12.19 -11.27
CA ASN F 97 13.52 11.99 -10.22
C ASN F 97 12.25 11.27 -10.67
N PHE F 98 11.86 11.48 -11.92
CA PHE F 98 10.65 10.85 -12.44
C PHE F 98 10.90 9.67 -13.38
N MET F 99 11.79 9.80 -14.37
CA MET F 99 11.98 8.73 -15.36
C MET F 99 12.96 7.63 -14.96
N THR F 100 14.21 8.00 -14.73
CA THR F 100 15.23 6.97 -14.63
C THR F 100 15.37 6.33 -13.24
N ALA F 101 15.07 7.10 -12.20
CA ALA F 101 15.14 6.61 -10.82
C ALA F 101 13.78 6.14 -10.28
N ASN F 102 12.72 6.32 -11.08
CA ASN F 102 11.39 5.95 -10.64
C ASN F 102 10.74 5.05 -11.68
N LEU F 103 10.26 5.67 -12.75
CA LEU F 103 9.51 5.04 -13.83
C LEU F 103 10.24 3.87 -14.43
N MET F 104 11.47 4.09 -14.88
CA MET F 104 12.19 3.04 -15.60
C MET F 104 12.71 1.98 -14.65
N TRP F 105 13.01 2.40 -13.43
CA TRP F 105 13.46 1.46 -12.41
C TRP F 105 12.39 0.40 -12.15
N ALA F 106 11.18 0.86 -11.87
CA ALA F 106 10.03 -0.02 -11.68
C ALA F 106 9.71 -0.84 -12.93
N ALA F 107 10.02 -0.27 -14.09
CA ALA F 107 9.74 -0.95 -15.33
C ALA F 107 10.68 -2.15 -15.56
N ASN F 108 11.91 -2.06 -15.07
CA ASN F 108 12.90 -3.09 -15.36
C ASN F 108 13.26 -3.93 -14.16
N ASN F 109 12.85 -3.50 -12.98
CA ASN F 109 13.15 -4.23 -11.77
C ASN F 109 11.89 -4.67 -11.06
N TYR F 110 10.83 -4.79 -11.84
CA TYR F 110 9.57 -5.37 -11.39
C TYR F 110 8.97 -4.80 -10.11
N GLY F 111 8.78 -3.48 -10.06
CA GLY F 111 8.07 -2.88 -8.94
C GLY F 111 6.54 -2.71 -8.98
N TRP F 112 5.87 -3.11 -10.05
CA TRP F 112 4.43 -2.83 -10.17
C TRP F 112 3.51 -4.02 -9.95
N ASP F 113 2.39 -3.80 -9.26
CA ASP F 113 1.46 -4.89 -8.97
C ASP F 113 0.40 -5.00 -10.03
N ARG F 114 0.33 -4.01 -10.91
CA ARG F 114 -0.67 -3.96 -11.98
C ARG F 114 -2.04 -3.55 -11.46
N TRP F 115 -2.50 -4.23 -10.40
CA TRP F 115 -3.83 -3.97 -9.88
C TRP F 115 -4.05 -2.53 -9.42
N THR F 116 -3.02 -1.92 -8.86
CA THR F 116 -3.11 -0.58 -8.28
C THR F 116 -2.01 0.36 -8.75
N GLN F 117 -0.97 -0.18 -9.37
CA GLN F 117 0.07 0.66 -9.93
C GLN F 117 0.58 -0.07 -11.14
N PRO F 118 1.03 0.67 -12.18
CA PRO F 118 1.07 2.13 -12.26
C PRO F 118 -0.13 2.72 -13.00
N SER F 119 -0.25 4.04 -12.98
CA SER F 119 -1.30 4.80 -13.68
C SER F 119 -0.67 5.99 -14.35
N PHE F 120 -0.34 5.82 -15.62
CA PHE F 120 0.36 6.86 -16.36
C PHE F 120 -0.55 8.02 -16.77
N GLY F 121 -0.06 9.23 -16.53
CA GLY F 121 -0.79 10.44 -16.82
C GLY F 121 0.07 11.38 -17.63
N SER F 122 -0.35 12.64 -17.69
CA SER F 122 0.39 13.65 -18.42
C SER F 122 1.86 13.76 -17.96
N ASP F 123 2.13 13.36 -16.71
CA ASP F 123 3.50 13.39 -16.21
C ASP F 123 4.40 12.50 -17.06
N ALA F 124 3.88 11.35 -17.48
CA ALA F 124 4.64 10.42 -18.32
C ALA F 124 4.89 10.95 -19.73
N ARG F 125 3.95 11.75 -20.23
CA ARG F 125 4.12 12.45 -21.51
C ARG F 125 5.29 13.42 -21.44
N GLU F 126 5.29 14.27 -20.42
CA GLU F 126 6.41 15.19 -20.19
C GLU F 126 7.71 14.44 -20.00
N GLY F 127 7.69 13.42 -19.14
CA GLY F 127 8.87 12.62 -18.85
C GLY F 127 9.50 12.09 -20.12
N TRP F 128 8.69 11.45 -20.94
CA TRP F 128 9.19 10.90 -22.18
C TRP F 128 9.81 11.99 -23.05
N ALA F 129 9.26 13.20 -22.95
CA ALA F 129 9.73 14.32 -23.76
C ALA F 129 11.07 14.82 -23.24
N ASP F 130 11.11 15.03 -21.93
CA ASP F 130 12.33 15.37 -21.23
C ASP F 130 13.39 14.29 -21.47
N PHE F 131 12.95 13.03 -21.49
CA PHE F 131 13.87 11.94 -21.71
C PHE F 131 14.47 12.08 -23.08
N GLY F 132 13.65 12.51 -24.04
CA GLY F 132 14.10 12.71 -25.41
C GLY F 132 15.19 13.77 -25.44
N ARG F 133 14.94 14.90 -24.78
CA ARG F 133 15.93 15.96 -24.74
C ARG F 133 17.21 15.47 -24.06
N PHE F 134 17.06 14.70 -22.99
CA PHE F 134 18.20 14.13 -22.27
C PHE F 134 19.05 13.23 -23.18
N THR F 135 18.38 12.46 -24.03
CA THR F 135 19.03 11.55 -24.95
C THR F 135 19.89 12.24 -26.01
N ARG F 136 19.30 13.24 -26.67
CA ARG F 136 20.03 14.09 -27.61
C ARG F 136 21.26 14.75 -26.95
N ASP F 137 21.09 15.22 -25.71
CA ASP F 137 22.19 15.86 -24.99
C ASP F 137 23.39 14.96 -25.02
N PHE F 138 23.14 13.66 -24.81
CA PHE F 138 24.19 12.67 -24.82
C PHE F 138 24.68 12.39 -26.24
N ALA F 139 23.75 12.02 -27.11
CA ALA F 139 24.06 11.82 -28.52
C ALA F 139 24.90 12.97 -29.09
N ASP F 140 24.56 14.21 -28.73
CA ASP F 140 25.30 15.37 -29.19
C ASP F 140 26.73 15.36 -28.66
N ALA F 141 26.88 15.25 -27.35
CA ALA F 141 28.20 15.22 -26.73
C ALA F 141 29.10 14.07 -27.22
N ILE F 142 28.50 12.91 -27.50
CA ILE F 142 29.23 11.75 -28.00
C ILE F 142 29.75 12.07 -29.38
N LEU F 143 28.83 12.51 -30.24
CA LEU F 143 29.16 12.78 -31.62
C LEU F 143 30.24 13.88 -31.75
N LYS F 144 30.18 14.90 -30.91
CA LYS F 144 31.14 16.00 -30.94
C LYS F 144 32.57 15.55 -30.60
N SER F 145 32.70 14.55 -29.73
CA SER F 145 34.01 13.99 -29.40
C SER F 145 34.51 13.12 -30.54
N SER F 146 33.64 12.22 -31.00
CA SER F 146 33.98 11.33 -32.11
C SER F 146 34.06 12.07 -33.43
N ALA F 147 33.83 13.37 -33.41
CA ALA F 147 33.76 14.20 -34.60
C ALA F 147 34.97 14.07 -35.53
N GLN F 148 36.15 13.88 -34.95
CA GLN F 148 37.39 13.89 -35.71
C GLN F 148 37.87 12.50 -36.07
N SER F 149 37.23 11.49 -35.49
CA SER F 149 37.73 10.14 -35.60
C SER F 149 37.40 9.52 -36.96
N ALA F 150 38.37 8.81 -37.52
CA ALA F 150 38.19 8.11 -38.78
C ALA F 150 37.21 6.96 -38.61
N ASP F 151 37.52 6.07 -37.66
CA ASP F 151 36.61 4.99 -37.32
C ASP F 151 36.45 4.87 -35.80
N PRO F 152 35.35 5.47 -35.26
CA PRO F 152 35.04 5.47 -33.82
C PRO F 152 34.24 4.25 -33.34
N VAL F 153 34.55 3.79 -32.14
CA VAL F 153 33.84 2.68 -31.50
C VAL F 153 33.07 3.21 -30.30
N TYR F 154 31.77 2.93 -30.26
CA TYR F 154 30.90 3.50 -29.24
C TYR F 154 30.45 2.46 -28.23
N LEU F 155 30.75 2.73 -26.96
CA LEU F 155 30.28 1.89 -25.87
C LEU F 155 29.34 2.68 -24.96
N VAL F 156 28.05 2.42 -25.09
CA VAL F 156 27.07 3.17 -24.34
C VAL F 156 26.58 2.32 -23.18
N HIS F 157 26.76 2.81 -21.96
CA HIS F 157 26.50 1.97 -20.80
C HIS F 157 25.21 2.23 -20.05
N ASP F 158 24.61 1.15 -19.60
CA ASP F 158 23.39 1.18 -18.79
C ASP F 158 22.18 1.85 -19.42
N TYR F 159 21.01 1.62 -18.82
CA TYR F 159 19.71 1.91 -19.42
C TYR F 159 19.45 3.39 -19.69
N GLN F 160 19.75 4.26 -18.73
CA GLN F 160 19.42 5.67 -18.91
C GLN F 160 19.71 6.13 -20.33
N LEU F 161 20.81 5.62 -20.87
CA LEU F 161 21.34 5.99 -22.18
C LEU F 161 20.88 5.04 -23.29
N VAL F 162 19.88 4.23 -22.98
CA VAL F 162 19.41 3.18 -23.89
C VAL F 162 18.97 3.76 -25.23
N GLY F 163 18.34 4.94 -25.16
CA GLY F 163 17.85 5.62 -26.34
C GLY F 163 18.93 6.01 -27.35
N VAL F 164 20.14 6.24 -26.86
CA VAL F 164 21.19 6.88 -27.66
C VAL F 164 21.63 6.16 -28.95
N PRO F 165 21.78 4.84 -28.94
CA PRO F 165 22.18 4.15 -30.17
C PRO F 165 21.52 4.65 -31.47
N ALA F 166 20.18 4.78 -31.48
CA ALA F 166 19.47 5.22 -32.68
C ALA F 166 19.98 6.56 -33.15
N LEU F 167 20.18 7.46 -32.19
CA LEU F 167 20.69 8.78 -32.48
C LEU F 167 22.14 8.75 -32.99
N LEU F 168 22.88 7.71 -32.63
CA LEU F 168 24.26 7.56 -33.08
C LEU F 168 24.31 6.92 -34.45
N ARG F 169 23.30 6.11 -34.75
CA ARG F 169 23.24 5.44 -36.04
C ARG F 169 22.92 6.40 -37.20
N GLU F 170 22.21 7.47 -36.90
CA GLU F 170 21.87 8.49 -37.90
C GLU F 170 23.13 9.15 -38.51
N GLN F 171 24.15 9.33 -37.69
CA GLN F 171 25.35 10.05 -38.11
C GLN F 171 26.50 9.11 -38.45
N ARG F 172 26.53 7.95 -37.81
CA ARG F 172 27.62 7.02 -37.98
C ARG F 172 27.06 5.65 -38.31
N PRO F 173 26.51 5.52 -39.53
CA PRO F 173 25.80 4.31 -39.94
C PRO F 173 26.72 3.12 -40.03
N ASP F 174 28.02 3.36 -39.87
CA ASP F 174 28.98 2.30 -40.04
C ASP F 174 29.72 1.99 -38.75
N ALA F 175 29.62 2.91 -37.79
CA ALA F 175 30.32 2.71 -36.53
C ALA F 175 29.76 1.52 -35.76
N PRO F 176 30.64 0.74 -35.13
CA PRO F 176 30.21 -0.30 -34.21
C PRO F 176 29.65 0.31 -32.92
N ILE F 177 28.47 -0.15 -32.51
CA ILE F 177 27.84 0.36 -31.30
C ILE F 177 27.46 -0.77 -30.37
N LEU F 178 27.96 -0.71 -29.13
CA LEU F 178 27.52 -1.61 -28.05
C LEU F 178 26.66 -0.85 -27.03
N LEU F 179 25.45 -1.35 -26.80
CA LEU F 179 24.62 -0.79 -25.76
C LEU F 179 24.58 -1.83 -24.67
N PHE F 180 25.09 -1.48 -23.49
CA PHE F 180 25.08 -2.42 -22.38
C PHE F 180 24.11 -1.98 -21.28
N VAL F 181 23.21 -2.89 -20.95
CA VAL F 181 22.23 -2.68 -19.90
C VAL F 181 22.56 -3.43 -18.60
N HIS F 182 22.88 -2.67 -17.55
CA HIS F 182 23.32 -3.28 -16.29
C HIS F 182 22.17 -3.76 -15.42
N ILE F 183 20.93 -3.62 -15.90
CA ILE F 183 19.78 -4.02 -15.09
C ILE F 183 19.02 -5.17 -15.76
N PRO F 184 17.97 -5.71 -15.11
CA PRO F 184 17.27 -6.78 -15.85
C PRO F 184 16.53 -6.25 -17.06
N TRP F 185 15.98 -7.20 -17.84
CA TRP F 185 14.93 -6.87 -18.78
C TRP F 185 13.72 -7.72 -18.42
N PRO F 186 12.55 -7.07 -18.23
CA PRO F 186 11.36 -7.80 -17.76
C PRO F 186 10.73 -8.63 -18.86
N SER F 187 9.76 -9.45 -18.49
CA SER F 187 9.00 -10.23 -19.44
C SER F 187 8.25 -9.31 -20.41
N ALA F 188 7.86 -9.82 -21.57
CA ALA F 188 7.13 -9.01 -22.54
C ALA F 188 5.82 -8.44 -21.96
N ASP F 189 5.15 -9.24 -21.13
CA ASP F 189 3.85 -8.86 -20.59
C ASP F 189 4.05 -7.70 -19.66
N TYR F 190 5.22 -7.63 -19.06
CA TYR F 190 5.48 -6.60 -18.06
C TYR F 190 5.98 -5.30 -18.72
N TRP F 191 6.77 -5.43 -19.78
CA TRP F 191 7.23 -4.29 -20.55
C TRP F 191 6.04 -3.53 -21.19
N ARG F 192 5.05 -4.31 -21.61
CA ARG F 192 3.77 -3.82 -22.11
C ARG F 192 3.02 -2.86 -21.19
N ILE F 193 3.42 -2.79 -19.92
CA ILE F 193 2.71 -1.92 -18.96
C ILE F 193 2.97 -0.47 -19.32
N LEU F 194 4.22 -0.21 -19.76
CA LEU F 194 4.66 1.12 -20.14
C LEU F 194 3.77 1.65 -21.24
N PRO F 195 3.58 2.96 -21.25
CA PRO F 195 2.74 3.56 -22.28
C PRO F 195 3.30 3.35 -23.70
N LYS F 196 2.40 3.30 -24.69
CA LYS F 196 2.78 2.91 -26.04
C LYS F 196 3.95 3.71 -26.63
N GLU F 197 3.98 5.03 -26.48
CA GLU F 197 5.09 5.78 -27.00
C GLU F 197 6.44 5.38 -26.38
N ILE F 198 6.43 4.94 -25.13
CA ILE F 198 7.67 4.57 -24.45
C ILE F 198 8.11 3.13 -24.72
N ARG F 199 7.18 2.20 -24.64
CA ARG F 199 7.52 0.79 -24.76
C ARG F 199 8.05 0.45 -26.15
N THR F 200 7.60 1.21 -27.15
CA THR F 200 8.10 1.06 -28.53
C THR F 200 9.29 1.98 -28.76
N GLY F 201 9.22 3.17 -28.16
CA GLY F 201 10.25 4.19 -28.26
C GLY F 201 11.60 3.69 -27.82
N ILE F 202 11.67 3.18 -26.58
CA ILE F 202 12.90 2.62 -26.03
C ILE F 202 13.54 1.64 -26.99
N LEU F 203 12.74 0.69 -27.48
CA LEU F 203 13.21 -0.34 -28.41
C LEU F 203 13.74 0.28 -29.70
N HIS F 204 12.98 1.23 -30.24
CA HIS F 204 13.40 1.97 -31.42
C HIS F 204 14.79 2.53 -31.15
N GLY F 205 14.98 3.08 -29.96
CA GLY F 205 16.25 3.68 -29.59
C GLY F 205 17.38 2.68 -29.46
N MET F 206 17.06 1.43 -29.15
CA MET F 206 18.06 0.44 -28.80
C MET F 206 18.55 -0.38 -29.98
N LEU F 207 17.61 -0.82 -30.80
CA LEU F 207 17.93 -1.78 -31.87
C LEU F 207 19.00 -1.36 -32.90
N PRO F 208 19.12 -0.05 -33.19
CA PRO F 208 20.21 0.41 -34.07
C PRO F 208 21.64 0.03 -33.64
N ALA F 209 21.80 -0.44 -32.41
CA ALA F 209 23.11 -0.83 -31.93
C ALA F 209 23.63 -2.06 -32.66
N THR F 210 24.95 -2.19 -32.75
CA THR F 210 25.53 -3.36 -33.36
C THR F 210 25.27 -4.54 -32.42
N THR F 211 25.59 -4.32 -31.16
CA THR F 211 25.37 -5.32 -30.12
C THR F 211 24.68 -4.71 -28.92
N ILE F 212 23.70 -5.43 -28.38
CA ILE F 212 23.06 -5.10 -27.12
C ILE F 212 23.37 -6.18 -26.09
N GLY F 213 24.00 -5.81 -24.99
CA GLY F 213 24.35 -6.79 -23.97
C GLY F 213 23.52 -6.73 -22.70
N PHE F 214 23.51 -7.84 -21.96
CA PHE F 214 22.98 -7.90 -20.60
C PHE F 214 23.94 -8.70 -19.73
N PHE F 215 23.64 -8.78 -18.44
CA PHE F 215 24.50 -9.53 -17.53
C PHE F 215 24.08 -11.01 -17.45
N ALA F 216 22.93 -11.33 -18.02
CA ALA F 216 22.35 -12.66 -17.84
C ALA F 216 21.57 -13.13 -19.06
N ASP F 217 21.59 -14.44 -19.31
CA ASP F 217 20.82 -15.01 -20.42
C ASP F 217 19.37 -14.59 -20.34
N ARG F 218 18.80 -14.70 -19.14
CA ARG F 218 17.37 -14.49 -18.94
C ARG F 218 16.94 -13.10 -19.37
N TRP F 219 17.84 -12.14 -19.19
CA TRP F 219 17.52 -10.79 -19.58
C TRP F 219 17.45 -10.73 -21.10
N CYS F 220 18.50 -11.21 -21.76
CA CYS F 220 18.50 -11.29 -23.21
C CYS F 220 17.23 -11.90 -23.77
N ARG F 221 16.75 -12.96 -23.13
CA ARG F 221 15.59 -13.68 -23.62
C ARG F 221 14.37 -12.78 -23.52
N ASN F 222 14.21 -12.13 -22.37
CA ASN F 222 13.06 -11.26 -22.15
C ASN F 222 13.03 -10.13 -23.17
N PHE F 223 14.22 -9.64 -23.51
CA PHE F 223 14.34 -8.58 -24.50
C PHE F 223 13.79 -9.04 -25.84
N LEU F 224 14.32 -10.13 -26.37
CA LEU F 224 13.83 -10.67 -27.63
C LEU F 224 12.30 -10.82 -27.66
N GLU F 225 11.76 -11.36 -26.56
CA GLU F 225 10.32 -11.63 -26.47
C GLU F 225 9.55 -10.32 -26.46
N SER F 226 10.14 -9.29 -25.86
CA SER F 226 9.54 -7.95 -25.86
C SER F 226 9.42 -7.40 -27.29
N VAL F 227 10.55 -7.41 -27.98
CA VAL F 227 10.62 -7.00 -29.37
C VAL F 227 9.56 -7.73 -30.20
N ALA F 228 9.58 -9.06 -30.10
CA ALA F 228 8.66 -9.93 -30.84
C ALA F 228 7.21 -9.53 -30.62
N ASP F 229 6.94 -8.94 -29.46
CA ASP F 229 5.59 -8.66 -29.00
C ASP F 229 5.11 -7.29 -29.49
N LEU F 230 6.02 -6.33 -29.61
CA LEU F 230 5.66 -4.94 -29.90
C LEU F 230 6.09 -4.45 -31.28
N LEU F 231 6.98 -5.17 -31.93
CA LEU F 231 7.40 -4.81 -33.27
C LEU F 231 7.14 -5.97 -34.23
N PRO F 232 6.05 -5.89 -35.01
CA PRO F 232 5.68 -6.95 -35.94
C PRO F 232 6.70 -7.02 -37.07
N ASP F 233 7.29 -5.86 -37.35
CA ASP F 233 8.32 -5.71 -38.38
C ASP F 233 9.55 -6.54 -38.08
N ALA F 234 9.86 -6.69 -36.80
CA ALA F 234 11.11 -7.30 -36.40
C ALA F 234 10.99 -8.81 -36.46
N ARG F 235 12.11 -9.46 -36.78
CA ARG F 235 12.19 -10.91 -36.77
C ARG F 235 13.29 -11.34 -35.83
N ILE F 236 12.98 -12.25 -34.92
CA ILE F 236 13.96 -12.67 -33.92
C ILE F 236 14.38 -14.13 -34.16
N ASP F 237 15.66 -14.40 -33.97
CA ASP F 237 16.15 -15.76 -33.97
C ASP F 237 16.56 -16.07 -32.54
N ARG F 238 15.76 -16.88 -31.84
CA ARG F 238 16.05 -17.17 -30.43
C ARG F 238 17.32 -18.00 -30.27
N GLU F 239 17.69 -18.72 -31.31
CA GLU F 239 18.85 -19.62 -31.28
C GLU F 239 20.13 -18.84 -31.57
N ALA F 240 20.02 -17.85 -32.44
CA ALA F 240 21.15 -17.00 -32.77
C ALA F 240 21.27 -15.81 -31.83
N MET F 241 20.22 -15.57 -31.03
CA MET F 241 20.12 -14.37 -30.18
C MET F 241 20.22 -13.11 -31.04
N THR F 242 19.25 -12.94 -31.95
CA THR F 242 19.41 -12.03 -33.07
C THR F 242 18.10 -11.35 -33.52
N VAL F 243 18.13 -10.03 -33.71
CA VAL F 243 16.96 -9.30 -34.22
C VAL F 243 17.21 -8.59 -35.54
N GLU F 244 16.39 -8.91 -36.53
CA GLU F 244 16.44 -8.19 -37.79
C GLU F 244 15.23 -7.28 -37.81
N TRP F 245 15.48 -5.98 -37.92
CA TRP F 245 14.40 -4.99 -37.93
C TRP F 245 14.68 -3.79 -38.80
N ARG F 246 13.84 -3.57 -39.81
CA ARG F 246 14.00 -2.42 -40.70
C ARG F 246 15.37 -2.42 -41.38
N GLY F 247 15.84 -3.62 -41.76
CA GLY F 247 17.10 -3.74 -42.47
C GLY F 247 18.31 -3.69 -41.56
N HIS F 248 18.06 -3.71 -40.24
CA HIS F 248 19.13 -3.66 -39.27
C HIS F 248 19.14 -4.89 -38.40
N ARG F 249 20.31 -5.46 -38.20
CA ARG F 249 20.44 -6.68 -37.40
C ARG F 249 21.17 -6.41 -36.09
N THR F 250 20.56 -6.84 -34.99
CA THR F 250 21.11 -6.64 -33.66
C THR F 250 21.39 -7.98 -32.99
N ARG F 251 22.58 -8.10 -32.41
CA ARG F 251 22.99 -9.33 -31.74
C ARG F 251 23.03 -9.14 -30.24
N LEU F 252 22.36 -10.03 -29.51
CA LEU F 252 22.29 -9.93 -28.08
C LEU F 252 23.24 -10.90 -27.45
N ARG F 253 24.06 -10.36 -26.57
CA ARG F 253 25.06 -11.15 -25.88
C ARG F 253 24.88 -11.12 -24.36
N THR F 254 25.34 -12.18 -23.71
CA THR F 254 25.42 -12.20 -22.26
C THR F 254 26.87 -12.05 -21.86
N MET F 255 27.18 -11.01 -21.11
CA MET F 255 28.54 -10.77 -20.68
C MET F 255 28.59 -10.64 -19.17
N PRO F 256 28.63 -11.77 -18.45
CA PRO F 256 28.67 -11.77 -16.99
C PRO F 256 29.87 -11.00 -16.44
N LEU F 257 29.65 -10.31 -15.32
CA LEU F 257 30.70 -9.53 -14.68
C LEU F 257 30.60 -9.84 -13.18
N GLY F 258 31.75 -10.03 -12.55
CA GLY F 258 31.78 -10.43 -11.16
C GLY F 258 32.24 -9.35 -10.20
N TYR F 259 33.45 -8.84 -10.43
CA TYR F 259 34.09 -7.95 -9.47
C TYR F 259 35.35 -7.28 -10.05
N SER F 260 35.76 -6.18 -9.43
CA SER F 260 37.02 -5.53 -9.77
C SER F 260 38.09 -5.87 -8.73
N PRO F 261 39.12 -6.59 -9.16
CA PRO F 261 40.18 -7.02 -8.25
C PRO F 261 41.02 -5.85 -7.74
N ASN F 268 42.20 -0.54 8.58
CA ASN F 268 41.37 -0.98 7.45
C ASN F 268 41.78 -2.37 6.99
N PRO F 269 40.85 -3.12 6.38
CA PRO F 269 39.40 -2.98 6.32
C PRO F 269 38.91 -3.16 7.75
N GLN F 270 38.35 -2.09 8.33
CA GLN F 270 37.90 -2.14 9.71
C GLN F 270 36.38 -2.09 9.77
N LEU F 271 35.80 -2.85 10.70
CA LEU F 271 34.36 -2.84 10.88
C LEU F 271 33.90 -1.46 11.32
N PRO F 272 32.65 -1.09 10.98
CA PRO F 272 32.10 0.17 11.49
C PRO F 272 31.99 0.12 13.00
N GLU F 273 31.86 1.28 13.63
CA GLU F 273 32.00 1.38 15.09
C GLU F 273 30.98 0.55 15.86
N GLY F 274 31.45 -0.07 16.93
CA GLY F 274 30.58 -0.82 17.83
C GLY F 274 30.15 -2.18 17.31
N ILE F 275 30.47 -2.45 16.05
CA ILE F 275 30.05 -3.71 15.45
C ILE F 275 30.87 -4.89 15.96
N GLU F 276 32.19 -4.72 16.06
CA GLU F 276 33.04 -5.77 16.60
C GLU F 276 32.57 -6.14 18.01
N GLU F 277 32.45 -5.15 18.86
CA GLU F 277 31.96 -5.31 20.24
C GLU F 277 30.58 -5.99 20.32
N TRP F 278 29.67 -5.58 19.44
CA TRP F 278 28.30 -6.09 19.39
C TRP F 278 28.22 -7.55 18.91
N ALA F 279 29.10 -7.90 17.98
CA ALA F 279 29.05 -9.19 17.33
C ALA F 279 30.04 -10.16 17.97
N ASP F 280 30.73 -9.69 19.01
CA ASP F 280 31.72 -10.51 19.68
C ASP F 280 31.10 -11.78 20.25
N GLY F 281 31.68 -12.93 19.93
CA GLY F 281 31.20 -14.18 20.45
C GLY F 281 29.87 -14.61 19.86
N HIS F 282 29.47 -13.96 18.78
CA HIS F 282 28.25 -14.33 18.08
C HIS F 282 28.55 -14.71 16.64
N ARG F 283 27.78 -15.65 16.11
CA ARG F 283 27.81 -15.93 14.68
C ARG F 283 27.01 -14.85 13.90
N LEU F 284 27.66 -14.20 12.93
CA LEU F 284 27.06 -13.04 12.28
C LEU F 284 26.53 -13.27 10.85
N VAL F 285 25.23 -13.04 10.70
CA VAL F 285 24.55 -13.07 9.42
C VAL F 285 24.54 -11.66 8.83
N VAL F 286 25.08 -11.54 7.61
CA VAL F 286 25.16 -10.23 6.96
C VAL F 286 24.35 -10.09 5.65
N HIS F 287 23.50 -9.07 5.62
CA HIS F 287 22.77 -8.66 4.42
C HIS F 287 23.23 -7.26 3.99
N SER F 288 23.65 -7.12 2.75
CA SER F 288 24.13 -5.84 2.24
C SER F 288 23.47 -5.43 0.91
N GLY F 289 23.20 -4.15 0.77
CA GLY F 289 22.66 -3.58 -0.46
C GLY F 289 22.25 -2.13 -0.31
N ARG F 290 21.99 -1.45 -1.43
CA ARG F 290 21.51 -0.07 -1.37
C ARG F 290 20.09 0.04 -0.81
N THR F 291 19.68 1.24 -0.42
CA THR F 291 18.28 1.45 -0.06
C THR F 291 17.38 1.39 -1.32
N ASP F 292 16.98 0.18 -1.68
CA ASP F 292 16.29 -0.09 -2.93
C ASP F 292 15.51 -1.39 -2.74
N PRO F 293 14.18 -1.35 -2.88
CA PRO F 293 13.36 -2.51 -2.55
C PRO F 293 13.79 -3.82 -3.19
N ILE F 294 14.55 -3.77 -4.30
CA ILE F 294 14.97 -5.01 -4.97
C ILE F 294 15.91 -5.82 -4.09
N LYS F 295 16.61 -5.12 -3.21
CA LYS F 295 17.58 -5.73 -2.30
C LYS F 295 16.99 -6.65 -1.21
N ASN F 296 15.68 -6.51 -0.96
CA ASN F 296 14.91 -7.49 -0.19
C ASN F 296 15.30 -7.70 1.27
N ALA F 297 15.84 -6.68 1.91
CA ALA F 297 16.22 -6.83 3.32
C ALA F 297 15.04 -7.11 4.25
N GLU F 298 13.85 -6.59 3.96
CA GLU F 298 12.73 -6.89 4.85
C GLU F 298 12.49 -8.39 4.90
N ARG F 299 12.42 -9.02 3.73
CA ARG F 299 12.18 -10.46 3.67
C ARG F 299 13.32 -11.28 4.31
N ALA F 300 14.53 -10.77 4.20
CA ALA F 300 15.67 -11.44 4.81
C ALA F 300 15.52 -11.45 6.34
N VAL F 301 15.36 -10.27 6.93
CA VAL F 301 15.13 -10.16 8.36
C VAL F 301 13.96 -11.01 8.87
N ARG F 302 12.90 -11.12 8.10
CA ARG F 302 11.73 -11.92 8.50
C ARG F 302 12.08 -13.43 8.51
N ALA F 303 12.80 -13.86 7.48
CA ALA F 303 13.09 -15.27 7.30
C ALA F 303 14.09 -15.72 8.37
N PHE F 304 14.91 -14.78 8.80
CA PHE F 304 15.83 -15.00 9.92
C PHE F 304 15.06 -15.33 11.21
N VAL F 305 14.22 -14.40 11.65
CA VAL F 305 13.26 -14.63 12.73
C VAL F 305 12.59 -15.98 12.62
N LEU F 306 12.19 -16.39 11.42
CA LEU F 306 11.60 -17.71 11.25
C LEU F 306 12.58 -18.86 11.54
N ALA F 307 13.83 -18.68 11.11
CA ALA F 307 14.86 -19.66 11.37
C ALA F 307 15.13 -19.76 12.87
N ALA F 308 15.32 -18.60 13.52
CA ALA F 308 15.57 -18.51 14.97
C ALA F 308 14.62 -19.34 15.84
N ARG F 309 13.33 -19.26 15.54
CA ARG F 309 12.33 -20.03 16.28
C ARG F 309 12.57 -21.53 16.18
N GLY F 310 12.90 -21.99 14.98
CA GLY F 310 13.16 -23.40 14.76
C GLY F 310 14.41 -23.94 15.44
N GLY F 311 15.00 -23.11 16.31
CA GLY F 311 16.20 -23.46 17.05
C GLY F 311 17.42 -23.58 16.16
N GLY F 312 18.57 -23.80 16.78
CA GLY F 312 19.83 -23.89 16.05
C GLY F 312 20.49 -22.53 15.96
N LEU F 313 19.75 -21.50 16.32
CA LEU F 313 20.25 -20.13 16.23
C LEU F 313 20.23 -19.42 17.56
N GLU F 314 21.09 -19.88 18.47
CA GLU F 314 21.39 -19.17 19.70
C GLU F 314 22.77 -18.58 19.51
N LYS F 315 23.06 -17.50 20.25
CA LYS F 315 24.31 -16.76 20.08
C LYS F 315 24.52 -16.34 18.60
N THR F 316 23.40 -16.17 17.88
CA THR F 316 23.44 -15.74 16.49
C THR F 316 22.84 -14.36 16.36
N ARG F 317 23.49 -13.51 15.57
CA ARG F 317 22.97 -12.15 15.32
C ARG F 317 22.92 -11.75 13.83
N MET F 318 22.20 -10.68 13.51
CA MET F 318 22.04 -10.25 12.11
C MET F 318 22.37 -8.80 11.87
N LEU F 319 23.22 -8.56 10.88
CA LEU F 319 23.53 -7.20 10.47
C LEU F 319 23.00 -6.84 9.07
N VAL F 320 22.00 -5.96 9.02
CA VAL F 320 21.55 -5.37 7.77
C VAL F 320 22.42 -4.15 7.41
N ARG F 321 23.34 -4.35 6.47
CA ARG F 321 24.09 -3.24 5.87
C ARG F 321 23.20 -2.58 4.82
N MET F 322 23.06 -1.27 4.93
CA MET F 322 22.37 -0.51 3.89
C MET F 322 23.22 0.64 3.40
N ASN F 323 23.04 1.00 2.15
CA ASN F 323 23.73 2.12 1.59
C ASN F 323 22.69 3.08 1.05
N PRO F 324 22.67 4.33 1.54
CA PRO F 324 21.62 5.27 1.13
C PRO F 324 21.74 5.67 -0.36
N ASN F 325 20.59 5.79 -1.03
CA ASN F 325 20.54 6.09 -2.46
C ASN F 325 19.11 6.40 -2.87
N ARG F 326 18.88 7.55 -3.51
CA ARG F 326 17.57 7.87 -4.08
C ARG F 326 16.40 7.93 -3.10
N LEU F 327 16.63 8.36 -1.87
CA LEU F 327 15.55 8.34 -0.86
C LEU F 327 14.34 9.21 -1.21
N TYR F 328 14.45 9.98 -2.29
CA TYR F 328 13.32 10.78 -2.77
C TYR F 328 12.21 9.97 -3.45
N VAL F 329 12.55 8.80 -3.97
CA VAL F 329 11.51 7.91 -4.49
C VAL F 329 10.84 7.16 -3.36
N PRO F 330 9.52 7.32 -3.27
CA PRO F 330 8.68 6.71 -2.21
C PRO F 330 9.00 5.25 -1.97
N ALA F 331 9.13 4.50 -3.05
CA ALA F 331 9.45 3.08 -2.96
C ALA F 331 10.73 2.77 -2.18
N ASN F 332 11.78 3.57 -2.37
CA ASN F 332 13.01 3.44 -1.57
C ASN F 332 12.83 3.86 -0.12
N ALA F 333 12.11 4.95 0.08
CA ALA F 333 11.82 5.41 1.43
C ALA F 333 10.95 4.37 2.13
N ASP F 334 9.86 3.96 1.49
CA ASP F 334 8.97 2.96 2.06
C ASP F 334 9.71 1.67 2.39
N TYR F 335 10.74 1.38 1.61
CA TYR F 335 11.56 0.19 1.79
C TYR F 335 12.35 0.30 3.10
N VAL F 336 13.12 1.37 3.24
CA VAL F 336 13.84 1.69 4.46
C VAL F 336 12.94 1.61 5.70
N HIS F 337 11.72 2.11 5.58
CA HIS F 337 10.80 2.07 6.69
C HIS F 337 10.35 0.65 6.91
N ARG F 338 9.95 -0.02 5.83
CA ARG F 338 9.46 -1.39 5.93
C ARG F 338 10.47 -2.30 6.61
N VAL F 339 11.75 -1.97 6.42
CA VAL F 339 12.87 -2.71 6.98
C VAL F 339 13.11 -2.40 8.48
N GLU F 340 13.13 -1.12 8.84
CA GLU F 340 13.29 -0.70 10.24
C GLU F 340 12.20 -1.34 11.09
N THR F 341 11.01 -1.44 10.51
CA THR F 341 9.86 -2.02 11.19
C THR F 341 10.07 -3.53 11.45
N ALA F 342 10.69 -4.21 10.51
CA ALA F 342 10.88 -5.64 10.64
C ALA F 342 12.00 -5.91 11.63
N VAL F 343 13.00 -5.04 11.62
CA VAL F 343 14.15 -5.19 12.50
C VAL F 343 13.74 -5.03 13.95
N ALA F 344 13.07 -3.93 14.25
CA ALA F 344 12.58 -3.67 15.60
C ALA F 344 11.62 -4.75 16.09
N GLU F 345 10.86 -5.32 15.18
CA GLU F 345 9.89 -6.33 15.58
C GLU F 345 10.56 -7.68 15.74
N ALA F 346 11.71 -7.81 15.09
CA ALA F 346 12.55 -9.00 15.23
C ALA F 346 13.16 -8.99 16.62
N ASN F 347 13.88 -7.91 16.93
CA ASN F 347 14.44 -7.69 18.25
C ASN F 347 13.39 -7.89 19.32
N ALA F 348 12.25 -7.22 19.17
CA ALA F 348 11.16 -7.37 20.13
C ALA F 348 10.73 -8.82 20.37
N GLU F 349 11.15 -9.75 19.51
CA GLU F 349 10.75 -11.15 19.67
C GLU F 349 11.91 -11.98 20.16
N LEU F 350 13.01 -11.91 19.41
CA LEU F 350 14.21 -12.69 19.67
C LEU F 350 14.99 -12.16 20.86
N GLY F 351 14.94 -10.85 21.05
CA GLY F 351 15.70 -10.20 22.10
C GLY F 351 16.44 -8.97 21.58
N SER F 352 16.39 -7.89 22.36
CA SER F 352 17.01 -6.62 22.01
C SER F 352 18.41 -6.79 21.42
N ASP F 353 18.72 -6.03 20.38
CA ASP F 353 20.06 -6.01 19.81
C ASP F 353 20.41 -7.28 19.05
N THR F 354 19.43 -8.14 18.81
CA THR F 354 19.67 -9.31 17.97
C THR F 354 20.00 -8.93 16.53
N VAL F 355 19.20 -8.04 15.96
CA VAL F 355 19.42 -7.53 14.62
C VAL F 355 19.74 -6.04 14.62
N ARG F 356 20.68 -5.63 13.77
CA ARG F 356 21.06 -4.22 13.63
C ARG F 356 21.07 -3.72 12.18
N ILE F 357 20.67 -2.45 12.00
CA ILE F 357 20.86 -1.75 10.74
C ILE F 357 22.05 -0.82 10.85
N ASP F 358 22.94 -0.87 9.86
CA ASP F 358 23.99 0.13 9.74
C ASP F 358 23.85 0.76 8.37
N ASN F 359 23.06 1.84 8.29
CA ASN F 359 22.84 2.58 7.05
C ASN F 359 23.78 3.75 6.89
N ASP F 360 24.98 3.51 6.39
CA ASP F 360 25.87 4.60 6.01
C ASP F 360 26.60 4.31 4.70
N ASN F 361 27.28 5.32 4.19
CA ASN F 361 28.04 5.15 2.98
C ASN F 361 29.52 5.01 3.26
N ASP F 362 29.93 3.79 3.57
CA ASP F 362 31.34 3.47 3.63
C ASP F 362 31.54 2.08 3.04
N VAL F 363 32.08 2.03 1.83
CA VAL F 363 32.29 0.76 1.16
C VAL F 363 33.30 -0.09 1.93
N ASN F 364 34.22 0.56 2.63
CA ASN F 364 35.22 -0.15 3.41
C ASN F 364 34.59 -0.83 4.60
N HIS F 365 33.64 -0.15 5.24
CA HIS F 365 32.85 -0.75 6.30
C HIS F 365 32.16 -1.99 5.78
N THR F 366 31.73 -1.97 4.53
CA THR F 366 30.99 -3.10 3.99
C THR F 366 31.87 -4.31 3.70
N ILE F 367 33.00 -4.08 3.04
CA ILE F 367 33.92 -5.18 2.76
C ILE F 367 34.34 -5.86 4.06
N ALA F 368 34.48 -5.04 5.10
CA ALA F 368 34.76 -5.55 6.43
C ALA F 368 33.65 -6.44 6.96
N CYS F 369 32.41 -6.08 6.65
CA CYS F 369 31.26 -6.86 7.05
C CYS F 369 31.21 -8.16 6.28
N PHE F 370 31.69 -8.16 5.03
CA PHE F 370 31.83 -9.40 4.27
C PHE F 370 32.88 -10.30 4.95
N ARG F 371 33.91 -9.70 5.53
CA ARG F 371 34.98 -10.46 6.18
C ARG F 371 34.49 -11.22 7.40
N ARG F 372 33.78 -10.51 8.27
CA ARG F 372 33.36 -11.02 9.57
C ARG F 372 32.17 -11.97 9.45
N ALA F 373 31.51 -11.94 8.29
CA ALA F 373 30.27 -12.68 8.08
C ALA F 373 30.43 -14.20 8.18
N ASP F 374 29.49 -14.84 8.87
CA ASP F 374 29.42 -16.30 8.94
C ASP F 374 28.32 -16.81 8.01
N LEU F 375 27.36 -15.92 7.73
CA LEU F 375 26.37 -16.18 6.70
C LEU F 375 26.15 -14.93 5.86
N LEU F 376 26.23 -15.09 4.54
CA LEU F 376 25.92 -14.03 3.61
C LEU F 376 24.59 -14.28 2.91
N ILE F 377 23.70 -13.29 2.99
CA ILE F 377 22.44 -13.36 2.26
C ILE F 377 22.38 -12.31 1.17
N PHE F 378 22.37 -12.77 -0.09
CA PHE F 378 21.97 -11.88 -1.20
C PHE F 378 20.67 -12.35 -1.85
N ASN F 379 19.55 -11.99 -1.22
CA ASN F 379 18.25 -12.52 -1.60
C ASN F 379 17.38 -11.52 -2.38
N SER F 380 18.01 -10.77 -3.27
CA SER F 380 17.35 -9.82 -4.14
C SER F 380 16.04 -10.32 -4.78
N THR F 381 15.03 -9.46 -4.86
CA THR F 381 13.81 -9.82 -5.59
C THR F 381 14.14 -10.03 -7.06
N VAL F 382 15.07 -9.22 -7.55
CA VAL F 382 15.61 -9.37 -8.89
C VAL F 382 16.87 -8.51 -8.85
N ASP F 383 17.84 -8.87 -9.67
CA ASP F 383 19.03 -8.06 -9.81
C ASP F 383 19.48 -8.20 -11.23
N GLY F 384 20.01 -7.12 -11.78
CA GLY F 384 20.68 -7.22 -13.07
C GLY F 384 21.82 -8.21 -13.01
N GLN F 385 22.61 -8.12 -11.96
CA GLN F 385 23.64 -9.11 -11.71
C GLN F 385 23.84 -9.37 -10.23
N ASN F 386 24.24 -8.33 -9.51
CA ASN F 386 24.60 -8.35 -8.08
C ASN F 386 26.08 -8.72 -7.92
N LEU F 387 26.90 -7.70 -7.73
CA LEU F 387 28.34 -7.84 -7.69
C LEU F 387 28.85 -8.17 -6.28
N SER F 388 28.08 -7.78 -5.27
CA SER F 388 28.40 -8.07 -3.88
C SER F 388 28.57 -9.58 -3.66
N THR F 389 27.91 -10.39 -4.49
CA THR F 389 27.85 -11.83 -4.29
C THR F 389 29.11 -12.53 -4.80
N PHE F 390 29.93 -11.80 -5.54
CA PHE F 390 31.25 -12.30 -5.93
C PHE F 390 32.30 -11.80 -4.95
N GLU F 391 32.26 -10.51 -4.68
CA GLU F 391 33.23 -9.87 -3.80
C GLU F 391 33.27 -10.47 -2.40
N ALA F 392 32.09 -10.72 -1.85
CA ALA F 392 31.97 -11.21 -0.47
C ALA F 392 32.59 -12.60 -0.19
N PRO F 393 32.31 -13.62 -1.03
CA PRO F 393 33.00 -14.88 -0.80
C PRO F 393 34.52 -14.72 -0.91
N LEU F 394 34.93 -13.96 -1.92
CA LEU F 394 36.35 -13.79 -2.20
C LEU F 394 37.08 -13.05 -1.09
N VAL F 395 36.38 -12.27 -0.29
CA VAL F 395 37.05 -11.64 0.86
C VAL F 395 36.66 -12.23 2.25
N ASN F 396 35.82 -13.26 2.26
CA ASN F 396 35.34 -13.78 3.54
C ASN F 396 36.35 -14.71 4.18
N GLU F 397 36.49 -14.56 5.50
CA GLU F 397 37.51 -15.27 6.24
C GLU F 397 36.99 -16.47 7.04
N ARG F 398 35.68 -16.55 7.24
CA ARG F 398 35.09 -17.60 8.06
C ARG F 398 34.52 -18.80 7.27
N ASP F 399 34.74 -18.82 5.96
CA ASP F 399 34.09 -19.81 5.10
C ASP F 399 32.56 -19.78 5.18
N ALA F 400 31.99 -18.58 5.08
CA ALA F 400 30.54 -18.40 5.15
C ALA F 400 29.81 -19.06 3.98
N ASP F 401 28.63 -19.59 4.27
CA ASP F 401 27.79 -20.06 3.20
C ASP F 401 27.10 -18.81 2.58
N VAL F 402 26.72 -18.91 1.32
CA VAL F 402 26.02 -17.81 0.70
C VAL F 402 24.59 -18.18 0.29
N ILE F 403 23.64 -17.35 0.71
CA ILE F 403 22.26 -17.47 0.25
C ILE F 403 21.98 -16.51 -0.91
N LEU F 404 21.78 -17.10 -2.09
CA LEU F 404 21.61 -16.33 -3.32
C LEU F 404 20.22 -16.52 -3.92
N SER F 405 19.58 -15.40 -4.27
CA SER F 405 18.28 -15.45 -4.92
C SER F 405 18.40 -16.00 -6.33
N GLU F 406 17.49 -16.89 -6.71
CA GLU F 406 17.43 -17.41 -8.08
C GLU F 406 17.23 -16.32 -9.12
N THR F 407 16.80 -15.14 -8.67
CA THR F 407 16.50 -14.03 -9.57
C THR F 407 17.63 -13.03 -9.81
N CYS F 408 18.79 -13.27 -9.20
CA CYS F 408 19.96 -12.45 -9.50
C CYS F 408 20.55 -12.91 -10.82
N GLY F 409 21.26 -11.99 -11.47
CA GLY F 409 21.95 -12.32 -12.69
C GLY F 409 23.11 -13.22 -12.33
N ALA F 410 23.66 -12.95 -11.17
CA ALA F 410 24.80 -13.73 -10.68
C ALA F 410 24.48 -15.22 -10.51
N ALA F 411 23.21 -15.58 -10.37
CA ALA F 411 22.85 -16.97 -10.13
C ALA F 411 23.15 -17.88 -11.33
N GLU F 412 23.23 -17.30 -12.53
CA GLU F 412 23.53 -18.11 -13.70
C GLU F 412 24.99 -18.59 -13.64
N VAL F 413 25.77 -17.94 -12.80
CA VAL F 413 27.17 -18.26 -12.63
C VAL F 413 27.44 -18.89 -11.26
N LEU F 414 26.88 -18.30 -10.20
CA LEU F 414 27.12 -18.77 -8.84
C LEU F 414 26.01 -19.64 -8.21
N GLY F 415 24.94 -19.88 -8.95
CA GLY F 415 23.79 -20.60 -8.42
C GLY F 415 24.07 -21.98 -7.83
N GLU F 416 24.84 -22.78 -8.58
CA GLU F 416 25.22 -24.10 -8.11
C GLU F 416 26.12 -24.06 -6.88
N TYR F 417 27.14 -23.22 -6.89
CA TYR F 417 28.08 -23.17 -5.76
C TYR F 417 27.43 -22.66 -4.46
N CYS F 418 26.62 -21.63 -4.64
CA CYS F 418 25.72 -21.10 -3.70
C CYS F 418 24.53 -21.99 -3.59
N ARG F 419 23.84 -21.61 -2.56
CA ARG F 419 22.70 -22.22 -1.87
C ARG F 419 21.43 -21.52 -2.32
N SER F 420 20.40 -22.17 -2.83
CA SER F 420 19.52 -21.34 -3.72
C SER F 420 18.16 -20.84 -3.19
N VAL F 421 17.75 -19.57 -3.41
CA VAL F 421 16.38 -19.38 -2.90
C VAL F 421 15.39 -18.67 -3.82
N ASN F 422 14.12 -18.89 -3.54
CA ASN F 422 13.03 -18.07 -4.04
C ASN F 422 12.96 -16.89 -3.07
N PRO F 423 13.23 -15.69 -3.55
CA PRO F 423 13.33 -14.55 -2.63
C PRO F 423 11.97 -14.14 -2.03
N PHE F 424 10.89 -14.81 -2.42
CA PHE F 424 9.57 -14.46 -1.94
C PHE F 424 9.05 -15.44 -0.92
N ASP F 425 9.63 -16.64 -0.95
CA ASP F 425 9.30 -17.72 -0.01
C ASP F 425 10.11 -17.55 1.27
N LEU F 426 9.45 -17.16 2.35
CA LEU F 426 10.11 -16.89 3.62
C LEU F 426 10.53 -18.17 4.34
N VAL F 427 9.62 -19.15 4.31
CA VAL F 427 9.92 -20.46 4.87
C VAL F 427 11.14 -21.08 4.21
N GLU F 428 11.23 -21.05 2.87
CA GLU F 428 12.39 -21.61 2.17
C GLU F 428 13.67 -20.92 2.58
N GLN F 429 13.64 -19.60 2.61
CA GLN F 429 14.80 -18.83 3.00
C GLN F 429 15.23 -19.13 4.43
N ALA F 430 14.26 -19.41 5.30
CA ALA F 430 14.54 -19.68 6.71
C ALA F 430 15.17 -21.05 6.90
N GLU F 431 14.67 -22.02 6.15
CA GLU F 431 15.23 -23.36 6.13
C GLU F 431 16.69 -23.31 5.64
N ALA F 432 16.98 -22.32 4.79
CA ALA F 432 18.33 -22.16 4.24
C ALA F 432 19.27 -21.48 5.23
N ILE F 433 18.75 -20.56 6.02
CA ILE F 433 19.54 -19.93 7.09
C ILE F 433 19.96 -20.98 8.14
N SER F 434 19.03 -21.85 8.51
CA SER F 434 19.27 -22.97 9.41
C SER F 434 20.32 -23.91 8.84
N ALA F 435 20.03 -24.46 7.67
CA ALA F 435 20.93 -25.42 7.04
C ALA F 435 22.36 -24.91 6.93
N ALA F 436 22.54 -23.63 6.67
CA ALA F 436 23.86 -23.08 6.42
C ALA F 436 24.57 -22.92 7.74
N LEU F 437 23.79 -22.70 8.80
CA LEU F 437 24.37 -22.46 10.12
C LEU F 437 24.52 -23.73 10.96
N ALA F 438 23.98 -24.82 10.43
CA ALA F 438 24.05 -26.10 11.11
C ALA F 438 25.11 -26.97 10.45
N ALA F 439 25.62 -26.54 9.31
CA ALA F 439 26.63 -27.29 8.58
C ALA F 439 27.99 -27.20 9.29
N GLY F 440 28.76 -28.29 9.23
CA GLY F 440 30.06 -28.34 9.89
C GLY F 440 31.11 -27.66 9.05
N PRO F 441 32.26 -27.30 9.67
CA PRO F 441 33.33 -26.55 9.00
C PRO F 441 33.90 -27.27 7.79
N ARG F 442 33.73 -28.58 7.73
CA ARG F 442 34.22 -29.36 6.60
C ARG F 442 33.43 -29.02 5.35
N GLN F 443 32.11 -29.21 5.42
CA GLN F 443 31.22 -28.92 4.29
C GLN F 443 31.43 -27.49 3.81
N ARG F 444 31.51 -26.59 4.77
CA ARG F 444 31.67 -25.16 4.51
C ARG F 444 32.98 -24.84 3.77
N ALA F 445 34.09 -25.33 4.30
CA ALA F 445 35.41 -25.09 3.69
C ALA F 445 35.45 -25.54 2.24
N GLU F 446 34.90 -26.72 2.00
CA GLU F 446 34.80 -27.30 0.66
C GLU F 446 33.95 -26.43 -0.27
N ALA F 447 32.76 -26.06 0.20
CA ALA F 447 31.84 -25.26 -0.60
C ALA F 447 32.35 -23.85 -0.83
N ALA F 448 32.98 -23.28 0.20
CA ALA F 448 33.50 -21.91 0.11
C ALA F 448 34.64 -21.84 -0.89
N ALA F 449 35.39 -22.93 -0.98
CA ALA F 449 36.53 -22.99 -1.88
C ALA F 449 36.08 -23.19 -3.32
N ARG F 450 35.12 -24.08 -3.53
CA ARG F 450 34.59 -24.29 -4.87
C ARG F 450 33.96 -22.98 -5.36
N ARG F 451 33.44 -22.22 -4.42
CA ARG F 451 32.73 -20.97 -4.70
C ARG F 451 33.71 -19.87 -5.15
N ARG F 452 34.74 -19.62 -4.33
CA ARG F 452 35.77 -18.66 -4.66
C ARG F 452 36.35 -18.96 -6.03
N ASP F 453 36.47 -20.25 -6.34
CA ASP F 453 36.99 -20.67 -7.63
C ASP F 453 36.04 -20.23 -8.76
N ALA F 454 34.74 -20.40 -8.54
CA ALA F 454 33.76 -20.04 -9.57
C ALA F 454 33.68 -18.52 -9.75
N ALA F 455 34.02 -17.78 -8.69
CA ALA F 455 33.91 -16.32 -8.68
C ALA F 455 35.09 -15.61 -9.34
N ARG F 456 36.29 -16.12 -9.10
CA ARG F 456 37.53 -15.53 -9.61
C ARG F 456 37.63 -15.18 -11.13
N PRO F 457 37.22 -16.08 -12.04
CA PRO F 457 37.34 -15.86 -13.49
C PRO F 457 36.65 -14.60 -14.04
N TRP F 458 35.71 -14.06 -13.27
CA TRP F 458 34.81 -13.04 -13.77
C TRP F 458 35.23 -11.65 -13.29
N THR F 459 36.45 -11.30 -13.63
CA THR F 459 36.99 -10.00 -13.28
C THR F 459 36.41 -8.92 -14.24
N LEU F 460 36.58 -7.66 -13.86
CA LEU F 460 36.17 -6.51 -14.66
C LEU F 460 36.89 -6.50 -16.00
N GLU F 461 38.21 -6.61 -15.94
CA GLU F 461 39.03 -6.64 -17.15
C GLU F 461 38.56 -7.68 -18.15
N ALA F 462 38.27 -8.89 -17.66
CA ALA F 462 37.77 -9.94 -18.53
C ALA F 462 36.50 -9.49 -19.26
N TRP F 463 35.67 -8.78 -18.50
CA TRP F 463 34.38 -8.30 -18.97
C TRP F 463 34.54 -7.20 -20.05
N VAL F 464 35.37 -6.21 -19.75
CA VAL F 464 35.73 -5.18 -20.72
C VAL F 464 36.22 -5.85 -21.99
N GLN F 465 37.02 -6.90 -21.82
CA GLN F 465 37.48 -7.68 -22.96
C GLN F 465 36.29 -8.28 -23.70
N ALA F 466 35.39 -8.90 -22.95
CA ALA F 466 34.24 -9.60 -23.52
C ALA F 466 33.39 -8.68 -24.38
N GLN F 467 33.27 -7.44 -23.94
CA GLN F 467 32.56 -6.42 -24.71
C GLN F 467 33.20 -6.24 -26.07
N LEU F 468 34.48 -5.85 -26.05
CA LEU F 468 35.24 -5.54 -27.27
C LEU F 468 35.27 -6.70 -28.26
N ASP F 469 35.53 -7.90 -27.77
CA ASP F 469 35.52 -9.09 -28.61
C ASP F 469 34.16 -9.36 -29.27
N GLY F 470 33.10 -9.27 -28.47
CA GLY F 470 31.75 -9.51 -28.95
C GLY F 470 31.34 -8.50 -30.00
N LEU F 471 31.52 -7.22 -29.68
CA LEU F 471 31.13 -6.13 -30.57
C LEU F 471 31.82 -6.27 -31.94
N ALA F 472 33.13 -6.47 -31.90
CA ALA F 472 33.93 -6.66 -33.10
C ALA F 472 33.45 -7.84 -33.90
N ALA F 473 33.27 -8.98 -33.22
CA ALA F 473 32.75 -10.18 -33.86
C ALA F 473 31.40 -9.93 -34.56
N ASP F 474 30.58 -9.08 -33.95
CA ASP F 474 29.27 -8.74 -34.50
C ASP F 474 29.37 -7.64 -35.55
N HIS F 475 30.42 -6.84 -35.47
CA HIS F 475 30.66 -5.85 -36.50
C HIS F 475 31.07 -6.52 -37.81
N ALA F 476 31.86 -7.58 -37.69
CA ALA F 476 32.36 -8.34 -38.83
C ALA F 476 31.24 -9.14 -39.51
N ALA F 477 30.32 -9.62 -38.70
CA ALA F 477 29.23 -10.48 -39.15
C ALA F 477 28.09 -9.69 -39.80
N ARG F 478 28.16 -8.37 -39.70
CA ARG F 478 27.02 -7.48 -39.97
C ARG F 478 26.38 -7.55 -41.37
N THR F 479 26.80 -8.50 -42.19
CA THR F 479 26.28 -8.57 -43.55
C THR F 479 25.52 -9.87 -43.83
#